data_8P2Y
#
_entry.id   8P2Y
#
_cell.length_a   1.00
_cell.length_b   1.00
_cell.length_c   1.00
_cell.angle_alpha   90.00
_cell.angle_beta   90.00
_cell.angle_gamma   90.00
#
_symmetry.space_group_name_H-M   'P 1'
#
loop_
_entity.id
_entity.type
_entity.pdbx_description
1 polymer 'Processed angiotensin-converting enzyme 2'
2 polymer 'Sodium- and chloride-dependent transporter XTRP3'
3 branched beta-D-mannopyranose-(1-4)-2-acetamido-2-deoxy-beta-D-glucopyranose-(1-4)-2-acetamido-2-deoxy-beta-D-glucopyranose
4 branched 2-acetamido-2-deoxy-beta-D-glucopyranose-(1-4)-2-acetamido-2-deoxy-beta-D-glucopyranose
5 non-polymer 'ZINC ION'
6 non-polymer 2-acetamido-2-deoxy-alpha-D-glucopyranose
7 non-polymer 2-acetamido-2-deoxy-beta-D-glucopyranose
#
loop_
_entity_poly.entity_id
_entity_poly.type
_entity_poly.pdbx_seq_one_letter_code
_entity_poly.pdbx_strand_id
1 'polypeptide(L)'
;MSSSSWLLLSLVAVTAADYKDDDDKSTIEEQAKTFLDKFNHEAEDLFYQSSLASWNYNTNITEENVQNMNNAGDKWSAFL
KEQSTLAQMYPLQEIQNLTVKLQLQALQQNGSSVLSEDKSKRLNTILNTMSTIYSTGKVCNPDNPQECLLLEPGLNEIMA
NSLDYNERLWAWESWRSEVGKQLRPLYEEYVVLKNEMARANHYEDYGDYWRGDYEVNGVDGYDYSRGQLIEDVEHTFEEI
KPLYEHLHAYVRAKLMNAYPSYISPIGCLPAHLLGDMWGRFWTNLYSLTVPFGQKPNIDVTDAMVDQAWDAQRIFKEAEK
FFVSVGLPNMTQGFWENSMLTDPGNVQKAVCHPTAWDLGKGDFRILMCTKVTMDDFLTAHHEMGHIQYDMAYAAQPFLLR
NGANEGFHEAVGEIMSLSAATPKHLKSIGLLSPDFQEDNETEINFLLKQALTIVGTLPFTYMLEKWRWMVFKGEIPKDQW
MKKWWEMKREIVGVVEPVPHDETYCDPASLFHVSNDYSFIRYYTRTLYQFQFQEALCQAAKHEGPLHKCDISNSTEAGQK
LFNMLRLGKSEPWTLALENVVGAKNMNVRPLLNYFEPLFTWLKDQNKNSFVGWSTDWSPYADQSIKVRISLKSALGDKAY
EWNDNEMYLFRSSVAYAMRQYFLKVKNQMILFGEEDVRVANLKPRISFNFFVTAPKNVSDIIPRTEVEKAIRMSRSRIND
AFRLNDNSLEFLGIQPTLGPPNQPPVSIWLIVFGVVMGVIVVGIVILIFTGIRDRKKKNKARSGENPYASIDISKGENNP
GFQNTDDVQTSF
;
A,B
2 'polypeptide(L)'
;MEKARPLWANSLQFVFACISYAVGLGNVWRFPYLCQMYGGGSFLVPYIIMLIVEGMPLLYLELAVGQRMRQGSIGAWRTI
SPYLSGVGVASVVVSFFLSMYYNVINAWAFWYLFHSFQDPLPWSVCPLNGNHTGYDEECEKASSTQYFWYRKTLNISPSL
QENGGVQWEPALCLLLAWLVVYLCILRGTESTGKVVYFTASLPYCVLIIYLIRGLTLHGATNGLMYMFTPKIEQLANPKA
WINAATQIFFSLGLGFGSLIAFASYNEPSNNCQKHAIIVSLINSFTSIFASIVTFSIYGFKATFNYENCLKKVSLLLTNT
FDLEDGFLTASNLEQVKGYLASAYPSKYSEMFPQIKNCSLESELDTAVQGTGLAFIVYTEAIKNMEVSQLWSVLYFFMLL
MLGIGSMLGNTAAILTPLTDSKIISSHLPKEAISGLVCLVNCAIGMVFTMEAGNYWFDIFNDYAATLSLLLIVLVETIAV
CYVYGLRRFESDLKAMTGRAVSWYWKVMWAGVSPLLIVSLFVFYLSDYILTGTLKYQAWDASQGQLVTKDYPAYALAVIG
LLVASSTMCIPLAALGTFVQRRLKRGDADPVAAENLYFQSHHHHHHHHHHGSAWSHPQFEKGGGSGGGSGGSAWSHPQFE
K
;
C,D
#
loop_
_chem_comp.id
_chem_comp.type
_chem_comp.name
_chem_comp.formula
BMA D-saccharide, beta linking beta-D-mannopyranose 'C6 H12 O6'
NAG D-saccharide, beta linking 2-acetamido-2-deoxy-beta-D-glucopyranose 'C8 H15 N O6'
NDG D-saccharide, alpha linking 2-acetamido-2-deoxy-alpha-D-glucopyranose 'C8 H15 N O6'
ZN non-polymer 'ZINC ION' 'Zn 2'
#
# COMPACT_ATOMS: atom_id res chain seq x y z
N THR A 27 -70.83 18.13 -37.72
CA THR A 27 -70.69 16.85 -38.40
C THR A 27 -69.82 15.89 -37.60
N ILE A 28 -68.56 16.28 -37.37
CA ILE A 28 -67.65 15.45 -36.59
C ILE A 28 -68.12 15.36 -35.14
N GLU A 29 -68.65 16.46 -34.60
CA GLU A 29 -69.17 16.44 -33.24
C GLU A 29 -70.34 15.48 -33.11
N GLU A 30 -71.23 15.46 -34.12
CA GLU A 30 -72.39 14.59 -34.07
C GLU A 30 -71.98 13.12 -34.06
N GLN A 31 -71.05 12.74 -34.94
CA GLN A 31 -70.62 11.35 -34.97
C GLN A 31 -69.81 10.98 -33.74
N ALA A 32 -69.05 11.92 -33.18
CA ALA A 32 -68.36 11.66 -31.93
C ALA A 32 -69.36 11.40 -30.80
N LYS A 33 -70.42 12.21 -30.75
CA LYS A 33 -71.46 11.99 -29.74
C LYS A 33 -72.15 10.64 -29.94
N THR A 34 -72.41 10.27 -31.19
CA THR A 34 -73.01 8.97 -31.45
C THR A 34 -72.09 7.83 -31.02
N PHE A 35 -70.79 7.97 -31.28
CA PHE A 35 -69.82 6.96 -30.84
C PHE A 35 -69.81 6.84 -29.32
N LEU A 36 -69.84 7.99 -28.62
CA LEU A 36 -69.86 7.97 -27.17
C LEU A 36 -71.14 7.30 -26.65
N ASP A 37 -72.28 7.63 -27.26
CA ASP A 37 -73.54 7.03 -26.83
C ASP A 37 -73.54 5.52 -27.04
N LYS A 38 -72.99 5.05 -28.16
CA LYS A 38 -72.89 3.62 -28.40
C LYS A 38 -71.95 2.97 -27.39
N PHE A 39 -70.86 3.65 -27.05
CA PHE A 39 -69.88 3.10 -26.11
C PHE A 39 -70.44 3.03 -24.69
N ASN A 40 -71.34 3.95 -24.35
CA ASN A 40 -71.77 4.10 -22.96
C ASN A 40 -72.42 2.83 -22.42
N HIS A 41 -73.36 2.26 -23.19
CA HIS A 41 -74.12 1.11 -22.68
C HIS A 41 -73.23 -0.12 -22.52
N GLU A 42 -72.39 -0.39 -23.53
CA GLU A 42 -71.49 -1.54 -23.44
C GLU A 42 -70.50 -1.37 -22.30
N ALA A 43 -69.96 -0.16 -22.12
CA ALA A 43 -69.05 0.09 -21.01
C ALA A 43 -69.74 -0.10 -19.68
N GLU A 44 -70.98 0.39 -19.55
CA GLU A 44 -71.73 0.22 -18.31
C GLU A 44 -71.94 -1.25 -18.00
N ASP A 45 -72.34 -2.03 -19.00
CA ASP A 45 -72.60 -3.45 -18.77
C ASP A 45 -71.33 -4.19 -18.39
N LEU A 46 -70.23 -3.96 -19.12
CA LEU A 46 -69.01 -4.68 -18.83
C LEU A 46 -68.42 -4.27 -17.48
N PHE A 47 -68.50 -2.98 -17.15
CA PHE A 47 -68.01 -2.53 -15.85
C PHE A 47 -68.87 -3.08 -14.72
N TYR A 48 -70.19 -3.19 -14.93
CA TYR A 48 -71.03 -3.83 -13.93
C TYR A 48 -70.62 -5.28 -13.71
N GLN A 49 -70.35 -6.00 -14.81
CA GLN A 49 -69.94 -7.40 -14.67
C GLN A 49 -68.59 -7.50 -13.93
N SER A 50 -67.65 -6.64 -14.29
CA SER A 50 -66.33 -6.69 -13.65
C SER A 50 -66.43 -6.32 -12.17
N SER A 51 -67.24 -5.31 -11.84
CA SER A 51 -67.41 -4.93 -10.44
C SER A 51 -68.10 -6.03 -9.65
N LEU A 52 -69.08 -6.71 -10.25
CA LEU A 52 -69.72 -7.82 -9.58
C LEU A 52 -68.73 -8.96 -9.34
N ALA A 53 -67.86 -9.24 -10.32
CA ALA A 53 -66.85 -10.27 -10.13
C ALA A 53 -65.88 -9.89 -9.01
N SER A 54 -65.46 -8.63 -8.96
CA SER A 54 -64.56 -8.17 -7.90
C SER A 54 -65.24 -8.26 -6.54
N TRP A 55 -66.52 -7.89 -6.47
CA TRP A 55 -67.25 -8.00 -5.21
C TRP A 55 -67.38 -9.45 -4.76
N ASN A 56 -67.61 -10.36 -5.72
CA ASN A 56 -67.66 -11.77 -5.37
C ASN A 56 -66.31 -12.27 -4.85
N TYR A 57 -65.22 -11.82 -5.48
CA TYR A 57 -63.89 -12.21 -5.01
C TYR A 57 -63.59 -11.61 -3.64
N ASN A 58 -64.17 -10.46 -3.32
CA ASN A 58 -63.99 -9.88 -2.01
C ASN A 58 -64.96 -10.41 -0.96
N THR A 59 -66.02 -11.10 -1.38
CA THR A 59 -66.96 -11.70 -0.44
C THR A 59 -66.45 -13.04 0.07
N ASN A 60 -66.29 -14.00 -0.83
CA ASN A 60 -65.63 -15.26 -0.50
C ASN A 60 -64.23 -15.26 -1.09
N ILE A 61 -63.43 -16.27 -0.73
CA ILE A 61 -62.06 -16.39 -1.24
C ILE A 61 -61.90 -17.80 -1.78
N THR A 62 -62.00 -17.94 -3.10
CA THR A 62 -61.78 -19.21 -3.78
C THR A 62 -60.98 -18.95 -5.05
N GLU A 63 -60.23 -19.97 -5.49
CA GLU A 63 -59.46 -19.83 -6.72
C GLU A 63 -60.36 -19.61 -7.92
N GLU A 64 -61.57 -20.17 -7.90
CA GLU A 64 -62.53 -19.93 -8.98
C GLU A 64 -62.90 -18.45 -9.06
N ASN A 65 -63.08 -17.80 -7.90
CA ASN A 65 -63.33 -16.36 -7.91
C ASN A 65 -62.13 -15.59 -8.41
N VAL A 66 -60.91 -16.05 -8.12
CA VAL A 66 -59.72 -15.41 -8.65
C VAL A 66 -59.72 -15.49 -10.18
N GLN A 67 -60.04 -16.67 -10.72
CA GLN A 67 -60.09 -16.82 -12.16
C GLN A 67 -61.17 -15.95 -12.78
N ASN A 68 -62.34 -15.88 -12.14
CA ASN A 68 -63.42 -15.04 -12.65
C ASN A 68 -63.02 -13.57 -12.65
N MET A 69 -62.38 -13.11 -11.58
CA MET A 69 -61.91 -11.73 -11.52
C MET A 69 -60.88 -11.46 -12.61
N ASN A 70 -59.94 -12.39 -12.81
CA ASN A 70 -58.93 -12.21 -13.84
C ASN A 70 -59.56 -12.12 -15.23
N ASN A 71 -60.52 -13.02 -15.51
CA ASN A 71 -61.18 -13.00 -16.82
C ASN A 71 -61.95 -11.71 -17.02
N ALA A 72 -62.69 -11.27 -16.00
CA ALA A 72 -63.46 -10.03 -16.13
C ALA A 72 -62.54 -8.83 -16.33
N GLY A 73 -61.43 -8.78 -15.59
CA GLY A 73 -60.49 -7.68 -15.76
C GLY A 73 -59.84 -7.67 -17.13
N ASP A 74 -59.48 -8.86 -17.63
CA ASP A 74 -58.89 -8.94 -18.97
C ASP A 74 -59.89 -8.50 -20.04
N LYS A 75 -61.15 -8.92 -19.92
CA LYS A 75 -62.17 -8.50 -20.89
C LYS A 75 -62.38 -6.99 -20.83
N TRP A 76 -62.43 -6.43 -19.62
CA TRP A 76 -62.61 -4.99 -19.47
C TRP A 76 -61.43 -4.23 -20.07
N SER A 77 -60.22 -4.71 -19.82
CA SER A 77 -59.04 -4.05 -20.38
C SER A 77 -59.02 -4.12 -21.90
N ALA A 78 -59.37 -5.27 -22.47
CA ALA A 78 -59.42 -5.39 -23.92
C ALA A 78 -60.46 -4.46 -24.51
N PHE A 79 -61.65 -4.40 -23.90
CA PHE A 79 -62.69 -3.49 -24.39
C PHE A 79 -62.24 -2.04 -24.29
N LEU A 80 -61.60 -1.67 -23.17
CA LEU A 80 -61.15 -0.30 -22.99
C LEU A 80 -60.10 0.07 -24.03
N LYS A 81 -59.14 -0.83 -24.28
CA LYS A 81 -58.08 -0.51 -25.24
C LYS A 81 -58.61 -0.46 -26.67
N GLU A 82 -59.53 -1.36 -27.03
CA GLU A 82 -60.09 -1.30 -28.37
C GLU A 82 -60.94 -0.05 -28.56
N GLN A 83 -61.68 0.35 -27.54
CA GLN A 83 -62.44 1.60 -27.62
C GLN A 83 -61.49 2.80 -27.71
N SER A 84 -60.36 2.74 -27.01
CA SER A 84 -59.38 3.82 -27.10
C SER A 84 -58.82 3.91 -28.51
N THR A 85 -58.53 2.76 -29.13
CA THR A 85 -58.08 2.77 -30.52
C THR A 85 -59.14 3.33 -31.45
N LEU A 86 -60.40 2.97 -31.22
CA LEU A 86 -61.48 3.46 -32.08
C LEU A 86 -61.68 4.97 -31.93
N ALA A 87 -61.53 5.49 -30.71
CA ALA A 87 -61.83 6.89 -30.42
C ALA A 87 -60.87 7.85 -31.10
N GLN A 88 -59.75 7.38 -31.65
CA GLN A 88 -58.81 8.27 -32.30
C GLN A 88 -59.36 8.87 -33.60
N MET A 89 -60.47 8.36 -34.10
CA MET A 89 -61.05 8.90 -35.33
C MET A 89 -61.62 10.29 -35.16
N TYR A 90 -61.75 10.77 -33.92
CA TYR A 90 -62.32 12.09 -33.65
C TYR A 90 -61.27 12.97 -32.99
N PRO A 91 -60.56 13.81 -33.74
CA PRO A 91 -59.57 14.70 -33.12
C PRO A 91 -60.24 15.74 -32.23
N LEU A 92 -59.51 16.14 -31.18
CA LEU A 92 -60.04 17.10 -30.22
C LEU A 92 -60.10 18.52 -30.78
N GLN A 93 -59.40 18.79 -31.89
CA GLN A 93 -59.37 20.13 -32.44
C GLN A 93 -60.73 20.59 -32.96
N GLU A 94 -61.55 19.66 -33.46
CA GLU A 94 -62.84 20.00 -34.02
C GLU A 94 -64.00 19.77 -33.06
N ILE A 95 -63.73 19.32 -31.84
CA ILE A 95 -64.79 19.07 -30.87
C ILE A 95 -65.11 20.36 -30.12
N GLN A 96 -66.38 20.73 -30.09
CA GLN A 96 -66.82 21.94 -29.41
C GLN A 96 -67.52 21.68 -28.08
N ASN A 97 -68.25 20.58 -27.96
CA ASN A 97 -68.91 20.24 -26.71
C ASN A 97 -67.87 19.93 -25.64
N LEU A 98 -67.99 20.58 -24.49
CA LEU A 98 -67.00 20.41 -23.42
C LEU A 98 -67.05 19.00 -22.85
N THR A 99 -68.25 18.51 -22.53
CA THR A 99 -68.38 17.17 -21.97
C THR A 99 -67.90 16.12 -22.95
N VAL A 100 -68.27 16.25 -24.23
CA VAL A 100 -67.80 15.32 -25.25
C VAL A 100 -66.28 15.39 -25.38
N LYS A 101 -65.73 16.61 -25.35
CA LYS A 101 -64.28 16.76 -25.48
C LYS A 101 -63.55 16.06 -24.35
N LEU A 102 -64.01 16.25 -23.11
CA LEU A 102 -63.32 15.62 -21.99
C LEU A 102 -63.54 14.11 -21.95
N GLN A 103 -64.71 13.63 -22.37
CA GLN A 103 -64.92 12.19 -22.46
C GLN A 103 -64.01 11.57 -23.50
N LEU A 104 -63.83 12.25 -24.64
CA LEU A 104 -62.88 11.78 -25.64
C LEU A 104 -61.46 11.79 -25.09
N GLN A 105 -61.10 12.84 -24.35
CA GLN A 105 -59.77 12.89 -23.72
C GLN A 105 -59.57 11.71 -22.79
N ALA A 106 -60.61 11.32 -22.06
CA ALA A 106 -60.52 10.14 -21.20
C ALA A 106 -60.29 8.88 -22.00
N LEU A 107 -60.94 8.76 -23.15
CA LEU A 107 -60.87 7.55 -23.97
C LEU A 107 -59.80 7.60 -25.05
N GLN A 108 -59.01 8.67 -25.12
CA GLN A 108 -57.97 8.76 -26.14
C GLN A 108 -56.55 8.65 -25.60
N GLN A 109 -56.37 8.63 -24.28
CA GLN A 109 -55.04 8.48 -23.72
C GLN A 109 -54.48 7.09 -24.03
N ASN A 110 -53.29 7.04 -24.64
CA ASN A 110 -52.71 5.76 -25.04
C ASN A 110 -52.19 4.98 -23.85
N GLY A 111 -51.59 5.66 -22.87
CA GLY A 111 -50.99 4.94 -21.76
C GLY A 111 -49.71 4.24 -22.18
N SER A 112 -49.49 3.05 -21.60
CA SER A 112 -48.29 2.28 -21.92
C SER A 112 -48.31 1.69 -23.31
N SER A 113 -49.44 1.73 -24.01
CA SER A 113 -49.54 1.15 -25.35
C SER A 113 -48.70 1.89 -26.38
N VAL A 114 -48.31 3.14 -26.11
CA VAL A 114 -47.53 3.89 -27.07
C VAL A 114 -46.10 3.35 -27.20
N LEU A 115 -45.60 2.65 -26.19
CA LEU A 115 -44.27 2.09 -26.25
C LEU A 115 -44.24 0.86 -27.16
N SER A 116 -43.04 0.45 -27.52
CA SER A 116 -42.86 -0.77 -28.30
C SER A 116 -43.14 -1.99 -27.43
N GLU A 117 -43.26 -3.15 -28.08
CA GLU A 117 -43.59 -4.38 -27.37
C GLU A 117 -42.52 -4.72 -26.34
N ASP A 118 -41.25 -4.66 -26.75
CA ASP A 118 -40.16 -4.99 -25.83
C ASP A 118 -40.12 -4.04 -24.65
N LYS A 119 -40.25 -2.74 -24.91
CA LYS A 119 -40.23 -1.76 -23.83
C LYS A 119 -41.41 -1.92 -22.90
N SER A 120 -42.61 -2.16 -23.45
CA SER A 120 -43.78 -2.36 -22.61
C SER A 120 -43.62 -3.61 -21.73
N LYS A 121 -43.12 -4.70 -22.32
CA LYS A 121 -42.91 -5.91 -21.53
C LYS A 121 -41.88 -5.69 -20.44
N ARG A 122 -40.79 -4.98 -20.76
CA ARG A 122 -39.78 -4.68 -19.75
C ARG A 122 -40.36 -3.82 -18.63
N LEU A 123 -41.18 -2.83 -18.97
CA LEU A 123 -41.80 -1.99 -17.96
C LEU A 123 -42.71 -2.80 -17.05
N ASN A 124 -43.53 -3.68 -17.63
CA ASN A 124 -44.40 -4.52 -16.81
C ASN A 124 -43.58 -5.44 -15.92
N THR A 125 -42.50 -6.02 -16.45
CA THR A 125 -41.67 -6.92 -15.67
C THR A 125 -41.03 -6.19 -14.49
N ILE A 126 -40.48 -4.99 -14.73
CA ILE A 126 -39.80 -4.28 -13.65
C ILE A 126 -40.81 -3.80 -12.61
N LEU A 127 -42.00 -3.36 -13.05
CA LEU A 127 -43.02 -2.96 -12.10
C LEU A 127 -43.43 -4.13 -11.20
N ASN A 128 -43.68 -5.30 -11.81
CA ASN A 128 -44.06 -6.46 -11.02
C ASN A 128 -42.93 -6.89 -10.10
N THR A 129 -41.69 -6.83 -10.57
CA THR A 129 -40.56 -7.20 -9.74
C THR A 129 -40.41 -6.28 -8.54
N MET A 130 -40.56 -4.97 -8.75
CA MET A 130 -40.48 -4.03 -7.63
C MET A 130 -41.61 -4.26 -6.64
N SER A 131 -42.82 -4.50 -7.15
CA SER A 131 -43.94 -4.77 -6.24
C SER A 131 -43.69 -6.01 -5.41
N THR A 132 -43.19 -7.09 -6.04
CA THR A 132 -42.94 -8.31 -5.30
C THR A 132 -41.80 -8.14 -4.31
N ILE A 133 -40.76 -7.39 -4.68
CA ILE A 133 -39.64 -7.15 -3.78
C ILE A 133 -40.11 -6.38 -2.54
N TYR A 134 -40.94 -5.36 -2.75
CA TYR A 134 -41.48 -4.62 -1.60
C TYR A 134 -42.38 -5.51 -0.75
N SER A 135 -43.21 -6.35 -1.39
CA SER A 135 -44.16 -7.15 -0.64
C SER A 135 -43.47 -8.22 0.20
N THR A 136 -42.46 -8.89 -0.38
CA THR A 136 -41.83 -10.04 0.26
C THR A 136 -40.42 -9.74 0.77
N GLY A 137 -40.10 -8.47 0.99
CA GLY A 137 -38.81 -8.13 1.55
C GLY A 137 -38.67 -8.69 2.96
N LYS A 138 -37.48 -9.21 3.26
CA LYS A 138 -37.20 -9.82 4.55
C LYS A 138 -35.92 -9.25 5.13
N VAL A 139 -35.94 -8.95 6.43
CA VAL A 139 -34.76 -8.54 7.17
C VAL A 139 -34.58 -9.50 8.34
N CYS A 140 -33.35 -9.96 8.53
CA CYS A 140 -33.06 -10.98 9.52
C CYS A 140 -32.14 -10.43 10.58
N ASN A 141 -32.43 -10.74 11.84
CA ASN A 141 -31.61 -10.28 12.95
C ASN A 141 -30.22 -10.88 12.86
N PRO A 142 -29.16 -10.08 12.92
CA PRO A 142 -27.79 -10.64 12.85
C PRO A 142 -27.48 -11.63 13.95
N ASP A 143 -28.06 -11.48 15.15
CA ASP A 143 -27.81 -12.44 16.22
C ASP A 143 -28.40 -13.80 15.88
N ASN A 144 -29.61 -13.83 15.32
CA ASN A 144 -30.30 -15.07 14.95
C ASN A 144 -30.74 -14.93 13.49
N PRO A 145 -29.83 -15.17 12.54
CA PRO A 145 -30.20 -15.03 11.12
C PRO A 145 -31.26 -16.01 10.68
N GLN A 146 -31.53 -17.07 11.46
CA GLN A 146 -32.57 -18.02 11.10
C GLN A 146 -33.96 -17.43 11.16
N GLU A 147 -34.17 -16.37 11.94
CA GLU A 147 -35.45 -15.67 12.00
C GLU A 147 -35.36 -14.40 11.15
N CYS A 148 -36.40 -14.16 10.36
CA CYS A 148 -36.46 -12.99 9.49
C CYS A 148 -37.85 -12.39 9.58
N LEU A 149 -37.93 -11.10 9.30
CA LEU A 149 -39.17 -10.34 9.46
C LEU A 149 -39.60 -9.73 8.13
N LEU A 150 -40.89 -9.79 7.86
CA LEU A 150 -41.46 -9.10 6.71
C LEU A 150 -41.64 -7.63 7.08
N LEU A 151 -42.33 -6.87 6.24
CA LEU A 151 -42.54 -5.45 6.53
C LEU A 151 -43.86 -5.21 7.24
N GLU A 152 -44.96 -5.71 6.68
CA GLU A 152 -46.27 -5.47 7.30
C GLU A 152 -46.37 -6.03 8.72
N PRO A 153 -45.99 -7.27 9.00
CA PRO A 153 -45.91 -7.72 10.39
C PRO A 153 -44.50 -7.60 10.94
N GLY A 154 -44.42 -7.47 12.27
CA GLY A 154 -43.15 -7.46 12.95
C GLY A 154 -42.36 -6.17 12.80
N LEU A 155 -41.87 -5.89 11.60
CA LEU A 155 -41.03 -4.72 11.38
C LEU A 155 -41.81 -3.44 11.66
N ASN A 156 -43.06 -3.36 11.19
CA ASN A 156 -43.89 -2.21 11.51
C ASN A 156 -44.15 -2.12 13.01
N GLU A 157 -44.39 -3.27 13.65
CA GLU A 157 -44.56 -3.27 15.11
C GLU A 157 -43.29 -2.80 15.81
N ILE A 158 -42.13 -3.23 15.32
CA ILE A 158 -40.87 -2.80 15.92
C ILE A 158 -40.70 -1.29 15.78
N MET A 159 -41.01 -0.75 14.60
CA MET A 159 -40.82 0.68 14.39
C MET A 159 -41.89 1.53 15.07
N ALA A 160 -43.05 0.96 15.37
CA ALA A 160 -44.14 1.73 15.98
C ALA A 160 -44.29 1.49 17.47
N ASN A 161 -43.57 0.54 18.04
CA ASN A 161 -43.77 0.26 19.47
C ASN A 161 -42.48 0.30 20.27
N SER A 162 -41.37 -0.17 19.71
CA SER A 162 -40.13 -0.27 20.47
C SER A 162 -39.63 1.12 20.86
N LEU A 163 -39.08 1.20 22.07
CA LEU A 163 -38.46 2.42 22.57
C LEU A 163 -36.93 2.31 22.62
N ASP A 164 -36.37 1.25 22.05
CA ASP A 164 -34.92 1.06 22.02
C ASP A 164 -34.34 1.78 20.81
N TYR A 165 -33.38 2.65 21.05
CA TYR A 165 -32.70 3.32 19.93
C TYR A 165 -31.99 2.30 19.04
N ASN A 166 -31.32 1.32 19.65
CA ASN A 166 -30.55 0.35 18.89
C ASN A 166 -31.45 -0.51 18.01
N GLU A 167 -32.57 -0.99 18.55
CA GLU A 167 -33.45 -1.86 17.79
C GLU A 167 -34.10 -1.12 16.63
N ARG A 168 -34.60 0.09 16.88
CA ARG A 168 -35.21 0.87 15.82
C ARG A 168 -34.20 1.22 14.74
N LEU A 169 -32.98 1.60 15.14
CA LEU A 169 -31.94 1.90 14.16
C LEU A 169 -31.61 0.66 13.33
N TRP A 170 -31.52 -0.50 13.97
CA TRP A 170 -31.24 -1.72 13.23
C TRP A 170 -32.35 -2.01 12.23
N ALA A 171 -33.61 -1.88 12.65
CA ALA A 171 -34.72 -2.13 11.73
C ALA A 171 -34.68 -1.19 10.55
N TRP A 172 -34.50 0.10 10.83
CA TRP A 172 -34.44 1.12 9.76
C TRP A 172 -33.34 0.81 8.77
N GLU A 173 -32.12 0.62 9.26
CA GLU A 173 -30.99 0.40 8.36
C GLU A 173 -31.10 -0.94 7.63
N SER A 174 -31.58 -1.98 8.30
CA SER A 174 -31.72 -3.28 7.65
C SER A 174 -32.74 -3.22 6.53
N TRP A 175 -33.88 -2.57 6.76
CA TRP A 175 -34.87 -2.46 5.70
C TRP A 175 -34.35 -1.61 4.54
N ARG A 176 -33.61 -0.55 4.84
CA ARG A 176 -33.14 0.31 3.76
C ARG A 176 -31.86 -0.18 3.11
N SER A 177 -31.24 -1.23 3.64
CA SER A 177 -30.07 -1.82 3.00
C SER A 177 -30.34 -3.18 2.38
N GLU A 178 -31.43 -3.85 2.75
CA GLU A 178 -31.78 -5.13 2.17
C GLU A 178 -32.83 -5.04 1.08
N VAL A 179 -33.57 -3.93 1.01
CA VAL A 179 -34.59 -3.75 -0.03
C VAL A 179 -34.32 -2.55 -0.94
N GLY A 180 -33.75 -1.46 -0.43
CA GLY A 180 -33.46 -0.33 -1.31
C GLY A 180 -32.40 -0.65 -2.35
N LYS A 181 -31.35 -1.37 -1.93
CA LYS A 181 -30.29 -1.72 -2.85
C LYS A 181 -30.79 -2.60 -3.98
N GLN A 182 -31.77 -3.47 -3.71
CA GLN A 182 -32.37 -4.28 -4.76
C GLN A 182 -33.29 -3.47 -5.66
N LEU A 183 -33.86 -2.37 -5.16
CA LEU A 183 -34.77 -1.55 -5.92
C LEU A 183 -34.10 -0.41 -6.66
N ARG A 184 -32.80 -0.18 -6.44
CA ARG A 184 -32.13 0.93 -7.12
C ARG A 184 -32.09 0.75 -8.63
N PRO A 185 -31.45 -0.29 -9.19
CA PRO A 185 -31.40 -0.39 -10.66
C PRO A 185 -32.76 -0.56 -11.30
N LEU A 186 -33.66 -1.29 -10.64
CA LEU A 186 -35.01 -1.42 -11.15
C LEU A 186 -35.70 -0.07 -11.22
N TYR A 187 -35.52 0.77 -10.20
CA TYR A 187 -36.13 2.10 -10.23
C TYR A 187 -35.49 2.96 -11.30
N GLU A 188 -34.19 2.82 -11.54
CA GLU A 188 -33.55 3.57 -12.61
C GLU A 188 -34.16 3.20 -13.97
N GLU A 189 -34.28 1.91 -14.24
CA GLU A 189 -34.87 1.47 -15.51
C GLU A 189 -36.32 1.91 -15.62
N TYR A 190 -37.06 1.84 -14.50
CA TYR A 190 -38.45 2.31 -14.49
C TYR A 190 -38.53 3.79 -14.80
N VAL A 191 -37.62 4.60 -14.24
CA VAL A 191 -37.60 6.03 -14.52
C VAL A 191 -37.37 6.26 -16.01
N VAL A 192 -36.38 5.57 -16.58
CA VAL A 192 -36.05 5.79 -18.00
C VAL A 192 -37.23 5.41 -18.88
N LEU A 193 -37.83 4.24 -18.62
CA LEU A 193 -38.93 3.76 -19.46
C LEU A 193 -40.16 4.67 -19.32
N LYS A 194 -40.48 5.10 -18.11
CA LYS A 194 -41.62 5.99 -17.91
C LYS A 194 -41.38 7.34 -18.58
N ASN A 195 -40.15 7.85 -18.50
CA ASN A 195 -39.84 9.09 -19.21
C ASN A 195 -40.04 8.94 -20.71
N GLU A 196 -39.57 7.82 -21.27
CA GLU A 196 -39.76 7.59 -22.70
C GLU A 196 -41.23 7.51 -23.06
N MET A 197 -42.03 6.81 -22.25
CA MET A 197 -43.46 6.69 -22.53
C MET A 197 -44.15 8.04 -22.45
N ALA A 198 -43.83 8.84 -21.42
CA ALA A 198 -44.46 10.15 -21.28
C ALA A 198 -44.07 11.07 -22.43
N ARG A 199 -42.80 11.03 -22.85
CA ARG A 199 -42.38 11.87 -23.97
C ARG A 199 -43.05 11.41 -25.27
N ALA A 200 -43.26 10.11 -25.42
CA ALA A 200 -44.02 9.61 -26.56
C ALA A 200 -45.47 10.07 -26.51
N ASN A 201 -46.02 10.27 -25.32
CA ASN A 201 -47.40 10.73 -25.17
C ASN A 201 -47.50 12.26 -25.09
N HIS A 202 -46.54 12.98 -25.68
CA HIS A 202 -46.56 14.44 -25.79
C HIS A 202 -46.50 15.14 -24.44
N TYR A 203 -45.81 14.55 -23.47
CA TYR A 203 -45.53 15.20 -22.20
C TYR A 203 -44.03 15.41 -22.07
N GLU A 204 -43.64 16.49 -21.41
CA GLU A 204 -42.22 16.80 -21.26
C GLU A 204 -41.51 15.74 -20.43
N ASP A 205 -42.17 15.19 -19.41
CA ASP A 205 -41.61 14.11 -18.61
C ASP A 205 -42.76 13.38 -17.92
N TYR A 206 -42.41 12.35 -17.16
CA TYR A 206 -43.44 11.57 -16.47
C TYR A 206 -44.14 12.42 -15.41
N GLY A 207 -43.40 13.30 -14.73
CA GLY A 207 -44.02 14.17 -13.75
C GLY A 207 -45.10 15.04 -14.35
N ASP A 208 -44.90 15.50 -15.59
CA ASP A 208 -45.92 16.28 -16.27
C ASP A 208 -47.16 15.44 -16.53
N TYR A 209 -46.98 14.18 -16.93
CA TYR A 209 -48.12 13.29 -17.13
C TYR A 209 -48.88 13.07 -15.82
N TRP A 210 -48.15 12.92 -14.71
CA TRP A 210 -48.81 12.77 -13.42
C TRP A 210 -49.60 14.02 -13.05
N ARG A 211 -48.98 15.19 -13.22
CA ARG A 211 -49.65 16.45 -12.90
C ARG A 211 -50.79 16.76 -13.85
N GLY A 212 -50.85 16.10 -15.00
CA GLY A 212 -51.92 16.32 -15.96
C GLY A 212 -53.31 16.01 -15.43
N ASP A 213 -53.40 15.28 -14.31
CA ASP A 213 -54.72 15.01 -13.73
C ASP A 213 -55.42 16.29 -13.29
N TYR A 214 -54.65 17.30 -12.87
CA TYR A 214 -55.20 18.58 -12.47
C TYR A 214 -55.33 19.57 -13.61
N GLU A 215 -54.92 19.19 -14.82
CA GLU A 215 -54.96 20.11 -15.95
C GLU A 215 -56.39 20.44 -16.33
N VAL A 216 -56.65 21.73 -16.55
CA VAL A 216 -57.95 22.22 -16.99
C VAL A 216 -57.72 23.21 -18.12
N ASN A 217 -58.45 23.03 -19.23
CA ASN A 217 -58.27 23.86 -20.41
C ASN A 217 -59.62 24.26 -20.99
N GLY A 218 -59.63 25.38 -21.70
CA GLY A 218 -60.80 25.82 -22.44
C GLY A 218 -62.01 26.18 -21.60
N VAL A 219 -61.81 26.91 -20.51
CA VAL A 219 -62.91 27.37 -19.67
C VAL A 219 -62.92 28.89 -19.50
N ASP A 220 -61.89 29.59 -19.96
CA ASP A 220 -61.82 31.06 -19.93
C ASP A 220 -61.94 31.57 -18.49
N GLY A 221 -60.92 31.21 -17.69
CA GLY A 221 -60.86 31.67 -16.32
C GLY A 221 -60.58 30.55 -15.33
N TYR A 222 -61.09 29.36 -15.62
CA TYR A 222 -60.86 28.19 -14.78
C TYR A 222 -59.67 27.36 -15.24
N ASP A 223 -58.97 27.79 -16.30
CA ASP A 223 -57.85 27.03 -16.82
C ASP A 223 -56.75 26.89 -15.79
N TYR A 224 -56.21 25.68 -15.67
CA TYR A 224 -55.17 25.36 -14.68
C TYR A 224 -54.07 24.57 -15.40
N SER A 225 -52.97 25.25 -15.69
CA SER A 225 -51.84 24.58 -16.36
C SER A 225 -51.18 23.57 -15.43
N ARG A 226 -50.55 22.56 -16.04
CA ARG A 226 -49.87 21.54 -15.26
C ARG A 226 -48.73 22.13 -14.44
N GLY A 227 -47.97 23.05 -15.03
CA GLY A 227 -46.87 23.67 -14.32
C GLY A 227 -47.29 24.56 -13.17
N GLN A 228 -48.53 25.03 -13.18
CA GLN A 228 -49.01 25.87 -12.08
C GLN A 228 -49.13 25.07 -10.78
N LEU A 229 -49.21 23.73 -10.88
CA LEU A 229 -49.35 22.91 -9.69
C LEU A 229 -48.13 23.03 -8.78
N ILE A 230 -46.93 23.06 -9.37
CA ILE A 230 -45.71 23.20 -8.58
C ILE A 230 -45.72 24.51 -7.81
N GLU A 231 -46.10 25.60 -8.49
CA GLU A 231 -46.15 26.91 -7.84
C GLU A 231 -47.17 26.91 -6.71
N ASP A 232 -48.36 26.34 -6.97
CA ASP A 232 -49.39 26.29 -5.94
C ASP A 232 -48.97 25.45 -4.74
N VAL A 233 -48.23 24.37 -4.96
CA VAL A 233 -47.78 23.53 -3.86
C VAL A 233 -46.72 24.24 -3.04
N GLU A 234 -45.74 24.85 -3.71
CA GLU A 234 -44.65 25.51 -2.99
C GLU A 234 -45.14 26.73 -2.23
N HIS A 235 -45.97 27.55 -2.86
CA HIS A 235 -46.50 28.74 -2.20
C HIS A 235 -47.33 28.36 -0.98
N THR A 236 -48.11 27.28 -1.10
CA THR A 236 -48.88 26.80 0.04
C THR A 236 -47.99 26.29 1.15
N PHE A 237 -46.98 25.49 0.81
CA PHE A 237 -46.11 24.91 1.83
C PHE A 237 -45.29 25.99 2.54
N GLU A 238 -45.01 27.10 1.86
CA GLU A 238 -44.31 28.20 2.53
C GLU A 238 -45.10 28.76 3.71
N GLU A 239 -46.43 28.63 3.68
CA GLU A 239 -47.26 29.07 4.80
C GLU A 239 -47.44 28.00 5.86
N ILE A 240 -47.36 26.71 5.49
CA ILE A 240 -47.37 25.65 6.48
C ILE A 240 -46.08 25.57 7.28
N LYS A 241 -44.95 25.93 6.66
CA LYS A 241 -43.66 25.79 7.32
C LYS A 241 -43.57 26.46 8.70
N PRO A 242 -44.09 27.66 8.94
CA PRO A 242 -43.99 28.23 10.29
C PRO A 242 -44.62 27.36 11.38
N LEU A 243 -45.77 26.73 11.09
CA LEU A 243 -46.39 25.85 12.08
C LEU A 243 -45.58 24.58 12.27
N TYR A 244 -45.11 24.00 11.16
CA TYR A 244 -44.35 22.76 11.24
C TYR A 244 -43.05 22.95 12.01
N GLU A 245 -42.47 24.15 11.92
CA GLU A 245 -41.24 24.43 12.66
C GLU A 245 -41.47 24.29 14.16
N HIS A 246 -42.54 24.92 14.65
CA HIS A 246 -42.85 24.84 16.08
C HIS A 246 -43.24 23.42 16.48
N LEU A 247 -43.99 22.73 15.62
CA LEU A 247 -44.36 21.36 15.93
C LEU A 247 -43.12 20.46 16.02
N HIS A 248 -42.19 20.64 15.09
CA HIS A 248 -40.95 19.88 15.11
C HIS A 248 -40.13 20.19 16.36
N ALA A 249 -40.08 21.47 16.73
CA ALA A 249 -39.34 21.86 17.93
C ALA A 249 -39.93 21.20 19.17
N TYR A 250 -41.26 21.23 19.29
CA TYR A 250 -41.91 20.61 20.45
C TYR A 250 -41.68 19.10 20.47
N VAL A 251 -41.78 18.47 19.30
CA VAL A 251 -41.58 17.02 19.23
C VAL A 251 -40.16 16.66 19.62
N ARG A 252 -39.17 17.43 19.14
CA ARG A 252 -37.78 17.16 19.48
C ARG A 252 -37.55 17.36 20.98
N ALA A 253 -38.11 18.43 21.55
CA ALA A 253 -37.94 18.69 22.97
C ALA A 253 -38.55 17.57 23.81
N LYS A 254 -39.71 17.05 23.38
CA LYS A 254 -40.34 15.95 24.11
C LYS A 254 -39.59 14.63 23.92
N LEU A 255 -39.00 14.41 22.74
CA LEU A 255 -38.26 13.19 22.47
C LEU A 255 -36.91 13.17 23.17
N MET A 256 -36.32 14.33 23.46
CA MET A 256 -35.08 14.34 24.22
C MET A 256 -35.25 13.72 25.60
N ASN A 257 -36.47 13.75 26.14
CA ASN A 257 -36.73 13.12 27.43
C ASN A 257 -36.85 11.60 27.32
N ALA A 258 -37.09 11.07 26.12
CA ALA A 258 -37.24 9.64 25.94
C ALA A 258 -35.97 8.97 25.40
N TYR A 259 -35.17 9.68 24.63
CA TYR A 259 -33.91 9.15 24.08
C TYR A 259 -32.79 10.13 24.40
N PRO A 260 -32.36 10.17 25.66
CA PRO A 260 -31.33 11.15 26.05
C PRO A 260 -29.99 10.86 25.36
N SER A 261 -29.23 11.93 25.15
CA SER A 261 -27.89 11.93 24.56
C SER A 261 -27.88 11.50 23.10
N TYR A 262 -29.04 11.27 22.49
CA TYR A 262 -29.11 10.89 21.09
C TYR A 262 -29.69 11.97 20.19
N ILE A 263 -30.39 12.95 20.75
CA ILE A 263 -31.01 14.02 19.98
C ILE A 263 -30.45 15.35 20.45
N SER A 264 -29.94 16.15 19.52
CA SER A 264 -29.42 17.46 19.86
C SER A 264 -30.53 18.51 19.79
N PRO A 265 -30.67 19.34 20.83
CA PRO A 265 -31.73 20.37 20.81
C PRO A 265 -31.59 21.38 19.69
N ILE A 266 -30.40 21.53 19.10
CA ILE A 266 -30.22 22.46 17.99
C ILE A 266 -30.33 21.77 16.63
N GLY A 267 -30.08 20.46 16.56
CA GLY A 267 -30.08 19.74 15.32
C GLY A 267 -31.43 19.15 14.97
N CYS A 268 -31.43 18.31 13.94
CA CYS A 268 -32.65 17.69 13.45
C CYS A 268 -32.92 16.37 14.17
N LEU A 269 -34.09 15.81 13.91
CA LEU A 269 -34.50 14.53 14.46
C LEU A 269 -33.88 13.38 13.67
N PRO A 270 -33.42 12.33 14.32
CA PRO A 270 -33.01 11.12 13.59
C PRO A 270 -34.19 10.50 12.88
N ALA A 271 -33.89 9.85 11.75
CA ALA A 271 -34.95 9.35 10.89
C ALA A 271 -35.79 8.27 11.54
N HIS A 272 -35.18 7.37 12.30
CA HIS A 272 -35.85 6.20 12.83
C HIS A 272 -36.68 6.49 14.08
N LEU A 273 -36.52 7.65 14.69
CA LEU A 273 -37.23 8.00 15.91
C LEU A 273 -38.55 8.72 15.66
N LEU A 274 -39.17 8.51 14.49
CA LEU A 274 -40.39 9.22 14.13
C LEU A 274 -41.64 8.35 14.28
N GLY A 275 -41.53 7.20 14.95
CA GLY A 275 -42.68 6.35 15.15
C GLY A 275 -43.15 5.63 13.91
N ASP A 276 -42.37 5.61 12.85
CA ASP A 276 -42.73 4.89 11.63
C ASP A 276 -41.47 4.56 10.85
N MET A 277 -41.59 3.62 9.92
CA MET A 277 -40.43 3.19 9.15
C MET A 277 -39.87 4.33 8.30
N TRP A 278 -40.75 5.08 7.65
CA TRP A 278 -40.31 6.17 6.78
C TRP A 278 -40.52 7.55 7.37
N GLY A 279 -41.23 7.66 8.50
CA GLY A 279 -41.56 8.95 9.05
C GLY A 279 -42.69 9.68 8.36
N ARG A 280 -43.47 8.98 7.54
CA ARG A 280 -44.58 9.62 6.85
C ARG A 280 -45.63 10.14 7.83
N PHE A 281 -45.93 9.36 8.86
CA PHE A 281 -46.88 9.76 9.89
C PHE A 281 -46.18 9.80 11.24
N TRP A 282 -46.62 10.73 12.09
CA TRP A 282 -46.09 10.86 13.44
C TRP A 282 -47.12 10.46 14.50
N THR A 283 -48.12 9.68 14.11
CA THR A 283 -49.18 9.31 15.05
C THR A 283 -48.63 8.46 16.19
N ASN A 284 -47.76 7.50 15.88
CA ASN A 284 -47.23 6.61 16.90
C ASN A 284 -46.34 7.35 17.91
N LEU A 285 -45.93 8.57 17.61
CA LEU A 285 -45.17 9.38 18.56
C LEU A 285 -46.07 10.03 19.61
N TYR A 286 -47.39 9.96 19.44
CA TYR A 286 -48.30 10.64 20.36
C TYR A 286 -48.14 10.13 21.79
N SER A 287 -47.79 8.86 21.95
CA SER A 287 -47.57 8.33 23.29
C SER A 287 -46.41 9.02 23.98
N LEU A 288 -45.37 9.39 23.24
CA LEU A 288 -44.19 10.04 23.80
C LEU A 288 -44.31 11.55 23.85
N THR A 289 -45.34 12.13 23.23
CA THR A 289 -45.45 13.58 23.15
C THR A 289 -46.83 14.08 23.57
N VAL A 290 -47.53 13.34 24.41
CA VAL A 290 -48.86 13.80 24.86
C VAL A 290 -48.68 15.05 25.73
N PRO A 291 -49.41 16.13 25.45
CA PRO A 291 -49.25 17.36 26.25
C PRO A 291 -49.67 17.18 27.69
N PHE A 292 -50.85 16.60 27.91
CA PHE A 292 -51.39 16.38 29.26
C PHE A 292 -51.82 14.93 29.35
N GLY A 293 -50.90 14.06 29.79
CA GLY A 293 -51.21 12.64 29.89
C GLY A 293 -52.17 12.33 31.02
N GLN A 294 -52.25 13.20 32.03
CA GLN A 294 -53.15 12.97 33.15
C GLN A 294 -54.62 13.03 32.74
N LYS A 295 -54.96 13.86 31.75
CA LYS A 295 -56.33 13.95 31.28
C LYS A 295 -56.56 12.91 30.18
N PRO A 296 -57.47 11.97 30.37
CA PRO A 296 -57.69 10.94 29.35
C PRO A 296 -58.38 11.52 28.12
N ASN A 297 -58.14 10.85 26.99
CA ASN A 297 -58.79 11.23 25.74
C ASN A 297 -60.26 10.82 25.76
N ILE A 298 -61.02 11.39 24.83
CA ILE A 298 -62.45 11.11 24.73
C ILE A 298 -62.64 9.74 24.09
N ASP A 299 -63.15 8.79 24.86
CA ASP A 299 -63.43 7.45 24.35
C ASP A 299 -64.84 7.06 24.75
N VAL A 300 -65.63 6.64 23.77
CA VAL A 300 -67.01 6.21 24.00
C VAL A 300 -67.24 4.76 23.58
N THR A 301 -66.16 4.01 23.35
CA THR A 301 -66.30 2.60 23.04
C THR A 301 -66.97 1.84 24.18
N ASP A 302 -66.60 2.16 25.42
CA ASP A 302 -67.27 1.56 26.57
C ASP A 302 -68.75 1.90 26.59
N ALA A 303 -69.08 3.14 26.23
CA ALA A 303 -70.49 3.54 26.15
C ALA A 303 -71.22 2.73 25.08
N MET A 304 -70.57 2.51 23.93
CA MET A 304 -71.19 1.70 22.88
C MET A 304 -71.41 0.26 23.36
N VAL A 305 -70.44 -0.30 24.08
CA VAL A 305 -70.59 -1.67 24.59
C VAL A 305 -71.72 -1.73 25.61
N ASP A 306 -71.80 -0.75 26.50
CA ASP A 306 -72.85 -0.74 27.52
C ASP A 306 -74.23 -0.61 26.87
N GLN A 307 -74.35 0.20 25.83
CA GLN A 307 -75.62 0.36 25.12
C GLN A 307 -75.83 -0.71 24.07
N ALA A 308 -74.91 -1.66 23.94
CA ALA A 308 -75.03 -2.78 23.00
C ALA A 308 -75.17 -2.28 21.55
N TRP A 309 -74.13 -1.59 21.10
CA TRP A 309 -74.08 -1.08 19.72
C TRP A 309 -73.35 -2.12 18.87
N ASP A 310 -74.13 -3.00 18.24
CA ASP A 310 -73.58 -3.95 17.29
C ASP A 310 -73.13 -3.23 16.02
N ALA A 311 -72.56 -4.00 15.10
CA ALA A 311 -72.17 -3.43 13.81
C ALA A 311 -73.35 -3.37 12.86
N GLN A 312 -74.49 -2.91 13.36
CA GLN A 312 -75.68 -2.68 12.53
C GLN A 312 -76.35 -1.33 12.78
N ARG A 313 -76.24 -0.77 13.98
CA ARG A 313 -76.88 0.50 14.28
C ARG A 313 -75.96 1.70 14.14
N ILE A 314 -74.64 1.48 14.14
CA ILE A 314 -73.72 2.59 13.91
C ILE A 314 -73.89 3.14 12.50
N PHE A 315 -74.08 2.27 11.51
CA PHE A 315 -74.37 2.72 10.16
C PHE A 315 -75.71 3.44 10.10
N LYS A 316 -76.68 3.00 10.91
CA LYS A 316 -77.95 3.71 10.99
C LYS A 316 -77.76 5.12 11.54
N GLU A 317 -76.94 5.26 12.58
CA GLU A 317 -76.66 6.59 13.12
C GLU A 317 -75.93 7.46 12.10
N ALA A 318 -75.00 6.88 11.35
CA ALA A 318 -74.32 7.62 10.30
C ALA A 318 -75.30 8.05 9.22
N GLU A 319 -76.25 7.18 8.85
CA GLU A 319 -77.27 7.54 7.88
C GLU A 319 -78.13 8.69 8.40
N LYS A 320 -78.50 8.65 9.67
CA LYS A 320 -79.26 9.74 10.26
C LYS A 320 -78.47 11.04 10.23
N PHE A 321 -77.17 10.97 10.53
CA PHE A 321 -76.32 12.15 10.47
C PHE A 321 -76.27 12.72 9.06
N PHE A 322 -76.15 11.85 8.05
CA PHE A 322 -76.12 12.30 6.67
C PHE A 322 -77.45 12.92 6.25
N VAL A 323 -78.57 12.34 6.69
CA VAL A 323 -79.88 12.89 6.37
C VAL A 323 -80.08 14.24 7.06
N SER A 324 -79.54 14.41 8.26
CA SER A 324 -79.75 15.64 9.01
C SER A 324 -79.27 16.87 8.25
N VAL A 325 -78.29 16.71 7.36
CA VAL A 325 -77.82 17.81 6.53
C VAL A 325 -78.56 17.90 5.21
N GLY A 326 -79.46 16.95 4.93
CA GLY A 326 -80.24 16.95 3.71
C GLY A 326 -79.83 15.96 2.65
N LEU A 327 -78.82 15.14 2.92
CA LEU A 327 -78.38 14.16 1.95
C LEU A 327 -79.42 13.04 1.82
N PRO A 328 -79.54 12.44 0.64
CA PRO A 328 -80.58 11.42 0.43
C PRO A 328 -80.33 10.16 1.23
N ASN A 329 -81.41 9.39 1.39
CA ASN A 329 -81.38 8.16 2.17
C ASN A 329 -80.62 7.07 1.43
N MET A 330 -80.28 6.01 2.16
CA MET A 330 -79.62 4.86 1.59
C MET A 330 -80.58 4.05 0.73
N THR A 331 -80.02 3.33 -0.24
CA THR A 331 -80.84 2.48 -1.10
C THR A 331 -81.30 1.24 -0.34
N GLN A 332 -82.41 0.67 -0.82
CA GLN A 332 -82.98 -0.50 -0.17
C GLN A 332 -82.02 -1.69 -0.21
N GLY A 333 -81.39 -1.90 -1.36
CA GLY A 333 -80.45 -3.01 -1.50
C GLY A 333 -79.11 -2.81 -0.84
N PHE A 334 -78.81 -1.59 -0.39
CA PHE A 334 -77.54 -1.32 0.27
C PHE A 334 -77.39 -2.16 1.53
N TRP A 335 -78.41 -2.16 2.38
CA TRP A 335 -78.35 -2.95 3.61
C TRP A 335 -78.30 -4.45 3.31
N GLU A 336 -79.08 -4.90 2.33
CA GLU A 336 -79.12 -6.32 2.00
C GLU A 336 -77.79 -6.82 1.47
N ASN A 337 -77.15 -6.05 0.60
CA ASN A 337 -75.92 -6.50 -0.05
C ASN A 337 -74.66 -6.13 0.72
N SER A 338 -74.78 -5.43 1.85
CA SER A 338 -73.60 -5.01 2.59
C SER A 338 -73.03 -6.18 3.39
N MET A 339 -71.81 -5.98 3.88
CA MET A 339 -71.10 -6.94 4.72
C MET A 339 -70.65 -6.25 6.01
N LEU A 340 -71.58 -5.55 6.66
CA LEU A 340 -71.25 -4.75 7.83
C LEU A 340 -70.65 -5.58 8.97
N THR A 341 -70.88 -6.88 8.98
CA THR A 341 -70.34 -7.76 10.01
C THR A 341 -69.36 -8.74 9.38
N ASP A 342 -68.34 -9.10 10.14
CA ASP A 342 -67.35 -10.06 9.66
C ASP A 342 -68.01 -11.43 9.52
N PRO A 343 -67.80 -12.13 8.40
CA PRO A 343 -68.43 -13.44 8.21
C PRO A 343 -67.78 -14.58 8.98
N GLY A 344 -66.85 -14.29 9.88
CA GLY A 344 -66.20 -15.33 10.66
C GLY A 344 -65.19 -16.11 9.84
N ASN A 345 -64.74 -17.22 10.43
CA ASN A 345 -63.78 -18.10 9.78
C ASN A 345 -64.40 -18.98 8.71
N VAL A 346 -65.74 -19.10 8.68
CA VAL A 346 -66.39 -19.92 7.67
C VAL A 346 -66.17 -19.33 6.28
N GLN A 347 -66.34 -18.02 6.15
CA GLN A 347 -66.13 -17.31 4.90
C GLN A 347 -64.94 -16.39 5.02
N LYS A 348 -63.97 -16.56 4.13
CA LYS A 348 -62.78 -15.71 4.12
C LYS A 348 -63.06 -14.47 3.28
N ALA A 349 -62.67 -13.31 3.80
CA ALA A 349 -62.86 -12.05 3.09
C ALA A 349 -61.84 -11.04 3.60
N VAL A 350 -61.54 -10.06 2.75
CA VAL A 350 -60.64 -8.98 3.15
C VAL A 350 -61.34 -8.10 4.17
N CYS A 351 -60.55 -7.48 5.05
CA CYS A 351 -61.09 -6.63 6.11
C CYS A 351 -60.71 -5.16 5.92
N HIS A 352 -60.29 -4.76 4.73
CA HIS A 352 -60.03 -3.35 4.46
C HIS A 352 -61.35 -2.65 4.15
N PRO A 353 -61.77 -1.66 4.94
CA PRO A 353 -63.04 -0.98 4.66
C PRO A 353 -63.02 -0.27 3.31
N THR A 354 -63.88 -0.71 2.40
CA THR A 354 -63.91 -0.19 1.04
C THR A 354 -65.34 0.07 0.61
N ALA A 355 -65.48 0.99 -0.35
CA ALA A 355 -66.77 1.31 -0.95
C ALA A 355 -66.79 0.84 -2.40
N TRP A 356 -67.91 0.27 -2.82
CA TRP A 356 -68.06 -0.28 -4.15
C TRP A 356 -69.25 0.37 -4.84
N ASP A 357 -69.02 0.91 -6.03
CA ASP A 357 -70.06 1.45 -6.90
C ASP A 357 -70.10 0.56 -8.13
N LEU A 358 -70.88 -0.52 -8.06
CA LEU A 358 -70.94 -1.49 -9.15
C LEU A 358 -71.63 -0.93 -10.39
N GLY A 359 -72.33 0.19 -10.28
CA GLY A 359 -73.06 0.76 -11.39
C GLY A 359 -74.53 0.35 -11.37
N LYS A 360 -75.31 1.05 -12.17
CA LYS A 360 -76.76 0.85 -12.25
C LYS A 360 -77.40 0.96 -10.87
N GLY A 361 -76.94 1.93 -10.10
CA GLY A 361 -77.47 2.14 -8.75
C GLY A 361 -77.16 1.02 -7.78
N ASP A 362 -75.95 0.49 -7.81
CA ASP A 362 -75.52 -0.56 -6.89
C ASP A 362 -74.36 -0.02 -6.05
N PHE A 363 -74.63 0.26 -4.78
CA PHE A 363 -73.64 0.80 -3.87
C PHE A 363 -73.53 -0.10 -2.65
N ARG A 364 -72.30 -0.48 -2.30
CA ARG A 364 -72.08 -1.43 -1.22
C ARG A 364 -70.86 -1.00 -0.41
N ILE A 365 -70.81 -1.47 0.83
CA ILE A 365 -69.70 -1.18 1.74
C ILE A 365 -69.20 -2.50 2.32
N LEU A 366 -67.88 -2.70 2.27
CA LEU A 366 -67.24 -3.88 2.82
C LEU A 366 -66.38 -3.45 4.00
N MET A 367 -66.62 -4.06 5.16
CA MET A 367 -65.88 -3.71 6.36
C MET A 367 -66.09 -4.77 7.44
N CYS A 368 -65.00 -5.23 8.04
CA CYS A 368 -65.07 -6.12 9.20
C CYS A 368 -65.25 -5.26 10.46
N THR A 369 -66.44 -4.67 10.56
CA THR A 369 -66.70 -3.67 11.59
C THR A 369 -66.77 -4.32 12.96
N LYS A 370 -66.08 -3.71 13.93
CA LYS A 370 -66.14 -4.07 15.32
C LYS A 370 -66.81 -2.92 16.10
N VAL A 371 -66.84 -3.05 17.42
CA VAL A 371 -67.43 -2.03 18.29
C VAL A 371 -66.29 -1.19 18.82
N THR A 372 -65.96 -0.13 18.08
CA THR A 372 -64.87 0.77 18.44
C THR A 372 -65.15 2.13 17.82
N MET A 373 -64.58 3.17 18.44
CA MET A 373 -64.70 4.52 17.88
C MET A 373 -64.04 4.62 16.52
N ASP A 374 -62.89 3.96 16.35
CA ASP A 374 -62.22 3.97 15.06
C ASP A 374 -63.10 3.37 13.97
N ASP A 375 -63.80 2.28 14.30
CA ASP A 375 -64.75 1.69 13.36
C ASP A 375 -65.88 2.64 13.05
N PHE A 376 -66.37 3.40 14.05
CA PHE A 376 -67.41 4.38 13.82
C PHE A 376 -66.96 5.45 12.84
N LEU A 377 -65.75 5.99 13.05
CA LEU A 377 -65.23 7.02 12.15
C LEU A 377 -64.99 6.46 10.76
N THR A 378 -64.50 5.23 10.67
CA THR A 378 -64.28 4.61 9.37
C THR A 378 -65.61 4.38 8.64
N ALA A 379 -66.65 3.99 9.39
CA ALA A 379 -67.97 3.83 8.79
C ALA A 379 -68.50 5.16 8.26
N HIS A 380 -68.28 6.24 9.02
CA HIS A 380 -68.67 7.56 8.51
C HIS A 380 -67.89 7.93 7.25
N HIS A 381 -66.60 7.62 7.23
CA HIS A 381 -65.79 7.88 6.04
C HIS A 381 -66.30 7.11 4.83
N GLU A 382 -66.61 5.83 5.01
CA GLU A 382 -67.12 5.01 3.91
C GLU A 382 -68.50 5.48 3.46
N MET A 383 -69.33 5.92 4.41
CA MET A 383 -70.63 6.48 4.02
C MET A 383 -70.47 7.77 3.24
N GLY A 384 -69.49 8.60 3.60
CA GLY A 384 -69.20 9.76 2.79
C GLY A 384 -68.76 9.39 1.38
N HIS A 385 -67.92 8.36 1.28
CA HIS A 385 -67.50 7.87 -0.04
C HIS A 385 -68.69 7.44 -0.87
N ILE A 386 -69.58 6.63 -0.29
CA ILE A 386 -70.71 6.12 -1.06
C ILE A 386 -71.71 7.23 -1.37
N GLN A 387 -71.84 8.22 -0.48
CA GLN A 387 -72.69 9.36 -0.78
C GLN A 387 -72.16 10.15 -1.97
N TYR A 388 -70.84 10.38 -2.01
CA TYR A 388 -70.24 11.04 -3.16
C TYR A 388 -70.46 10.23 -4.43
N ASP A 389 -70.32 8.90 -4.33
CA ASP A 389 -70.56 8.05 -5.49
C ASP A 389 -72.00 8.15 -5.98
N MET A 390 -72.95 8.15 -5.05
CA MET A 390 -74.36 8.29 -5.41
C MET A 390 -74.66 9.66 -5.99
N ALA A 391 -73.86 10.68 -5.63
CA ALA A 391 -74.15 12.04 -6.08
C ALA A 391 -74.09 12.16 -7.60
N TYR A 392 -73.09 11.56 -8.23
CA TYR A 392 -72.91 11.65 -9.67
C TYR A 392 -73.44 10.43 -10.40
N ALA A 393 -74.52 9.82 -9.90
CA ALA A 393 -75.11 8.67 -10.58
C ALA A 393 -75.65 9.06 -11.95
N ALA A 394 -76.30 10.22 -12.06
CA ALA A 394 -76.87 10.64 -13.33
C ALA A 394 -75.80 10.98 -14.37
N GLN A 395 -74.56 11.18 -13.94
CA GLN A 395 -73.49 11.49 -14.88
C GLN A 395 -73.16 10.25 -15.72
N PRO A 396 -72.60 10.45 -16.92
CA PRO A 396 -72.17 9.31 -17.73
C PRO A 396 -71.09 8.50 -17.02
N PHE A 397 -70.82 7.31 -17.56
CA PHE A 397 -69.88 6.39 -16.92
C PHE A 397 -68.49 7.00 -16.83
N LEU A 398 -68.02 7.65 -17.90
CA LEU A 398 -66.72 8.30 -17.87
C LEU A 398 -66.65 9.42 -16.85
N LEU A 399 -67.80 9.95 -16.44
CA LEU A 399 -67.85 11.02 -15.44
C LEU A 399 -68.17 10.51 -14.04
N ARG A 400 -68.28 9.19 -13.84
CA ARG A 400 -68.58 8.62 -12.53
C ARG A 400 -67.30 8.56 -11.71
N ASN A 401 -66.86 9.74 -11.28
CA ASN A 401 -65.65 9.89 -10.48
C ASN A 401 -65.64 11.29 -9.88
N GLY A 402 -64.68 11.54 -9.02
CA GLY A 402 -64.57 12.85 -8.40
C GLY A 402 -64.01 13.89 -9.35
N ALA A 403 -63.95 15.12 -8.84
CA ALA A 403 -63.41 16.22 -9.63
C ALA A 403 -61.95 15.96 -10.00
N ASN A 404 -61.16 15.47 -9.05
CA ASN A 404 -59.81 15.02 -9.31
C ASN A 404 -59.50 13.89 -8.32
N GLU A 405 -58.22 13.56 -8.19
CA GLU A 405 -57.81 12.47 -7.32
C GLU A 405 -57.89 12.83 -5.84
N GLY A 406 -58.05 14.10 -5.50
CA GLY A 406 -58.05 14.50 -4.10
C GLY A 406 -59.40 14.83 -3.52
N PHE A 407 -60.41 15.01 -4.37
CA PHE A 407 -61.73 15.40 -3.88
C PHE A 407 -62.40 14.30 -3.08
N HIS A 408 -62.32 13.05 -3.58
CA HIS A 408 -63.09 11.96 -2.99
C HIS A 408 -62.68 11.71 -1.55
N GLU A 409 -61.37 11.61 -1.29
CA GLU A 409 -60.90 11.33 0.06
C GLU A 409 -61.19 12.48 1.00
N ALA A 410 -61.10 13.72 0.51
CA ALA A 410 -61.43 14.87 1.34
C ALA A 410 -62.90 14.86 1.75
N VAL A 411 -63.79 14.56 0.78
CA VAL A 411 -65.21 14.50 1.08
C VAL A 411 -65.49 13.35 2.07
N GLY A 412 -64.78 12.24 1.91
CA GLY A 412 -64.96 11.15 2.86
C GLY A 412 -64.46 11.50 4.25
N GLU A 413 -63.36 12.26 4.33
CA GLU A 413 -62.72 12.51 5.61
C GLU A 413 -63.36 13.65 6.39
N ILE A 414 -64.03 14.59 5.70
CA ILE A 414 -64.68 15.67 6.44
C ILE A 414 -65.80 15.13 7.33
N MET A 415 -66.50 14.09 6.86
CA MET A 415 -67.54 13.49 7.67
C MET A 415 -66.96 12.88 8.95
N SER A 416 -65.85 12.16 8.82
CA SER A 416 -65.20 11.58 9.99
C SER A 416 -64.70 12.66 10.94
N LEU A 417 -64.17 13.75 10.39
CA LEU A 417 -63.70 14.85 11.21
C LEU A 417 -64.86 15.48 11.99
N SER A 418 -66.01 15.68 11.33
CA SER A 418 -67.16 16.28 12.00
C SER A 418 -67.74 15.35 13.04
N ALA A 419 -67.80 14.05 12.75
CA ALA A 419 -68.43 13.10 13.66
C ALA A 419 -67.61 12.87 14.92
N ALA A 420 -66.31 13.16 14.90
CA ALA A 420 -65.45 12.92 16.04
C ALA A 420 -65.52 14.03 17.09
N THR A 421 -66.25 15.11 16.82
CA THR A 421 -66.35 16.20 17.78
C THR A 421 -67.11 15.74 19.03
N PRO A 422 -66.72 16.20 20.21
CA PRO A 422 -67.45 15.82 21.43
C PRO A 422 -68.90 16.26 21.42
N LYS A 423 -69.23 17.34 20.71
CA LYS A 423 -70.62 17.79 20.65
C LYS A 423 -71.51 16.75 19.99
N HIS A 424 -71.02 16.16 18.89
CA HIS A 424 -71.80 15.11 18.21
C HIS A 424 -71.96 13.89 19.09
N LEU A 425 -70.92 13.51 19.82
CA LEU A 425 -71.02 12.37 20.72
C LEU A 425 -72.02 12.64 21.83
N LYS A 426 -72.02 13.86 22.38
CA LYS A 426 -72.99 14.20 23.41
C LYS A 426 -74.41 14.19 22.85
N SER A 427 -74.60 14.71 21.64
CA SER A 427 -75.93 14.73 21.05
C SER A 427 -76.45 13.34 20.74
N ILE A 428 -75.58 12.45 20.24
CA ILE A 428 -76.02 11.11 19.89
C ILE A 428 -76.25 10.24 21.12
N GLY A 429 -75.73 10.63 22.28
CA GLY A 429 -75.92 9.91 23.52
C GLY A 429 -74.72 9.09 23.95
N LEU A 430 -73.71 8.93 23.10
CA LEU A 430 -72.52 8.19 23.50
C LEU A 430 -71.76 8.90 24.61
N LEU A 431 -71.67 10.22 24.55
CA LEU A 431 -71.01 11.02 25.58
C LEU A 431 -72.06 11.50 26.57
N SER A 432 -71.72 11.42 27.86
CA SER A 432 -72.65 11.85 28.89
C SER A 432 -72.92 13.35 28.77
N PRO A 433 -74.16 13.80 28.95
CA PRO A 433 -74.45 15.24 28.87
C PRO A 433 -73.70 16.07 29.90
N ASP A 434 -73.45 15.53 31.09
CA ASP A 434 -72.74 16.26 32.13
C ASP A 434 -71.22 16.08 31.98
N PHE A 435 -70.73 16.46 30.80
CA PHE A 435 -69.31 16.38 30.49
C PHE A 435 -68.88 17.71 29.91
N GLN A 436 -68.08 18.46 30.67
CA GLN A 436 -67.56 19.75 30.24
C GLN A 436 -66.13 19.57 29.75
N GLU A 437 -65.89 19.86 28.48
CA GLU A 437 -64.57 19.68 27.89
C GLU A 437 -63.63 20.78 28.38
N ASP A 438 -62.42 20.39 28.74
CA ASP A 438 -61.39 21.33 29.18
C ASP A 438 -60.49 21.70 28.00
N ASN A 439 -59.84 22.86 28.11
CA ASN A 439 -58.93 23.29 27.06
C ASN A 439 -57.73 22.37 26.95
N GLU A 440 -57.36 21.70 28.03
CA GLU A 440 -56.30 20.69 27.96
C GLU A 440 -56.69 19.54 27.06
N THR A 441 -57.95 19.09 27.17
CA THR A 441 -58.42 18.03 26.28
C THR A 441 -58.42 18.49 24.83
N GLU A 442 -58.81 19.74 24.59
CA GLU A 442 -58.76 20.28 23.23
C GLU A 442 -57.34 20.33 22.71
N ILE A 443 -56.38 20.72 23.56
CA ILE A 443 -54.99 20.73 23.13
C ILE A 443 -54.52 19.32 22.80
N ASN A 444 -54.89 18.34 23.63
CA ASN A 444 -54.50 16.96 23.35
C ASN A 444 -55.08 16.47 22.02
N PHE A 445 -56.36 16.76 21.79
CA PHE A 445 -56.99 16.34 20.54
C PHE A 445 -56.36 17.01 19.34
N LEU A 446 -56.09 18.32 19.45
CA LEU A 446 -55.47 19.03 18.35
C LEU A 446 -54.06 18.51 18.05
N LEU A 447 -53.30 18.19 19.11
CA LEU A 447 -51.97 17.66 18.88
C LEU A 447 -52.03 16.27 18.25
N LYS A 448 -52.98 15.44 18.68
CA LYS A 448 -53.14 14.13 18.07
C LYS A 448 -53.49 14.25 16.60
N GLN A 449 -54.40 15.17 16.26
CA GLN A 449 -54.72 15.41 14.86
C GLN A 449 -53.53 15.96 14.09
N ALA A 450 -52.74 16.83 14.73
CA ALA A 450 -51.61 17.47 14.06
C ALA A 450 -50.52 16.45 13.72
N LEU A 451 -50.21 15.55 14.65
CA LEU A 451 -49.17 14.57 14.40
C LEU A 451 -49.48 13.68 13.19
N THR A 452 -50.74 13.58 12.81
CA THR A 452 -51.14 12.83 11.62
C THR A 452 -51.25 13.72 10.38
N ILE A 453 -51.77 14.93 10.55
CA ILE A 453 -52.05 15.78 9.39
C ILE A 453 -50.83 16.62 9.02
N VAL A 454 -50.37 17.46 9.95
CA VAL A 454 -49.24 18.33 9.64
C VAL A 454 -47.93 17.55 9.58
N GLY A 455 -47.90 16.36 10.18
CA GLY A 455 -46.69 15.56 10.12
C GLY A 455 -46.38 15.07 8.72
N THR A 456 -47.41 14.74 7.94
CA THR A 456 -47.20 14.15 6.62
C THR A 456 -47.06 15.17 5.51
N LEU A 457 -47.44 16.43 5.75
CA LEU A 457 -47.36 17.42 4.68
C LEU A 457 -45.93 17.69 4.23
N PRO A 458 -44.97 18.00 5.11
CA PRO A 458 -43.60 18.21 4.61
C PRO A 458 -43.01 16.98 3.95
N PHE A 459 -43.28 15.78 4.48
CA PHE A 459 -42.75 14.57 3.87
C PHE A 459 -43.36 14.33 2.50
N THR A 460 -44.69 14.52 2.38
CA THR A 460 -45.34 14.35 1.09
C THR A 460 -44.79 15.34 0.07
N TYR A 461 -44.66 16.61 0.46
CA TYR A 461 -44.14 17.61 -0.46
C TYR A 461 -42.71 17.30 -0.87
N MET A 462 -41.87 16.89 0.08
CA MET A 462 -40.49 16.58 -0.24
C MET A 462 -40.38 15.38 -1.17
N LEU A 463 -41.16 14.33 -0.90
CA LEU A 463 -41.13 13.15 -1.75
C LEU A 463 -41.59 13.47 -3.16
N GLU A 464 -42.68 14.22 -3.29
CA GLU A 464 -43.17 14.55 -4.62
C GLU A 464 -42.21 15.47 -5.36
N LYS A 465 -41.59 16.42 -4.64
CA LYS A 465 -40.59 17.28 -5.29
C LYS A 465 -39.40 16.47 -5.76
N TRP A 466 -38.94 15.52 -4.95
CA TRP A 466 -37.82 14.68 -5.35
C TRP A 466 -38.17 13.84 -6.57
N ARG A 467 -39.37 13.26 -6.59
CA ARG A 467 -39.78 12.47 -7.76
C ARG A 467 -39.91 13.33 -9.01
N TRP A 468 -40.47 14.53 -8.87
CA TRP A 468 -40.61 15.44 -10.01
C TRP A 468 -39.24 15.83 -10.56
N MET A 469 -38.29 16.11 -9.68
CA MET A 469 -36.95 16.48 -10.13
C MET A 469 -36.20 15.29 -10.71
N VAL A 470 -36.49 14.08 -10.23
CA VAL A 470 -35.86 12.89 -10.79
C VAL A 470 -36.37 12.64 -12.21
N PHE A 471 -37.69 12.71 -12.40
CA PHE A 471 -38.25 12.47 -13.72
C PHE A 471 -37.85 13.57 -14.70
N LYS A 472 -37.83 14.82 -14.24
CA LYS A 472 -37.43 15.93 -15.10
C LYS A 472 -35.96 15.88 -15.48
N GLY A 473 -35.15 15.08 -14.79
CA GLY A 473 -33.73 15.01 -15.06
C GLY A 473 -32.89 16.06 -14.38
N GLU A 474 -33.49 16.89 -13.52
CA GLU A 474 -32.71 17.90 -12.82
C GLU A 474 -31.73 17.31 -11.83
N ILE A 475 -31.95 16.07 -11.40
CA ILE A 475 -31.07 15.36 -10.48
C ILE A 475 -30.32 14.30 -11.28
N PRO A 476 -29.00 14.37 -11.39
CA PRO A 476 -28.26 13.33 -12.11
C PRO A 476 -28.41 11.97 -11.43
N LYS A 477 -28.30 10.92 -12.24
CA LYS A 477 -28.49 9.55 -11.74
C LYS A 477 -27.48 9.19 -10.65
N ASP A 478 -26.30 9.82 -10.65
CA ASP A 478 -25.29 9.57 -9.63
C ASP A 478 -25.40 10.53 -8.46
N GLN A 479 -26.54 11.21 -8.31
CA GLN A 479 -26.72 12.18 -7.24
C GLN A 479 -28.11 12.07 -6.63
N TRP A 480 -28.67 10.85 -6.59
CA TRP A 480 -30.04 10.67 -6.12
C TRP A 480 -30.12 10.79 -4.60
N MET A 481 -29.38 9.94 -3.87
CA MET A 481 -29.44 9.98 -2.42
C MET A 481 -28.81 11.26 -1.88
N LYS A 482 -27.72 11.73 -2.50
CA LYS A 482 -27.06 12.93 -2.02
C LYS A 482 -27.99 14.13 -2.03
N LYS A 483 -28.90 14.18 -3.01
CA LYS A 483 -29.89 15.27 -3.05
C LYS A 483 -31.13 14.93 -2.23
N TRP A 484 -31.49 13.66 -2.14
CA TRP A 484 -32.67 13.26 -1.38
C TRP A 484 -32.50 13.56 0.10
N TRP A 485 -31.38 13.16 0.68
CA TRP A 485 -31.15 13.43 2.09
C TRP A 485 -30.91 14.91 2.35
N GLU A 486 -30.31 15.63 1.40
CA GLU A 486 -30.19 17.08 1.53
C GLU A 486 -31.54 17.78 1.53
N MET A 487 -32.48 17.31 0.71
CA MET A 487 -33.85 17.83 0.75
C MET A 487 -34.53 17.48 2.07
N LYS A 488 -34.34 16.24 2.54
CA LYS A 488 -35.00 15.81 3.77
C LYS A 488 -34.49 16.60 4.97
N ARG A 489 -33.20 16.94 4.99
CA ARG A 489 -32.66 17.73 6.09
C ARG A 489 -33.26 19.14 6.11
N GLU A 490 -33.37 19.78 4.95
CA GLU A 490 -33.72 21.19 4.88
C GLU A 490 -35.20 21.45 4.64
N ILE A 491 -36.01 20.41 4.49
CA ILE A 491 -37.45 20.57 4.30
C ILE A 491 -38.24 19.86 5.40
N VAL A 492 -37.95 18.57 5.62
CA VAL A 492 -38.62 17.84 6.68
C VAL A 492 -37.95 18.04 8.03
N GLY A 493 -36.66 18.36 8.04
CA GLY A 493 -35.93 18.47 9.29
C GLY A 493 -35.55 17.13 9.89
N VAL A 494 -35.22 16.16 9.05
CA VAL A 494 -34.91 14.80 9.48
C VAL A 494 -33.54 14.43 8.94
N VAL A 495 -32.66 13.93 9.81
CA VAL A 495 -31.30 13.59 9.47
C VAL A 495 -31.14 12.08 9.51
N GLU A 496 -30.44 11.53 8.52
CA GLU A 496 -30.22 10.10 8.49
C GLU A 496 -29.30 9.68 9.63
N PRO A 497 -29.54 8.52 10.25
CA PRO A 497 -28.64 8.07 11.32
C PRO A 497 -27.31 7.54 10.81
N VAL A 498 -27.30 6.92 9.64
CA VAL A 498 -26.06 6.45 9.02
C VAL A 498 -26.02 6.93 7.58
N PRO A 499 -24.84 7.26 7.04
CA PRO A 499 -24.78 7.78 5.67
C PRO A 499 -25.15 6.73 4.65
N HIS A 500 -25.78 7.18 3.57
CA HIS A 500 -26.16 6.34 2.45
C HIS A 500 -25.57 6.90 1.17
N ASP A 501 -24.80 6.07 0.46
CA ASP A 501 -24.22 6.47 -0.80
C ASP A 501 -25.25 6.26 -1.92
N GLU A 502 -24.81 6.34 -3.17
CA GLU A 502 -25.73 6.19 -4.30
C GLU A 502 -26.19 4.76 -4.50
N THR A 503 -25.59 3.79 -3.81
CA THR A 503 -26.07 2.41 -3.90
C THR A 503 -27.47 2.27 -3.33
N TYR A 504 -27.73 2.93 -2.20
CA TYR A 504 -29.04 2.84 -1.57
C TYR A 504 -30.08 3.57 -2.41
N CYS A 505 -31.33 3.15 -2.26
CA CYS A 505 -32.45 3.74 -2.97
C CYS A 505 -33.63 3.94 -2.00
N ASP A 506 -33.35 4.58 -0.87
CA ASP A 506 -34.32 4.71 0.22
C ASP A 506 -35.72 5.18 -0.22
N PRO A 507 -35.87 6.22 -1.04
CA PRO A 507 -37.23 6.62 -1.46
C PRO A 507 -38.00 5.51 -2.15
N ALA A 508 -37.31 4.63 -2.88
CA ALA A 508 -38.00 3.53 -3.55
C ALA A 508 -38.54 2.51 -2.56
N SER A 509 -38.11 2.54 -1.30
CA SER A 509 -38.60 1.59 -0.31
C SER A 509 -40.03 1.87 0.11
N LEU A 510 -40.56 3.06 -0.18
CA LEU A 510 -41.93 3.38 0.19
C LEU A 510 -42.92 2.69 -0.73
N PHE A 511 -44.12 2.43 -0.20
CA PHE A 511 -45.13 1.69 -0.96
C PHE A 511 -45.56 2.45 -2.21
N HIS A 512 -45.77 3.76 -2.08
CA HIS A 512 -46.30 4.54 -3.20
C HIS A 512 -45.22 4.87 -4.23
N VAL A 513 -43.96 4.65 -3.92
CA VAL A 513 -42.88 4.96 -4.86
C VAL A 513 -42.53 3.74 -5.72
N SER A 514 -42.40 2.57 -5.09
CA SER A 514 -42.05 1.36 -5.83
C SER A 514 -43.21 0.89 -6.70
N ASN A 515 -44.44 1.09 -6.26
CA ASN A 515 -45.62 0.56 -6.96
C ASN A 515 -46.21 1.55 -7.95
N ASP A 516 -45.51 2.64 -8.24
CA ASP A 516 -45.92 3.60 -9.27
C ASP A 516 -47.29 4.20 -8.96
N TYR A 517 -47.35 4.92 -7.85
CA TYR A 517 -48.55 5.64 -7.45
C TYR A 517 -48.21 7.12 -7.26
N SER A 518 -49.12 7.99 -7.71
CA SER A 518 -48.94 9.42 -7.50
C SER A 518 -49.09 9.75 -6.03
N PHE A 519 -48.16 10.56 -5.50
CA PHE A 519 -48.13 10.89 -4.09
C PHE A 519 -48.67 12.27 -3.77
N ILE A 520 -48.78 13.15 -4.75
CA ILE A 520 -49.27 14.49 -4.50
C ILE A 520 -50.75 14.49 -4.12
N ARG A 521 -51.46 13.39 -4.41
CA ARG A 521 -52.86 13.30 -4.05
C ARG A 521 -53.05 13.42 -2.54
N TYR A 522 -52.14 12.84 -1.76
CA TYR A 522 -52.20 12.94 -0.32
C TYR A 522 -51.89 14.35 0.19
N TYR A 523 -51.32 15.21 -0.64
CA TYR A 523 -51.05 16.58 -0.21
C TYR A 523 -52.29 17.45 -0.34
N THR A 524 -52.80 17.59 -1.57
CA THR A 524 -53.95 18.47 -1.79
C THR A 524 -55.17 18.00 -1.02
N ARG A 525 -55.33 16.68 -0.87
CA ARG A 525 -56.45 16.16 -0.08
C ARG A 525 -56.40 16.68 1.34
N THR A 526 -55.20 16.89 1.89
CA THR A 526 -55.08 17.47 3.22
C THR A 526 -55.67 18.88 3.24
N LEU A 527 -55.45 19.65 2.18
CA LEU A 527 -55.95 21.01 2.14
C LEU A 527 -57.45 21.05 1.90
N TYR A 528 -57.90 20.40 0.81
CA TYR A 528 -59.27 20.54 0.35
C TYR A 528 -60.28 20.29 1.47
N GLN A 529 -60.08 19.20 2.22
CA GLN A 529 -61.01 18.87 3.29
C GLN A 529 -61.22 20.05 4.23
N PHE A 530 -60.12 20.66 4.68
CA PHE A 530 -60.24 21.82 5.55
C PHE A 530 -61.00 22.94 4.87
N GLN A 531 -60.66 23.22 3.61
CA GLN A 531 -61.40 24.23 2.86
C GLN A 531 -62.87 23.88 2.76
N PHE A 532 -63.19 22.58 2.66
CA PHE A 532 -64.59 22.19 2.75
C PHE A 532 -65.14 22.45 4.14
N GLN A 533 -64.44 21.98 5.17
CA GLN A 533 -64.97 22.02 6.53
C GLN A 533 -65.29 23.45 6.93
N GLU A 534 -64.31 24.34 6.80
CA GLU A 534 -64.53 25.76 7.09
C GLU A 534 -65.76 26.26 6.36
N ALA A 535 -65.86 25.96 5.06
CA ALA A 535 -67.02 26.40 4.29
C ALA A 535 -68.30 25.82 4.89
N LEU A 536 -68.29 24.53 5.20
CA LEU A 536 -69.47 23.91 5.81
C LEU A 536 -69.77 24.47 7.19
N CYS A 537 -68.78 25.09 7.85
CA CYS A 537 -69.05 25.75 9.12
C CYS A 537 -69.56 27.17 8.94
N GLN A 538 -69.35 27.76 7.78
CA GLN A 538 -69.88 29.11 7.54
C GLN A 538 -71.39 29.06 7.29
N ALA A 539 -71.84 28.09 6.49
CA ALA A 539 -73.27 27.93 6.27
C ALA A 539 -73.99 27.49 7.54
N ALA A 540 -73.35 26.64 8.33
CA ALA A 540 -73.95 26.16 9.58
C ALA A 540 -73.97 27.25 10.66
N LYS A 541 -73.30 28.37 10.44
CA LYS A 541 -73.27 29.48 11.38
C LYS A 541 -72.69 29.05 12.73
N HIS A 542 -71.44 28.60 12.68
CA HIS A 542 -70.71 28.18 13.87
C HIS A 542 -69.78 29.30 14.31
N GLU A 543 -69.91 29.72 15.57
CA GLU A 543 -69.13 30.82 16.12
C GLU A 543 -67.93 30.36 16.94
N GLY A 544 -67.91 29.12 17.39
CA GLY A 544 -66.83 28.61 18.19
C GLY A 544 -65.61 28.24 17.38
N PRO A 545 -64.64 27.57 18.02
CA PRO A 545 -63.44 27.15 17.30
C PRO A 545 -63.78 26.15 16.20
N LEU A 546 -62.92 26.12 15.17
CA LEU A 546 -63.18 25.30 13.99
C LEU A 546 -63.24 23.82 14.35
N HIS A 547 -62.35 23.36 15.23
CA HIS A 547 -62.32 21.95 15.60
C HIS A 547 -63.56 21.52 16.38
N LYS A 548 -64.32 22.45 16.95
CA LYS A 548 -65.58 22.14 17.62
C LYS A 548 -66.78 22.27 16.70
N CYS A 549 -66.58 22.66 15.44
CA CYS A 549 -67.70 22.86 14.52
C CYS A 549 -68.33 21.53 14.15
N ASP A 550 -69.66 21.54 14.05
CA ASP A 550 -70.43 20.38 13.61
C ASP A 550 -71.44 20.83 12.58
N ILE A 551 -71.63 20.01 11.54
CA ILE A 551 -72.51 20.32 10.43
C ILE A 551 -73.85 19.64 10.53
N SER A 552 -74.14 18.96 11.64
CA SER A 552 -75.42 18.29 11.81
C SER A 552 -76.55 19.30 11.85
N ASN A 553 -77.70 18.90 11.30
CA ASN A 553 -78.90 19.74 11.23
C ASN A 553 -78.65 21.04 10.49
N SER A 554 -77.78 21.01 9.48
CA SER A 554 -77.46 22.18 8.66
C SER A 554 -77.85 21.85 7.22
N THR A 555 -79.08 22.19 6.86
CA THR A 555 -79.55 21.93 5.50
C THR A 555 -78.81 22.77 4.47
N GLU A 556 -78.47 24.00 4.81
CA GLU A 556 -77.75 24.86 3.86
C GLU A 556 -76.38 24.29 3.53
N ALA A 557 -75.64 23.82 4.54
CA ALA A 557 -74.34 23.22 4.30
C ALA A 557 -74.46 21.96 3.45
N GLY A 558 -75.47 21.13 3.74
CA GLY A 558 -75.68 19.93 2.95
C GLY A 558 -76.00 20.25 1.50
N GLN A 559 -76.84 21.27 1.27
CA GLN A 559 -77.15 21.67 -0.10
C GLN A 559 -75.91 22.20 -0.81
N LYS A 560 -75.11 23.00 -0.12
CA LYS A 560 -73.89 23.52 -0.73
C LYS A 560 -72.93 22.38 -1.09
N LEU A 561 -72.79 21.40 -0.20
CA LEU A 561 -71.92 20.26 -0.50
C LEU A 561 -72.47 19.46 -1.67
N PHE A 562 -73.78 19.21 -1.69
CA PHE A 562 -74.38 18.41 -2.75
C PHE A 562 -74.27 19.10 -4.11
N ASN A 563 -74.31 20.44 -4.12
CA ASN A 563 -74.17 21.17 -5.38
C ASN A 563 -72.87 20.85 -6.07
N MET A 564 -71.80 20.61 -5.31
CA MET A 564 -70.52 20.20 -5.87
C MET A 564 -70.43 18.69 -6.06
N LEU A 565 -71.02 17.92 -5.14
CA LEU A 565 -70.94 16.47 -5.24
C LEU A 565 -71.61 15.96 -6.51
N ARG A 566 -72.75 16.54 -6.89
CA ARG A 566 -73.46 16.09 -8.07
C ARG A 566 -72.69 16.39 -9.36
N LEU A 567 -71.76 17.34 -9.33
CA LEU A 567 -71.02 17.69 -10.54
C LEU A 567 -70.12 16.55 -10.99
N GLY A 568 -69.45 15.90 -10.05
CA GLY A 568 -68.49 14.86 -10.41
C GLY A 568 -67.35 15.43 -11.21
N LYS A 569 -67.00 14.72 -12.29
CA LYS A 569 -65.94 15.15 -13.20
C LYS A 569 -66.49 15.92 -14.40
N SER A 570 -67.80 16.18 -14.43
CA SER A 570 -68.40 16.89 -15.55
C SER A 570 -67.89 18.33 -15.67
N GLU A 571 -67.35 18.89 -14.59
CA GLU A 571 -66.88 20.25 -14.56
C GLU A 571 -65.44 20.28 -14.05
N PRO A 572 -64.69 21.33 -14.38
CA PRO A 572 -63.33 21.46 -13.85
C PRO A 572 -63.33 21.50 -12.33
N TRP A 573 -62.29 20.94 -11.73
CA TRP A 573 -62.21 20.88 -10.27
C TRP A 573 -62.16 22.26 -9.65
N THR A 574 -61.60 23.25 -10.35
CA THR A 574 -61.62 24.62 -9.85
C THR A 574 -63.04 25.14 -9.72
N LEU A 575 -63.89 24.88 -10.71
CA LEU A 575 -65.28 25.28 -10.62
C LEU A 575 -66.00 24.56 -9.49
N ALA A 576 -65.66 23.28 -9.28
CA ALA A 576 -66.23 22.55 -8.15
C ALA A 576 -65.83 23.18 -6.83
N LEU A 577 -64.57 23.60 -6.71
CA LEU A 577 -64.12 24.28 -5.50
C LEU A 577 -64.87 25.60 -5.31
N GLU A 578 -65.08 26.35 -6.40
CA GLU A 578 -65.78 27.62 -6.27
C GLU A 578 -67.20 27.44 -5.76
N ASN A 579 -67.82 26.30 -6.05
CA ASN A 579 -69.19 26.04 -5.59
C ASN A 579 -69.28 25.75 -4.11
N VAL A 580 -68.14 25.56 -3.43
CA VAL A 580 -68.16 25.26 -2.00
C VAL A 580 -67.41 26.35 -1.24
N VAL A 581 -66.11 26.52 -1.55
CA VAL A 581 -65.28 27.47 -0.83
C VAL A 581 -65.32 28.88 -1.41
N GLY A 582 -65.89 29.05 -2.61
CA GLY A 582 -65.93 30.35 -3.23
C GLY A 582 -64.64 30.81 -3.85
N ALA A 583 -63.63 29.96 -3.92
CA ALA A 583 -62.34 30.28 -4.51
C ALA A 583 -62.03 29.28 -5.63
N LYS A 584 -61.13 29.69 -6.51
CA LYS A 584 -60.76 28.87 -7.66
C LYS A 584 -59.52 28.01 -7.42
N ASN A 585 -58.68 28.37 -6.44
CA ASN A 585 -57.45 27.65 -6.17
C ASN A 585 -57.39 27.25 -4.70
N MET A 586 -56.55 26.25 -4.42
CA MET A 586 -56.41 25.77 -3.05
C MET A 586 -55.76 26.83 -2.17
N ASN A 587 -56.21 26.89 -0.92
CA ASN A 587 -55.69 27.83 0.06
C ASN A 587 -55.48 27.11 1.39
N VAL A 588 -54.35 27.38 2.04
CA VAL A 588 -54.03 26.69 3.29
C VAL A 588 -54.49 27.44 4.52
N ARG A 589 -55.06 28.64 4.36
CA ARG A 589 -55.57 29.41 5.49
C ARG A 589 -56.54 28.63 6.38
N PRO A 590 -57.48 27.84 5.85
CA PRO A 590 -58.33 27.04 6.75
C PRO A 590 -57.54 26.11 7.66
N LEU A 591 -56.45 25.53 7.18
CA LEU A 591 -55.64 24.66 8.03
C LEU A 591 -55.06 25.41 9.21
N LEU A 592 -54.52 26.61 8.95
CA LEU A 592 -53.99 27.43 10.04
C LEU A 592 -55.09 27.86 10.99
N ASN A 593 -56.27 28.18 10.46
CA ASN A 593 -57.40 28.51 11.34
C ASN A 593 -57.78 27.33 12.22
N TYR A 594 -57.73 26.13 11.65
CA TYR A 594 -58.05 24.92 12.40
C TYR A 594 -57.04 24.67 13.53
N PHE A 595 -55.76 24.87 13.24
CA PHE A 595 -54.70 24.53 14.20
C PHE A 595 -54.23 25.73 15.01
N GLU A 596 -54.89 26.88 14.89
CA GLU A 596 -54.50 28.06 15.68
C GLU A 596 -54.50 27.82 17.19
N PRO A 597 -55.53 27.21 17.80
CA PRO A 597 -55.45 26.99 19.26
C PRO A 597 -54.25 26.16 19.67
N LEU A 598 -53.86 25.18 18.87
CA LEU A 598 -52.65 24.41 19.17
C LEU A 598 -51.40 25.22 18.84
N PHE A 599 -51.47 26.04 17.79
CA PHE A 599 -50.32 26.84 17.39
C PHE A 599 -49.92 27.83 18.48
N THR A 600 -50.91 28.48 19.09
CA THR A 600 -50.64 29.42 20.17
C THR A 600 -50.01 28.71 21.37
N TRP A 601 -50.55 27.54 21.72
CA TRP A 601 -50.02 26.78 22.85
C TRP A 601 -48.58 26.34 22.57
N LEU A 602 -48.30 25.89 21.35
CA LEU A 602 -46.93 25.50 21.01
C LEU A 602 -45.99 26.69 21.04
N LYS A 603 -46.44 27.85 20.55
CA LYS A 603 -45.61 29.05 20.60
C LYS A 603 -45.32 29.45 22.04
N ASP A 604 -46.30 29.35 22.92
CA ASP A 604 -46.07 29.66 24.33
C ASP A 604 -45.18 28.63 25.00
N GLN A 605 -45.25 27.38 24.57
CA GLN A 605 -44.45 26.31 25.16
C GLN A 605 -42.98 26.35 24.77
N ASN A 606 -42.65 26.99 23.65
CA ASN A 606 -41.29 27.02 23.12
C ASN A 606 -40.60 28.35 23.43
N LYS A 607 -40.87 28.90 24.61
CA LYS A 607 -40.21 30.14 25.00
C LYS A 607 -38.71 29.94 25.15
N ASN A 608 -38.29 28.83 25.74
CA ASN A 608 -36.87 28.56 25.97
C ASN A 608 -36.23 27.72 24.88
N SER A 609 -36.97 26.76 24.32
CA SER A 609 -36.40 25.89 23.30
C SER A 609 -36.12 26.65 22.01
N PHE A 610 -35.09 26.21 21.30
CA PHE A 610 -34.67 26.85 20.06
C PHE A 610 -35.55 26.32 18.92
N VAL A 611 -36.43 27.18 18.41
CA VAL A 611 -37.32 26.81 17.33
C VAL A 611 -36.53 26.76 16.02
N GLY A 612 -36.66 25.66 15.30
CA GLY A 612 -35.96 25.46 14.05
C GLY A 612 -34.98 24.31 14.13
N TRP A 613 -34.17 24.20 13.08
CA TRP A 613 -33.17 23.13 13.01
C TRP A 613 -32.03 23.59 12.12
N SER A 614 -30.90 22.92 12.27
CA SER A 614 -29.71 23.17 11.47
C SER A 614 -29.43 21.97 10.57
N THR A 615 -28.98 22.24 9.35
CA THR A 615 -28.74 21.20 8.36
C THR A 615 -27.30 20.69 8.36
N ASP A 616 -26.62 20.75 9.51
CA ASP A 616 -25.24 20.34 9.59
C ASP A 616 -25.04 19.21 10.59
N TRP A 617 -25.76 19.27 11.71
CA TRP A 617 -25.62 18.25 12.74
C TRP A 617 -26.12 16.91 12.24
N SER A 618 -25.39 15.85 12.57
CA SER A 618 -25.77 14.49 12.24
C SER A 618 -25.39 13.60 13.41
N PRO A 619 -26.14 12.51 13.64
CA PRO A 619 -25.82 11.65 14.79
C PRO A 619 -24.43 11.03 14.73
N TYR A 620 -23.88 10.83 13.54
CA TYR A 620 -22.56 10.24 13.39
C TYR A 620 -21.45 11.27 13.29
N ALA A 621 -21.77 12.56 13.42
CA ALA A 621 -20.74 13.59 13.30
C ALA A 621 -19.79 13.61 14.49
N ASP A 622 -20.24 13.15 15.66
CA ASP A 622 -19.37 13.15 16.84
C ASP A 622 -18.25 12.13 16.74
N GLN A 623 -18.51 10.98 16.13
CA GLN A 623 -17.53 9.90 16.05
C GLN A 623 -16.87 9.83 14.67
N SER A 624 -17.04 10.84 13.84
CA SER A 624 -16.48 10.83 12.50
C SER A 624 -15.07 11.40 12.49
N ILE A 625 -14.20 10.78 11.70
CA ILE A 625 -12.85 11.26 11.48
C ILE A 625 -12.76 11.77 10.04
N LYS A 626 -12.26 12.99 9.86
CA LYS A 626 -12.24 13.63 8.56
C LYS A 626 -10.89 13.38 7.89
N VAL A 627 -10.94 12.93 6.65
CA VAL A 627 -9.75 12.63 5.86
C VAL A 627 -9.72 13.57 4.66
N ARG A 628 -8.57 14.20 4.44
CA ARG A 628 -8.36 15.07 3.28
C ARG A 628 -7.13 14.58 2.54
N ILE A 629 -7.28 14.33 1.24
CA ILE A 629 -6.23 13.72 0.42
C ILE A 629 -5.87 14.67 -0.71
N SER A 630 -4.58 14.91 -0.89
CA SER A 630 -4.05 15.77 -1.94
C SER A 630 -3.11 14.96 -2.82
N LEU A 631 -3.67 14.27 -3.81
CA LEU A 631 -2.86 13.42 -4.68
C LEU A 631 -1.96 14.24 -5.58
N LYS A 632 -2.50 15.31 -6.16
CA LYS A 632 -1.74 16.09 -7.14
C LYS A 632 -0.51 16.74 -6.54
N SER A 633 -0.63 17.26 -5.31
CA SER A 633 0.51 17.93 -4.68
C SER A 633 1.62 16.93 -4.34
N ALA A 634 1.24 15.74 -3.87
CA ALA A 634 2.24 14.76 -3.46
C ALA A 634 2.90 14.08 -4.65
N LEU A 635 2.14 13.82 -5.71
CA LEU A 635 2.66 13.04 -6.84
C LEU A 635 2.95 13.88 -8.07
N GLY A 636 2.47 15.11 -8.15
CA GLY A 636 2.65 15.92 -9.34
C GLY A 636 1.97 15.30 -10.53
N ASP A 637 2.76 14.80 -11.47
CA ASP A 637 2.23 14.05 -12.60
C ASP A 637 1.97 12.61 -12.15
N LYS A 638 1.69 11.72 -13.12
CA LYS A 638 1.48 10.29 -12.89
C LYS A 638 0.59 10.02 -11.68
N ALA A 639 -0.41 10.89 -11.47
CA ALA A 639 -1.31 10.79 -10.34
C ALA A 639 -2.60 10.08 -10.75
N TYR A 640 -2.93 9.01 -10.06
CA TYR A 640 -4.13 8.23 -10.38
C TYR A 640 -5.39 9.01 -10.00
N GLU A 641 -6.48 8.69 -10.69
CA GLU A 641 -7.77 9.28 -10.40
C GLU A 641 -8.40 8.60 -9.20
N TRP A 642 -9.17 9.36 -8.44
CA TRP A 642 -9.78 8.84 -7.21
C TRP A 642 -11.22 8.42 -7.49
N ASN A 643 -11.36 7.26 -8.12
CA ASN A 643 -12.67 6.70 -8.42
C ASN A 643 -13.16 5.87 -7.23
N ASP A 644 -14.24 5.12 -7.45
CA ASP A 644 -14.84 4.34 -6.36
C ASP A 644 -13.93 3.20 -5.92
N ASN A 645 -13.10 2.67 -6.83
CA ASN A 645 -12.18 1.59 -6.47
C ASN A 645 -11.17 2.06 -5.44
N GLU A 646 -10.68 3.29 -5.59
CA GLU A 646 -9.76 3.84 -4.60
C GLU A 646 -10.44 4.00 -3.25
N MET A 647 -11.70 4.42 -3.25
CA MET A 647 -12.45 4.51 -2.00
C MET A 647 -12.61 3.15 -1.35
N TYR A 648 -12.88 2.12 -2.16
CA TYR A 648 -12.96 0.77 -1.62
C TYR A 648 -11.63 0.33 -1.00
N LEU A 649 -10.52 0.64 -1.69
CA LEU A 649 -9.22 0.29 -1.16
C LEU A 649 -8.93 1.02 0.15
N PHE A 650 -9.32 2.30 0.24
CA PHE A 650 -9.13 3.06 1.47
C PHE A 650 -9.96 2.48 2.61
N ARG A 651 -11.20 2.10 2.33
CA ARG A 651 -12.03 1.48 3.37
C ARG A 651 -11.45 0.16 3.82
N SER A 652 -10.92 -0.63 2.88
CA SER A 652 -10.27 -1.89 3.25
C SER A 652 -9.04 -1.64 4.11
N SER A 653 -8.25 -0.63 3.78
CA SER A 653 -7.08 -0.30 4.60
C SER A 653 -7.48 0.12 6.00
N VAL A 654 -8.54 0.92 6.12
CA VAL A 654 -9.01 1.34 7.44
C VAL A 654 -9.50 0.13 8.23
N ALA A 655 -10.22 -0.78 7.59
CA ALA A 655 -10.69 -1.98 8.28
C ALA A 655 -9.51 -2.84 8.73
N TYR A 656 -8.48 -2.95 7.89
CA TYR A 656 -7.29 -3.70 8.26
C TYR A 656 -6.60 -3.07 9.47
N ALA A 657 -6.50 -1.74 9.48
CA ALA A 657 -5.89 -1.06 10.63
C ALA A 657 -6.69 -1.29 11.90
N MET A 658 -8.02 -1.25 11.79
CA MET A 658 -8.87 -1.52 12.95
C MET A 658 -8.67 -2.95 13.45
N ARG A 659 -8.58 -3.92 12.52
CA ARG A 659 -8.32 -5.30 12.91
C ARG A 659 -6.99 -5.42 13.64
N GLN A 660 -5.95 -4.76 13.11
CA GLN A 660 -4.64 -4.84 13.73
C GLN A 660 -4.65 -4.25 15.13
N TYR A 661 -5.31 -3.11 15.31
CA TYR A 661 -5.37 -2.51 16.64
C TYR A 661 -6.14 -3.40 17.60
N PHE A 662 -7.29 -3.93 17.18
CA PHE A 662 -8.09 -4.75 18.08
C PHE A 662 -7.42 -6.09 18.37
N LEU A 663 -6.50 -6.54 17.53
CA LEU A 663 -5.81 -7.80 17.77
C LEU A 663 -4.56 -7.62 18.62
N LYS A 664 -3.75 -6.60 18.34
CA LYS A 664 -2.46 -6.45 18.99
C LYS A 664 -2.50 -5.57 20.24
N VAL A 665 -3.66 -5.05 20.63
CA VAL A 665 -3.74 -4.22 21.82
C VAL A 665 -4.76 -4.79 22.78
N LYS A 666 -6.00 -4.96 22.32
CA LYS A 666 -7.06 -5.51 23.16
C LYS A 666 -7.18 -7.02 23.06
N ASN A 667 -6.41 -7.65 22.18
CA ASN A 667 -6.41 -9.12 22.03
C ASN A 667 -7.81 -9.65 21.76
N GLN A 668 -8.57 -8.92 20.95
CA GLN A 668 -9.91 -9.33 20.55
C GLN A 668 -9.95 -9.50 19.04
N MET A 669 -10.48 -10.62 18.59
CA MET A 669 -10.58 -10.92 17.16
C MET A 669 -11.93 -10.42 16.66
N ILE A 670 -11.94 -9.21 16.10
CA ILE A 670 -13.14 -8.61 15.53
C ILE A 670 -12.99 -8.60 14.02
N LEU A 671 -13.93 -9.24 13.32
CA LEU A 671 -13.85 -9.40 11.87
C LEU A 671 -14.49 -8.19 11.21
N PHE A 672 -13.70 -7.13 11.08
CA PHE A 672 -14.17 -5.95 10.37
C PHE A 672 -14.21 -6.22 8.87
N GLY A 673 -14.92 -5.35 8.15
CA GLY A 673 -15.04 -5.48 6.72
C GLY A 673 -15.06 -4.12 6.05
N GLU A 674 -14.99 -4.14 4.73
CA GLU A 674 -15.00 -2.90 3.97
C GLU A 674 -16.34 -2.17 4.06
N GLU A 675 -17.41 -2.87 4.44
CA GLU A 675 -18.72 -2.25 4.60
C GLU A 675 -18.93 -1.68 5.99
N ASP A 676 -17.99 -1.88 6.91
CA ASP A 676 -18.09 -1.34 8.25
C ASP A 676 -17.40 0.02 8.39
N VAL A 677 -16.78 0.51 7.34
CA VAL A 677 -16.18 1.84 7.35
C VAL A 677 -17.06 2.78 6.54
N ARG A 678 -17.99 3.45 7.21
CA ARG A 678 -18.98 4.26 6.52
C ARG A 678 -18.39 5.63 6.20
N VAL A 679 -18.60 6.08 4.97
CA VAL A 679 -18.00 7.29 4.42
C VAL A 679 -19.12 8.24 3.99
N ALA A 680 -18.97 9.52 4.34
CA ALA A 680 -19.95 10.53 4.01
C ALA A 680 -19.24 11.81 3.61
N ASN A 681 -20.00 12.72 2.99
CA ASN A 681 -19.54 14.06 2.64
C ASN A 681 -18.32 14.02 1.71
N LEU A 682 -18.35 13.11 0.74
CA LEU A 682 -17.28 13.04 -0.24
C LEU A 682 -17.29 14.30 -1.11
N LYS A 683 -16.11 14.82 -1.39
CA LYS A 683 -15.95 16.08 -2.10
C LYS A 683 -14.87 15.92 -3.17
N PRO A 684 -14.87 16.78 -4.18
CA PRO A 684 -13.81 16.70 -5.20
C PRO A 684 -12.41 16.89 -4.64
N ARG A 685 -12.27 17.60 -3.52
CA ARG A 685 -10.99 17.69 -2.83
C ARG A 685 -10.50 16.33 -2.35
N ILE A 686 -11.34 15.29 -2.44
CA ILE A 686 -11.11 14.00 -1.80
C ILE A 686 -11.02 14.27 -0.31
N SER A 687 -12.11 14.80 0.24
CA SER A 687 -12.19 15.13 1.66
C SER A 687 -13.54 14.64 2.16
N PHE A 688 -13.51 13.69 3.08
CA PHE A 688 -14.74 13.03 3.53
C PHE A 688 -14.63 12.76 5.03
N ASN A 689 -15.73 12.24 5.59
CA ASN A 689 -15.76 11.82 6.98
C ASN A 689 -16.07 10.34 7.04
N PHE A 690 -15.22 9.57 7.71
CA PHE A 690 -15.42 8.14 7.85
C PHE A 690 -15.54 7.78 9.32
N PHE A 691 -16.35 6.75 9.59
CA PHE A 691 -16.43 6.20 10.93
C PHE A 691 -16.68 4.71 10.84
N VAL A 692 -16.17 3.98 11.84
CA VAL A 692 -16.18 2.52 11.82
C VAL A 692 -17.20 2.03 12.84
N THR A 693 -18.07 1.13 12.40
CA THR A 693 -19.09 0.54 13.24
C THR A 693 -18.66 -0.85 13.69
N ALA A 694 -19.51 -1.50 14.48
CA ALA A 694 -19.28 -2.88 14.86
C ALA A 694 -19.42 -3.78 13.64
N PRO A 695 -18.82 -4.99 13.68
CA PRO A 695 -18.86 -5.85 12.49
C PRO A 695 -20.27 -6.17 12.00
N LYS A 696 -21.22 -6.39 12.91
CA LYS A 696 -22.60 -6.64 12.51
C LYS A 696 -23.61 -5.93 13.40
N ASN A 697 -23.18 -4.91 14.15
CA ASN A 697 -24.05 -4.17 15.06
C ASN A 697 -23.99 -2.71 14.63
N VAL A 698 -24.96 -2.30 13.81
CA VAL A 698 -24.96 -0.95 13.26
C VAL A 698 -25.08 0.09 14.37
N SER A 699 -25.86 -0.22 15.40
CA SER A 699 -26.06 0.73 16.49
C SER A 699 -24.79 0.97 17.30
N ASP A 700 -23.78 0.13 17.14
CA ASP A 700 -22.52 0.26 17.87
C ASP A 700 -21.49 0.92 16.98
N ILE A 701 -21.00 2.08 17.40
CA ILE A 701 -19.97 2.82 16.68
C ILE A 701 -18.74 2.91 17.58
N ILE A 702 -17.59 2.52 17.04
CA ILE A 702 -16.34 2.54 17.77
C ILE A 702 -16.04 3.98 18.16
N PRO A 703 -15.74 4.27 19.43
CA PRO A 703 -15.45 5.65 19.84
C PRO A 703 -14.24 6.20 19.10
N ARG A 704 -14.27 7.52 18.86
CA ARG A 704 -13.26 8.15 18.02
C ARG A 704 -11.86 7.99 18.60
N THR A 705 -11.73 7.89 19.92
CA THR A 705 -10.40 7.74 20.52
C THR A 705 -9.74 6.44 20.08
N GLU A 706 -10.51 5.34 20.07
CA GLU A 706 -9.95 4.06 19.66
C GLU A 706 -9.59 4.06 18.19
N VAL A 707 -10.41 4.70 17.36
CA VAL A 707 -10.11 4.79 15.93
C VAL A 707 -8.85 5.61 15.70
N GLU A 708 -8.69 6.71 16.45
CA GLU A 708 -7.47 7.51 16.33
C GLU A 708 -6.25 6.72 16.75
N LYS A 709 -6.36 5.95 17.84
CA LYS A 709 -5.24 5.12 18.27
C LYS A 709 -4.90 4.07 17.22
N ALA A 710 -5.93 3.48 16.61
CA ALA A 710 -5.70 2.49 15.56
C ALA A 710 -5.00 3.11 14.36
N ILE A 711 -5.44 4.30 13.95
CA ILE A 711 -4.81 4.96 12.81
C ILE A 711 -3.37 5.32 13.12
N ARG A 712 -3.11 5.84 14.32
CA ARG A 712 -1.74 6.14 14.72
C ARG A 712 -0.89 4.89 14.71
N MET A 713 -1.44 3.76 15.15
CA MET A 713 -0.69 2.52 15.20
C MET A 713 -0.24 2.08 13.81
N SER A 714 -1.12 2.18 12.81
CA SER A 714 -0.85 1.67 11.48
C SER A 714 -1.06 2.73 10.40
N ARG A 715 -0.56 3.94 10.62
CA ARG A 715 -0.67 4.97 9.59
C ARG A 715 0.33 4.74 8.45
N SER A 716 1.46 4.10 8.74
CA SER A 716 2.47 3.88 7.72
C SER A 716 1.94 3.00 6.60
N ARG A 717 1.22 1.93 6.94
CA ARG A 717 0.67 1.05 5.92
C ARG A 717 -0.32 1.78 5.01
N ILE A 718 -1.20 2.59 5.61
CA ILE A 718 -2.16 3.34 4.81
C ILE A 718 -1.45 4.35 3.93
N ASN A 719 -0.41 5.00 4.47
CA ASN A 719 0.36 5.96 3.68
C ASN A 719 1.03 5.27 2.49
N ASP A 720 1.61 4.09 2.71
CA ASP A 720 2.30 3.38 1.64
C ASP A 720 1.32 2.79 0.63
N ALA A 721 0.09 2.49 1.05
CA ALA A 721 -0.89 1.91 0.14
C ALA A 721 -1.23 2.86 -0.99
N PHE A 722 -1.19 4.17 -0.74
CA PHE A 722 -1.53 5.18 -1.73
C PHE A 722 -0.33 6.01 -2.15
N ARG A 723 0.86 5.68 -1.66
CA ARG A 723 2.09 6.43 -1.95
C ARG A 723 1.94 7.90 -1.54
N LEU A 724 1.48 8.11 -0.32
CA LEU A 724 1.35 9.42 0.28
C LEU A 724 2.16 9.45 1.58
N ASN A 725 2.64 10.64 1.96
CA ASN A 725 3.52 10.76 3.13
C ASN A 725 3.04 11.87 4.06
N ASP A 726 2.05 11.54 4.91
CA ASP A 726 1.75 12.29 6.12
C ASP A 726 1.39 13.76 5.90
N ASN A 727 1.35 14.20 4.64
CA ASN A 727 1.04 15.58 4.33
C ASN A 727 -0.07 15.63 3.30
N SER A 728 -0.09 14.66 2.40
CA SER A 728 -1.18 14.50 1.45
C SER A 728 -2.26 13.55 1.94
N LEU A 729 -2.09 12.97 3.12
CA LEU A 729 -3.11 12.12 3.75
C LEU A 729 -3.27 12.62 5.19
N GLU A 730 -4.15 13.59 5.37
CA GLU A 730 -4.34 14.26 6.66
C GLU A 730 -5.62 13.74 7.30
N PHE A 731 -5.51 13.30 8.55
CA PHE A 731 -6.66 12.77 9.28
C PHE A 731 -7.29 13.78 10.22
N LEU A 732 -6.76 15.00 10.28
CA LEU A 732 -7.38 16.12 11.00
C LEU A 732 -7.69 15.75 12.45
N GLY A 733 -6.63 15.52 13.19
CA GLY A 733 -6.75 15.11 14.59
C GLY A 733 -5.65 14.14 14.97
N ILE A 734 -5.00 13.57 13.97
CA ILE A 734 -3.86 12.68 14.17
C ILE A 734 -2.64 13.42 13.65
N GLN A 735 -1.81 13.92 14.56
CA GLN A 735 -0.62 14.68 14.20
C GLN A 735 0.60 13.77 14.22
N PRO A 736 1.26 13.53 13.09
CA PRO A 736 2.43 12.65 13.08
C PRO A 736 3.61 13.29 13.79
N THR A 737 4.55 12.43 14.19
CA THR A 737 5.77 12.85 14.86
C THR A 737 6.93 12.70 13.89
N LEU A 738 7.66 13.80 13.66
CA LEU A 738 8.78 13.76 12.72
C LEU A 738 9.91 12.87 13.21
N GLY A 739 10.21 12.91 14.51
CA GLY A 739 11.29 12.13 15.06
C GLY A 739 12.33 13.00 15.74
N PRO A 740 12.81 12.55 16.90
CA PRO A 740 13.79 13.34 17.65
C PRO A 740 15.08 13.51 16.86
N PRO A 741 15.70 14.68 16.96
CA PRO A 741 16.99 14.88 16.27
C PRO A 741 18.17 14.43 17.12
N ASN A 742 18.91 13.44 16.65
CA ASN A 742 20.07 12.96 17.40
C ASN A 742 21.16 14.03 17.42
N GLN A 743 21.85 14.12 18.56
CA GLN A 743 22.86 15.14 18.74
C GLN A 743 24.26 14.52 18.79
N PRO A 744 25.30 15.27 18.43
CA PRO A 744 26.66 14.77 18.58
C PRO A 744 26.98 14.46 20.03
N PRO A 745 28.05 13.70 20.31
CA PRO A 745 28.37 13.34 21.71
C PRO A 745 28.41 14.52 22.64
N VAL A 746 29.31 15.49 22.39
CA VAL A 746 29.26 16.74 23.13
C VAL A 746 29.17 17.92 22.17
N SER A 747 30.23 18.13 21.39
CA SER A 747 30.25 19.21 20.40
C SER A 747 31.41 19.04 19.42
N ILE A 748 31.10 18.86 18.14
CA ILE A 748 32.16 18.84 17.13
C ILE A 748 32.83 20.21 17.04
N TRP A 749 32.03 21.28 17.08
CA TRP A 749 32.57 22.63 16.96
C TRP A 749 33.53 22.94 18.10
N LEU A 750 33.19 22.49 19.32
CA LEU A 750 34.05 22.76 20.46
C LEU A 750 35.39 22.03 20.32
N ILE A 751 35.36 20.79 19.82
CA ILE A 751 36.59 20.03 19.63
C ILE A 751 37.48 20.71 18.59
N VAL A 752 36.88 21.12 17.47
CA VAL A 752 37.65 21.79 16.43
C VAL A 752 38.23 23.10 16.94
N PHE A 753 37.42 23.87 17.68
CA PHE A 753 37.89 25.12 18.25
C PHE A 753 39.04 24.90 19.22
N GLY A 754 38.93 23.87 20.07
CA GLY A 754 40.00 23.57 20.99
C GLY A 754 41.29 23.19 20.30
N VAL A 755 41.19 22.37 19.24
CA VAL A 755 42.39 21.97 18.51
C VAL A 755 43.04 23.18 17.86
N VAL A 756 42.23 24.04 17.23
CA VAL A 756 42.78 25.22 16.57
C VAL A 756 43.42 26.16 17.59
N MET A 757 42.75 26.38 18.72
CA MET A 757 43.32 27.25 19.75
C MET A 757 44.63 26.67 20.30
N GLY A 758 44.66 25.36 20.50
CA GLY A 758 45.88 24.74 21.01
C GLY A 758 47.05 24.89 20.05
N VAL A 759 46.81 24.62 18.77
CA VAL A 759 47.91 24.73 17.81
C VAL A 759 48.36 26.18 17.65
N ILE A 760 47.41 27.13 17.69
CA ILE A 760 47.77 28.54 17.60
C ILE A 760 48.60 28.96 18.81
N VAL A 761 48.20 28.53 20.00
CA VAL A 761 48.95 28.89 21.22
C VAL A 761 50.34 28.28 21.18
N VAL A 762 50.45 27.02 20.72
CA VAL A 762 51.76 26.39 20.62
C VAL A 762 52.65 27.15 19.65
N GLY A 763 52.10 27.55 18.50
CA GLY A 763 52.88 28.32 17.56
C GLY A 763 53.33 29.66 18.12
N ILE A 764 52.43 30.35 18.83
CA ILE A 764 52.79 31.63 19.44
C ILE A 764 53.90 31.45 20.45
N VAL A 765 53.77 30.43 21.29
CA VAL A 765 54.77 30.20 22.35
C VAL A 765 56.13 29.87 21.73
N ILE A 766 56.16 29.00 20.72
CA ILE A 766 57.43 28.60 20.15
C ILE A 766 58.07 29.77 19.40
N LEU A 767 57.27 30.59 18.71
CA LEU A 767 57.82 31.75 18.03
C LEU A 767 58.38 32.76 19.02
N ILE A 768 57.67 33.01 20.12
CA ILE A 768 58.16 33.93 21.14
C ILE A 768 59.45 33.41 21.75
N PHE A 769 59.50 32.11 22.04
CA PHE A 769 60.72 31.53 22.63
C PHE A 769 61.90 31.65 21.67
N THR A 770 61.68 31.37 20.38
CA THR A 770 62.76 31.49 19.41
C THR A 770 63.22 32.94 19.28
N GLY A 771 62.28 33.88 19.26
CA GLY A 771 62.66 35.28 19.18
C GLY A 771 63.45 35.74 20.39
N ILE A 772 63.05 35.29 21.58
CA ILE A 772 63.77 35.65 22.80
C ILE A 772 65.16 35.04 22.80
N ARG A 773 65.28 33.77 22.39
CA ARG A 773 66.59 33.11 22.38
C ARG A 773 67.52 33.73 21.35
N ASP A 774 66.98 34.14 20.20
CA ASP A 774 67.82 34.74 19.17
C ASP A 774 68.43 36.04 19.64
N ARG A 775 67.66 36.86 20.34
CA ARG A 775 68.16 38.14 20.85
C ARG A 775 68.69 37.99 22.27
N THR B 27 -24.43 -60.73 50.00
CA THR B 27 -25.13 -59.70 50.76
C THR B 27 -25.44 -58.49 49.89
N ILE B 28 -24.39 -57.86 49.36
CA ILE B 28 -24.58 -56.71 48.49
C ILE B 28 -25.25 -57.11 47.19
N GLU B 29 -24.90 -58.29 46.67
CA GLU B 29 -25.55 -58.78 45.46
C GLU B 29 -27.04 -59.01 45.68
N GLU B 30 -27.41 -59.55 46.84
CA GLU B 30 -28.82 -59.82 47.12
C GLU B 30 -29.62 -58.53 47.18
N GLN B 31 -29.12 -57.51 47.88
CA GLN B 31 -29.84 -56.25 47.96
C GLN B 31 -29.86 -55.52 46.63
N ALA B 32 -28.79 -55.65 45.83
CA ALA B 32 -28.82 -55.09 44.48
C ALA B 32 -29.89 -55.75 43.62
N LYS B 33 -30.00 -57.08 43.72
CA LYS B 33 -31.05 -57.78 42.98
C LYS B 33 -32.43 -57.35 43.45
N THR B 34 -32.61 -57.18 44.76
CA THR B 34 -33.89 -56.72 45.28
C THR B 34 -34.23 -55.32 44.76
N PHE B 35 -33.23 -54.43 44.73
CA PHE B 35 -33.43 -53.09 44.20
C PHE B 35 -33.84 -53.15 42.73
N LEU B 36 -33.16 -53.99 41.95
CA LEU B 36 -33.51 -54.12 40.54
C LEU B 36 -34.93 -54.66 40.37
N ASP B 37 -35.31 -55.65 41.17
CA ASP B 37 -36.65 -56.22 41.08
C ASP B 37 -37.71 -55.18 41.43
N LYS B 38 -37.45 -54.37 42.46
CA LYS B 38 -38.39 -53.30 42.81
C LYS B 38 -38.48 -52.26 41.69
N PHE B 39 -37.34 -51.95 41.06
CA PHE B 39 -37.32 -50.95 40.00
C PHE B 39 -38.03 -51.45 38.75
N ASN B 40 -38.02 -52.76 38.51
CA ASN B 40 -38.48 -53.30 37.23
C ASN B 40 -39.95 -52.97 36.98
N HIS B 41 -40.81 -53.20 37.98
CA HIS B 41 -42.25 -53.03 37.76
C HIS B 41 -42.61 -51.57 37.54
N GLU B 42 -42.05 -50.67 38.37
CA GLU B 42 -42.32 -49.25 38.21
C GLU B 42 -41.80 -48.74 36.87
N ALA B 43 -40.61 -49.19 36.47
CA ALA B 43 -40.08 -48.78 35.17
C ALA B 43 -40.96 -49.28 34.03
N GLU B 44 -41.42 -50.53 34.12
CA GLU B 44 -42.29 -51.07 33.09
C GLU B 44 -43.58 -50.27 32.99
N ASP B 45 -44.20 -49.95 34.13
CA ASP B 45 -45.45 -49.20 34.09
C ASP B 45 -45.25 -47.79 33.52
N LEU B 46 -44.22 -47.08 33.98
CA LEU B 46 -44.01 -45.72 33.51
C LEU B 46 -43.62 -45.69 32.04
N PHE B 47 -42.80 -46.66 31.60
CA PHE B 47 -42.44 -46.71 30.19
C PHE B 47 -43.64 -47.08 29.33
N TYR B 48 -44.52 -47.95 29.82
CA TYR B 48 -45.75 -48.23 29.09
C TYR B 48 -46.59 -46.97 28.93
N GLN B 49 -46.72 -46.18 30.01
CA GLN B 49 -47.49 -44.96 29.94
C GLN B 49 -46.87 -43.97 28.95
N SER B 50 -45.54 -43.82 29.01
CA SER B 50 -44.86 -42.89 28.10
C SER B 50 -44.98 -43.33 26.65
N SER B 51 -44.83 -44.63 26.40
CA SER B 51 -44.97 -45.15 25.04
C SER B 51 -46.39 -44.98 24.52
N LEU B 52 -47.38 -45.19 25.39
CA LEU B 52 -48.77 -44.96 24.99
C LEU B 52 -49.00 -43.50 24.65
N ALA B 53 -48.44 -42.59 25.44
CA ALA B 53 -48.58 -41.16 25.15
C ALA B 53 -47.92 -40.82 23.82
N SER B 54 -46.73 -41.37 23.56
CA SER B 54 -46.05 -41.11 22.30
C SER B 54 -46.85 -41.67 21.12
N TRP B 55 -47.42 -42.86 21.29
CA TRP B 55 -48.23 -43.44 20.23
C TRP B 55 -49.47 -42.59 19.97
N ASN B 56 -50.09 -42.06 21.03
CA ASN B 56 -51.23 -41.18 20.85
C ASN B 56 -50.82 -39.90 20.11
N TYR B 57 -49.66 -39.35 20.44
CA TYR B 57 -49.19 -38.15 19.74
C TYR B 57 -48.85 -38.46 18.28
N ASN B 58 -48.46 -39.69 17.98
CA ASN B 58 -48.20 -40.07 16.60
C ASN B 58 -49.44 -40.53 15.85
N THR B 59 -50.54 -40.79 16.56
CA THR B 59 -51.78 -41.16 15.90
C THR B 59 -52.55 -39.94 15.43
N ASN B 60 -52.96 -39.07 16.37
CA ASN B 60 -53.52 -37.78 16.02
C ASN B 60 -52.48 -36.69 16.30
N ILE B 61 -52.78 -35.47 15.88
CA ILE B 61 -51.88 -34.34 16.10
C ILE B 61 -52.68 -33.21 16.74
N THR B 62 -52.57 -33.06 18.05
CA THR B 62 -53.21 -32.00 18.79
C THR B 62 -52.23 -31.47 19.83
N GLU B 63 -52.39 -30.20 20.21
CA GLU B 63 -51.53 -29.62 21.22
C GLU B 63 -51.70 -30.31 22.57
N GLU B 64 -52.90 -30.83 22.85
CA GLU B 64 -53.10 -31.60 24.07
C GLU B 64 -52.24 -32.84 24.08
N ASN B 65 -52.13 -33.53 22.94
CA ASN B 65 -51.25 -34.68 22.85
C ASN B 65 -49.79 -34.27 23.01
N VAL B 66 -49.41 -33.10 22.51
CA VAL B 66 -48.04 -32.61 22.72
C VAL B 66 -47.77 -32.42 24.20
N GLN B 67 -48.73 -31.81 24.92
CA GLN B 67 -48.57 -31.60 26.35
C GLN B 67 -48.50 -32.93 27.09
N ASN B 68 -49.34 -33.90 26.70
CA ASN B 68 -49.31 -35.21 27.35
C ASN B 68 -47.97 -35.90 27.12
N MET B 69 -47.45 -35.84 25.90
CA MET B 69 -46.15 -36.43 25.61
C MET B 69 -45.05 -35.76 26.41
N ASN B 70 -45.09 -34.43 26.51
CA ASN B 70 -44.07 -33.71 27.27
C ASN B 70 -44.13 -34.11 28.75
N ASN B 71 -45.33 -34.18 29.32
CA ASN B 71 -45.47 -34.56 30.73
C ASN B 71 -44.98 -35.98 30.97
N ALA B 72 -45.35 -36.91 30.08
CA ALA B 72 -44.92 -38.29 30.24
C ALA B 72 -43.40 -38.41 30.13
N GLY B 73 -42.81 -37.70 29.17
CA GLY B 73 -41.36 -37.74 29.02
C GLY B 73 -40.64 -37.15 30.22
N ASP B 74 -41.16 -36.03 30.75
CA ASP B 74 -40.56 -35.43 31.94
C ASP B 74 -40.65 -36.36 33.14
N LYS B 75 -41.80 -37.01 33.33
CA LYS B 75 -41.94 -37.95 34.43
C LYS B 75 -40.98 -39.12 34.28
N TRP B 76 -40.87 -39.66 33.06
CA TRP B 76 -39.96 -40.77 32.81
C TRP B 76 -38.52 -40.38 33.07
N SER B 77 -38.13 -39.18 32.62
CA SER B 77 -36.77 -38.71 32.84
C SER B 77 -36.48 -38.51 34.32
N ALA B 78 -37.43 -37.94 35.07
CA ALA B 78 -37.23 -37.76 36.50
C ALA B 78 -37.10 -39.10 37.22
N PHE B 79 -37.95 -40.06 36.86
CA PHE B 79 -37.85 -41.39 37.46
C PHE B 79 -36.52 -42.05 37.13
N LEU B 80 -36.08 -41.94 35.87
CA LEU B 80 -34.82 -42.54 35.46
C LEU B 80 -33.66 -41.92 36.21
N LYS B 81 -33.65 -40.60 36.35
CA LYS B 81 -32.51 -39.95 37.01
C LYS B 81 -32.51 -40.24 38.51
N GLU B 82 -33.68 -40.29 39.15
CA GLU B 82 -33.71 -40.61 40.56
C GLU B 82 -33.31 -42.05 40.81
N GLN B 83 -33.71 -42.97 39.92
CA GLN B 83 -33.27 -44.36 40.05
C GLN B 83 -31.76 -44.47 39.81
N SER B 84 -31.23 -43.66 38.89
CA SER B 84 -29.78 -43.65 38.68
C SER B 84 -29.05 -43.18 39.92
N THR B 85 -29.57 -42.14 40.58
CA THR B 85 -28.97 -41.69 41.83
C THR B 85 -29.05 -42.76 42.90
N LEU B 86 -30.18 -43.46 42.98
CA LEU B 86 -30.33 -44.50 44.00
C LEU B 86 -29.39 -45.68 43.74
N ALA B 87 -29.18 -46.03 42.47
CA ALA B 87 -28.41 -47.22 42.12
C ALA B 87 -26.94 -47.11 42.47
N GLN B 88 -26.44 -45.92 42.82
CA GLN B 88 -25.03 -45.77 43.16
C GLN B 88 -24.67 -46.46 44.48
N MET B 89 -25.66 -46.88 45.27
CA MET B 89 -25.38 -47.55 46.52
C MET B 89 -24.75 -48.94 46.33
N TYR B 90 -24.77 -49.46 45.11
CA TYR B 90 -24.22 -50.79 44.84
C TYR B 90 -23.04 -50.67 43.88
N PRO B 91 -21.81 -50.66 44.38
CA PRO B 91 -20.65 -50.59 43.48
C PRO B 91 -20.51 -51.86 42.65
N LEU B 92 -19.97 -51.69 41.44
CA LEU B 92 -19.81 -52.82 40.53
C LEU B 92 -18.70 -53.77 40.94
N GLN B 93 -17.80 -53.33 41.84
CA GLN B 93 -16.69 -54.17 42.24
C GLN B 93 -17.12 -55.42 42.99
N GLU B 94 -18.22 -55.34 43.74
CA GLU B 94 -18.69 -56.47 44.53
C GLU B 94 -19.82 -57.26 43.86
N ILE B 95 -20.24 -56.87 42.66
CA ILE B 95 -21.32 -57.56 41.97
C ILE B 95 -20.73 -58.73 41.17
N GLN B 96 -21.29 -59.92 41.38
CA GLN B 96 -20.84 -61.12 40.69
C GLN B 96 -21.77 -61.58 39.58
N ASN B 97 -23.08 -61.38 39.73
CA ASN B 97 -24.02 -61.75 38.68
C ASN B 97 -23.79 -60.88 37.45
N LEU B 98 -23.65 -61.51 36.29
CA LEU B 98 -23.37 -60.76 35.06
C LEU B 98 -24.56 -59.90 34.66
N THR B 99 -25.75 -60.48 34.65
CA THR B 99 -26.94 -59.72 34.27
C THR B 99 -27.18 -58.57 35.22
N VAL B 100 -27.05 -58.82 36.52
CA VAL B 100 -27.21 -57.75 37.51
C VAL B 100 -26.15 -56.67 37.31
N LYS B 101 -24.91 -57.09 37.05
CA LYS B 101 -23.83 -56.12 36.85
C LYS B 101 -24.12 -55.21 35.65
N LEU B 102 -24.54 -55.79 34.53
CA LEU B 102 -24.80 -54.97 33.35
C LEU B 102 -26.05 -54.11 33.52
N GLN B 103 -27.07 -54.62 34.22
CA GLN B 103 -28.24 -53.78 34.50
C GLN B 103 -27.88 -52.60 35.39
N LEU B 104 -27.03 -52.82 36.38
CA LEU B 104 -26.54 -51.72 37.20
C LEU B 104 -25.73 -50.74 36.36
N GLN B 105 -24.89 -51.25 35.46
CA GLN B 105 -24.13 -50.36 34.57
C GLN B 105 -25.07 -49.50 33.73
N ALA B 106 -26.19 -50.08 33.28
CA ALA B 106 -27.17 -49.29 32.53
C ALA B 106 -27.77 -48.19 33.41
N LEU B 107 -28.03 -48.49 34.68
CA LEU B 107 -28.69 -47.56 35.57
C LEU B 107 -27.73 -46.70 36.39
N GLN B 108 -26.42 -46.83 36.19
CA GLN B 108 -25.46 -46.03 36.95
C GLN B 108 -24.74 -44.97 36.13
N GLN B 109 -24.93 -44.94 34.82
CA GLN B 109 -24.29 -43.92 34.01
C GLN B 109 -24.89 -42.55 34.32
N ASN B 110 -24.03 -41.60 34.68
CA ASN B 110 -24.49 -40.27 35.07
C ASN B 110 -24.98 -39.46 33.88
N GLY B 111 -24.31 -39.57 32.74
CA GLY B 111 -24.69 -38.75 31.60
C GLY B 111 -24.29 -37.30 31.80
N SER B 112 -25.13 -36.39 31.31
CA SER B 112 -24.85 -34.96 31.43
C SER B 112 -25.00 -34.44 32.85
N SER B 113 -25.55 -35.24 33.77
CA SER B 113 -25.75 -34.81 35.14
C SER B 113 -24.44 -34.60 35.90
N VAL B 114 -23.34 -35.18 35.44
CA VAL B 114 -22.07 -35.02 36.13
C VAL B 114 -21.52 -33.60 36.01
N LEU B 115 -21.93 -32.86 34.99
CA LEU B 115 -21.46 -31.49 34.81
C LEU B 115 -22.14 -30.56 35.81
N SER B 116 -21.59 -29.37 35.96
CA SER B 116 -22.20 -28.35 36.79
C SER B 116 -23.46 -27.81 36.13
N GLU B 117 -24.24 -27.06 36.91
CA GLU B 117 -25.51 -26.54 36.41
C GLU B 117 -25.29 -25.61 35.22
N ASP B 118 -24.34 -24.68 35.32
CA ASP B 118 -24.08 -23.74 34.24
C ASP B 118 -23.61 -24.46 32.99
N LYS B 119 -22.68 -25.41 33.14
CA LYS B 119 -22.18 -26.16 32.00
C LYS B 119 -23.27 -27.01 31.35
N SER B 120 -24.10 -27.67 32.17
CA SER B 120 -25.19 -28.46 31.62
C SER B 120 -26.19 -27.59 30.86
N LYS B 121 -26.53 -26.43 31.42
CA LYS B 121 -27.46 -25.53 30.74
C LYS B 121 -26.86 -25.01 29.43
N ARG B 122 -25.57 -24.69 29.45
CA ARG B 122 -24.91 -24.23 28.22
C ARG B 122 -24.90 -25.33 27.17
N LEU B 123 -24.64 -26.57 27.58
CA LEU B 123 -24.64 -27.69 26.64
C LEU B 123 -26.02 -27.88 26.03
N ASN B 124 -27.06 -27.85 26.86
CA ASN B 124 -28.42 -27.98 26.33
C ASN B 124 -28.75 -26.84 25.37
N THR B 125 -28.36 -25.62 25.73
CA THR B 125 -28.65 -24.47 24.87
C THR B 125 -27.95 -24.60 23.53
N ILE B 126 -26.68 -24.98 23.52
CA ILE B 126 -25.95 -25.07 22.26
C ILE B 126 -26.46 -26.23 21.41
N LEU B 127 -26.82 -27.35 22.05
CA LEU B 127 -27.41 -28.46 21.30
C LEU B 127 -28.71 -28.05 20.63
N ASN B 128 -29.60 -27.40 21.39
CA ASN B 128 -30.87 -26.96 20.83
C ASN B 128 -30.65 -25.93 19.73
N THR B 129 -29.70 -25.02 19.92
CA THR B 129 -29.42 -24.00 18.90
C THR B 129 -28.91 -24.63 17.61
N MET B 130 -27.99 -25.60 17.73
CA MET B 130 -27.50 -26.27 16.52
C MET B 130 -28.61 -27.03 15.82
N SER B 131 -29.47 -27.72 16.59
CA SER B 131 -30.57 -28.43 15.98
C SER B 131 -31.51 -27.49 15.24
N THR B 132 -31.83 -26.35 15.85
CA THR B 132 -32.73 -25.40 15.20
C THR B 132 -32.08 -24.77 13.97
N ILE B 133 -30.77 -24.48 14.05
CA ILE B 133 -30.08 -23.91 12.90
C ILE B 133 -30.08 -24.88 11.73
N TYR B 134 -29.83 -26.17 12.00
CA TYR B 134 -29.88 -27.15 10.92
C TYR B 134 -31.29 -27.29 10.37
N SER B 135 -32.29 -27.28 11.25
CA SER B 135 -33.67 -27.50 10.82
C SER B 135 -34.19 -26.35 9.96
N THR B 136 -33.91 -25.10 10.37
CA THR B 136 -34.48 -23.93 9.73
C THR B 136 -33.45 -23.15 8.90
N GLY B 137 -32.36 -23.79 8.50
CA GLY B 137 -31.41 -23.11 7.64
C GLY B 137 -32.02 -22.76 6.30
N LYS B 138 -31.70 -21.57 5.81
CA LYS B 138 -32.24 -21.08 4.55
C LYS B 138 -31.12 -20.57 3.66
N VAL B 139 -31.19 -20.91 2.39
CA VAL B 139 -30.29 -20.39 1.36
C VAL B 139 -31.13 -19.71 0.29
N CYS B 140 -30.71 -18.52 -0.12
CA CYS B 140 -31.49 -17.70 -1.04
C CYS B 140 -30.71 -17.50 -2.33
N ASN B 141 -31.40 -17.61 -3.45
CA ASN B 141 -30.77 -17.43 -4.74
C ASN B 141 -30.29 -15.99 -4.89
N PRO B 142 -29.03 -15.76 -5.26
CA PRO B 142 -28.54 -14.38 -5.43
C PRO B 142 -29.32 -13.58 -6.46
N ASP B 143 -29.82 -14.21 -7.52
CA ASP B 143 -30.60 -13.48 -8.51
C ASP B 143 -31.90 -12.95 -7.93
N ASN B 144 -32.59 -13.78 -7.12
CA ASN B 144 -33.85 -13.43 -6.49
C ASN B 144 -33.73 -13.70 -5.00
N PRO B 145 -33.11 -12.79 -4.24
CA PRO B 145 -32.94 -13.02 -2.80
C PRO B 145 -34.26 -13.10 -2.04
N GLN B 146 -35.36 -12.65 -2.64
CA GLN B 146 -36.66 -12.74 -1.98
C GLN B 146 -37.13 -14.18 -1.81
N GLU B 147 -36.66 -15.10 -2.62
CA GLU B 147 -36.99 -16.52 -2.48
C GLU B 147 -35.84 -17.24 -1.80
N CYS B 148 -36.15 -18.08 -0.83
CA CYS B 148 -35.15 -18.83 -0.09
C CYS B 148 -35.62 -20.27 0.06
N LEU B 149 -34.67 -21.19 0.23
CA LEU B 149 -34.96 -22.61 0.25
C LEU B 149 -34.49 -23.22 1.57
N LEU B 150 -35.32 -24.10 2.12
CA LEU B 150 -34.93 -24.87 3.29
C LEU B 150 -34.05 -26.03 2.82
N LEU B 151 -33.76 -26.97 3.71
CA LEU B 151 -32.93 -28.11 3.34
C LEU B 151 -33.75 -29.32 2.90
N GLU B 152 -34.72 -29.73 3.72
CA GLU B 152 -35.52 -30.90 3.37
C GLU B 152 -36.29 -30.72 2.07
N PRO B 153 -37.02 -29.63 1.84
CA PRO B 153 -37.59 -29.40 0.51
C PRO B 153 -36.71 -28.49 -0.34
N GLY B 154 -36.85 -28.64 -1.65
CA GLY B 154 -36.17 -27.78 -2.59
C GLY B 154 -34.68 -28.06 -2.74
N LEU B 155 -33.90 -27.78 -1.70
CA LEU B 155 -32.45 -27.94 -1.78
C LEU B 155 -32.08 -29.40 -2.01
N ASN B 156 -32.73 -30.32 -1.30
CA ASN B 156 -32.50 -31.74 -1.55
C ASN B 156 -32.93 -32.12 -2.96
N GLU B 157 -34.06 -31.58 -3.42
CA GLU B 157 -34.48 -31.84 -4.79
C GLU B 157 -33.47 -31.29 -5.79
N ILE B 158 -32.93 -30.10 -5.53
CA ILE B 158 -31.92 -29.53 -6.42
C ILE B 158 -30.69 -30.41 -6.47
N MET B 159 -30.23 -30.90 -5.32
CA MET B 159 -29.01 -31.70 -5.29
C MET B 159 -29.23 -33.11 -5.81
N ALA B 160 -30.46 -33.62 -5.80
CA ALA B 160 -30.74 -34.98 -6.23
C ALA B 160 -31.33 -35.08 -7.63
N ASN B 161 -31.69 -33.96 -8.24
CA ASN B 161 -32.33 -34.03 -9.55
C ASN B 161 -31.64 -33.18 -10.61
N SER B 162 -31.14 -32.01 -10.26
CA SER B 162 -30.57 -31.11 -11.24
C SER B 162 -29.32 -31.70 -11.88
N LEU B 163 -29.16 -31.47 -13.18
CA LEU B 163 -27.98 -31.88 -13.91
C LEU B 163 -27.08 -30.70 -14.27
N ASP B 164 -27.37 -29.51 -13.73
CA ASP B 164 -26.57 -28.33 -13.99
C ASP B 164 -25.41 -28.27 -13.00
N TYR B 165 -24.20 -28.18 -13.53
CA TYR B 165 -23.03 -28.03 -12.66
C TYR B 165 -23.13 -26.74 -11.84
N ASN B 166 -23.54 -25.65 -12.48
CA ASN B 166 -23.59 -24.36 -11.80
C ASN B 166 -24.61 -24.36 -10.66
N GLU B 167 -25.80 -24.90 -10.92
CA GLU B 167 -26.84 -24.88 -9.90
C GLU B 167 -26.47 -25.76 -8.70
N ARG B 168 -25.96 -26.97 -8.97
CA ARG B 168 -25.56 -27.85 -7.88
C ARG B 168 -24.42 -27.24 -7.08
N LEU B 169 -23.44 -26.64 -7.77
CA LEU B 169 -22.34 -25.99 -7.07
C LEU B 169 -22.84 -24.85 -6.20
N TRP B 170 -23.77 -24.04 -6.74
CA TRP B 170 -24.34 -22.95 -5.94
C TRP B 170 -25.04 -23.48 -4.71
N ALA B 171 -25.85 -24.53 -4.86
CA ALA B 171 -26.56 -25.08 -3.71
C ALA B 171 -25.59 -25.59 -2.66
N TRP B 172 -24.58 -26.35 -3.10
CA TRP B 172 -23.58 -26.90 -2.18
C TRP B 172 -22.87 -25.79 -1.41
N GLU B 173 -22.33 -24.81 -2.13
CA GLU B 173 -21.57 -23.75 -1.47
C GLU B 173 -22.45 -22.88 -0.61
N SER B 174 -23.68 -22.58 -1.06
CA SER B 174 -24.58 -21.75 -0.26
C SER B 174 -24.95 -22.44 1.04
N TRP B 175 -25.26 -23.73 0.99
CA TRP B 175 -25.60 -24.43 2.22
C TRP B 175 -24.39 -24.51 3.15
N ARG B 176 -23.20 -24.73 2.60
CA ARG B 176 -22.03 -24.86 3.46
C ARG B 176 -21.43 -23.53 3.88
N SER B 177 -21.90 -22.41 3.34
CA SER B 177 -21.44 -21.11 3.76
C SER B 177 -22.48 -20.32 4.56
N GLU B 178 -23.75 -20.70 4.49
CA GLU B 178 -24.79 -20.04 5.26
C GLU B 178 -25.17 -20.78 6.54
N VAL B 179 -24.82 -22.06 6.66
CA VAL B 179 -25.11 -22.83 7.85
C VAL B 179 -23.87 -23.36 8.56
N GLY B 180 -22.81 -23.73 7.85
CA GLY B 180 -21.62 -24.21 8.52
C GLY B 180 -20.94 -23.12 9.34
N LYS B 181 -20.88 -21.90 8.78
CA LYS B 181 -20.25 -20.80 9.49
C LYS B 181 -20.97 -20.48 10.79
N GLN B 182 -22.30 -20.63 10.81
CA GLN B 182 -23.05 -20.43 12.04
C GLN B 182 -22.86 -21.57 13.03
N LEU B 183 -22.54 -22.77 12.54
CA LEU B 183 -22.37 -23.92 13.41
C LEU B 183 -20.94 -24.13 13.87
N ARG B 184 -19.97 -23.35 13.35
CA ARG B 184 -18.58 -23.55 13.77
C ARG B 184 -18.37 -23.26 15.24
N PRO B 185 -18.58 -22.03 15.75
CA PRO B 185 -18.31 -21.79 17.19
C PRO B 185 -19.17 -22.63 18.11
N LEU B 186 -20.43 -22.85 17.73
CA LEU B 186 -21.30 -23.71 18.53
C LEU B 186 -20.74 -25.12 18.61
N TYR B 187 -20.23 -25.65 17.49
CA TYR B 187 -19.64 -26.97 17.51
C TYR B 187 -18.36 -27.00 18.34
N GLU B 188 -17.58 -25.93 18.31
CA GLU B 188 -16.38 -25.87 19.15
C GLU B 188 -16.75 -25.95 20.63
N GLU B 189 -17.73 -25.14 21.05
CA GLU B 189 -18.15 -25.16 22.44
C GLU B 189 -18.74 -26.51 22.80
N TYR B 190 -19.51 -27.11 21.90
CA TYR B 190 -20.07 -28.44 22.13
C TYR B 190 -18.97 -29.47 22.31
N VAL B 191 -17.92 -29.41 21.49
CA VAL B 191 -16.80 -30.32 21.62
C VAL B 191 -16.15 -30.18 22.99
N VAL B 192 -15.90 -28.94 23.41
CA VAL B 192 -15.22 -28.72 24.69
C VAL B 192 -16.07 -29.25 25.84
N LEU B 193 -17.37 -28.92 25.83
CA LEU B 193 -18.24 -29.33 26.92
C LEU B 193 -18.41 -30.85 26.96
N LYS B 194 -18.56 -31.48 25.79
CA LYS B 194 -18.69 -32.93 25.77
C LYS B 194 -17.41 -33.62 26.22
N ASN B 195 -16.25 -33.06 25.85
CA ASN B 195 -14.98 -33.61 26.33
C ASN B 195 -14.91 -33.52 27.85
N GLU B 196 -15.30 -32.37 28.41
CA GLU B 196 -15.27 -32.22 29.87
C GLU B 196 -16.21 -33.21 30.54
N MET B 197 -17.42 -33.39 29.98
CA MET B 197 -18.36 -34.34 30.57
C MET B 197 -17.84 -35.76 30.51
N ALA B 198 -17.28 -36.16 29.36
CA ALA B 198 -16.75 -37.52 29.22
C ALA B 198 -15.58 -37.75 30.17
N ARG B 199 -14.70 -36.76 30.31
CA ARG B 199 -13.57 -36.91 31.23
C ARG B 199 -14.06 -36.98 32.67
N ALA B 200 -15.12 -36.24 33.01
CA ALA B 200 -15.72 -36.36 34.32
C ALA B 200 -16.34 -37.73 34.54
N ASN B 201 -16.81 -38.38 33.47
CA ASN B 201 -17.39 -39.72 33.57
C ASN B 201 -16.35 -40.82 33.37
N HIS B 202 -15.08 -40.55 33.66
CA HIS B 202 -14.02 -41.54 33.64
C HIS B 202 -13.74 -42.10 32.24
N TYR B 203 -13.94 -41.28 31.20
CA TYR B 203 -13.56 -41.62 29.84
C TYR B 203 -12.46 -40.67 29.37
N GLU B 204 -11.56 -41.19 28.54
CA GLU B 204 -10.45 -40.36 28.07
C GLU B 204 -10.94 -39.20 27.22
N ASP B 205 -11.99 -39.41 26.43
CA ASP B 205 -12.59 -38.34 25.63
C ASP B 205 -14.01 -38.75 25.28
N TYR B 206 -14.72 -37.88 24.57
CA TYR B 206 -16.09 -38.17 24.18
C TYR B 206 -16.16 -39.35 23.23
N GLY B 207 -15.18 -39.46 22.33
CA GLY B 207 -15.15 -40.58 21.42
C GLY B 207 -15.08 -41.92 22.14
N ASP B 208 -14.35 -41.96 23.25
CA ASP B 208 -14.30 -43.18 24.05
C ASP B 208 -15.66 -43.50 24.65
N TYR B 209 -16.38 -42.47 25.13
CA TYR B 209 -17.72 -42.70 25.65
C TYR B 209 -18.65 -43.22 24.57
N TRP B 210 -18.53 -42.69 23.34
CA TRP B 210 -19.34 -43.19 22.24
C TRP B 210 -19.01 -44.65 21.93
N ARG B 211 -17.72 -44.97 21.85
CA ARG B 211 -17.31 -46.33 21.55
C ARG B 211 -17.62 -47.29 22.69
N GLY B 212 -17.89 -46.78 23.88
CA GLY B 212 -18.21 -47.64 25.01
C GLY B 212 -19.45 -48.49 24.82
N ASP B 213 -20.29 -48.16 23.83
CA ASP B 213 -21.46 -49.00 23.57
C ASP B 213 -21.07 -50.41 23.16
N TYR B 214 -19.93 -50.57 22.50
CA TYR B 214 -19.45 -51.88 22.09
C TYR B 214 -18.55 -52.53 23.14
N GLU B 215 -18.30 -51.86 24.26
CA GLU B 215 -17.41 -52.41 25.27
C GLU B 215 -18.01 -53.65 25.92
N VAL B 216 -17.19 -54.68 26.06
CA VAL B 216 -17.57 -55.93 26.71
C VAL B 216 -16.46 -56.33 27.67
N ASN B 217 -16.82 -56.65 28.92
CA ASN B 217 -15.84 -56.96 29.94
C ASN B 217 -16.30 -58.17 30.75
N GLY B 218 -15.34 -58.87 31.33
CA GLY B 218 -15.61 -59.96 32.25
C GLY B 218 -16.30 -61.16 31.67
N VAL B 219 -15.87 -61.61 30.48
CA VAL B 219 -16.43 -62.80 29.86
C VAL B 219 -15.37 -63.84 29.54
N ASP B 220 -14.09 -63.52 29.70
CA ASP B 220 -12.98 -64.46 29.50
C ASP B 220 -12.99 -65.03 28.08
N GLY B 221 -12.77 -64.12 27.13
CA GLY B 221 -12.69 -64.50 25.73
C GLY B 221 -13.54 -63.63 24.82
N TYR B 222 -14.68 -63.17 25.33
CA TYR B 222 -15.56 -62.29 24.59
C TYR B 222 -15.30 -60.82 24.86
N ASP B 223 -14.31 -60.50 25.69
CA ASP B 223 -14.03 -59.12 26.05
C ASP B 223 -13.64 -58.31 24.82
N TYR B 224 -14.20 -57.11 24.72
CA TYR B 224 -13.97 -56.22 23.58
C TYR B 224 -13.68 -54.83 24.11
N SER B 225 -12.42 -54.44 24.09
CA SER B 225 -12.03 -53.11 24.58
C SER B 225 -12.55 -52.03 23.63
N ARG B 226 -12.74 -50.84 24.19
CA ARG B 226 -13.22 -49.71 23.39
C ARG B 226 -12.22 -49.35 22.29
N GLY B 227 -10.93 -49.36 22.61
CA GLY B 227 -9.92 -49.03 21.63
C GLY B 227 -9.79 -50.03 20.51
N GLN B 228 -10.25 -51.27 20.73
CA GLN B 228 -10.19 -52.28 19.68
C GLN B 228 -11.13 -51.96 18.53
N LEU B 229 -12.13 -51.11 18.77
CA LEU B 229 -13.08 -50.75 17.73
C LEU B 229 -12.40 -50.03 16.58
N ILE B 230 -11.47 -49.12 16.89
CA ILE B 230 -10.76 -48.38 15.85
C ILE B 230 -9.97 -49.35 14.97
N GLU B 231 -9.27 -50.29 15.60
CA GLU B 231 -8.49 -51.27 14.85
C GLU B 231 -9.39 -52.13 13.97
N ASP B 232 -10.52 -52.59 14.53
CA ASP B 232 -11.44 -53.40 13.75
C ASP B 232 -12.04 -52.64 12.58
N VAL B 233 -12.31 -51.35 12.75
CA VAL B 233 -12.87 -50.56 11.66
C VAL B 233 -11.84 -50.33 10.56
N GLU B 234 -10.61 -49.96 10.95
CA GLU B 234 -9.58 -49.67 9.96
C GLU B 234 -9.18 -50.92 9.20
N HIS B 235 -8.97 -52.03 9.90
CA HIS B 235 -8.59 -53.28 9.25
C HIS B 235 -9.66 -53.74 8.29
N THR B 236 -10.93 -53.57 8.67
CA THR B 236 -12.03 -53.92 7.78
C THR B 236 -12.07 -53.02 6.56
N PHE B 237 -11.92 -51.71 6.76
CA PHE B 237 -12.00 -50.78 5.63
C PHE B 237 -10.84 -50.97 4.67
N GLU B 238 -9.70 -51.45 5.16
CA GLU B 238 -8.59 -51.75 4.26
C GLU B 238 -8.95 -52.80 3.22
N GLU B 239 -9.89 -53.69 3.53
CA GLU B 239 -10.35 -54.69 2.59
C GLU B 239 -11.48 -54.20 1.70
N ILE B 240 -12.28 -53.24 2.16
CA ILE B 240 -13.29 -52.62 1.32
C ILE B 240 -12.68 -51.69 0.28
N LYS B 241 -11.55 -51.05 0.60
CA LYS B 241 -10.95 -50.07 -0.31
C LYS B 241 -10.71 -50.58 -1.74
N PRO B 242 -10.21 -51.80 -1.97
CA PRO B 242 -10.04 -52.23 -3.37
C PRO B 242 -11.30 -52.20 -4.20
N LEU B 243 -12.44 -52.59 -3.62
CA LEU B 243 -13.70 -52.55 -4.36
C LEU B 243 -14.15 -51.11 -4.59
N TYR B 244 -14.04 -50.28 -3.55
CA TYR B 244 -14.47 -48.88 -3.66
C TYR B 244 -13.65 -48.14 -4.71
N GLU B 245 -12.37 -48.50 -4.87
CA GLU B 245 -11.54 -47.86 -5.88
C GLU B 245 -12.11 -48.08 -7.27
N HIS B 246 -12.45 -49.33 -7.59
CA HIS B 246 -13.01 -49.62 -8.90
C HIS B 246 -14.38 -48.99 -9.07
N LEU B 247 -15.20 -49.00 -8.00
CA LEU B 247 -16.51 -48.38 -8.09
C LEU B 247 -16.39 -46.87 -8.35
N HIS B 248 -15.46 -46.22 -7.66
CA HIS B 248 -15.21 -44.80 -7.86
C HIS B 248 -14.72 -44.53 -9.28
N ALA B 249 -13.83 -45.39 -9.79
CA ALA B 249 -13.32 -45.22 -11.15
C ALA B 249 -14.46 -45.32 -12.16
N TYR B 250 -15.32 -46.32 -12.00
CA TYR B 250 -16.44 -46.49 -12.92
C TYR B 250 -17.41 -45.31 -12.84
N VAL B 251 -17.69 -44.84 -11.63
CA VAL B 251 -18.59 -43.71 -11.45
C VAL B 251 -18.02 -42.46 -12.09
N ARG B 252 -16.72 -42.22 -11.91
CA ARG B 252 -16.09 -41.05 -12.52
C ARG B 252 -16.11 -41.15 -14.04
N ALA B 253 -15.82 -42.33 -14.58
CA ALA B 253 -15.83 -42.51 -16.03
C ALA B 253 -17.22 -42.27 -16.60
N LYS B 254 -18.26 -42.73 -15.89
CA LYS B 254 -19.63 -42.52 -16.36
C LYS B 254 -20.07 -41.07 -16.20
N LEU B 255 -19.59 -40.39 -15.15
CA LEU B 255 -19.94 -38.99 -14.93
C LEU B 255 -19.24 -38.04 -15.88
N MET B 256 -18.07 -38.43 -16.42
CA MET B 256 -17.43 -37.59 -17.41
C MET B 256 -18.29 -37.42 -18.66
N ASN B 257 -19.18 -38.39 -18.93
CA ASN B 257 -20.08 -38.27 -20.06
C ASN B 257 -21.24 -37.33 -19.78
N ALA B 258 -21.53 -37.03 -18.51
CA ALA B 258 -22.64 -36.15 -18.15
C ALA B 258 -22.20 -34.74 -17.84
N TYR B 259 -20.99 -34.55 -17.33
CA TYR B 259 -20.44 -33.23 -17.01
C TYR B 259 -19.07 -33.10 -17.66
N PRO B 260 -19.03 -32.92 -18.98
CA PRO B 260 -17.73 -32.85 -19.67
C PRO B 260 -16.94 -31.63 -19.25
N SER B 261 -15.60 -31.76 -19.32
CA SER B 261 -14.62 -30.73 -19.03
C SER B 261 -14.61 -30.30 -17.56
N TYR B 262 -15.40 -30.94 -16.70
CA TYR B 262 -15.42 -30.61 -15.29
C TYR B 262 -14.80 -31.68 -14.39
N ILE B 263 -14.66 -32.91 -14.89
CA ILE B 263 -14.12 -34.01 -14.12
C ILE B 263 -12.88 -34.54 -14.84
N SER B 264 -11.78 -34.62 -14.11
CA SER B 264 -10.55 -35.15 -14.68
C SER B 264 -10.49 -36.66 -14.49
N PRO B 265 -10.18 -37.42 -15.55
CA PRO B 265 -10.11 -38.89 -15.40
C PRO B 265 -9.04 -39.38 -14.45
N ILE B 266 -8.04 -38.55 -14.15
CA ILE B 266 -7.00 -38.94 -13.19
C ILE B 266 -7.29 -38.44 -11.78
N GLY B 267 -8.07 -37.37 -11.64
CA GLY B 267 -8.33 -36.76 -10.36
C GLY B 267 -9.56 -37.32 -9.67
N CYS B 268 -9.95 -36.67 -8.58
CA CYS B 268 -11.09 -37.10 -7.79
C CYS B 268 -12.38 -36.47 -8.30
N LEU B 269 -13.49 -36.93 -7.75
CA LEU B 269 -14.82 -36.40 -8.07
C LEU B 269 -15.08 -35.11 -7.31
N PRO B 270 -15.69 -34.13 -7.95
CA PRO B 270 -16.14 -32.94 -7.20
C PRO B 270 -17.22 -33.33 -6.19
N ALA B 271 -17.26 -32.56 -5.10
CA ALA B 271 -18.13 -32.92 -3.98
C ALA B 271 -19.60 -32.87 -4.33
N HIS B 272 -20.02 -31.89 -5.12
CA HIS B 272 -21.43 -31.64 -5.37
C HIS B 272 -22.03 -32.55 -6.44
N LEU B 273 -21.20 -33.28 -7.17
CA LEU B 273 -21.68 -34.14 -8.25
C LEU B 273 -21.94 -35.57 -7.80
N LEU B 274 -22.24 -35.78 -6.51
CA LEU B 274 -22.44 -37.12 -5.96
C LEU B 274 -23.91 -37.46 -5.77
N GLY B 275 -24.81 -36.66 -6.33
CA GLY B 275 -26.23 -36.95 -6.20
C GLY B 275 -26.80 -36.70 -4.82
N ASP B 276 -26.08 -36.01 -3.95
CA ASP B 276 -26.58 -35.69 -2.62
C ASP B 276 -25.83 -34.47 -2.10
N MET B 277 -26.41 -33.84 -1.07
CA MET B 277 -25.80 -32.63 -0.53
C MET B 277 -24.43 -32.91 0.06
N TRP B 278 -24.29 -34.01 0.81
CA TRP B 278 -23.03 -34.34 1.47
C TRP B 278 -22.29 -35.48 0.79
N GLY B 279 -22.91 -36.18 -0.16
CA GLY B 279 -22.28 -37.33 -0.76
C GLY B 279 -22.34 -38.59 0.08
N ARG B 280 -23.19 -38.61 1.11
CA ARG B 280 -23.28 -39.80 1.96
C ARG B 280 -23.79 -41.00 1.17
N PHE B 281 -24.78 -40.80 0.31
CA PHE B 281 -25.32 -41.85 -0.53
C PHE B 281 -25.13 -41.49 -2.00
N TRP B 282 -24.92 -42.52 -2.82
CA TRP B 282 -24.77 -42.35 -4.26
C TRP B 282 -25.97 -42.91 -5.03
N THR B 283 -27.10 -43.09 -4.36
CA THR B 283 -28.26 -43.70 -5.01
C THR B 283 -28.77 -42.83 -6.15
N ASN B 284 -28.84 -41.52 -5.94
CA ASN B 284 -29.36 -40.62 -6.96
C ASN B 284 -28.47 -40.55 -8.20
N LEU B 285 -27.24 -41.06 -8.12
CA LEU B 285 -26.37 -41.13 -9.28
C LEU B 285 -26.69 -42.33 -10.18
N TYR B 286 -27.57 -43.23 -9.73
CA TYR B 286 -27.86 -44.44 -10.49
C TYR B 286 -28.44 -44.11 -11.86
N SER B 287 -29.17 -43.00 -11.97
CA SER B 287 -29.71 -42.60 -13.27
C SER B 287 -28.60 -42.28 -14.26
N LEU B 288 -27.49 -41.70 -13.79
CA LEU B 288 -26.38 -41.33 -14.65
C LEU B 288 -25.36 -42.44 -14.83
N THR B 289 -25.46 -43.53 -14.05
CA THR B 289 -24.46 -44.59 -14.10
C THR B 289 -25.08 -45.97 -14.28
N VAL B 290 -26.25 -46.07 -14.86
CA VAL B 290 -26.87 -47.39 -15.07
C VAL B 290 -26.04 -48.18 -16.07
N PRO B 291 -25.65 -49.42 -15.75
CA PRO B 291 -24.82 -50.20 -16.68
C PRO B 291 -25.53 -50.51 -17.99
N PHE B 292 -26.77 -51.00 -17.90
CA PHE B 292 -27.57 -51.38 -19.06
C PHE B 292 -28.93 -50.72 -18.92
N GLY B 293 -29.06 -49.50 -19.45
CA GLY B 293 -30.32 -48.79 -19.35
C GLY B 293 -31.41 -49.38 -20.21
N GLN B 294 -31.05 -50.12 -21.26
CA GLN B 294 -32.04 -50.72 -22.14
C GLN B 294 -32.86 -51.80 -21.43
N LYS B 295 -32.26 -52.51 -20.48
CA LYS B 295 -32.98 -53.54 -19.74
C LYS B 295 -33.65 -52.92 -18.53
N PRO B 296 -34.97 -52.95 -18.42
CA PRO B 296 -35.64 -52.33 -17.28
C PRO B 296 -35.39 -53.11 -15.99
N ASN B 297 -35.49 -52.39 -14.88
CA ASN B 297 -35.37 -53.01 -13.57
C ASN B 297 -36.62 -53.82 -13.24
N ILE B 298 -36.49 -54.66 -12.22
CA ILE B 298 -37.60 -55.52 -11.80
C ILE B 298 -38.58 -54.68 -11.00
N ASP B 299 -39.78 -54.47 -11.54
CA ASP B 299 -40.84 -53.72 -10.87
C ASP B 299 -42.12 -54.54 -10.91
N VAL B 300 -42.73 -54.75 -9.75
CA VAL B 300 -43.98 -55.49 -9.63
C VAL B 300 -45.08 -54.64 -9.03
N THR B 301 -44.90 -53.32 -8.97
CA THR B 301 -45.96 -52.44 -8.49
C THR B 301 -47.19 -52.53 -9.38
N ASP B 302 -46.99 -52.59 -10.70
CA ASP B 302 -48.11 -52.78 -11.62
C ASP B 302 -48.81 -54.10 -11.36
N ALA B 303 -48.04 -55.15 -11.06
CA ALA B 303 -48.65 -56.43 -10.72
C ALA B 303 -49.48 -56.33 -9.45
N MET B 304 -48.98 -55.59 -8.45
CA MET B 304 -49.74 -55.41 -7.22
C MET B 304 -51.04 -54.65 -7.48
N VAL B 305 -50.98 -53.61 -8.34
CA VAL B 305 -52.19 -52.86 -8.67
C VAL B 305 -53.18 -53.73 -9.41
N ASP B 306 -52.70 -54.53 -10.37
CA ASP B 306 -53.60 -55.40 -11.12
C ASP B 306 -54.26 -56.44 -10.22
N GLN B 307 -53.52 -56.98 -9.26
CA GLN B 307 -54.06 -57.95 -8.33
C GLN B 307 -54.76 -57.29 -7.15
N ALA B 308 -54.84 -55.97 -7.11
CA ALA B 308 -55.53 -55.21 -6.07
C ALA B 308 -54.94 -55.52 -4.69
N TRP B 309 -53.66 -55.19 -4.54
CA TRP B 309 -52.97 -55.36 -3.26
C TRP B 309 -53.07 -54.06 -2.48
N ASP B 310 -54.08 -53.98 -1.61
CA ASP B 310 -54.22 -52.85 -0.72
C ASP B 310 -53.13 -52.88 0.36
N ALA B 311 -53.12 -51.87 1.21
CA ALA B 311 -52.16 -51.84 2.31
C ALA B 311 -52.69 -52.66 3.49
N GLN B 312 -53.20 -53.86 3.20
CA GLN B 312 -53.62 -54.81 4.24
C GLN B 312 -53.13 -56.23 4.00
N ARG B 313 -52.89 -56.64 2.75
CA ARG B 313 -52.45 -58.00 2.47
C ARG B 313 -50.94 -58.11 2.28
N ILE B 314 -50.25 -57.00 2.04
CA ILE B 314 -48.79 -57.04 1.96
C ILE B 314 -48.20 -57.43 3.30
N PHE B 315 -48.75 -56.88 4.39
CA PHE B 315 -48.31 -57.28 5.72
C PHE B 315 -48.65 -58.73 6.00
N LYS B 316 -49.76 -59.22 5.46
CA LYS B 316 -50.08 -60.64 5.58
C LYS B 316 -49.05 -61.50 4.87
N GLU B 317 -48.62 -61.10 3.67
CA GLU B 317 -47.59 -61.82 2.94
C GLU B 317 -46.27 -61.79 3.70
N ALA B 318 -45.94 -60.64 4.28
CA ALA B 318 -44.72 -60.56 5.09
C ALA B 318 -44.81 -61.47 6.31
N GLU B 319 -45.98 -61.54 6.94
CA GLU B 319 -46.17 -62.44 8.07
C GLU B 319 -46.00 -63.90 7.64
N LYS B 320 -46.54 -64.25 6.47
CA LYS B 320 -46.36 -65.61 5.96
C LYS B 320 -44.89 -65.90 5.70
N PHE B 321 -44.16 -64.93 5.14
CA PHE B 321 -42.74 -65.10 4.90
C PHE B 321 -41.99 -65.31 6.21
N PHE B 322 -42.33 -64.55 7.24
CA PHE B 322 -41.67 -64.71 8.54
C PHE B 322 -41.99 -66.06 9.16
N VAL B 323 -43.24 -66.51 9.03
CA VAL B 323 -43.61 -67.82 9.56
C VAL B 323 -42.91 -68.94 8.82
N SER B 324 -42.69 -68.77 7.50
CA SER B 324 -42.08 -69.82 6.69
C SER B 324 -40.71 -70.23 7.21
N VAL B 325 -40.00 -69.32 7.89
CA VAL B 325 -38.72 -69.66 8.49
C VAL B 325 -38.85 -70.13 9.92
N GLY B 326 -40.07 -70.13 10.48
CA GLY B 326 -40.30 -70.59 11.82
C GLY B 326 -40.53 -69.53 12.86
N LEU B 327 -40.53 -68.25 12.47
CA LEU B 327 -40.76 -67.19 13.43
C LEU B 327 -42.23 -67.18 13.88
N PRO B 328 -42.50 -66.75 15.11
CA PRO B 328 -43.87 -66.82 15.64
C PRO B 328 -44.81 -65.85 14.93
N ASN B 329 -46.09 -66.14 15.08
CA ASN B 329 -47.14 -65.36 14.44
C ASN B 329 -47.29 -63.99 15.10
N MET B 330 -48.00 -63.11 14.42
CA MET B 330 -48.29 -61.78 14.95
C MET B 330 -49.32 -61.87 16.08
N THR B 331 -49.28 -60.88 16.97
CA THR B 331 -50.24 -60.84 18.06
C THR B 331 -51.61 -60.41 17.55
N GLN B 332 -52.65 -60.79 18.31
CA GLN B 332 -54.01 -60.48 17.91
C GLN B 332 -54.25 -58.97 17.87
N GLY B 333 -53.75 -58.26 18.87
CA GLY B 333 -53.93 -56.82 18.93
C GLY B 333 -53.06 -56.03 17.97
N PHE B 334 -52.07 -56.67 17.35
CA PHE B 334 -51.19 -55.97 16.42
C PHE B 334 -51.97 -55.41 15.24
N TRP B 335 -52.82 -56.24 14.62
CA TRP B 335 -53.62 -55.77 13.50
C TRP B 335 -54.62 -54.70 13.93
N GLU B 336 -55.24 -54.88 15.10
CA GLU B 336 -56.25 -53.92 15.56
C GLU B 336 -55.64 -52.56 15.83
N ASN B 337 -54.47 -52.53 16.48
CA ASN B 337 -53.86 -51.27 16.89
C ASN B 337 -52.94 -50.66 15.84
N SER B 338 -52.75 -51.33 14.71
CA SER B 338 -51.84 -50.81 13.69
C SER B 338 -52.51 -49.68 12.90
N MET B 339 -51.68 -48.96 12.15
CA MET B 339 -52.09 -47.88 11.28
C MET B 339 -51.56 -48.12 9.87
N LEU B 340 -51.81 -49.33 9.36
CA LEU B 340 -51.25 -49.74 8.07
C LEU B 340 -51.71 -48.84 6.92
N THR B 341 -52.83 -48.14 7.08
CA THR B 341 -53.34 -47.24 6.06
C THR B 341 -53.30 -45.81 6.56
N ASP B 342 -53.04 -44.88 5.64
CA ASP B 342 -53.02 -43.48 5.99
C ASP B 342 -54.40 -43.01 6.41
N PRO B 343 -54.55 -42.29 7.52
CA PRO B 343 -55.87 -41.84 7.97
C PRO B 343 -56.44 -40.67 7.19
N GLY B 344 -55.83 -40.27 6.09
CA GLY B 344 -56.35 -39.16 5.31
C GLY B 344 -56.08 -37.82 5.96
N ASN B 345 -56.73 -36.80 5.40
CA ASN B 345 -56.61 -35.44 5.92
C ASN B 345 -57.43 -35.21 7.19
N VAL B 346 -58.37 -36.10 7.50
CA VAL B 346 -59.18 -35.93 8.71
C VAL B 346 -58.31 -36.05 9.95
N GLN B 347 -57.43 -37.05 9.98
CA GLN B 347 -56.51 -37.25 11.09
C GLN B 347 -55.08 -37.01 10.62
N LYS B 348 -54.38 -36.11 11.29
CA LYS B 348 -53.00 -35.81 10.98
C LYS B 348 -52.08 -36.77 11.73
N ALA B 349 -51.10 -37.32 11.02
CA ALA B 349 -50.15 -38.23 11.63
C ALA B 349 -48.86 -38.22 10.82
N VAL B 350 -47.76 -38.58 11.48
CA VAL B 350 -46.48 -38.69 10.80
C VAL B 350 -46.51 -39.89 9.86
N CYS B 351 -45.74 -39.80 8.78
CA CYS B 351 -45.68 -40.87 7.78
C CYS B 351 -44.33 -41.57 7.73
N HIS B 352 -43.51 -41.42 8.76
CA HIS B 352 -42.26 -42.16 8.84
C HIS B 352 -42.54 -43.56 9.35
N PRO B 353 -42.25 -44.61 8.57
CA PRO B 353 -42.50 -45.98 9.04
C PRO B 353 -41.68 -46.33 10.27
N THR B 354 -42.37 -46.57 11.40
CA THR B 354 -41.71 -46.82 12.67
C THR B 354 -42.35 -48.01 13.36
N ALA B 355 -41.57 -48.65 14.23
CA ALA B 355 -42.03 -49.76 15.06
C ALA B 355 -42.07 -49.30 16.51
N TRP B 356 -43.14 -49.71 17.22
CA TRP B 356 -43.34 -49.32 18.61
C TRP B 356 -43.49 -50.57 19.46
N ASP B 357 -42.69 -50.67 20.52
CA ASP B 357 -42.79 -51.72 21.52
C ASP B 357 -43.19 -51.04 22.82
N LEU B 358 -44.50 -50.88 23.03
CA LEU B 358 -45.00 -50.18 24.19
C LEU B 358 -44.78 -50.94 25.48
N GLY B 359 -44.43 -52.22 25.41
CA GLY B 359 -44.25 -53.04 26.59
C GLY B 359 -45.51 -53.83 26.92
N LYS B 360 -45.33 -54.81 27.80
CA LYS B 360 -46.40 -55.73 28.21
C LYS B 360 -47.03 -56.40 26.99
N GLY B 361 -46.19 -56.80 26.04
CA GLY B 361 -46.66 -57.44 24.82
C GLY B 361 -47.49 -56.55 23.92
N ASP B 362 -47.09 -55.29 23.74
CA ASP B 362 -47.78 -54.35 22.87
C ASP B 362 -46.82 -53.95 21.76
N PHE B 363 -47.07 -54.45 20.55
CA PHE B 363 -46.21 -54.17 19.40
C PHE B 363 -47.07 -53.60 18.29
N ARG B 364 -46.64 -52.47 17.72
CA ARG B 364 -47.41 -51.76 16.71
C ARG B 364 -46.49 -51.23 15.63
N ILE B 365 -47.06 -51.00 14.45
CA ILE B 365 -46.34 -50.47 13.30
C ILE B 365 -47.10 -49.26 12.78
N LEU B 366 -46.38 -48.15 12.57
CA LEU B 366 -46.95 -46.94 12.01
C LEU B 366 -46.34 -46.71 10.63
N MET B 367 -47.19 -46.57 9.61
CA MET B 367 -46.71 -46.38 8.25
C MET B 367 -47.85 -45.92 7.37
N CYS B 368 -47.61 -44.85 6.59
CA CYS B 368 -48.55 -44.42 5.57
C CYS B 368 -48.31 -45.24 4.30
N THR B 369 -48.68 -46.51 4.39
CA THR B 369 -48.33 -47.47 3.35
C THR B 369 -49.15 -47.22 2.09
N LYS B 370 -48.46 -47.20 0.95
CA LYS B 370 -49.07 -47.14 -0.37
C LYS B 370 -48.83 -48.47 -1.09
N VAL B 371 -49.23 -48.53 -2.35
CA VAL B 371 -49.06 -49.72 -3.17
C VAL B 371 -47.80 -49.50 -4.01
N THR B 372 -46.66 -49.90 -3.46
CA THR B 372 -45.38 -49.75 -4.15
C THR B 372 -44.42 -50.81 -3.62
N MET B 373 -43.43 -51.16 -4.44
CA MET B 373 -42.41 -52.11 -4.01
C MET B 373 -41.61 -51.56 -2.82
N ASP B 374 -41.31 -50.27 -2.85
CA ASP B 374 -40.59 -49.67 -1.73
C ASP B 374 -41.36 -49.79 -0.43
N ASP B 375 -42.69 -49.60 -0.49
CA ASP B 375 -43.52 -49.82 0.67
C ASP B 375 -43.50 -51.27 1.13
N PHE B 376 -43.47 -52.22 0.18
CA PHE B 376 -43.39 -53.63 0.53
C PHE B 376 -42.09 -53.93 1.28
N LEU B 377 -40.97 -53.43 0.77
CA LEU B 377 -39.69 -53.66 1.43
C LEU B 377 -39.64 -52.99 2.79
N THR B 378 -40.20 -51.77 2.89
CA THR B 378 -40.24 -51.09 4.17
C THR B 378 -41.10 -51.83 5.18
N ALA B 379 -42.21 -52.40 4.72
CA ALA B 379 -43.05 -53.21 5.59
C ALA B 379 -42.31 -54.44 6.09
N HIS B 380 -41.55 -55.08 5.20
CA HIS B 380 -40.73 -56.21 5.64
C HIS B 380 -39.69 -55.78 6.66
N HIS B 381 -39.07 -54.62 6.45
CA HIS B 381 -38.09 -54.10 7.41
C HIS B 381 -38.73 -53.85 8.77
N GLU B 382 -39.91 -53.22 8.78
CA GLU B 382 -40.59 -52.94 10.04
C GLU B 382 -41.04 -54.23 10.72
N MET B 383 -41.47 -55.23 9.94
CA MET B 383 -41.82 -56.50 10.53
C MET B 383 -40.61 -57.20 11.12
N GLY B 384 -39.45 -57.07 10.48
CA GLY B 384 -38.22 -57.56 11.10
C GLY B 384 -37.91 -56.86 12.41
N HIS B 385 -38.10 -55.54 12.44
CA HIS B 385 -37.90 -54.80 13.68
C HIS B 385 -38.82 -55.30 14.78
N ILE B 386 -40.11 -55.45 14.49
CA ILE B 386 -41.05 -55.87 15.52
C ILE B 386 -40.80 -57.32 15.92
N GLN B 387 -40.35 -58.16 15.00
CA GLN B 387 -40.00 -59.53 15.35
C GLN B 387 -38.83 -59.57 16.32
N TYR B 388 -37.80 -58.76 16.04
CA TYR B 388 -36.68 -58.65 16.98
C TYR B 388 -37.16 -58.15 18.33
N ASP B 389 -38.04 -57.17 18.35
CA ASP B 389 -38.57 -56.65 19.61
C ASP B 389 -39.32 -57.74 20.37
N MET B 390 -40.13 -58.53 19.67
CA MET B 390 -40.87 -59.62 20.30
C MET B 390 -39.93 -60.71 20.80
N ALA B 391 -38.75 -60.84 20.18
CA ALA B 391 -37.85 -61.93 20.53
C ALA B 391 -37.39 -61.84 21.99
N TYR B 392 -37.05 -60.62 22.45
CA TYR B 392 -36.56 -60.43 23.81
C TYR B 392 -37.64 -59.92 24.76
N ALA B 393 -38.89 -60.35 24.55
CA ALA B 393 -39.96 -59.95 25.45
C ALA B 393 -39.74 -60.48 26.86
N ALA B 394 -39.28 -61.73 26.99
CA ALA B 394 -39.07 -62.32 28.31
C ALA B 394 -37.91 -61.67 29.05
N GLN B 395 -37.04 -60.93 28.36
CA GLN B 395 -35.93 -60.28 29.02
C GLN B 395 -36.44 -59.12 29.89
N PRO B 396 -35.67 -58.74 30.92
CA PRO B 396 -36.06 -57.58 31.72
C PRO B 396 -36.10 -56.31 30.88
N PHE B 397 -36.68 -55.26 31.48
CA PHE B 397 -36.88 -54.01 30.74
C PHE B 397 -35.56 -53.40 30.30
N LEU B 398 -34.56 -53.41 31.17
CA LEU B 398 -33.24 -52.88 30.80
C LEU B 398 -32.60 -53.70 29.69
N LEU B 399 -33.04 -54.92 29.47
CA LEU B 399 -32.52 -55.77 28.41
C LEU B 399 -33.40 -55.80 27.16
N ARG B 400 -34.47 -55.01 27.13
CA ARG B 400 -35.37 -54.97 25.97
C ARG B 400 -34.75 -54.06 24.91
N ASN B 401 -33.69 -54.57 24.28
CA ASN B 401 -32.98 -53.85 23.24
C ASN B 401 -32.09 -54.85 22.52
N GLY B 402 -31.46 -54.39 21.45
CA GLY B 402 -30.56 -55.24 20.68
C GLY B 402 -29.24 -55.45 21.38
N ALA B 403 -28.40 -56.28 20.76
CA ALA B 403 -27.08 -56.56 21.31
C ALA B 403 -26.25 -55.27 21.39
N ASN B 404 -26.31 -54.46 20.33
CA ASN B 404 -25.70 -53.13 20.35
C ASN B 404 -26.54 -52.24 19.44
N GLU B 405 -25.97 -51.09 19.07
CA GLU B 405 -26.70 -50.13 18.25
C GLU B 405 -26.81 -50.56 16.79
N GLY B 406 -26.06 -51.57 16.36
CA GLY B 406 -26.06 -51.96 14.97
C GLY B 406 -26.82 -53.24 14.65
N PHE B 407 -27.16 -54.01 15.68
CA PHE B 407 -27.83 -55.29 15.44
C PHE B 407 -29.24 -55.11 14.92
N HIS B 408 -29.99 -54.17 15.51
CA HIS B 408 -31.42 -54.05 15.21
C HIS B 408 -31.65 -53.71 13.74
N GLU B 409 -30.93 -52.71 13.23
CA GLU B 409 -31.13 -52.30 11.85
C GLU B 409 -30.67 -53.38 10.87
N ALA B 410 -29.60 -54.10 11.21
CA ALA B 410 -29.15 -55.19 10.35
C ALA B 410 -30.20 -56.29 10.28
N VAL B 411 -30.78 -56.65 11.43
CA VAL B 411 -31.82 -57.68 11.44
C VAL B 411 -33.04 -57.20 10.66
N GLY B 412 -33.37 -55.92 10.77
CA GLY B 412 -34.48 -55.40 9.99
C GLY B 412 -34.21 -55.40 8.51
N GLU B 413 -32.96 -55.12 8.11
CA GLU B 413 -32.63 -54.93 6.71
C GLU B 413 -32.39 -56.24 5.97
N ILE B 414 -31.98 -57.30 6.69
CA ILE B 414 -31.77 -58.57 6.00
C ILE B 414 -33.07 -59.10 5.44
N MET B 415 -34.18 -58.88 6.14
CA MET B 415 -35.49 -59.31 5.63
C MET B 415 -35.83 -58.59 4.33
N SER B 416 -35.61 -57.27 4.29
CA SER B 416 -35.87 -56.52 3.07
C SER B 416 -34.96 -56.97 1.94
N LEU B 417 -33.70 -57.26 2.26
CA LEU B 417 -32.76 -57.74 1.24
C LEU B 417 -33.22 -59.08 0.67
N SER B 418 -33.68 -60.00 1.53
CA SER B 418 -34.12 -61.30 1.06
C SER B 418 -35.41 -61.20 0.27
N ALA B 419 -36.33 -60.33 0.69
CA ALA B 419 -37.63 -60.24 0.04
C ALA B 419 -37.54 -59.59 -1.34
N ALA B 420 -36.48 -58.84 -1.63
CA ALA B 420 -36.34 -58.15 -2.90
C ALA B 420 -35.81 -59.05 -4.01
N THR B 421 -35.44 -60.28 -3.70
CA THR B 421 -34.91 -61.17 -4.73
C THR B 421 -36.00 -61.54 -5.73
N PRO B 422 -35.66 -61.67 -7.02
CA PRO B 422 -36.68 -62.06 -8.00
C PRO B 422 -37.30 -63.42 -7.73
N LYS B 423 -36.57 -64.33 -7.08
CA LYS B 423 -37.12 -65.64 -6.76
C LYS B 423 -38.31 -65.53 -5.83
N HIS B 424 -38.19 -64.67 -4.80
CA HIS B 424 -39.30 -64.48 -3.87
C HIS B 424 -40.51 -63.86 -4.57
N LEU B 425 -40.27 -62.90 -5.46
CA LEU B 425 -41.36 -62.27 -6.21
C LEU B 425 -42.05 -63.30 -7.11
N LYS B 426 -41.28 -64.17 -7.76
CA LYS B 426 -41.87 -65.21 -8.59
C LYS B 426 -42.68 -66.19 -7.75
N SER B 427 -42.16 -66.57 -6.58
CA SER B 427 -42.87 -67.51 -5.72
C SER B 427 -44.16 -66.92 -5.17
N ILE B 428 -44.15 -65.64 -4.78
CA ILE B 428 -45.34 -65.02 -4.22
C ILE B 428 -46.39 -64.72 -5.28
N GLY B 429 -46.01 -64.72 -6.56
CA GLY B 429 -46.94 -64.46 -7.65
C GLY B 429 -46.85 -63.08 -8.25
N LEU B 430 -46.13 -62.16 -7.61
CA LEU B 430 -45.99 -60.82 -8.18
C LEU B 430 -45.22 -60.84 -9.49
N LEU B 431 -44.18 -61.66 -9.58
CA LEU B 431 -43.39 -61.81 -10.80
C LEU B 431 -43.93 -62.99 -11.60
N SER B 432 -44.05 -62.81 -12.91
CA SER B 432 -44.56 -63.88 -13.76
C SER B 432 -43.60 -65.07 -13.74
N PRO B 433 -44.12 -66.30 -13.69
CA PRO B 433 -43.23 -67.47 -13.69
C PRO B 433 -42.37 -67.58 -14.93
N ASP B 434 -42.85 -67.13 -16.09
CA ASP B 434 -42.08 -67.20 -17.33
C ASP B 434 -41.20 -65.96 -17.49
N PHE B 435 -40.35 -65.74 -16.48
CA PHE B 435 -39.43 -64.62 -16.46
C PHE B 435 -38.04 -65.15 -16.13
N GLN B 436 -37.14 -65.14 -17.11
CA GLN B 436 -35.77 -65.59 -16.92
C GLN B 436 -34.88 -64.38 -16.74
N GLU B 437 -34.24 -64.28 -15.58
CA GLU B 437 -33.37 -63.14 -15.28
C GLU B 437 -32.08 -63.24 -16.07
N ASP B 438 -31.66 -62.11 -16.63
CA ASP B 438 -30.40 -62.05 -17.36
C ASP B 438 -29.30 -61.53 -16.44
N ASN B 439 -28.05 -61.84 -16.81
CA ASN B 439 -26.92 -61.37 -16.01
C ASN B 439 -26.78 -59.86 -16.07
N GLU B 440 -27.28 -59.23 -17.14
CA GLU B 440 -27.31 -57.77 -17.19
C GLU B 440 -28.22 -57.19 -16.12
N THR B 441 -29.38 -57.81 -15.91
CA THR B 441 -30.27 -57.38 -14.84
C THR B 441 -29.62 -57.56 -13.48
N GLU B 442 -28.89 -58.66 -13.29
CA GLU B 442 -28.18 -58.88 -12.03
C GLU B 442 -27.12 -57.81 -11.83
N ILE B 443 -26.40 -57.45 -12.89
CA ILE B 443 -25.40 -56.39 -12.78
C ILE B 443 -26.05 -55.07 -12.41
N ASN B 444 -27.18 -54.75 -13.03
CA ASN B 444 -27.88 -53.51 -12.71
C ASN B 444 -28.32 -53.49 -11.25
N PHE B 445 -28.90 -54.60 -10.78
CA PHE B 445 -29.35 -54.67 -9.40
C PHE B 445 -28.19 -54.55 -8.42
N LEU B 446 -27.07 -55.23 -8.72
CA LEU B 446 -25.91 -55.17 -7.85
C LEU B 446 -25.32 -53.77 -7.82
N LEU B 447 -25.29 -53.08 -8.96
CA LEU B 447 -24.78 -51.72 -8.98
C LEU B 447 -25.69 -50.76 -8.22
N LYS B 448 -27.01 -50.96 -8.35
CA LYS B 448 -27.94 -50.13 -7.59
C LYS B 448 -27.76 -50.33 -6.09
N GLN B 449 -27.60 -51.59 -5.67
CA GLN B 449 -27.33 -51.86 -4.25
C GLN B 449 -25.99 -51.28 -3.82
N ALA B 450 -24.99 -51.36 -4.70
CA ALA B 450 -23.65 -50.90 -4.34
C ALA B 450 -23.61 -49.39 -4.15
N LEU B 451 -24.27 -48.63 -5.03
CA LEU B 451 -24.26 -47.18 -4.91
C LEU B 451 -24.84 -46.70 -3.58
N THR B 452 -25.66 -47.52 -2.92
CA THR B 452 -26.21 -47.20 -1.62
C THR B 452 -25.37 -47.77 -0.48
N ILE B 453 -24.84 -48.99 -0.65
CA ILE B 453 -24.15 -49.66 0.45
C ILE B 453 -22.68 -49.30 0.47
N VAL B 454 -21.96 -49.60 -0.62
CA VAL B 454 -20.53 -49.34 -0.64
C VAL B 454 -20.24 -47.86 -0.79
N GLY B 455 -21.22 -47.08 -1.25
CA GLY B 455 -21.01 -45.65 -1.36
C GLY B 455 -20.87 -44.96 -0.02
N THR B 456 -21.61 -45.43 0.98
CA THR B 456 -21.62 -44.75 2.28
C THR B 456 -20.53 -45.24 3.22
N LEU B 457 -19.92 -46.39 2.95
CA LEU B 457 -18.90 -46.90 3.88
C LEU B 457 -17.69 -45.99 3.99
N PRO B 458 -17.03 -45.58 2.90
CA PRO B 458 -15.88 -44.67 3.07
C PRO B 458 -16.26 -43.35 3.72
N PHE B 459 -17.43 -42.79 3.37
CA PHE B 459 -17.83 -41.53 3.97
C PHE B 459 -18.12 -41.70 5.46
N THR B 460 -18.80 -42.78 5.83
CA THR B 460 -19.06 -43.03 7.25
C THR B 460 -17.77 -43.20 8.03
N TYR B 461 -16.84 -43.99 7.49
CA TYR B 461 -15.58 -44.21 8.18
C TYR B 461 -14.80 -42.91 8.30
N MET B 462 -14.76 -42.11 7.25
CA MET B 462 -14.01 -40.85 7.29
C MET B 462 -14.63 -39.88 8.28
N LEU B 463 -15.96 -39.77 8.30
CA LEU B 463 -16.62 -38.86 9.24
C LEU B 463 -16.38 -39.29 10.67
N GLU B 464 -16.51 -40.59 10.96
CA GLU B 464 -16.29 -41.06 12.31
C GLU B 464 -14.84 -40.90 12.74
N LYS B 465 -13.90 -41.15 11.82
CA LYS B 465 -12.49 -40.94 12.15
C LYS B 465 -12.20 -39.48 12.44
N TRP B 466 -12.79 -38.57 11.64
CA TRP B 466 -12.58 -37.15 11.88
C TRP B 466 -13.16 -36.73 13.23
N ARG B 467 -14.36 -37.22 13.57
CA ARG B 467 -14.94 -36.87 14.86
C ARG B 467 -14.12 -37.44 16.01
N TRP B 468 -13.64 -38.68 15.88
CA TRP B 468 -12.83 -39.28 16.93
C TRP B 468 -11.54 -38.50 17.13
N MET B 469 -10.91 -38.07 16.04
CA MET B 469 -9.68 -37.30 16.18
C MET B 469 -9.94 -35.90 16.69
N VAL B 470 -11.11 -35.32 16.41
CA VAL B 470 -11.45 -34.01 16.95
C VAL B 470 -11.66 -34.09 18.45
N PHE B 471 -12.42 -35.09 18.91
CA PHE B 471 -12.68 -35.22 20.33
C PHE B 471 -11.40 -35.57 21.09
N LYS B 472 -10.56 -36.45 20.51
CA LYS B 472 -9.32 -36.82 21.16
C LYS B 472 -8.31 -35.68 21.22
N GLY B 473 -8.52 -34.61 20.46
CA GLY B 473 -7.61 -33.50 20.43
C GLY B 473 -6.44 -33.65 19.49
N GLU B 474 -6.40 -34.72 18.69
CA GLU B 474 -5.31 -34.90 17.75
C GLU B 474 -5.33 -33.87 16.63
N ILE B 475 -6.46 -33.25 16.38
CA ILE B 475 -6.61 -32.20 15.37
C ILE B 475 -6.74 -30.87 16.09
N PRO B 476 -5.80 -29.93 15.91
CA PRO B 476 -5.93 -28.63 16.57
C PRO B 476 -7.16 -27.88 16.07
N LYS B 477 -7.70 -27.01 16.94
CA LYS B 477 -8.91 -26.28 16.63
C LYS B 477 -8.77 -25.39 15.40
N ASP B 478 -7.55 -24.95 15.08
CA ASP B 478 -7.29 -24.14 13.90
C ASP B 478 -6.92 -24.97 12.68
N GLN B 479 -7.19 -26.28 12.72
CA GLN B 479 -6.83 -27.16 11.63
C GLN B 479 -7.95 -28.16 11.33
N TRP B 480 -9.20 -27.76 11.54
CA TRP B 480 -10.31 -28.67 11.38
C TRP B 480 -10.62 -28.95 9.91
N MET B 481 -10.91 -27.91 9.13
CA MET B 481 -11.23 -28.12 7.73
C MET B 481 -10.01 -28.56 6.93
N LYS B 482 -8.83 -28.02 7.26
CA LYS B 482 -7.62 -28.38 6.54
C LYS B 482 -7.35 -29.88 6.64
N LYS B 483 -7.68 -30.50 7.77
CA LYS B 483 -7.51 -31.93 7.92
C LYS B 483 -8.74 -32.70 7.41
N TRP B 484 -9.92 -32.11 7.52
CA TRP B 484 -11.14 -32.79 7.08
C TRP B 484 -11.14 -32.99 5.57
N TRP B 485 -10.83 -31.94 4.80
CA TRP B 485 -10.79 -32.10 3.36
C TRP B 485 -9.61 -32.94 2.91
N GLU B 486 -8.49 -32.91 3.63
CA GLU B 486 -7.38 -33.80 3.35
C GLU B 486 -7.74 -35.26 3.56
N MET B 487 -8.51 -35.57 4.60
CA MET B 487 -9.02 -36.91 4.79
C MET B 487 -10.01 -37.30 3.69
N LYS B 488 -10.89 -36.37 3.32
CA LYS B 488 -11.89 -36.67 2.30
C LYS B 488 -11.25 -36.95 0.95
N ARG B 489 -10.16 -36.23 0.63
CA ARG B 489 -9.48 -36.48 -0.63
C ARG B 489 -8.83 -37.85 -0.68
N GLU B 490 -8.19 -38.26 0.42
CA GLU B 490 -7.36 -39.47 0.41
C GLU B 490 -8.09 -40.71 0.94
N ILE B 491 -9.34 -40.58 1.37
CA ILE B 491 -10.12 -41.73 1.84
C ILE B 491 -11.38 -41.92 1.01
N VAL B 492 -12.17 -40.87 0.86
CA VAL B 492 -13.38 -40.96 0.04
C VAL B 492 -13.09 -40.72 -1.44
N GLY B 493 -12.02 -39.99 -1.75
CA GLY B 493 -11.74 -39.64 -3.12
C GLY B 493 -12.61 -38.52 -3.65
N VAL B 494 -12.92 -37.55 -2.81
CA VAL B 494 -13.81 -36.45 -3.16
C VAL B 494 -13.08 -35.14 -2.89
N VAL B 495 -13.06 -34.25 -3.88
CA VAL B 495 -12.35 -32.98 -3.80
C VAL B 495 -13.37 -31.86 -3.72
N GLU B 496 -13.10 -30.88 -2.86
CA GLU B 496 -14.00 -29.74 -2.72
C GLU B 496 -13.96 -28.89 -3.99
N PRO B 497 -15.10 -28.34 -4.43
CA PRO B 497 -15.07 -27.47 -5.62
C PRO B 497 -14.49 -26.10 -5.34
N VAL B 498 -14.68 -25.57 -4.14
CA VAL B 498 -14.10 -24.28 -3.77
C VAL B 498 -13.39 -24.45 -2.42
N PRO B 499 -12.28 -23.76 -2.18
CA PRO B 499 -11.57 -23.94 -0.91
C PRO B 499 -12.36 -23.41 0.27
N HIS B 500 -12.20 -24.08 1.41
CA HIS B 500 -12.83 -23.69 2.66
C HIS B 500 -11.76 -23.51 3.72
N ASP B 501 -11.71 -22.33 4.33
CA ASP B 501 -10.78 -22.05 5.41
C ASP B 501 -11.36 -22.57 6.72
N GLU B 502 -10.74 -22.19 7.84
CA GLU B 502 -11.19 -22.66 9.14
C GLU B 502 -12.50 -22.01 9.58
N THR B 503 -12.97 -20.99 8.87
CA THR B 503 -14.26 -20.39 9.21
C THR B 503 -15.40 -21.38 8.95
N TYR B 504 -15.34 -22.11 7.84
CA TYR B 504 -16.37 -23.07 7.53
C TYR B 504 -16.34 -24.25 8.49
N CYS B 505 -17.49 -24.90 8.64
CA CYS B 505 -17.63 -26.06 9.52
C CYS B 505 -18.45 -27.14 8.81
N ASP B 506 -18.05 -27.48 7.58
CA ASP B 506 -18.82 -28.37 6.72
C ASP B 506 -19.27 -29.67 7.39
N PRO B 507 -18.44 -30.41 8.12
CA PRO B 507 -18.94 -31.63 8.77
C PRO B 507 -20.10 -31.39 9.72
N ALA B 508 -20.14 -30.23 10.38
CA ALA B 508 -21.25 -29.93 11.27
C ALA B 508 -22.56 -29.72 10.53
N SER B 509 -22.53 -29.54 9.21
CA SER B 509 -23.75 -29.35 8.45
C SER B 509 -24.56 -30.63 8.31
N LEU B 510 -23.97 -31.79 8.60
CA LEU B 510 -24.70 -33.04 8.48
C LEU B 510 -25.65 -33.23 9.66
N PHE B 511 -26.72 -33.97 9.43
CA PHE B 511 -27.76 -34.15 10.45
C PHE B 511 -27.20 -34.86 11.68
N HIS B 512 -26.41 -35.91 11.47
CA HIS B 512 -25.94 -36.72 12.59
C HIS B 512 -24.79 -36.07 13.34
N VAL B 513 -24.19 -35.01 12.79
CA VAL B 513 -23.08 -34.35 13.45
C VAL B 513 -23.56 -33.20 14.32
N SER B 514 -24.46 -32.36 13.80
CA SER B 514 -24.96 -31.23 14.57
C SER B 514 -25.86 -31.68 15.72
N ASN B 515 -26.61 -32.76 15.52
CA ASN B 515 -27.60 -33.20 16.50
C ASN B 515 -27.06 -34.21 17.48
N ASP B 516 -25.73 -34.41 17.52
CA ASP B 516 -25.07 -35.26 18.51
C ASP B 516 -25.60 -36.69 18.44
N TYR B 517 -25.34 -37.33 17.30
CA TYR B 517 -25.67 -38.73 17.09
C TYR B 517 -24.43 -39.50 16.69
N SER B 518 -24.28 -40.71 17.23
CA SER B 518 -23.16 -41.56 16.85
C SER B 518 -23.33 -42.02 15.41
N PHE B 519 -22.25 -41.94 14.63
CA PHE B 519 -22.30 -42.26 13.22
C PHE B 519 -21.70 -43.62 12.88
N ILE B 520 -20.91 -44.21 13.78
CA ILE B 520 -20.31 -45.50 13.50
C ILE B 520 -21.34 -46.61 13.44
N ARG B 521 -22.54 -46.37 13.99
CA ARG B 521 -23.60 -47.37 13.94
C ARG B 521 -23.95 -47.72 12.50
N TYR B 522 -23.96 -46.72 11.61
CA TYR B 522 -24.23 -46.98 10.21
C TYR B 522 -23.12 -47.74 9.51
N TYR B 523 -21.94 -47.83 10.11
CA TYR B 523 -20.85 -48.60 9.50
C TYR B 523 -20.99 -50.09 9.80
N THR B 524 -20.96 -50.44 11.09
CA THR B 524 -21.01 -51.85 11.46
C THR B 524 -22.31 -52.50 11.01
N ARG B 525 -23.41 -51.74 11.03
CA ARG B 525 -24.67 -52.28 10.55
C ARG B 525 -24.58 -52.72 9.11
N THR B 526 -23.76 -52.04 8.31
CA THR B 526 -23.55 -52.46 6.94
C THR B 526 -22.91 -53.83 6.88
N LEU B 527 -21.97 -54.10 7.80
CA LEU B 527 -21.28 -55.38 7.80
C LEU B 527 -22.17 -56.49 8.36
N TYR B 528 -22.70 -56.28 9.57
CA TYR B 528 -23.39 -57.35 10.30
C TYR B 528 -24.46 -58.01 9.45
N GLN B 529 -25.29 -57.20 8.78
CA GLN B 529 -26.38 -57.76 7.97
C GLN B 529 -25.85 -58.78 6.98
N PHE B 530 -24.79 -58.43 6.25
CA PHE B 530 -24.21 -59.38 5.32
C PHE B 530 -23.74 -60.64 6.04
N GLN B 531 -23.04 -60.46 7.17
CA GLN B 531 -22.60 -61.61 7.94
C GLN B 531 -23.80 -62.45 8.38
N PHE B 532 -24.93 -61.80 8.67
CA PHE B 532 -26.14 -62.56 8.93
C PHE B 532 -26.61 -63.27 7.67
N GLN B 533 -26.72 -62.53 6.56
CA GLN B 533 -27.33 -63.08 5.35
C GLN B 533 -26.58 -64.30 4.87
N GLU B 534 -25.26 -64.18 4.71
CA GLU B 534 -24.44 -65.33 4.33
C GLU B 534 -24.70 -66.51 5.27
N ALA B 535 -24.71 -66.25 6.58
CA ALA B 535 -24.97 -67.33 7.52
C ALA B 535 -26.34 -67.93 7.27
N LEU B 536 -27.36 -67.08 7.08
CA LEU B 536 -28.70 -67.57 6.82
C LEU B 536 -28.78 -68.30 5.48
N CYS B 537 -27.82 -68.06 4.57
CA CYS B 537 -27.81 -68.81 3.33
C CYS B 537 -27.06 -70.12 3.46
N GLN B 538 -26.22 -70.27 4.49
CA GLN B 538 -25.54 -71.54 4.70
C GLN B 538 -26.49 -72.59 5.27
N ALA B 539 -27.33 -72.19 6.23
CA ALA B 539 -28.32 -73.12 6.77
C ALA B 539 -29.37 -73.47 5.73
N ALA B 540 -29.76 -72.49 4.91
CA ALA B 540 -30.75 -72.72 3.88
C ALA B 540 -30.22 -73.56 2.72
N LYS B 541 -28.91 -73.82 2.68
CA LYS B 541 -28.28 -74.64 1.64
C LYS B 541 -28.51 -74.04 0.25
N HIS B 542 -28.02 -72.81 0.08
CA HIS B 542 -28.12 -72.10 -1.19
C HIS B 542 -26.79 -72.21 -1.93
N GLU B 543 -26.84 -72.70 -3.16
CA GLU B 543 -25.65 -72.93 -3.97
C GLU B 543 -25.37 -71.81 -4.97
N GLY B 544 -26.38 -71.00 -5.29
CA GLY B 544 -26.22 -69.94 -6.26
C GLY B 544 -25.52 -68.72 -5.68
N PRO B 545 -25.53 -67.62 -6.43
CA PRO B 545 -24.90 -66.39 -5.95
C PRO B 545 -25.62 -65.86 -4.71
N LEU B 546 -24.86 -65.12 -3.90
CA LEU B 546 -25.39 -64.65 -2.62
C LEU B 546 -26.58 -63.73 -2.80
N HIS B 547 -26.53 -62.85 -3.80
CA HIS B 547 -27.63 -61.91 -4.03
C HIS B 547 -28.91 -62.60 -4.47
N LYS B 548 -28.83 -63.83 -4.96
CA LYS B 548 -30.02 -64.61 -5.32
C LYS B 548 -30.51 -65.49 -4.18
N CYS B 549 -29.82 -65.49 -3.05
CA CYS B 549 -30.19 -66.36 -1.94
C CYS B 549 -31.51 -65.90 -1.30
N ASP B 550 -32.34 -66.87 -0.92
CA ASP B 550 -33.58 -66.60 -0.22
C ASP B 550 -33.69 -67.56 0.96
N ILE B 551 -34.19 -67.04 2.08
CA ILE B 551 -34.28 -67.81 3.32
C ILE B 551 -35.69 -68.34 3.57
N SER B 552 -36.60 -68.19 2.62
CA SER B 552 -37.95 -68.69 2.80
C SER B 552 -37.96 -70.21 2.90
N ASN B 553 -38.87 -70.73 3.71
CA ASN B 553 -39.02 -72.17 3.95
C ASN B 553 -37.74 -72.79 4.49
N SER B 554 -36.99 -72.04 5.29
CA SER B 554 -35.75 -72.52 5.90
C SER B 554 -35.92 -72.46 7.41
N THR B 555 -36.39 -73.57 8.00
CA THR B 555 -36.60 -73.61 9.44
C THR B 555 -35.29 -73.54 10.21
N GLU B 556 -34.23 -74.15 9.68
CA GLU B 556 -32.94 -74.11 10.36
C GLU B 556 -32.40 -72.69 10.46
N ALA B 557 -32.48 -71.93 9.36
CA ALA B 557 -32.02 -70.54 9.38
C ALA B 557 -32.86 -69.70 10.35
N GLY B 558 -34.17 -69.92 10.37
CA GLY B 558 -35.01 -69.19 11.31
C GLY B 558 -34.67 -69.51 12.75
N GLN B 559 -34.43 -70.78 13.05
CA GLN B 559 -34.03 -71.16 14.41
C GLN B 559 -32.69 -70.55 14.79
N LYS B 560 -31.73 -70.56 13.86
CA LYS B 560 -30.44 -69.95 14.14
C LYS B 560 -30.57 -68.47 14.41
N LEU B 561 -31.38 -67.78 13.60
CA LEU B 561 -31.59 -66.35 13.83
C LEU B 561 -32.29 -66.10 15.17
N PHE B 562 -33.31 -66.88 15.49
CA PHE B 562 -34.05 -66.70 16.72
C PHE B 562 -33.18 -66.95 17.95
N ASN B 563 -32.23 -67.89 17.83
CA ASN B 563 -31.34 -68.17 18.95
C ASN B 563 -30.57 -66.93 19.38
N MET B 564 -30.22 -66.05 18.44
CA MET B 564 -29.57 -64.80 18.76
C MET B 564 -30.58 -63.69 19.08
N LEU B 565 -31.72 -63.69 18.39
CA LEU B 565 -32.72 -62.65 18.61
C LEU B 565 -33.25 -62.67 20.03
N ARG B 566 -33.47 -63.87 20.58
CA ARG B 566 -34.01 -63.97 21.93
C ARG B 566 -33.02 -63.49 22.99
N LEU B 567 -31.73 -63.47 22.67
CA LEU B 567 -30.73 -63.04 23.66
C LEU B 567 -30.89 -61.57 24.01
N GLY B 568 -31.13 -60.73 23.02
CA GLY B 568 -31.19 -59.30 23.27
C GLY B 568 -29.87 -58.76 23.76
N LYS B 569 -29.92 -57.93 24.80
CA LYS B 569 -28.73 -57.37 25.42
C LYS B 569 -28.27 -58.18 26.62
N SER B 570 -28.92 -59.31 26.91
CA SER B 570 -28.54 -60.13 28.06
C SER B 570 -27.14 -60.71 27.91
N GLU B 571 -26.61 -60.78 26.70
CA GLU B 571 -25.31 -61.37 26.43
C GLU B 571 -24.47 -60.39 25.63
N PRO B 572 -23.15 -60.50 25.69
CA PRO B 572 -22.29 -59.64 24.86
C PRO B 572 -22.58 -59.82 23.38
N TRP B 573 -22.45 -58.72 22.64
CA TRP B 573 -22.76 -58.76 21.21
C TRP B 573 -21.85 -59.71 20.46
N THR B 574 -20.61 -59.91 20.93
CA THR B 574 -19.73 -60.88 20.31
C THR B 574 -20.30 -62.30 20.43
N LEU B 575 -20.83 -62.64 21.60
CA LEU B 575 -21.45 -63.95 21.78
C LEU B 575 -22.68 -64.08 20.89
N ALA B 576 -23.45 -63.00 20.74
CA ALA B 576 -24.59 -63.02 19.84
C ALA B 576 -24.16 -63.27 18.40
N LEU B 577 -23.06 -62.64 17.98
CA LEU B 577 -22.53 -62.88 16.64
C LEU B 577 -22.09 -64.34 16.49
N GLU B 578 -21.45 -64.90 17.51
CA GLU B 578 -20.99 -66.29 17.42
C GLU B 578 -22.15 -67.26 17.23
N ASN B 579 -23.33 -66.92 17.76
CA ASN B 579 -24.50 -67.78 17.63
C ASN B 579 -25.10 -67.77 16.23
N VAL B 580 -24.64 -66.89 15.35
CA VAL B 580 -25.18 -66.83 13.99
C VAL B 580 -24.06 -67.08 12.99
N VAL B 581 -23.04 -66.21 13.00
CA VAL B 581 -21.96 -66.31 12.03
C VAL B 581 -20.83 -67.24 12.46
N GLY B 582 -20.81 -67.65 13.73
CA GLY B 582 -19.76 -68.52 14.21
C GLY B 582 -18.44 -67.82 14.51
N ALA B 583 -18.40 -66.50 14.44
CA ALA B 583 -17.20 -65.72 14.71
C ALA B 583 -17.49 -64.72 15.82
N LYS B 584 -16.41 -64.25 16.46
CA LYS B 584 -16.53 -63.32 17.57
C LYS B 584 -16.41 -61.86 17.15
N ASN B 585 -15.81 -61.58 16.01
CA ASN B 585 -15.61 -60.21 15.55
C ASN B 585 -16.19 -60.03 14.16
N MET B 586 -16.42 -58.77 13.79
CA MET B 586 -16.98 -58.46 12.48
C MET B 586 -15.99 -58.78 11.38
N ASN B 587 -16.50 -59.26 10.25
CA ASN B 587 -15.68 -59.61 9.10
C ASN B 587 -16.36 -59.08 7.84
N VAL B 588 -15.57 -58.50 6.93
CA VAL B 588 -16.13 -57.91 5.72
C VAL B 588 -16.14 -58.87 4.54
N ARG B 589 -15.61 -60.08 4.70
CA ARG B 589 -15.61 -61.07 3.63
C ARG B 589 -17.00 -61.34 3.05
N PRO B 590 -18.08 -61.46 3.85
CA PRO B 590 -19.40 -61.61 3.23
C PRO B 590 -19.78 -60.49 2.28
N LEU B 591 -19.38 -59.25 2.56
CA LEU B 591 -19.69 -58.15 1.66
C LEU B 591 -19.02 -58.35 0.31
N LEU B 592 -17.74 -58.74 0.32
CA LEU B 592 -17.03 -58.99 -0.92
C LEU B 592 -17.63 -60.18 -1.66
N ASN B 593 -18.05 -61.22 -0.93
CA ASN B 593 -18.71 -62.34 -1.57
C ASN B 593 -20.02 -61.90 -2.22
N TYR B 594 -20.75 -61.00 -1.57
CA TYR B 594 -21.99 -60.49 -2.12
C TYR B 594 -21.77 -59.69 -3.39
N PHE B 595 -20.73 -58.84 -3.41
CA PHE B 595 -20.50 -57.93 -4.53
C PHE B 595 -19.49 -58.46 -5.54
N GLU B 596 -19.05 -59.72 -5.40
CA GLU B 596 -18.12 -60.30 -6.36
C GLU B 596 -18.61 -60.28 -7.80
N PRO B 597 -19.86 -60.67 -8.12
CA PRO B 597 -20.28 -60.60 -9.54
C PRO B 597 -20.20 -59.21 -10.12
N LEU B 598 -20.49 -58.18 -9.32
CA LEU B 598 -20.34 -56.81 -9.78
C LEU B 598 -18.87 -56.40 -9.80
N PHE B 599 -18.08 -56.91 -8.86
CA PHE B 599 -16.66 -56.57 -8.79
C PHE B 599 -15.92 -57.05 -10.04
N THR B 600 -16.22 -58.27 -10.48
CA THR B 600 -15.58 -58.79 -11.68
C THR B 600 -15.96 -57.97 -12.91
N TRP B 601 -17.24 -57.60 -13.01
CA TRP B 601 -17.69 -56.80 -14.14
C TRP B 601 -17.03 -55.43 -14.14
N LEU B 602 -16.91 -54.81 -12.98
CA LEU B 602 -16.24 -53.52 -12.88
C LEU B 602 -14.76 -53.62 -13.24
N LYS B 603 -14.11 -54.69 -12.79
CA LYS B 603 -12.70 -54.90 -13.12
C LYS B 603 -12.52 -55.09 -14.63
N ASP B 604 -13.43 -55.83 -15.27
CA ASP B 604 -13.35 -56.00 -16.71
C ASP B 604 -13.67 -54.70 -17.45
N GLN B 605 -14.54 -53.86 -16.90
CA GLN B 605 -14.94 -52.61 -17.53
C GLN B 605 -13.87 -51.54 -17.46
N ASN B 606 -12.94 -51.62 -16.52
CA ASN B 606 -11.93 -50.59 -16.30
C ASN B 606 -10.59 -51.01 -16.87
N LYS B 607 -10.61 -51.69 -18.01
CA LYS B 607 -9.35 -52.08 -18.66
C LYS B 607 -8.57 -50.85 -19.11
N ASN B 608 -9.24 -49.85 -19.66
CA ASN B 608 -8.56 -48.66 -20.16
C ASN B 608 -8.53 -47.52 -19.14
N SER B 609 -9.58 -47.36 -18.34
CA SER B 609 -9.63 -46.26 -17.39
C SER B 609 -8.62 -46.46 -16.28
N PHE B 610 -8.11 -45.34 -15.75
CA PHE B 610 -7.11 -45.35 -14.70
C PHE B 610 -7.82 -45.54 -13.35
N VAL B 611 -7.65 -46.71 -12.75
CA VAL B 611 -8.27 -47.02 -11.47
C VAL B 611 -7.51 -46.29 -10.37
N GLY B 612 -8.25 -45.57 -9.53
CA GLY B 612 -7.67 -44.82 -8.44
C GLY B 612 -7.90 -43.33 -8.62
N TRP B 613 -7.23 -42.56 -7.75
CA TRP B 613 -7.35 -41.11 -7.79
C TRP B 613 -6.09 -40.50 -7.22
N SER B 614 -5.88 -39.22 -7.53
CA SER B 614 -4.75 -38.46 -7.03
C SER B 614 -5.25 -37.36 -6.10
N THR B 615 -4.50 -37.10 -5.03
CA THR B 615 -4.90 -36.14 -4.01
C THR B 615 -4.34 -34.74 -4.28
N ASP B 616 -4.10 -34.40 -5.54
CA ASP B 616 -3.52 -33.09 -5.87
C ASP B 616 -4.43 -32.29 -6.78
N TRP B 617 -5.10 -32.97 -7.71
CA TRP B 617 -5.98 -32.26 -8.65
C TRP B 617 -7.18 -31.68 -7.91
N SER B 618 -7.55 -30.46 -8.29
CA SER B 618 -8.71 -29.79 -7.75
C SER B 618 -9.38 -29.01 -8.88
N PRO B 619 -10.70 -28.85 -8.84
CA PRO B 619 -11.38 -28.14 -9.93
C PRO B 619 -10.92 -26.70 -10.11
N TYR B 620 -10.45 -26.05 -9.06
CA TYR B 620 -10.00 -24.67 -9.12
C TYR B 620 -8.51 -24.55 -9.37
N ALA B 621 -7.80 -25.66 -9.56
CA ALA B 621 -6.35 -25.60 -9.76
C ALA B 621 -5.98 -25.01 -11.12
N ASP B 622 -6.86 -25.14 -12.12
CA ASP B 622 -6.55 -24.62 -13.44
C ASP B 622 -6.55 -23.09 -13.48
N GLN B 623 -7.43 -22.45 -12.72
CA GLN B 623 -7.57 -21.00 -12.73
C GLN B 623 -6.90 -20.34 -11.54
N SER B 624 -6.08 -21.07 -10.79
CA SER B 624 -5.44 -20.53 -9.61
C SER B 624 -4.11 -19.89 -9.94
N ILE B 625 -3.83 -18.76 -9.30
CA ILE B 625 -2.55 -18.07 -9.42
C ILE B 625 -1.82 -18.22 -8.10
N LYS B 626 -0.57 -18.66 -8.15
CA LYS B 626 0.21 -18.96 -6.96
C LYS B 626 1.03 -17.74 -6.56
N VAL B 627 0.93 -17.35 -5.30
CA VAL B 627 1.65 -16.21 -4.74
C VAL B 627 2.62 -16.72 -3.69
N ARG B 628 3.87 -16.29 -3.78
CA ARG B 628 4.90 -16.61 -2.79
C ARG B 628 5.49 -15.31 -2.28
N ILE B 629 5.50 -15.13 -0.95
CA ILE B 629 5.90 -13.89 -0.31
C ILE B 629 7.08 -14.16 0.61
N SER B 630 8.12 -13.35 0.48
CA SER B 630 9.33 -13.46 1.32
C SER B 630 9.53 -12.13 2.05
N LEU B 631 8.88 -12.00 3.21
CA LEU B 631 8.96 -10.75 3.96
C LEU B 631 10.34 -10.55 4.57
N LYS B 632 10.91 -11.62 5.13
CA LYS B 632 12.17 -11.50 5.85
C LYS B 632 13.31 -11.09 4.93
N SER B 633 13.36 -11.64 3.71
CA SER B 633 14.44 -11.31 2.80
C SER B 633 14.35 -9.87 2.33
N ALA B 634 13.13 -9.38 2.06
CA ALA B 634 12.98 -8.02 1.56
C ALA B 634 13.16 -6.98 2.64
N LEU B 635 12.71 -7.26 3.87
CA LEU B 635 12.72 -6.26 4.93
C LEU B 635 13.78 -6.48 5.98
N GLY B 636 14.39 -7.67 6.03
CA GLY B 636 15.36 -7.97 7.07
C GLY B 636 14.73 -7.95 8.44
N ASP B 637 15.07 -6.94 9.24
CA ASP B 637 14.42 -6.72 10.52
C ASP B 637 13.10 -5.98 10.28
N LYS B 638 12.49 -5.50 11.37
CA LYS B 638 11.25 -4.71 11.33
C LYS B 638 10.21 -5.29 10.37
N ALA B 639 10.16 -6.62 10.29
CA ALA B 639 9.25 -7.32 9.39
C ALA B 639 8.01 -7.75 10.14
N TYR B 640 6.84 -7.34 9.64
CA TYR B 640 5.58 -7.66 10.28
C TYR B 640 5.25 -9.13 10.10
N GLU B 641 4.47 -9.66 11.04
CA GLU B 641 4.00 -11.03 10.97
C GLU B 641 2.82 -11.14 10.01
N TRP B 642 2.72 -12.28 9.34
CA TRP B 642 1.68 -12.50 8.34
C TRP B 642 0.50 -13.25 8.96
N ASN B 643 -0.30 -12.51 9.71
CA ASN B 643 -1.50 -13.06 10.33
C ASN B 643 -2.68 -12.97 9.36
N ASP B 644 -3.87 -13.23 9.87
CA ASP B 644 -5.06 -13.24 9.03
C ASP B 644 -5.41 -11.84 8.53
N ASN B 645 -5.06 -10.80 9.29
CA ASN B 645 -5.34 -9.44 8.84
C ASN B 645 -4.56 -9.11 7.58
N GLU B 646 -3.30 -9.55 7.50
CA GLU B 646 -2.52 -9.34 6.29
C GLU B 646 -3.14 -10.07 5.11
N MET B 647 -3.65 -11.28 5.33
CA MET B 647 -4.33 -12.00 4.27
C MET B 647 -5.58 -11.26 3.80
N TYR B 648 -6.34 -10.69 4.74
CA TYR B 648 -7.49 -9.89 4.37
C TYR B 648 -7.08 -8.68 3.54
N LEU B 649 -5.99 -8.01 3.93
CA LEU B 649 -5.51 -6.87 3.18
C LEU B 649 -5.08 -7.28 1.77
N PHE B 650 -4.42 -8.42 1.65
CA PHE B 650 -4.00 -8.90 0.34
C PHE B 650 -5.20 -9.22 -0.54
N ARG B 651 -6.23 -9.86 0.03
CA ARG B 651 -7.43 -10.14 -0.74
C ARG B 651 -8.13 -8.86 -1.17
N SER B 652 -8.16 -7.86 -0.29
CA SER B 652 -8.74 -6.57 -0.66
C SER B 652 -7.96 -5.91 -1.78
N SER B 653 -6.62 -5.99 -1.73
CA SER B 653 -5.80 -5.42 -2.81
C SER B 653 -6.06 -6.13 -4.13
N VAL B 654 -6.18 -7.46 -4.09
CA VAL B 654 -6.48 -8.21 -5.32
C VAL B 654 -7.84 -7.81 -5.88
N ALA B 655 -8.83 -7.67 -5.01
CA ALA B 655 -10.16 -7.27 -5.46
C ALA B 655 -10.13 -5.86 -6.06
N TYR B 656 -9.36 -4.96 -5.45
CA TYR B 656 -9.22 -3.62 -5.99
C TYR B 656 -8.57 -3.64 -7.37
N ALA B 657 -7.53 -4.47 -7.54
CA ALA B 657 -6.89 -4.58 -8.84
C ALA B 657 -7.85 -5.13 -9.89
N MET B 658 -8.66 -6.12 -9.51
CA MET B 658 -9.66 -6.66 -10.43
C MET B 658 -10.68 -5.60 -10.81
N ARG B 659 -11.13 -4.81 -9.84
CA ARG B 659 -12.06 -3.72 -10.14
C ARG B 659 -11.44 -2.73 -11.11
N GLN B 660 -10.17 -2.36 -10.88
CA GLN B 660 -9.51 -1.40 -11.75
C GLN B 660 -9.39 -1.93 -13.17
N TYR B 661 -9.02 -3.20 -13.32
CA TYR B 661 -8.91 -3.77 -14.66
C TYR B 661 -10.27 -3.82 -15.35
N PHE B 662 -11.31 -4.27 -14.64
CA PHE B 662 -12.62 -4.38 -15.25
C PHE B 662 -13.23 -3.02 -15.56
N LEU B 663 -12.78 -1.96 -14.88
CA LEU B 663 -13.31 -0.63 -15.14
C LEU B 663 -12.55 0.10 -16.24
N LYS B 664 -11.23 0.02 -16.25
CA LYS B 664 -10.42 0.80 -17.17
C LYS B 664 -10.07 0.08 -18.46
N VAL B 665 -10.52 -1.16 -18.64
CA VAL B 665 -10.22 -1.90 -19.87
C VAL B 665 -11.52 -2.35 -20.54
N LYS B 666 -12.33 -3.10 -19.81
CA LYS B 666 -13.60 -3.58 -20.34
C LYS B 666 -14.76 -2.64 -20.07
N ASN B 667 -14.55 -1.57 -19.32
CA ASN B 667 -15.57 -0.57 -19.02
C ASN B 667 -16.82 -1.21 -18.42
N GLN B 668 -16.61 -2.19 -17.54
CA GLN B 668 -17.67 -2.86 -16.82
C GLN B 668 -17.50 -2.64 -15.33
N MET B 669 -18.58 -2.23 -14.66
CA MET B 669 -18.55 -1.97 -13.23
C MET B 669 -18.94 -3.26 -12.51
N ILE B 670 -17.95 -4.02 -12.08
CA ILE B 670 -18.16 -5.25 -11.33
C ILE B 670 -17.73 -5.00 -9.90
N LEU B 671 -18.66 -5.20 -8.96
CA LEU B 671 -18.41 -4.91 -7.54
C LEU B 671 -17.80 -6.14 -6.89
N PHE B 672 -16.49 -6.27 -7.03
CA PHE B 672 -15.76 -7.33 -6.36
C PHE B 672 -15.67 -7.05 -4.86
N GLY B 673 -15.33 -8.08 -4.10
CA GLY B 673 -15.21 -7.96 -2.67
C GLY B 673 -14.08 -8.83 -2.15
N GLU B 674 -13.76 -8.65 -0.88
CA GLU B 674 -12.70 -9.42 -0.26
C GLU B 674 -13.05 -10.90 -0.15
N GLU B 675 -14.33 -11.25 -0.21
CA GLU B 675 -14.76 -12.63 -0.15
C GLU B 675 -14.78 -13.30 -1.52
N ASP B 676 -14.51 -12.56 -2.59
CA ASP B 676 -14.47 -13.12 -3.93
C ASP B 676 -13.07 -13.55 -4.35
N VAL B 677 -12.06 -13.33 -3.49
CA VAL B 677 -10.72 -13.78 -3.78
C VAL B 677 -10.43 -14.98 -2.88
N ARG B 678 -10.68 -16.18 -3.41
CA ARG B 678 -10.58 -17.40 -2.60
C ARG B 678 -9.13 -17.85 -2.56
N VAL B 679 -8.67 -18.20 -1.36
CA VAL B 679 -7.28 -18.53 -1.08
C VAL B 679 -7.22 -19.94 -0.53
N ALA B 680 -6.25 -20.72 -1.02
CA ALA B 680 -6.07 -22.11 -0.58
C ALA B 680 -4.59 -22.41 -0.48
N ASN B 681 -4.29 -23.53 0.20
CA ASN B 681 -2.93 -24.06 0.31
C ASN B 681 -1.98 -23.06 0.95
N LEU B 682 -2.46 -22.38 1.99
CA LEU B 682 -1.60 -21.46 2.73
C LEU B 682 -0.51 -22.23 3.45
N LYS B 683 0.71 -21.69 3.42
CA LYS B 683 1.89 -22.36 3.96
C LYS B 683 2.69 -21.37 4.78
N PRO B 684 3.54 -21.86 5.69
CA PRO B 684 4.40 -20.93 6.46
C PRO B 684 5.32 -20.09 5.60
N ARG B 685 5.69 -20.56 4.40
CA ARG B 685 6.43 -19.75 3.45
C ARG B 685 5.64 -18.51 3.02
N ILE B 686 4.36 -18.42 3.39
CA ILE B 686 3.44 -17.44 2.85
C ILE B 686 3.37 -17.69 1.35
N SER B 687 2.94 -18.90 0.98
CA SER B 687 2.81 -19.31 -0.40
C SER B 687 1.47 -20.01 -0.55
N PHE B 688 0.59 -19.44 -1.36
CA PHE B 688 -0.78 -19.93 -1.48
C PHE B 688 -1.23 -19.81 -2.93
N ASN B 689 -2.43 -20.30 -3.19
CA ASN B 689 -3.06 -20.18 -4.50
C ASN B 689 -4.37 -19.41 -4.34
N PHE B 690 -4.51 -18.33 -5.09
CA PHE B 690 -5.72 -17.52 -5.03
C PHE B 690 -6.39 -17.50 -6.40
N PHE B 691 -7.72 -17.43 -6.40
CA PHE B 691 -8.46 -17.24 -7.63
C PHE B 691 -9.70 -16.40 -7.34
N VAL B 692 -10.11 -15.63 -8.34
CA VAL B 692 -11.18 -14.65 -8.20
C VAL B 692 -12.42 -15.16 -8.91
N THR B 693 -13.55 -15.15 -8.21
CA THR B 693 -14.82 -15.58 -8.76
C THR B 693 -15.65 -14.36 -9.14
N ALA B 694 -16.85 -14.62 -9.65
CA ALA B 694 -17.79 -13.56 -9.95
C ALA B 694 -18.28 -12.94 -8.64
N PRO B 695 -18.78 -11.70 -8.69
CA PRO B 695 -19.18 -11.03 -7.43
C PRO B 695 -20.22 -11.80 -6.63
N LYS B 696 -21.20 -12.43 -7.29
CA LYS B 696 -22.18 -13.24 -6.58
C LYS B 696 -22.51 -14.54 -7.31
N ASN B 697 -21.65 -14.98 -8.22
CA ASN B 697 -21.86 -16.19 -9.00
C ASN B 697 -20.66 -17.11 -8.75
N VAL B 698 -20.82 -18.02 -7.78
CA VAL B 698 -19.71 -18.87 -7.38
C VAL B 698 -19.27 -19.76 -8.54
N SER B 699 -20.22 -20.22 -9.35
CA SER B 699 -19.89 -21.11 -10.46
C SER B 699 -19.07 -20.41 -11.54
N ASP B 700 -19.00 -19.08 -11.51
CA ASP B 700 -18.25 -18.32 -12.50
C ASP B 700 -16.91 -17.93 -11.91
N ILE B 701 -15.82 -18.39 -12.54
CA ILE B 701 -14.46 -18.07 -12.14
C ILE B 701 -13.80 -17.31 -13.27
N ILE B 702 -13.22 -16.16 -12.95
CA ILE B 702 -12.55 -15.32 -13.94
C ILE B 702 -11.38 -16.12 -14.53
N PRO B 703 -11.26 -16.19 -15.86
CA PRO B 703 -10.15 -16.95 -16.44
C PRO B 703 -8.80 -16.37 -16.03
N ARG B 704 -7.81 -17.25 -15.93
CA ARG B 704 -6.51 -16.86 -15.39
C ARG B 704 -5.84 -15.78 -16.23
N THR B 705 -6.12 -15.74 -17.53
CA THR B 705 -5.51 -14.72 -18.39
C THR B 705 -5.94 -13.33 -17.96
N GLU B 706 -7.23 -13.14 -17.70
CA GLU B 706 -7.72 -11.83 -17.28
C GLU B 706 -7.16 -11.44 -15.92
N VAL B 707 -7.05 -12.40 -15.00
CA VAL B 707 -6.48 -12.10 -13.69
C VAL B 707 -5.02 -11.71 -13.82
N GLU B 708 -4.27 -12.41 -14.68
CA GLU B 708 -2.87 -12.05 -14.91
C GLU B 708 -2.75 -10.65 -15.50
N LYS B 709 -3.61 -10.31 -16.45
CA LYS B 709 -3.59 -8.97 -17.02
C LYS B 709 -3.92 -7.92 -15.97
N ALA B 710 -4.89 -8.21 -15.11
CA ALA B 710 -5.24 -7.29 -14.03
C ALA B 710 -4.07 -7.08 -13.08
N ILE B 711 -3.40 -8.17 -12.70
CA ILE B 711 -2.26 -8.05 -11.79
C ILE B 711 -1.13 -7.27 -12.43
N ARG B 712 -0.85 -7.54 -13.72
CA ARG B 712 0.18 -6.78 -14.42
C ARG B 712 -0.18 -5.30 -14.47
N MET B 713 -1.47 -4.99 -14.66
CA MET B 713 -1.89 -3.60 -14.75
C MET B 713 -1.63 -2.85 -13.45
N SER B 714 -1.90 -3.48 -12.30
CA SER B 714 -1.81 -2.81 -11.01
C SER B 714 -0.94 -3.58 -10.03
N ARG B 715 0.22 -4.05 -10.46
CA ARG B 715 1.12 -4.73 -9.53
C ARG B 715 1.85 -3.75 -8.62
N SER B 716 2.04 -2.51 -9.08
CA SER B 716 2.75 -1.53 -8.28
C SER B 716 2.01 -1.21 -6.99
N ARG B 717 0.68 -1.07 -7.06
CA ARG B 717 -0.09 -0.77 -5.87
C ARG B 717 -0.01 -1.90 -4.85
N ILE B 718 -0.11 -3.15 -5.31
CA ILE B 718 -0.01 -4.30 -4.41
C ILE B 718 1.38 -4.38 -3.81
N ASN B 719 2.42 -4.11 -4.62
CA ASN B 719 3.78 -4.11 -4.11
C ASN B 719 3.97 -3.04 -3.03
N ASP B 720 3.43 -1.85 -3.25
CA ASP B 720 3.59 -0.77 -2.27
C ASP B 720 2.74 -0.99 -1.03
N ALA B 721 1.64 -1.72 -1.16
CA ALA B 721 0.78 -1.97 0.00
C ALA B 721 1.50 -2.77 1.08
N PHE B 722 2.42 -3.64 0.69
CA PHE B 722 3.16 -4.48 1.62
C PHE B 722 4.63 -4.12 1.70
N ARG B 723 5.06 -3.07 1.00
CA ARG B 723 6.46 -2.66 0.96
C ARG B 723 7.36 -3.78 0.44
N LEU B 724 6.95 -4.38 -0.68
CA LEU B 724 7.70 -5.40 -1.36
C LEU B 724 7.96 -4.96 -2.79
N ASN B 725 9.05 -5.43 -3.39
CA ASN B 725 9.46 -4.98 -4.72
C ASN B 725 9.76 -6.17 -5.64
N ASP B 726 8.71 -6.75 -6.22
CA ASP B 726 8.79 -7.58 -7.42
C ASP B 726 9.67 -8.81 -7.26
N ASN B 727 10.24 -9.02 -6.07
CA ASN B 727 11.12 -10.16 -5.85
C ASN B 727 10.67 -10.92 -4.60
N SER B 728 10.13 -10.19 -3.62
CA SER B 728 9.52 -10.80 -2.46
C SER B 728 8.02 -10.99 -2.62
N LEU B 729 7.45 -10.59 -3.75
CA LEU B 729 6.03 -10.82 -4.06
C LEU B 729 5.99 -11.40 -5.47
N GLU B 730 6.09 -12.73 -5.56
CA GLU B 730 6.17 -13.42 -6.83
C GLU B 730 4.83 -14.07 -7.14
N PHE B 731 4.30 -13.80 -8.33
CA PHE B 731 3.02 -14.35 -8.75
C PHE B 731 3.15 -15.59 -9.62
N LEU B 732 4.37 -16.02 -9.92
CA LEU B 732 4.64 -17.30 -10.59
C LEU B 732 3.85 -17.41 -11.90
N GLY B 733 4.21 -16.54 -12.84
CA GLY B 733 3.53 -16.48 -14.12
C GLY B 733 3.45 -15.06 -14.63
N ILE B 734 3.67 -14.10 -13.74
CA ILE B 734 3.72 -12.69 -14.08
C ILE B 734 5.16 -12.24 -13.91
N GLN B 735 5.85 -12.05 -15.02
CA GLN B 735 7.26 -11.66 -14.99
C GLN B 735 7.37 -10.16 -15.19
N PRO B 736 7.87 -9.41 -14.21
CA PRO B 736 7.99 -7.96 -14.35
C PRO B 736 9.07 -7.59 -15.35
N THR B 737 8.97 -6.36 -15.86
CA THR B 737 9.92 -5.80 -16.81
C THR B 737 10.76 -4.76 -16.10
N LEU B 738 12.09 -4.95 -16.13
CA LEU B 738 12.99 -4.02 -15.45
C LEU B 738 12.96 -2.63 -16.08
N GLY B 739 12.91 -2.56 -17.41
CA GLY B 739 12.92 -1.29 -18.10
C GLY B 739 14.07 -1.19 -19.07
N PRO B 740 13.81 -0.63 -20.25
CA PRO B 740 14.86 -0.51 -21.28
C PRO B 740 15.99 0.38 -20.80
N PRO B 741 17.23 0.05 -21.13
CA PRO B 741 18.35 0.92 -20.76
C PRO B 741 18.60 2.00 -21.79
N ASN B 742 18.45 3.27 -21.39
CA ASN B 742 18.69 4.37 -22.31
C ASN B 742 20.18 4.44 -22.67
N GLN B 743 20.44 4.79 -23.93
CA GLN B 743 21.81 4.83 -24.42
C GLN B 743 22.24 6.26 -24.71
N PRO B 744 23.54 6.55 -24.65
CA PRO B 744 24.03 7.88 -25.04
C PRO B 744 23.70 8.18 -26.49
N PRO B 745 23.77 9.45 -26.91
CA PRO B 745 23.41 9.81 -28.29
C PRO B 745 24.11 8.95 -29.33
N VAL B 746 25.44 8.98 -29.37
CA VAL B 746 26.17 8.04 -30.21
C VAL B 746 27.17 7.26 -29.37
N SER B 747 28.19 7.97 -28.85
CA SER B 747 29.20 7.35 -28.01
C SER B 747 30.03 8.39 -27.29
N ILE B 748 29.99 8.40 -25.95
CA ILE B 748 30.87 9.28 -25.19
C ILE B 748 32.33 8.86 -25.38
N TRP B 749 32.59 7.55 -25.35
CA TRP B 749 33.95 7.05 -25.49
C TRP B 749 34.54 7.44 -26.84
N LEU B 750 33.74 7.38 -27.91
CA LEU B 750 34.25 7.74 -29.22
C LEU B 750 34.60 9.22 -29.29
N ILE B 751 33.78 10.07 -28.68
CA ILE B 751 34.07 11.50 -28.68
C ILE B 751 35.36 11.79 -27.93
N VAL B 752 35.52 11.18 -26.76
CA VAL B 752 36.74 11.39 -25.97
C VAL B 752 37.96 10.88 -26.73
N PHE B 753 37.84 9.71 -27.34
CA PHE B 753 38.93 9.15 -28.12
C PHE B 753 39.30 10.05 -29.29
N GLY B 754 38.30 10.59 -29.98
CA GLY B 754 38.58 11.50 -31.09
C GLY B 754 39.27 12.76 -30.64
N VAL B 755 38.83 13.34 -29.52
CA VAL B 755 39.47 14.55 -29.01
C VAL B 755 40.93 14.27 -28.64
N VAL B 756 41.17 13.15 -27.94
CA VAL B 756 42.54 12.82 -27.54
C VAL B 756 43.42 12.56 -28.76
N MET B 757 42.90 11.82 -29.74
CA MET B 757 43.68 11.56 -30.94
C MET B 757 43.98 12.85 -31.68
N GLY B 758 43.00 13.76 -31.77
CA GLY B 758 43.23 15.02 -32.45
C GLY B 758 44.30 15.85 -31.78
N VAL B 759 44.24 15.97 -30.46
CA VAL B 759 45.23 16.80 -29.77
C VAL B 759 46.61 16.16 -29.86
N ILE B 760 46.68 14.83 -29.79
CA ILE B 760 47.97 14.15 -29.92
C ILE B 760 48.56 14.36 -31.32
N VAL B 761 47.73 14.24 -32.35
CA VAL B 761 48.20 14.44 -33.72
C VAL B 761 48.66 15.88 -33.92
N VAL B 762 47.92 16.84 -33.37
CA VAL B 762 48.32 18.24 -33.48
C VAL B 762 49.67 18.47 -32.81
N GLY B 763 49.84 17.90 -31.61
CA GLY B 763 51.13 18.03 -30.94
C GLY B 763 52.27 17.42 -31.72
N ILE B 764 52.05 16.22 -32.28
CA ILE B 764 53.09 15.56 -33.07
C ILE B 764 53.45 16.42 -34.28
N VAL B 765 52.43 16.94 -34.97
CA VAL B 765 52.69 17.73 -36.18
C VAL B 765 53.46 19.00 -35.84
N ILE B 766 53.04 19.69 -34.78
CA ILE B 766 53.72 20.95 -34.45
C ILE B 766 55.15 20.70 -33.98
N LEU B 767 55.36 19.62 -33.21
CA LEU B 767 56.73 19.31 -32.78
C LEU B 767 57.61 18.95 -33.97
N ILE B 768 57.08 18.16 -34.91
CA ILE B 768 57.87 17.80 -36.10
C ILE B 768 58.19 19.04 -36.91
N PHE B 769 57.21 19.93 -37.08
CA PHE B 769 57.44 21.16 -37.84
C PHE B 769 58.49 22.03 -37.18
N THR B 770 58.42 22.18 -35.85
CA THR B 770 59.43 22.98 -35.15
C THR B 770 60.81 22.35 -35.26
N GLY B 771 60.90 21.03 -35.13
CA GLY B 771 62.19 20.36 -35.28
C GLY B 771 62.77 20.52 -36.66
N ILE B 772 61.93 20.43 -37.70
CA ILE B 772 62.40 20.60 -39.06
C ILE B 772 62.86 22.03 -39.30
N ARG B 773 62.09 23.01 -38.81
CA ARG B 773 62.44 24.42 -39.00
C ARG B 773 63.73 24.77 -38.26
N ASP B 774 63.92 24.21 -37.07
CA ASP B 774 65.13 24.52 -36.30
C ASP B 774 66.38 24.04 -37.01
N ARG B 775 66.33 22.86 -37.62
CA ARG B 775 67.47 22.31 -38.34
C ARG B 775 67.40 22.67 -39.82
N SER C 11 56.36 41.42 -13.34
CA SER C 11 55.78 40.12 -13.60
C SER C 11 54.37 40.03 -13.01
N LEU C 12 53.89 38.80 -12.82
CA LEU C 12 52.56 38.59 -12.26
C LEU C 12 52.53 38.80 -10.74
N GLN C 13 53.70 38.86 -10.10
CA GLN C 13 53.75 39.08 -8.66
C GLN C 13 53.20 40.45 -8.29
N PHE C 14 53.53 41.48 -9.08
CA PHE C 14 53.00 42.82 -8.84
C PHE C 14 51.49 42.84 -9.01
N VAL C 15 50.98 42.15 -10.03
CA VAL C 15 49.54 42.09 -10.26
C VAL C 15 48.85 41.40 -9.10
N PHE C 16 49.42 40.29 -8.61
CA PHE C 16 48.83 39.59 -7.48
C PHE C 16 48.86 40.44 -6.22
N ALA C 17 49.94 41.18 -6.00
CA ALA C 17 50.00 42.08 -4.85
C ALA C 17 48.95 43.17 -4.94
N CYS C 18 48.76 43.73 -6.13
CA CYS C 18 47.71 44.74 -6.32
C CYS C 18 46.33 44.16 -6.07
N ILE C 19 46.10 42.93 -6.53
CA ILE C 19 44.81 42.28 -6.30
C ILE C 19 44.58 42.06 -4.81
N SER C 20 45.63 41.60 -4.11
CA SER C 20 45.51 41.36 -2.68
C SER C 20 45.23 42.66 -1.93
N TYR C 21 45.90 43.74 -2.32
CA TYR C 21 45.64 45.02 -1.66
C TYR C 21 44.26 45.58 -2.00
N ALA C 22 43.74 45.26 -3.18
CA ALA C 22 42.43 45.76 -3.60
C ALA C 22 41.29 44.88 -3.09
N VAL C 23 41.47 43.56 -3.11
CA VAL C 23 40.42 42.64 -2.67
C VAL C 23 40.57 42.42 -1.17
N GLY C 24 39.48 42.65 -0.44
CA GLY C 24 39.47 42.47 1.00
C GLY C 24 38.10 42.05 1.46
N LEU C 25 37.98 41.88 2.79
CA LEU C 25 36.69 41.51 3.36
C LEU C 25 35.65 42.61 3.19
N GLY C 26 36.08 43.87 3.10
CA GLY C 26 35.18 44.99 3.01
C GLY C 26 34.22 44.96 1.84
N ASN C 27 34.77 44.98 0.61
CA ASN C 27 33.92 45.01 -0.58
C ASN C 27 33.17 43.71 -0.80
N VAL C 28 33.53 42.63 -0.09
CA VAL C 28 32.87 41.35 -0.25
C VAL C 28 31.69 41.26 0.73
N TRP C 29 31.86 41.80 1.93
CA TRP C 29 30.85 41.68 2.97
C TRP C 29 29.97 42.92 3.11
N ARG C 30 30.57 44.08 3.35
CA ARG C 30 29.77 45.27 3.63
C ARG C 30 29.00 45.74 2.39
N PHE C 31 29.62 45.65 1.22
CA PHE C 31 28.98 46.18 0.01
C PHE C 31 27.66 45.51 -0.32
N PRO C 32 27.52 44.18 -0.31
CA PRO C 32 26.19 43.60 -0.60
C PRO C 32 25.11 44.04 0.38
N TYR C 33 25.44 44.19 1.65
CA TYR C 33 24.44 44.62 2.63
C TYR C 33 23.98 46.05 2.37
N LEU C 34 24.92 46.94 2.06
CA LEU C 34 24.55 48.31 1.71
C LEU C 34 23.73 48.34 0.42
N CYS C 35 24.11 47.52 -0.56
CA CYS C 35 23.37 47.49 -1.82
C CYS C 35 21.94 47.03 -1.61
N GLN C 36 21.74 46.00 -0.77
CA GLN C 36 20.40 45.51 -0.51
C GLN C 36 19.60 46.52 0.31
N MET C 37 20.25 47.22 1.24
CA MET C 37 19.54 48.17 2.09
C MET C 37 18.96 49.32 1.28
N TYR C 38 19.71 49.82 0.29
CA TYR C 38 19.33 51.02 -0.46
C TYR C 38 18.78 50.70 -1.84
N GLY C 39 18.05 49.59 -1.96
CA GLY C 39 17.29 49.29 -3.16
C GLY C 39 18.04 48.65 -4.30
N GLY C 40 19.34 48.42 -4.16
CA GLY C 40 20.11 47.78 -5.22
C GLY C 40 20.64 48.75 -6.26
N GLY C 41 19.95 48.81 -7.41
CA GLY C 41 20.41 49.68 -8.48
C GLY C 41 20.50 51.13 -8.07
N SER C 42 19.53 51.61 -7.30
CA SER C 42 19.55 52.99 -6.82
C SER C 42 20.78 53.27 -5.96
N PHE C 43 21.41 52.22 -5.42
CA PHE C 43 22.70 52.34 -4.76
C PHE C 43 23.87 52.00 -5.67
N LEU C 44 23.66 51.13 -6.65
CA LEU C 44 24.75 50.71 -7.53
C LEU C 44 25.20 51.86 -8.43
N VAL C 45 24.25 52.64 -8.95
CA VAL C 45 24.61 53.73 -9.86
C VAL C 45 25.49 54.78 -9.19
N PRO C 46 25.17 55.29 -8.00
CA PRO C 46 26.09 56.26 -7.37
C PRO C 46 27.48 55.71 -7.13
N TYR C 47 27.59 54.42 -6.77
CA TYR C 47 28.89 53.83 -6.47
C TYR C 47 29.84 53.94 -7.66
N ILE C 48 29.34 53.62 -8.86
CA ILE C 48 30.13 53.84 -10.07
C ILE C 48 30.42 55.32 -10.26
N ILE C 49 29.41 56.17 -10.03
CA ILE C 49 29.62 57.61 -10.13
C ILE C 49 30.61 58.09 -9.09
N MET C 50 30.50 57.61 -7.87
CA MET C 50 31.43 57.99 -6.81
C MET C 50 32.83 57.40 -7.00
N LEU C 51 32.98 56.44 -7.92
CA LEU C 51 34.26 55.81 -8.17
C LEU C 51 35.15 56.67 -9.06
N ILE C 52 34.65 57.04 -10.25
CA ILE C 52 35.43 57.83 -11.18
C ILE C 52 35.65 59.26 -10.72
N VAL C 53 34.92 59.70 -9.69
CA VAL C 53 35.05 61.05 -9.16
C VAL C 53 35.89 61.09 -7.90
N GLU C 54 35.66 60.15 -6.98
CA GLU C 54 36.36 60.14 -5.70
C GLU C 54 37.39 59.04 -5.55
N GLY C 55 37.18 57.87 -6.17
CA GLY C 55 38.09 56.77 -5.97
C GLY C 55 39.46 56.98 -6.58
N MET C 56 39.52 57.00 -7.92
CA MET C 56 40.80 57.11 -8.60
C MET C 56 41.55 58.40 -8.28
N PRO C 57 40.93 59.59 -8.34
CA PRO C 57 41.73 60.81 -8.08
C PRO C 57 42.32 60.86 -6.68
N LEU C 58 41.50 60.59 -5.65
CA LEU C 58 42.01 60.64 -4.28
C LEU C 58 42.99 59.52 -4.00
N LEU C 59 42.78 58.33 -4.57
CA LEU C 59 43.74 57.25 -4.40
C LEU C 59 45.09 57.61 -5.02
N TYR C 60 45.08 58.18 -6.23
CA TYR C 60 46.32 58.59 -6.86
C TYR C 60 46.98 59.73 -6.09
N LEU C 61 46.19 60.64 -5.54
CA LEU C 61 46.74 61.71 -4.73
C LEU C 61 47.45 61.17 -3.50
N GLU C 62 46.81 60.21 -2.81
CA GLU C 62 47.43 59.62 -1.63
C GLU C 62 48.70 58.87 -1.99
N LEU C 63 48.67 58.11 -3.09
CA LEU C 63 49.85 57.38 -3.51
C LEU C 63 50.99 58.33 -3.87
N ALA C 64 50.68 59.41 -4.59
CA ALA C 64 51.70 60.38 -4.95
C ALA C 64 52.30 61.06 -3.72
N VAL C 65 51.45 61.42 -2.74
CA VAL C 65 51.95 62.01 -1.52
C VAL C 65 52.87 61.05 -0.78
N GLY C 66 52.44 59.79 -0.66
CA GLY C 66 53.28 58.81 0.02
C GLY C 66 54.60 58.56 -0.69
N GLN C 67 54.58 58.55 -2.01
CA GLN C 67 55.81 58.30 -2.76
C GLN C 67 56.75 59.50 -2.68
N ARG C 68 56.22 60.73 -2.77
CA ARG C 68 57.07 61.90 -2.79
C ARG C 68 57.62 62.21 -1.40
N MET C 69 56.79 62.09 -0.37
CA MET C 69 57.23 62.49 0.97
C MET C 69 58.21 61.50 1.58
N ARG C 70 58.15 60.23 1.17
CA ARG C 70 59.07 59.19 1.66
C ARG C 70 59.01 59.07 3.18
N GLN C 71 57.82 59.24 3.74
CA GLN C 71 57.63 59.16 5.19
C GLN C 71 56.31 58.48 5.49
N GLY C 72 56.07 58.24 6.77
CA GLY C 72 54.80 57.70 7.21
C GLY C 72 53.71 58.76 7.18
N SER C 73 52.49 58.31 7.48
CA SER C 73 51.34 59.20 7.43
C SER C 73 51.52 60.39 8.38
N ILE C 74 51.86 60.11 9.63
CA ILE C 74 52.10 61.18 10.61
C ILE C 74 53.26 62.05 10.16
N GLY C 75 54.36 61.42 9.73
CA GLY C 75 55.50 62.18 9.25
C GLY C 75 55.16 63.02 8.03
N ALA C 76 54.41 62.46 7.08
CA ALA C 76 54.07 63.20 5.87
C ALA C 76 53.18 64.40 6.19
N TRP C 77 52.15 64.20 7.03
CA TRP C 77 51.26 65.30 7.36
C TRP C 77 51.86 66.29 8.35
N ARG C 78 52.97 65.92 9.00
CA ARG C 78 53.74 66.91 9.76
C ARG C 78 54.68 67.70 8.87
N THR C 79 55.28 67.04 7.87
CA THR C 79 56.15 67.74 6.93
C THR C 79 55.35 68.72 6.07
N ILE C 80 54.12 68.34 5.69
CA ILE C 80 53.30 69.23 4.87
C ILE C 80 52.99 70.52 5.61
N SER C 81 52.58 70.41 6.88
CA SER C 81 52.26 71.56 7.69
C SER C 81 52.34 71.17 9.16
N PRO C 82 52.91 72.02 10.01
CA PRO C 82 52.98 71.69 11.44
C PRO C 82 51.60 71.63 12.08
N TYR C 83 50.82 72.70 11.95
CA TYR C 83 49.49 72.79 12.55
C TYR C 83 48.49 71.83 11.94
N LEU C 84 48.91 71.04 10.97
CA LEU C 84 48.07 70.00 10.40
C LEU C 84 48.48 68.60 10.82
N SER C 85 49.65 68.45 11.47
CA SER C 85 50.18 67.13 11.78
C SER C 85 49.21 66.26 12.55
N GLY C 86 48.35 66.86 13.38
CA GLY C 86 47.41 66.10 14.18
C GLY C 86 46.46 65.26 13.36
N VAL C 87 46.24 65.61 12.09
CA VAL C 87 45.36 64.79 11.25
C VAL C 87 45.92 63.38 11.14
N GLY C 88 47.24 63.24 11.11
CA GLY C 88 47.83 61.91 11.10
C GLY C 88 47.41 61.10 12.31
N VAL C 89 47.36 61.75 13.48
CA VAL C 89 46.87 61.07 14.67
C VAL C 89 45.45 60.56 14.45
N ALA C 90 44.61 61.38 13.83
CA ALA C 90 43.25 60.95 13.51
C ALA C 90 43.29 59.71 12.62
N SER C 91 44.24 59.66 11.68
CA SER C 91 44.36 58.50 10.80
C SER C 91 44.56 57.22 11.58
N VAL C 92 45.10 57.30 12.79
CA VAL C 92 45.20 56.11 13.63
C VAL C 92 43.89 55.87 14.37
N VAL C 93 43.29 56.93 14.92
CA VAL C 93 42.15 56.76 15.82
C VAL C 93 41.01 56.04 15.12
N VAL C 94 40.65 56.52 13.93
CA VAL C 94 39.60 55.86 13.14
C VAL C 94 39.98 54.40 12.92
N SER C 95 41.23 54.15 12.52
CA SER C 95 41.69 52.78 12.34
C SER C 95 41.53 51.98 13.61
N PHE C 96 41.86 52.59 14.75
CA PHE C 96 41.65 51.93 16.04
C PHE C 96 40.19 51.50 16.18
N PHE C 97 39.27 52.41 15.87
CA PHE C 97 37.85 52.07 15.94
C PHE C 97 37.52 50.90 15.02
N LEU C 98 38.16 50.86 13.84
CA LEU C 98 38.00 49.70 12.97
C LEU C 98 38.46 48.43 13.68
N SER C 99 39.66 48.46 14.27
CA SER C 99 40.14 47.33 15.04
C SER C 99 39.24 47.04 16.23
N MET C 100 38.41 48.01 16.63
CA MET C 100 37.45 47.77 17.69
C MET C 100 36.43 46.71 17.30
N TYR C 101 35.97 46.73 16.05
CA TYR C 101 34.84 45.89 15.66
C TYR C 101 35.10 44.97 14.49
N TYR C 102 36.03 45.32 13.59
CA TYR C 102 36.15 44.56 12.34
C TYR C 102 36.48 43.10 12.59
N ASN C 103 37.42 42.83 13.49
CA ASN C 103 37.80 41.46 13.78
C ASN C 103 36.64 40.64 14.30
N VAL C 104 35.62 41.29 14.88
CA VAL C 104 34.44 40.55 15.34
C VAL C 104 33.83 39.76 14.20
N ILE C 105 33.83 40.34 12.99
CA ILE C 105 33.32 39.63 11.82
C ILE C 105 34.05 38.30 11.66
N ASN C 106 35.38 38.32 11.77
CA ASN C 106 36.15 37.08 11.71
C ASN C 106 35.62 36.06 12.69
N ALA C 107 35.33 36.48 13.93
CA ALA C 107 34.78 35.57 14.92
C ALA C 107 33.54 34.88 14.38
N TRP C 108 32.61 35.66 13.81
CA TRP C 108 31.42 35.07 13.24
C TRP C 108 31.77 34.04 12.19
N ALA C 109 32.73 34.36 11.32
CA ALA C 109 33.20 33.38 10.36
C ALA C 109 33.65 32.11 11.06
N PHE C 110 34.49 32.25 12.09
CA PHE C 110 34.90 31.10 12.88
C PHE C 110 33.69 30.31 13.35
N TRP C 111 32.69 31.02 13.89
CA TRP C 111 31.47 30.35 14.33
C TRP C 111 30.86 29.56 13.18
N TYR C 112 30.64 30.21 12.04
CA TYR C 112 30.04 29.50 10.91
C TYR C 112 30.97 28.45 10.34
N LEU C 113 32.28 28.56 10.59
CA LEU C 113 33.17 27.47 10.25
C LEU C 113 32.98 26.30 11.21
N PHE C 114 32.92 26.60 12.51
CA PHE C 114 32.90 25.53 13.50
C PHE C 114 31.64 24.67 13.40
N HIS C 115 30.52 25.28 13.02
CA HIS C 115 29.31 24.51 12.74
C HIS C 115 29.23 24.15 11.26
N SER C 116 30.33 23.61 10.72
CA SER C 116 30.34 23.16 9.34
C SER C 116 30.87 21.73 9.20
N PHE C 117 30.96 20.97 10.30
CA PHE C 117 31.45 19.60 10.27
C PHE C 117 30.36 18.62 10.71
N GLN C 118 29.10 18.97 10.47
CA GLN C 118 27.97 18.15 10.85
C GLN C 118 27.12 17.85 9.63
N ASP C 119 26.70 16.59 9.48
CA ASP C 119 25.74 16.26 8.44
C ASP C 119 24.42 16.99 8.61
N PRO C 120 23.80 17.02 9.81
CA PRO C 120 22.64 17.89 10.00
C PRO C 120 23.08 19.33 10.29
N LEU C 121 23.35 20.10 9.23
CA LEU C 121 23.83 21.45 9.42
C LEU C 121 22.81 22.26 10.23
N PRO C 122 23.27 23.06 11.20
CA PRO C 122 22.31 23.73 12.10
C PRO C 122 21.32 24.63 11.38
N TRP C 123 21.72 25.25 10.27
CA TRP C 123 20.85 26.13 9.52
C TRP C 123 20.10 25.39 8.41
N SER C 124 20.24 24.07 8.34
CA SER C 124 19.57 23.27 7.32
C SER C 124 18.21 22.76 7.76
N VAL C 125 18.06 22.35 9.01
CA VAL C 125 16.81 21.80 9.53
C VAL C 125 16.39 22.60 10.75
N CYS C 126 15.14 23.03 10.78
CA CYS C 126 14.63 23.78 11.91
C CYS C 126 14.50 22.89 13.14
N PRO C 127 14.72 23.42 14.34
CA PRO C 127 14.50 22.63 15.55
C PRO C 127 13.01 22.35 15.77
N LEU C 128 12.74 21.24 16.44
CA LEU C 128 11.38 20.85 16.73
C LEU C 128 10.80 21.69 17.87
N ASN C 129 9.48 21.85 17.85
CA ASN C 129 8.82 22.71 18.84
C ASN C 129 8.88 22.11 20.24
N GLY C 130 8.94 20.79 20.35
CA GLY C 130 8.96 20.13 21.64
C GLY C 130 8.09 18.90 21.66
N ASN C 131 7.01 18.91 20.87
CA ASN C 131 6.18 17.74 20.69
C ASN C 131 6.75 16.77 19.65
N HIS C 132 7.85 17.15 18.99
CA HIS C 132 8.43 16.37 17.89
C HIS C 132 7.43 16.20 16.75
N THR C 133 6.46 17.11 16.65
CA THR C 133 5.45 17.05 15.60
C THR C 133 5.51 18.21 14.62
N GLY C 134 6.11 19.34 14.97
CA GLY C 134 6.18 20.47 14.08
C GLY C 134 7.51 21.21 14.13
N TYR C 135 7.47 22.52 13.98
CA TYR C 135 8.67 23.34 13.99
C TYR C 135 8.45 24.56 14.88
N ASP C 136 9.56 25.21 15.25
CA ASP C 136 9.48 26.40 16.06
C ASP C 136 8.77 27.52 15.32
N GLU C 137 8.01 28.34 16.06
CA GLU C 137 7.30 29.44 15.44
C GLU C 137 8.27 30.44 14.81
N GLU C 138 9.36 30.76 15.51
CA GLU C 138 10.37 31.64 14.93
C GLU C 138 11.03 31.01 13.72
N CYS C 139 11.33 29.71 13.78
CA CYS C 139 11.95 29.03 12.65
C CYS C 139 10.95 28.71 11.54
N GLU C 140 9.65 28.84 11.80
CA GLU C 140 8.66 28.66 10.75
C GLU C 140 8.35 29.96 10.03
N LYS C 141 8.13 31.05 10.79
CA LYS C 141 7.90 32.35 10.17
C LYS C 141 9.13 32.83 9.40
N ALA C 142 10.32 32.63 9.97
CA ALA C 142 11.57 33.01 9.33
C ALA C 142 12.24 31.79 8.73
N SER C 143 13.24 32.03 7.90
CA SER C 143 13.99 30.95 7.30
C SER C 143 14.86 30.25 8.34
N SER C 144 15.28 29.03 8.01
CA SER C 144 16.17 28.29 8.92
C SER C 144 17.49 29.02 9.11
N THR C 145 18.05 29.55 8.01
CA THR C 145 19.29 30.32 8.13
C THR C 145 19.09 31.58 8.97
N GLN C 146 17.97 32.28 8.77
CA GLN C 146 17.69 33.48 9.57
C GLN C 146 17.53 33.14 11.04
N TYR C 147 16.80 32.06 11.34
CA TYR C 147 16.62 31.66 12.74
C TYR C 147 17.97 31.27 13.37
N PHE C 148 18.80 30.55 12.63
CA PHE C 148 20.10 30.16 13.16
C PHE C 148 20.97 31.39 13.41
N TRP C 149 20.94 32.35 12.49
CA TRP C 149 21.78 33.54 12.62
C TRP C 149 21.32 34.40 13.80
N TYR C 150 20.02 34.71 13.87
CA TYR C 150 19.52 35.66 14.84
C TYR C 150 19.32 35.06 16.23
N ARG C 151 19.22 33.74 16.36
CA ARG C 151 18.91 33.14 17.64
C ARG C 151 20.03 32.23 18.14
N LYS C 152 20.48 31.27 17.33
CA LYS C 152 21.51 30.32 17.77
C LYS C 152 22.92 30.84 17.61
N THR C 153 23.10 31.99 16.94
CA THR C 153 24.42 32.57 16.76
C THR C 153 24.57 33.90 17.47
N LEU C 154 23.64 34.83 17.26
CA LEU C 154 23.68 36.11 17.94
C LEU C 154 22.82 36.16 19.20
N ASN C 155 21.72 35.41 19.24
CA ASN C 155 20.77 35.46 20.35
C ASN C 155 20.31 36.90 20.59
N ILE C 156 19.96 37.58 19.51
CA ILE C 156 19.67 39.01 19.57
C ILE C 156 18.39 39.27 20.35
N SER C 157 18.40 40.35 21.13
CA SER C 157 17.23 40.83 21.87
C SER C 157 16.29 41.59 20.94
N PRO C 158 14.99 41.58 21.22
CA PRO C 158 14.04 42.31 20.36
C PRO C 158 14.31 43.80 20.29
N SER C 159 14.84 44.40 21.35
CA SER C 159 15.10 45.84 21.40
C SER C 159 16.47 46.10 22.00
N LEU C 160 17.02 47.27 21.66
CA LEU C 160 18.34 47.65 22.17
C LEU C 160 18.30 47.99 23.65
N GLN C 161 17.14 48.40 24.16
CA GLN C 161 17.04 48.82 25.56
C GLN C 161 17.38 47.67 26.51
N GLU C 162 16.91 46.47 26.20
CA GLU C 162 17.17 45.29 27.02
C GLU C 162 18.37 44.55 26.43
N ASN C 163 19.44 44.46 27.21
CA ASN C 163 20.64 43.74 26.83
C ASN C 163 21.05 42.80 27.95
N GLY C 164 21.40 41.57 27.59
CA GLY C 164 21.80 40.56 28.54
C GLY C 164 23.29 40.56 28.82
N GLY C 165 23.75 39.46 29.41
CA GLY C 165 25.15 39.31 29.73
C GLY C 165 25.99 38.99 28.51
N VAL C 166 27.29 38.89 28.74
CA VAL C 166 28.24 38.58 27.66
C VAL C 166 28.11 37.11 27.32
N GLN C 167 27.65 36.81 26.10
CA GLN C 167 27.55 35.43 25.65
C GLN C 167 28.94 34.81 25.56
N TRP C 168 29.09 33.62 26.13
CA TRP C 168 30.41 33.02 26.26
C TRP C 168 30.96 32.50 24.94
N GLU C 169 30.12 31.86 24.12
CA GLU C 169 30.61 31.31 22.86
C GLU C 169 31.09 32.40 21.90
N PRO C 170 30.34 33.47 21.64
CA PRO C 170 30.90 34.55 20.82
C PRO C 170 32.13 35.18 21.40
N ALA C 171 32.22 35.28 22.74
CA ALA C 171 33.41 35.83 23.36
C ALA C 171 34.62 34.94 23.09
N LEU C 172 34.44 33.62 23.20
CA LEU C 172 35.53 32.70 22.90
C LEU C 172 35.93 32.78 21.43
N CYS C 173 34.94 32.90 20.54
CA CYS C 173 35.26 33.06 19.12
C CYS C 173 36.06 34.33 18.87
N LEU C 174 35.67 35.43 19.50
CA LEU C 174 36.40 36.68 19.35
C LEU C 174 37.83 36.57 19.89
N LEU C 175 37.98 35.90 21.04
CA LEU C 175 39.31 35.71 21.61
C LEU C 175 40.18 34.85 20.68
N LEU C 176 39.60 33.80 20.09
CA LEU C 176 40.35 33.00 19.13
C LEU C 176 40.75 33.81 17.91
N ALA C 177 39.84 34.66 17.42
CA ALA C 177 40.17 35.50 16.27
C ALA C 177 41.31 36.45 16.60
N TRP C 178 41.28 37.05 17.79
CA TRP C 178 42.37 37.95 18.18
C TRP C 178 43.68 37.20 18.35
N LEU C 179 43.62 35.97 18.88
CA LEU C 179 44.84 35.16 18.99
C LEU C 179 45.41 34.84 17.62
N VAL C 180 44.55 34.51 16.65
CA VAL C 180 45.01 34.24 15.29
C VAL C 180 45.63 35.49 14.69
N VAL C 181 45.01 36.66 14.92
CA VAL C 181 45.56 37.90 14.40
C VAL C 181 46.93 38.17 15.00
N TYR C 182 47.07 37.98 16.31
CA TYR C 182 48.36 38.20 16.97
C TYR C 182 49.42 37.23 16.45
N LEU C 183 49.03 35.97 16.24
CA LEU C 183 49.97 34.99 15.69
C LEU C 183 50.43 35.39 14.29
N CYS C 184 49.49 35.84 13.45
CA CYS C 184 49.87 36.29 12.11
C CYS C 184 50.75 37.52 12.15
N ILE C 185 50.50 38.42 13.11
CA ILE C 185 51.35 39.60 13.27
C ILE C 185 52.78 39.19 13.63
N LEU C 186 52.90 38.30 14.62
CA LEU C 186 54.24 37.88 15.06
C LEU C 186 54.97 37.09 13.98
N ARG C 187 54.26 36.21 13.27
CA ARG C 187 54.91 35.32 12.32
C ARG C 187 55.17 36.01 10.98
N GLY C 188 54.11 36.45 10.31
CA GLY C 188 54.22 36.95 8.96
C GLY C 188 54.74 38.38 8.90
N THR C 189 55.96 38.53 8.37
CA THR C 189 56.53 39.85 8.14
C THR C 189 57.01 40.08 6.70
N GLU C 190 57.56 39.08 6.03
CA GLU C 190 57.99 39.22 4.64
C GLU C 190 57.65 38.04 3.75
N SER C 191 57.06 36.96 4.29
CA SER C 191 56.73 35.80 3.49
C SER C 191 55.47 36.01 2.64
N THR C 192 54.78 37.15 2.81
CA THR C 192 53.54 37.39 2.09
C THR C 192 53.72 37.32 0.57
N GLY C 193 54.93 37.57 0.07
CA GLY C 193 55.18 37.44 -1.36
C GLY C 193 54.85 36.05 -1.88
N LYS C 194 55.18 35.02 -1.09
CA LYS C 194 54.72 33.68 -1.43
C LYS C 194 53.22 33.54 -1.21
N VAL C 195 52.71 34.11 -0.11
CA VAL C 195 51.29 34.01 0.20
C VAL C 195 50.44 34.69 -0.86
N VAL C 196 51.01 35.70 -1.54
CA VAL C 196 50.28 36.38 -2.61
C VAL C 196 49.99 35.41 -3.76
N TYR C 197 50.81 34.37 -3.91
CA TYR C 197 50.59 33.40 -4.98
C TYR C 197 49.34 32.57 -4.77
N PHE C 198 48.80 32.51 -3.55
CA PHE C 198 47.64 31.69 -3.24
C PHE C 198 46.50 32.46 -2.61
N THR C 199 46.78 33.47 -1.78
CA THR C 199 45.75 34.22 -1.08
C THR C 199 45.17 35.37 -1.89
N ALA C 200 45.31 35.33 -3.22
CA ALA C 200 44.80 36.41 -4.06
C ALA C 200 43.85 35.89 -5.12
N SER C 201 43.96 34.60 -5.44
CA SER C 201 43.13 34.00 -6.49
C SER C 201 42.02 33.11 -5.94
N LEU C 202 42.15 32.61 -4.71
CA LEU C 202 41.12 31.75 -4.13
C LEU C 202 39.77 32.44 -4.01
N PRO C 203 39.66 33.70 -3.53
CA PRO C 203 38.32 34.31 -3.47
C PRO C 203 37.63 34.40 -4.81
N TYR C 204 38.37 34.67 -5.88
CA TYR C 204 37.76 34.72 -7.21
C TYR C 204 37.22 33.36 -7.61
N CYS C 205 37.95 32.29 -7.33
CA CYS C 205 37.46 30.95 -7.64
C CYS C 205 36.21 30.62 -6.85
N VAL C 206 36.20 30.97 -5.55
CA VAL C 206 35.03 30.70 -4.73
C VAL C 206 33.83 31.47 -5.25
N LEU C 207 34.02 32.74 -5.60
CA LEU C 207 32.93 33.53 -6.14
C LEU C 207 32.45 33.00 -7.48
N ILE C 208 33.35 32.49 -8.32
CA ILE C 208 32.95 31.89 -9.58
C ILE C 208 32.08 30.66 -9.33
N ILE C 209 32.50 29.81 -8.39
CA ILE C 209 31.73 28.61 -8.07
C ILE C 209 30.35 28.98 -7.56
N TYR C 210 30.28 29.97 -6.66
CA TYR C 210 28.98 30.36 -6.13
C TYR C 210 28.11 31.05 -7.18
N LEU C 211 28.72 31.80 -8.10
CA LEU C 211 27.95 32.36 -9.21
C LEU C 211 27.36 31.27 -10.08
N ILE C 212 28.14 30.22 -10.37
CA ILE C 212 27.64 29.10 -11.15
C ILE C 212 26.47 28.45 -10.42
N ARG C 213 26.62 28.21 -9.12
CA ARG C 213 25.55 27.60 -8.34
C ARG C 213 24.29 28.47 -8.34
N GLY C 214 24.45 29.77 -8.18
CA GLY C 214 23.29 30.66 -8.21
C GLY C 214 22.60 30.68 -9.56
N LEU C 215 23.38 30.73 -10.65
CA LEU C 215 22.81 30.69 -11.98
C LEU C 215 22.17 29.35 -12.32
N THR C 216 22.53 28.29 -11.60
CA THR C 216 21.85 27.01 -11.76
C THR C 216 20.58 26.90 -10.92
N LEU C 217 20.26 27.92 -10.13
CA LEU C 217 19.08 27.90 -9.29
C LEU C 217 17.90 28.56 -10.01
N HIS C 218 16.70 28.04 -9.73
CA HIS C 218 15.49 28.56 -10.34
C HIS C 218 15.17 29.95 -9.79
N GLY C 219 14.68 30.82 -10.68
CA GLY C 219 14.26 32.16 -10.28
C GLY C 219 15.38 33.01 -9.73
N ALA C 220 16.60 32.85 -10.25
CA ALA C 220 17.74 33.63 -9.80
C ALA C 220 17.90 34.92 -10.59
N THR C 221 17.40 34.96 -11.82
CA THR C 221 17.52 36.17 -12.64
C THR C 221 16.74 37.34 -12.06
N ASN C 222 15.74 37.08 -11.23
CA ASN C 222 14.97 38.16 -10.62
C ASN C 222 15.86 39.02 -9.73
N GLY C 223 16.75 38.39 -8.95
CA GLY C 223 17.67 39.16 -8.14
C GLY C 223 18.62 40.00 -8.96
N LEU C 224 19.12 39.44 -10.06
CA LEU C 224 20.01 40.19 -10.95
C LEU C 224 19.28 41.39 -11.56
N MET C 225 18.02 41.19 -11.96
CA MET C 225 17.24 42.31 -12.48
C MET C 225 17.01 43.37 -11.41
N TYR C 226 16.72 42.95 -10.18
CA TYR C 226 16.50 43.91 -9.10
C TYR C 226 17.75 44.70 -8.79
N MET C 227 18.91 44.04 -8.76
CA MET C 227 20.15 44.73 -8.41
C MET C 227 20.57 45.72 -9.49
N PHE C 228 20.23 45.45 -10.74
CA PHE C 228 20.56 46.35 -11.84
C PHE C 228 19.44 47.33 -12.18
N THR C 229 18.35 47.33 -11.42
CA THR C 229 17.23 48.22 -11.69
C THR C 229 17.43 49.53 -10.95
N PRO C 230 17.61 50.65 -11.64
CA PRO C 230 17.80 51.96 -10.98
C PRO C 230 16.49 52.68 -10.70
N LYS C 231 15.82 52.27 -9.63
CA LYS C 231 14.57 52.90 -9.23
C LYS C 231 14.82 54.35 -8.85
N ILE C 232 14.25 55.27 -9.64
CA ILE C 232 14.50 56.70 -9.43
C ILE C 232 13.82 57.22 -8.17
N GLU C 233 12.80 56.52 -7.66
CA GLU C 233 12.11 56.98 -6.46
C GLU C 233 13.05 57.00 -5.26
N GLN C 234 13.87 55.96 -5.09
CA GLN C 234 14.84 55.89 -4.02
C GLN C 234 16.23 56.31 -4.45
N LEU C 235 16.40 56.75 -5.70
CA LEU C 235 17.72 57.17 -6.17
C LEU C 235 18.12 58.52 -5.59
N ALA C 236 17.14 59.36 -5.23
CA ALA C 236 17.40 60.70 -4.74
C ALA C 236 17.73 60.75 -3.25
N ASN C 237 17.82 59.60 -2.59
CA ASN C 237 18.10 59.58 -1.16
C ASN C 237 19.56 59.91 -0.91
N PRO C 238 19.87 60.99 -0.18
CA PRO C 238 21.29 61.30 0.10
C PRO C 238 21.99 60.25 0.92
N LYS C 239 21.24 59.44 1.68
CA LYS C 239 21.86 58.39 2.49
C LYS C 239 22.56 57.38 1.60
N ALA C 240 21.98 57.05 0.45
CA ALA C 240 22.63 56.13 -0.48
C ALA C 240 23.96 56.69 -0.97
N TRP C 241 24.00 57.97 -1.33
CA TRP C 241 25.24 58.58 -1.78
C TRP C 241 26.29 58.59 -0.68
N ILE C 242 25.88 58.94 0.54
CA ILE C 242 26.82 58.98 1.66
C ILE C 242 27.38 57.59 1.95
N ASN C 243 26.51 56.58 1.96
CA ASN C 243 26.96 55.22 2.22
C ASN C 243 27.88 54.72 1.11
N ALA C 244 27.56 55.03 -0.15
CA ALA C 244 28.45 54.63 -1.24
C ALA C 244 29.81 55.28 -1.12
N ALA C 245 29.84 56.58 -0.78
CA ALA C 245 31.11 57.28 -0.65
C ALA C 245 31.95 56.70 0.47
N THR C 246 31.35 56.51 1.65
CA THR C 246 32.12 55.96 2.76
C THR C 246 32.53 54.52 2.51
N GLN C 247 31.69 53.75 1.80
CA GLN C 247 32.04 52.37 1.50
C GLN C 247 33.22 52.29 0.54
N ILE C 248 33.22 53.12 -0.51
CA ILE C 248 34.34 53.08 -1.44
C ILE C 248 35.62 53.61 -0.77
N PHE C 249 35.49 54.62 0.10
CA PHE C 249 36.66 55.09 0.84
C PHE C 249 37.21 54.00 1.75
N PHE C 250 36.33 53.28 2.44
CA PHE C 250 36.78 52.20 3.32
C PHE C 250 37.42 51.06 2.53
N SER C 251 36.81 50.69 1.40
CA SER C 251 37.33 49.58 0.61
C SER C 251 38.69 49.94 0.00
N LEU C 252 38.86 51.17 -0.48
CA LEU C 252 40.13 51.58 -1.03
C LEU C 252 41.18 51.84 0.04
N GLY C 253 40.77 51.92 1.31
CA GLY C 253 41.69 52.20 2.39
C GLY C 253 42.01 53.66 2.59
N LEU C 254 41.33 54.56 1.91
CA LEU C 254 41.58 55.99 2.06
C LEU C 254 41.24 56.45 3.47
N GLY C 255 42.09 57.33 4.00
CA GLY C 255 41.89 57.86 5.34
C GLY C 255 42.63 57.08 6.40
N PHE C 256 42.81 55.79 6.18
CA PHE C 256 43.51 54.95 7.16
C PHE C 256 45.00 55.23 7.19
N GLY C 257 45.58 55.72 6.10
CA GLY C 257 46.99 56.01 6.05
C GLY C 257 47.88 54.85 5.68
N SER C 258 47.33 53.64 5.54
CA SER C 258 48.15 52.51 5.14
C SER C 258 48.65 52.65 3.71
N LEU C 259 47.86 53.30 2.85
CA LEU C 259 48.30 53.52 1.48
C LEU C 259 49.53 54.40 1.43
N ILE C 260 49.57 55.46 2.25
CA ILE C 260 50.72 56.34 2.30
C ILE C 260 51.95 55.58 2.79
N ALA C 261 51.78 54.76 3.83
CA ALA C 261 52.89 53.97 4.36
C ALA C 261 53.42 53.00 3.31
N PHE C 262 52.52 52.35 2.57
CA PHE C 262 52.96 51.43 1.52
C PHE C 262 53.69 52.17 0.40
N ALA C 263 53.16 53.34 0.00
CA ALA C 263 53.79 54.11 -1.06
C ALA C 263 55.16 54.64 -0.65
N SER C 264 55.35 54.90 0.66
CA SER C 264 56.65 55.35 1.14
C SER C 264 57.72 54.27 1.01
N TYR C 265 57.33 53.01 0.86
CA TYR C 265 58.27 51.90 0.78
C TYR C 265 58.62 51.51 -0.65
N ASN C 266 58.07 52.20 -1.64
CA ASN C 266 58.32 51.89 -3.04
C ASN C 266 59.40 52.80 -3.62
N GLU C 267 59.91 52.39 -4.78
CA GLU C 267 60.95 53.17 -5.44
C GLU C 267 60.39 54.51 -5.92
N PRO C 268 61.22 55.56 -5.93
CA PRO C 268 60.74 56.86 -6.41
C PRO C 268 60.28 56.85 -7.85
N SER C 269 60.85 55.99 -8.68
CA SER C 269 60.47 55.91 -10.09
C SER C 269 59.33 54.94 -10.34
N ASN C 270 58.77 54.33 -9.29
CA ASN C 270 57.66 53.41 -9.47
C ASN C 270 56.43 54.14 -9.98
N ASN C 271 55.73 53.52 -10.93
CA ASN C 271 54.53 54.11 -11.52
C ASN C 271 53.40 54.10 -10.50
N CYS C 272 52.71 55.23 -10.38
CA CYS C 272 51.64 55.40 -9.40
C CYS C 272 50.27 55.56 -10.02
N GLN C 273 50.15 56.28 -11.14
CA GLN C 273 48.85 56.46 -11.78
C GLN C 273 48.28 55.12 -12.24
N LYS C 274 49.10 54.32 -12.92
CA LYS C 274 48.65 53.00 -13.34
C LYS C 274 48.30 52.14 -12.14
N HIS C 275 49.12 52.18 -11.10
CA HIS C 275 48.85 51.39 -9.90
C HIS C 275 47.53 51.78 -9.26
N ALA C 276 47.29 53.08 -9.10
CA ALA C 276 46.06 53.54 -8.47
C ALA C 276 44.84 53.18 -9.31
N ILE C 277 44.93 53.39 -10.63
CA ILE C 277 43.80 53.07 -11.50
C ILE C 277 43.49 51.58 -11.47
N ILE C 278 44.54 50.75 -11.53
CA ILE C 278 44.34 49.31 -11.50
C ILE C 278 43.71 48.87 -10.19
N VAL C 279 44.21 49.41 -9.07
CA VAL C 279 43.68 49.03 -7.76
C VAL C 279 42.21 49.42 -7.67
N SER C 280 41.86 50.64 -8.06
CA SER C 280 40.48 51.10 -7.97
C SER C 280 39.56 50.26 -8.85
N LEU C 281 39.99 50.00 -10.09
CA LEU C 281 39.16 49.23 -11.01
C LEU C 281 38.98 47.79 -10.53
N ILE C 282 40.05 47.17 -10.00
CA ILE C 282 39.95 45.81 -9.50
C ILE C 282 39.02 45.75 -8.30
N ASN C 283 39.13 46.73 -7.39
CA ASN C 283 38.25 46.76 -6.22
C ASN C 283 36.80 46.90 -6.65
N SER C 284 36.53 47.81 -7.60
CA SER C 284 35.16 48.00 -8.07
C SER C 284 34.63 46.75 -8.73
N PHE C 285 35.45 46.10 -9.58
CA PHE C 285 35.00 44.89 -10.27
C PHE C 285 34.72 43.76 -9.29
N THR C 286 35.59 43.60 -8.28
CA THR C 286 35.36 42.56 -7.29
C THR C 286 34.10 42.82 -6.50
N SER C 287 33.86 44.08 -6.11
CA SER C 287 32.63 44.42 -5.40
C SER C 287 31.40 44.13 -6.26
N ILE C 288 31.46 44.49 -7.54
CA ILE C 288 30.33 44.26 -8.43
C ILE C 288 30.07 42.76 -8.58
N PHE C 289 31.13 41.96 -8.74
CA PHE C 289 30.97 40.52 -8.90
C PHE C 289 30.38 39.89 -7.63
N ALA C 290 30.88 40.29 -6.46
CA ALA C 290 30.34 39.77 -5.21
C ALA C 290 28.88 40.16 -5.06
N SER C 291 28.52 41.40 -5.41
CA SER C 291 27.13 41.82 -5.37
C SER C 291 26.28 40.99 -6.33
N ILE C 292 26.82 40.70 -7.52
CA ILE C 292 26.08 39.90 -8.49
C ILE C 292 25.75 38.53 -7.91
N VAL C 293 26.75 37.85 -7.34
CA VAL C 293 26.51 36.51 -6.80
C VAL C 293 25.53 36.58 -5.61
N THR C 294 25.78 37.51 -4.69
CA THR C 294 24.94 37.61 -3.51
C THR C 294 23.50 37.93 -3.87
N PHE C 295 23.28 38.83 -4.82
CA PHE C 295 21.93 39.19 -5.21
C PHE C 295 21.28 38.13 -6.09
N SER C 296 22.06 37.31 -6.80
CA SER C 296 21.47 36.14 -7.45
C SER C 296 20.89 35.19 -6.42
N ILE C 297 21.66 34.90 -5.36
CA ILE C 297 21.15 34.03 -4.30
C ILE C 297 19.98 34.70 -3.58
N TYR C 298 20.04 36.02 -3.41
CA TYR C 298 18.96 36.74 -2.76
C TYR C 298 17.68 36.69 -3.60
N GLY C 299 17.80 36.81 -4.91
CA GLY C 299 16.63 36.68 -5.77
C GLY C 299 16.07 35.26 -5.74
N PHE C 300 16.96 34.27 -5.63
CA PHE C 300 16.48 32.90 -5.43
C PHE C 300 15.67 32.79 -4.14
N LYS C 301 16.16 33.39 -3.06
CA LYS C 301 15.42 33.37 -1.80
C LYS C 301 14.08 34.07 -1.94
N ALA C 302 14.05 35.23 -2.60
CA ALA C 302 12.81 35.97 -2.77
C ALA C 302 11.80 35.18 -3.60
N THR C 303 12.27 34.54 -4.67
CA THR C 303 11.38 33.71 -5.48
C THR C 303 10.85 32.54 -4.67
N PHE C 304 11.70 31.90 -3.87
CA PHE C 304 11.24 30.78 -3.05
C PHE C 304 10.19 31.22 -2.04
N ASN C 305 10.41 32.38 -1.40
CA ASN C 305 9.45 32.88 -0.43
C ASN C 305 8.13 33.25 -1.11
N TYR C 306 8.20 33.86 -2.29
CA TYR C 306 6.98 34.22 -3.02
C TYR C 306 6.19 32.97 -3.40
N GLU C 307 6.89 31.95 -3.90
CA GLU C 307 6.22 30.70 -4.27
C GLU C 307 5.62 30.02 -3.04
N ASN C 308 6.34 30.04 -1.92
CA ASN C 308 5.83 29.43 -0.69
C ASN C 308 4.58 30.15 -0.21
N CYS C 309 4.58 31.49 -0.26
CA CYS C 309 3.41 32.24 0.16
C CYS C 309 2.22 31.97 -0.75
N LEU C 310 2.44 31.92 -2.06
CA LEU C 310 1.35 31.60 -2.98
C LEU C 310 0.82 30.19 -2.73
N LYS C 311 1.72 29.24 -2.48
CA LYS C 311 1.29 27.87 -2.22
C LYS C 311 0.47 27.79 -0.92
N LYS C 312 0.89 28.52 0.11
CA LYS C 312 0.12 28.52 1.36
C LYS C 312 -1.25 29.14 1.16
N VAL C 313 -1.33 30.24 0.42
CA VAL C 313 -2.61 30.88 0.16
C VAL C 313 -3.52 29.94 -0.63
N SER C 314 -2.98 29.30 -1.67
CA SER C 314 -3.76 28.36 -2.46
C SER C 314 -4.21 27.17 -1.63
N LEU C 315 -3.36 26.63 -0.76
CA LEU C 315 -3.76 25.53 0.10
C LEU C 315 -4.85 25.94 1.07
N LEU C 316 -4.76 27.13 1.65
CA LEU C 316 -5.80 27.61 2.54
C LEU C 316 -7.13 27.75 1.81
N LEU C 317 -7.10 28.34 0.61
CA LEU C 317 -8.34 28.49 -0.15
C LEU C 317 -8.92 27.14 -0.54
N THR C 318 -8.06 26.20 -0.95
CA THR C 318 -8.55 24.88 -1.33
C THR C 318 -9.16 24.14 -0.14
N ASN C 319 -8.53 24.25 1.03
CA ASN C 319 -9.07 23.60 2.22
C ASN C 319 -10.39 24.22 2.65
N THR C 320 -10.51 25.55 2.61
CA THR C 320 -11.69 26.22 3.12
C THR C 320 -12.80 26.35 2.08
N PHE C 321 -12.55 25.99 0.83
CA PHE C 321 -13.60 26.02 -0.19
C PHE C 321 -13.75 24.66 -0.89
N ASP C 322 -12.97 23.66 -0.49
CA ASP C 322 -13.07 22.31 -1.01
C ASP C 322 -12.96 22.26 -2.52
N LEU C 323 -11.83 22.70 -3.05
CA LEU C 323 -11.53 22.65 -4.47
C LEU C 323 -10.61 21.47 -4.76
N GLU C 324 -10.37 21.23 -6.04
CA GLU C 324 -9.47 20.16 -6.42
C GLU C 324 -8.02 20.53 -6.06
N ASP C 325 -7.18 19.49 -5.96
CA ASP C 325 -5.79 19.73 -5.56
C ASP C 325 -5.05 20.55 -6.60
N GLY C 326 -5.23 20.24 -7.87
CA GLY C 326 -4.52 20.95 -8.92
C GLY C 326 -5.35 22.01 -9.63
N PHE C 327 -6.61 22.16 -9.21
CA PHE C 327 -7.48 23.15 -9.84
C PHE C 327 -6.96 24.56 -9.63
N LEU C 328 -6.52 24.88 -8.42
CA LEU C 328 -6.04 26.21 -8.07
C LEU C 328 -4.52 26.24 -8.25
N THR C 329 -4.04 27.17 -9.06
CA THR C 329 -2.62 27.36 -9.30
C THR C 329 -2.27 28.84 -9.15
N ALA C 330 -0.97 29.14 -9.21
CA ALA C 330 -0.52 30.52 -9.08
C ALA C 330 -0.99 31.37 -10.25
N SER C 331 -0.95 30.81 -11.46
CA SER C 331 -1.26 31.58 -12.66
C SER C 331 -2.72 31.97 -12.78
N ASN C 332 -3.61 31.33 -12.01
CA ASN C 332 -5.04 31.63 -12.07
C ASN C 332 -5.60 31.80 -10.66
N LEU C 333 -4.90 32.56 -9.83
CA LEU C 333 -5.34 32.76 -8.45
C LEU C 333 -6.46 33.79 -8.36
N GLU C 334 -6.21 34.99 -8.88
CA GLU C 334 -7.17 36.09 -8.72
C GLU C 334 -8.50 35.77 -9.38
N GLN C 335 -8.47 35.05 -10.51
CA GLN C 335 -9.71 34.69 -11.19
C GLN C 335 -10.56 33.77 -10.31
N VAL C 336 -9.92 32.77 -9.70
CA VAL C 336 -10.65 31.86 -8.81
C VAL C 336 -11.14 32.61 -7.57
N LYS C 337 -10.35 33.57 -7.09
CA LYS C 337 -10.77 34.39 -5.96
C LYS C 337 -12.03 35.18 -6.31
N GLY C 338 -12.06 35.76 -7.51
CA GLY C 338 -13.25 36.47 -7.95
C GLY C 338 -14.45 35.56 -8.10
N TYR C 339 -14.24 34.36 -8.64
CA TYR C 339 -15.33 33.42 -8.77
C TYR C 339 -15.89 33.02 -7.40
N LEU C 340 -15.00 32.79 -6.43
CA LEU C 340 -15.44 32.45 -5.08
C LEU C 340 -16.19 33.61 -4.45
N ALA C 341 -15.71 34.84 -4.64
CA ALA C 341 -16.40 36.00 -4.10
C ALA C 341 -17.79 36.15 -4.70
N SER C 342 -17.92 35.91 -6.01
CA SER C 342 -19.20 35.99 -6.67
C SER C 342 -20.13 34.84 -6.30
N ALA C 343 -19.59 33.68 -5.94
CA ALA C 343 -20.43 32.53 -5.60
C ALA C 343 -21.11 32.73 -4.24
N TYR C 344 -20.31 32.88 -3.18
CA TYR C 344 -20.84 33.10 -1.83
C TYR C 344 -19.90 34.02 -1.09
N PRO C 345 -20.18 35.32 -1.09
CA PRO C 345 -19.26 36.28 -0.43
C PRO C 345 -19.15 36.09 1.07
N SER C 346 -20.11 35.42 1.71
CA SER C 346 -20.04 35.24 3.16
C SER C 346 -18.82 34.40 3.55
N LYS C 347 -18.65 33.23 2.93
CA LYS C 347 -17.50 32.39 3.22
C LYS C 347 -16.19 33.08 2.86
N TYR C 348 -16.15 33.77 1.71
CA TYR C 348 -14.92 34.46 1.31
C TYR C 348 -14.55 35.55 2.31
N SER C 349 -15.54 36.32 2.77
CA SER C 349 -15.27 37.36 3.75
C SER C 349 -14.96 36.79 5.13
N GLU C 350 -15.41 35.57 5.43
CA GLU C 350 -15.09 34.95 6.71
C GLU C 350 -13.60 34.71 6.87
N MET C 351 -12.84 34.69 5.77
CA MET C 351 -11.40 34.47 5.82
C MET C 351 -10.61 35.49 5.02
N PHE C 352 -11.26 36.56 4.56
CA PHE C 352 -10.56 37.59 3.79
C PHE C 352 -9.36 38.20 4.51
N PRO C 353 -9.43 38.58 5.79
CA PRO C 353 -8.21 39.06 6.47
C PRO C 353 -7.11 38.01 6.56
N GLN C 354 -7.45 36.72 6.54
CA GLN C 354 -6.42 35.69 6.62
C GLN C 354 -5.61 35.60 5.33
N ILE C 355 -6.21 35.96 4.20
CA ILE C 355 -5.50 35.94 2.92
C ILE C 355 -4.42 37.02 2.94
N LYS C 356 -3.22 36.64 2.49
CA LYS C 356 -2.08 37.55 2.47
C LYS C 356 -1.67 37.84 1.03
N ASN C 357 -1.43 39.12 0.75
CA ASN C 357 -0.99 39.56 -0.58
C ASN C 357 0.53 39.61 -0.59
N CYS C 358 1.14 38.73 -1.38
CA CYS C 358 2.59 38.65 -1.48
C CYS C 358 3.02 38.77 -2.93
N SER C 359 4.00 39.63 -3.18
CA SER C 359 4.51 39.89 -4.52
C SER C 359 6.03 39.85 -4.50
N LEU C 360 6.61 39.70 -5.69
CA LEU C 360 8.07 39.62 -5.80
C LEU C 360 8.74 40.89 -5.32
N GLU C 361 8.14 42.05 -5.60
CA GLU C 361 8.75 43.32 -5.20
C GLU C 361 8.86 43.43 -3.68
N SER C 362 7.80 43.09 -2.97
CA SER C 362 7.82 43.19 -1.51
C SER C 362 8.86 42.24 -0.91
N GLU C 363 8.94 41.02 -1.44
CA GLU C 363 9.94 40.07 -0.95
C GLU C 363 11.34 40.59 -1.22
N LEU C 364 11.64 40.97 -2.46
CA LEU C 364 12.95 41.51 -2.79
C LEU C 364 13.30 42.72 -1.93
N ASP C 365 12.29 43.47 -1.51
CA ASP C 365 12.55 44.58 -0.59
C ASP C 365 12.87 44.10 0.82
N THR C 366 12.19 43.04 1.28
CA THR C 366 12.33 42.62 2.67
C THR C 366 12.47 41.11 2.82
N ALA C 367 13.13 40.44 1.87
CA ALA C 367 13.42 39.02 2.06
C ALA C 367 14.44 38.83 3.19
N VAL C 368 15.66 39.31 2.99
CA VAL C 368 16.73 39.23 3.98
C VAL C 368 17.40 40.59 4.05
N GLN C 369 17.61 41.09 5.27
CA GLN C 369 18.29 42.37 5.44
C GLN C 369 18.95 42.39 6.81
N GLY C 370 19.92 43.28 6.96
CA GLY C 370 20.69 43.42 8.18
C GLY C 370 22.17 43.33 7.91
N THR C 371 22.94 43.43 9.00
CA THR C 371 24.39 43.37 8.90
C THR C 371 24.92 42.01 8.52
N GLY C 372 24.13 40.96 8.69
CA GLY C 372 24.57 39.62 8.35
C GLY C 372 23.92 39.08 7.09
N LEU C 373 23.71 39.96 6.11
CA LEU C 373 23.10 39.53 4.86
C LEU C 373 23.95 38.50 4.13
N ALA C 374 25.26 38.72 4.08
CA ALA C 374 26.15 37.80 3.39
C ALA C 374 26.12 36.42 4.02
N PHE C 375 26.16 36.36 5.35
CA PHE C 375 26.16 35.07 6.03
C PHE C 375 24.88 34.29 5.73
N ILE C 376 23.72 34.93 5.89
CA ILE C 376 22.45 34.25 5.67
C ILE C 376 22.33 33.81 4.22
N VAL C 377 22.67 34.70 3.29
CA VAL C 377 22.53 34.41 1.86
C VAL C 377 23.43 33.25 1.47
N TYR C 378 24.69 33.26 1.90
CA TYR C 378 25.61 32.20 1.52
C TYR C 378 25.28 30.89 2.22
N THR C 379 24.76 30.93 3.46
CA THR C 379 24.30 29.70 4.08
C THR C 379 23.12 29.10 3.33
N GLU C 380 22.20 29.95 2.87
CA GLU C 380 21.11 29.46 2.04
C GLU C 380 21.62 28.82 0.77
N ALA C 381 22.62 29.45 0.14
CA ALA C 381 23.22 28.87 -1.06
C ALA C 381 23.88 27.53 -0.75
N ILE C 382 24.56 27.44 0.40
CA ILE C 382 25.25 26.22 0.78
C ILE C 382 24.26 25.08 1.01
N LYS C 383 23.15 25.35 1.70
CA LYS C 383 22.22 24.29 2.04
C LYS C 383 21.54 23.66 0.82
N ASN C 384 21.64 24.30 -0.36
CA ASN C 384 21.09 23.74 -1.59
C ASN C 384 22.20 23.23 -2.51
N MET C 385 23.32 22.80 -1.94
CA MET C 385 24.43 22.25 -2.70
C MET C 385 24.31 20.74 -2.76
N GLU C 386 25.32 20.09 -3.34
CA GLU C 386 25.40 18.63 -3.34
C GLU C 386 26.17 18.14 -2.11
N VAL C 387 27.42 18.59 -1.96
CA VAL C 387 28.18 18.35 -0.74
C VAL C 387 28.27 19.67 0.01
N SER C 388 27.31 19.91 0.90
CA SER C 388 27.20 21.22 1.54
C SER C 388 28.40 21.53 2.41
N GLN C 389 28.92 20.53 3.13
CA GLN C 389 30.00 20.78 4.08
C GLN C 389 31.26 21.28 3.37
N LEU C 390 31.59 20.70 2.22
CA LEU C 390 32.82 21.09 1.52
C LEU C 390 32.75 22.54 1.07
N TRP C 391 31.67 22.91 0.38
CA TRP C 391 31.54 24.29 -0.09
C TRP C 391 31.45 25.27 1.07
N SER C 392 30.75 24.88 2.15
CA SER C 392 30.65 25.74 3.32
C SER C 392 32.03 26.01 3.91
N VAL C 393 32.83 24.95 4.08
CA VAL C 393 34.17 25.11 4.65
C VAL C 393 35.03 25.96 3.74
N LEU C 394 34.96 25.73 2.43
CA LEU C 394 35.78 26.50 1.50
C LEU C 394 35.42 27.99 1.55
N TYR C 395 34.13 28.30 1.46
CA TYR C 395 33.71 29.70 1.46
C TYR C 395 34.04 30.38 2.79
N PHE C 396 33.80 29.70 3.90
CA PHE C 396 34.09 30.31 5.20
C PHE C 396 35.57 30.50 5.42
N PHE C 397 36.40 29.55 4.94
CA PHE C 397 37.84 29.72 5.02
C PHE C 397 38.30 30.90 4.17
N MET C 398 37.71 31.07 2.98
CA MET C 398 38.06 32.21 2.14
C MET C 398 37.69 33.52 2.83
N LEU C 399 36.49 33.58 3.40
CA LEU C 399 36.06 34.80 4.09
C LEU C 399 36.94 35.09 5.30
N LEU C 400 37.30 34.05 6.05
CA LEU C 400 38.17 34.22 7.20
C LEU C 400 39.55 34.71 6.78
N MET C 401 40.09 34.17 5.67
CA MET C 401 41.38 34.62 5.18
C MET C 401 41.33 36.09 4.76
N LEU C 402 40.27 36.48 4.06
CA LEU C 402 40.12 37.87 3.66
C LEU C 402 40.04 38.79 4.88
N GLY C 403 39.25 38.40 5.88
CA GLY C 403 39.15 39.20 7.08
C GLY C 403 40.47 39.28 7.84
N ILE C 404 41.21 38.17 7.88
CA ILE C 404 42.51 38.16 8.53
C ILE C 404 43.47 39.10 7.82
N GLY C 405 43.47 39.08 6.49
CA GLY C 405 44.34 39.99 5.75
C GLY C 405 43.98 41.44 5.99
N SER C 406 42.68 41.75 5.97
CA SER C 406 42.25 43.13 6.22
C SER C 406 42.64 43.58 7.62
N MET C 407 42.44 42.71 8.62
CA MET C 407 42.80 43.06 9.99
C MET C 407 44.31 43.20 10.14
N LEU C 408 45.09 42.37 9.44
CA LEU C 408 46.54 42.51 9.47
C LEU C 408 46.96 43.86 8.91
N GLY C 409 46.37 44.26 7.78
CA GLY C 409 46.69 45.57 7.23
C GLY C 409 46.32 46.70 8.17
N ASN C 410 45.12 46.64 8.75
CA ASN C 410 44.67 47.68 9.67
C ASN C 410 45.57 47.75 10.90
N THR C 411 45.93 46.59 11.47
CA THR C 411 46.76 46.57 12.66
C THR C 411 48.18 47.03 12.37
N ALA C 412 48.72 46.68 11.20
CA ALA C 412 50.04 47.21 10.82
C ALA C 412 50.00 48.72 10.67
N ALA C 413 48.94 49.25 10.05
CA ALA C 413 48.80 50.70 9.93
C ALA C 413 48.68 51.35 11.30
N ILE C 414 48.01 50.70 12.24
CA ILE C 414 47.88 51.25 13.59
C ILE C 414 49.23 51.23 14.30
N LEU C 415 49.94 50.11 14.20
CA LEU C 415 51.17 49.92 14.99
C LEU C 415 52.36 50.66 14.42
N THR C 416 52.33 51.03 13.14
CA THR C 416 53.48 51.71 12.55
C THR C 416 53.82 53.02 13.25
N PRO C 417 52.87 53.94 13.51
CA PRO C 417 53.22 55.12 14.32
C PRO C 417 53.68 54.77 15.72
N LEU C 418 53.10 53.73 16.32
CA LEU C 418 53.55 53.30 17.64
C LEU C 418 54.92 52.67 17.59
N THR C 419 55.23 51.92 16.52
CA THR C 419 56.57 51.36 16.36
C THR C 419 57.60 52.46 16.18
N ASP C 420 57.24 53.51 15.42
CA ASP C 420 58.17 54.62 15.21
C ASP C 420 58.39 55.45 16.46
N SER C 421 57.56 55.27 17.49
CA SER C 421 57.70 56.04 18.72
C SER C 421 58.94 55.58 19.48
N LYS C 422 59.96 56.44 19.53
CA LYS C 422 61.20 56.09 20.22
C LYS C 422 60.98 55.95 21.73
N ILE C 423 60.16 56.83 22.31
CA ILE C 423 59.93 56.78 23.75
C ILE C 423 59.23 55.49 24.14
N ILE C 424 58.22 55.09 23.37
CA ILE C 424 57.50 53.86 23.68
C ILE C 424 58.39 52.63 23.45
N SER C 425 59.21 52.67 22.41
CA SER C 425 60.08 51.53 22.11
C SER C 425 61.13 51.33 23.21
N SER C 426 61.63 52.41 23.80
CA SER C 426 62.64 52.34 24.84
C SER C 426 62.08 51.95 26.20
N HIS C 427 60.74 51.92 26.35
CA HIS C 427 60.12 51.58 27.62
C HIS C 427 59.60 50.15 27.66
N LEU C 428 59.10 49.63 26.55
CA LEU C 428 58.54 48.29 26.48
C LEU C 428 59.07 47.58 25.25
N PRO C 429 59.14 46.25 25.28
CA PRO C 429 59.56 45.51 24.08
C PRO C 429 58.60 45.73 22.92
N LYS C 430 59.15 45.68 21.70
CA LYS C 430 58.33 45.89 20.51
C LYS C 430 57.26 44.82 20.36
N GLU C 431 57.58 43.57 20.68
CA GLU C 431 56.63 42.48 20.54
C GLU C 431 55.48 42.58 21.54
N ALA C 432 55.73 43.08 22.76
CA ALA C 432 54.68 43.18 23.75
C ALA C 432 53.66 44.27 23.42
N ILE C 433 54.03 45.25 22.59
CA ILE C 433 53.08 46.28 22.20
C ILE C 433 51.93 45.67 21.41
N SER C 434 52.23 44.74 20.49
CA SER C 434 51.18 44.09 19.73
C SER C 434 50.24 43.31 20.63
N GLY C 435 50.79 42.58 21.62
CA GLY C 435 49.95 41.85 22.54
C GLY C 435 49.06 42.77 23.38
N LEU C 436 49.63 43.89 23.85
CA LEU C 436 48.83 44.84 24.60
C LEU C 436 47.71 45.43 23.76
N VAL C 437 48.01 45.78 22.51
CA VAL C 437 47.00 46.34 21.62
C VAL C 437 45.90 45.31 21.36
N CYS C 438 46.28 44.05 21.11
CA CYS C 438 45.29 43.01 20.88
C CYS C 438 44.41 42.79 22.10
N LEU C 439 45.01 42.79 23.29
CA LEU C 439 44.24 42.61 24.52
C LEU C 439 43.25 43.75 24.72
N VAL C 440 43.71 44.98 24.51
CA VAL C 440 42.82 46.13 24.68
C VAL C 440 41.69 46.09 23.66
N ASN C 441 42.00 45.76 22.41
CA ASN C 441 40.97 45.69 21.38
C ASN C 441 39.96 44.59 21.69
N CYS C 442 40.42 43.44 22.16
CA CYS C 442 39.51 42.36 22.53
C CYS C 442 38.61 42.77 23.69
N ALA C 443 39.19 43.45 24.69
CA ALA C 443 38.40 43.92 25.83
C ALA C 443 37.33 44.91 25.38
N ILE C 444 37.68 45.80 24.46
CA ILE C 444 36.70 46.78 23.98
C ILE C 444 35.64 46.09 23.12
N GLY C 445 36.04 45.15 22.27
CA GLY C 445 35.11 44.48 21.38
C GLY C 445 34.30 43.37 22.00
N MET C 446 34.58 43.01 23.25
CA MET C 446 33.73 42.05 23.94
C MET C 446 32.31 42.56 24.12
N VAL C 447 32.09 43.87 23.95
CA VAL C 447 30.75 44.43 24.05
C VAL C 447 29.83 43.84 22.97
N PHE C 448 30.38 43.60 21.78
CA PHE C 448 29.59 43.07 20.67
C PHE C 448 29.12 41.64 20.91
N THR C 449 29.64 40.95 21.91
CA THR C 449 29.28 39.57 22.19
C THR C 449 28.08 39.44 23.11
N MET C 450 27.47 40.55 23.52
CA MET C 450 26.29 40.49 24.36
C MET C 450 25.06 40.11 23.53
N GLU C 451 23.91 40.06 24.19
CA GLU C 451 22.66 39.78 23.50
C GLU C 451 22.34 40.88 22.49
N ALA C 452 22.53 42.14 22.88
CA ALA C 452 22.29 43.28 22.01
C ALA C 452 23.55 43.82 21.38
N GLY C 453 24.62 43.01 21.30
CA GLY C 453 25.85 43.48 20.71
C GLY C 453 25.75 43.72 19.21
N ASN C 454 24.79 43.07 18.55
CA ASN C 454 24.60 43.27 17.12
C ASN C 454 24.19 44.70 16.80
N TYR C 455 23.36 45.31 17.66
CA TYR C 455 22.98 46.70 17.45
C TYR C 455 24.18 47.63 17.54
N TRP C 456 25.05 47.41 18.53
CA TRP C 456 26.26 48.22 18.65
C TRP C 456 27.20 47.99 17.47
N PHE C 457 27.28 46.75 16.99
CA PHE C 457 28.08 46.47 15.80
C PHE C 457 27.53 47.22 14.60
N ASP C 458 26.21 47.25 14.44
CA ASP C 458 25.62 48.01 13.35
C ASP C 458 25.91 49.50 13.50
N ILE C 459 25.83 50.01 14.72
CA ILE C 459 26.10 51.44 14.96
C ILE C 459 27.54 51.77 14.56
N PHE C 460 28.49 50.93 14.98
CA PHE C 460 29.90 51.17 14.66
C PHE C 460 30.24 50.84 13.22
N ASN C 461 29.40 50.10 12.52
CA ASN C 461 29.57 49.91 11.08
C ASN C 461 28.91 51.01 10.25
N ASP C 462 28.00 51.77 10.85
CA ASP C 462 27.30 52.82 10.13
C ASP C 462 27.90 54.21 10.32
N TYR C 463 28.52 54.47 11.47
CA TYR C 463 28.96 55.83 11.79
C TYR C 463 30.42 55.95 12.21
N ALA C 464 31.06 54.86 12.64
CA ALA C 464 32.45 54.97 13.08
C ALA C 464 33.42 55.17 11.91
N ALA C 465 32.95 55.03 10.67
CA ALA C 465 33.78 55.28 9.50
C ALA C 465 33.08 56.09 8.43
N THR C 466 31.88 56.62 8.71
CA THR C 466 31.15 57.37 7.69
C THR C 466 31.64 58.82 7.60
N LEU C 467 31.49 59.57 8.69
CA LEU C 467 31.92 60.97 8.69
C LEU C 467 33.42 61.11 8.85
N SER C 468 34.05 60.21 9.60
CA SER C 468 35.48 60.34 9.89
C SER C 468 36.31 60.25 8.62
N LEU C 469 36.04 59.23 7.79
CA LEU C 469 36.80 59.06 6.55
C LEU C 469 36.58 60.24 5.61
N LEU C 470 35.34 60.70 5.50
CA LEU C 470 35.05 61.85 4.63
C LEU C 470 35.80 63.08 5.08
N LEU C 471 35.78 63.37 6.38
CA LEU C 471 36.49 64.54 6.89
C LEU C 471 38.00 64.41 6.69
N ILE C 472 38.55 63.22 6.95
CA ILE C 472 39.99 63.03 6.78
C ILE C 472 40.38 63.24 5.32
N VAL C 473 39.61 62.66 4.39
CA VAL C 473 39.91 62.82 2.97
C VAL C 473 39.80 64.28 2.56
N LEU C 474 38.77 64.98 3.06
CA LEU C 474 38.61 66.39 2.73
C LEU C 474 39.80 67.21 3.23
N VAL C 475 40.24 66.96 4.45
CA VAL C 475 41.39 67.69 4.98
C VAL C 475 42.63 67.40 4.16
N GLU C 476 42.85 66.12 3.81
CA GLU C 476 44.03 65.76 3.05
C GLU C 476 44.04 66.44 1.68
N THR C 477 42.89 66.41 0.98
CA THR C 477 42.86 66.99 -0.36
C THR C 477 42.95 68.51 -0.31
N ILE C 478 42.36 69.14 0.73
CA ILE C 478 42.52 70.59 0.88
C ILE C 478 43.98 70.95 1.10
N ALA C 479 44.65 70.20 1.98
CA ALA C 479 46.07 70.47 2.26
C ALA C 479 46.91 70.29 1.01
N VAL C 480 46.65 69.23 0.23
CA VAL C 480 47.41 69.01 -1.00
C VAL C 480 47.15 70.07 -2.05
N CYS C 481 45.89 70.47 -2.25
CA CYS C 481 45.54 71.39 -3.32
C CYS C 481 45.92 72.83 -3.02
N TYR C 482 45.70 73.28 -1.77
CA TYR C 482 45.84 74.71 -1.47
C TYR C 482 46.94 75.04 -0.48
N VAL C 483 47.21 74.19 0.51
CA VAL C 483 48.22 74.52 1.52
C VAL C 483 49.62 74.37 0.94
N TYR C 484 49.97 73.16 0.50
CA TYR C 484 51.29 72.94 -0.08
C TYR C 484 51.44 73.62 -1.43
N GLY C 485 50.37 73.65 -2.22
CA GLY C 485 50.43 74.22 -3.55
C GLY C 485 50.38 73.17 -4.63
N LEU C 486 49.37 73.25 -5.50
CA LEU C 486 49.23 72.26 -6.57
C LEU C 486 50.39 72.32 -7.55
N ARG C 487 50.83 73.52 -7.91
CA ARG C 487 51.94 73.66 -8.85
C ARG C 487 53.23 73.08 -8.28
N ARG C 488 53.49 73.35 -7.00
CA ARG C 488 54.70 72.81 -6.36
C ARG C 488 54.67 71.28 -6.33
N PHE C 489 53.51 70.71 -5.98
CA PHE C 489 53.38 69.26 -5.94
C PHE C 489 53.55 68.66 -7.33
N GLU C 490 52.97 69.29 -8.34
CA GLU C 490 53.12 68.80 -9.72
C GLU C 490 54.58 68.87 -10.16
N SER C 491 55.27 69.96 -9.82
CA SER C 491 56.69 70.07 -10.17
C SER C 491 57.51 69.00 -9.46
N ASP C 492 57.23 68.74 -8.19
CA ASP C 492 57.95 67.71 -7.47
C ASP C 492 57.72 66.33 -8.08
N LEU C 493 56.47 66.03 -8.45
CA LEU C 493 56.17 64.75 -9.07
C LEU C 493 56.86 64.62 -10.43
N LYS C 494 56.86 65.70 -11.21
CA LYS C 494 57.53 65.67 -12.51
C LYS C 494 59.03 65.46 -12.36
N ALA C 495 59.63 66.09 -11.34
CA ALA C 495 61.05 65.88 -11.08
C ALA C 495 61.31 64.45 -10.63
N MET C 496 60.41 63.89 -9.83
CA MET C 496 60.61 62.54 -9.31
C MET C 496 60.50 61.48 -10.41
N THR C 497 59.48 61.58 -11.25
CA THR C 497 59.24 60.53 -12.24
C THR C 497 58.94 61.02 -13.65
N GLY C 498 58.68 62.30 -13.86
CA GLY C 498 58.31 62.79 -15.18
C GLY C 498 56.85 62.51 -15.49
N ARG C 499 56.42 62.96 -16.67
CA ARG C 499 55.03 62.86 -17.10
C ARG C 499 54.10 63.43 -16.03
N ALA C 500 54.14 64.76 -15.91
CA ALA C 500 53.35 65.46 -14.92
C ALA C 500 51.87 65.12 -15.06
N VAL C 501 51.14 65.29 -13.95
CA VAL C 501 49.74 64.91 -13.91
C VAL C 501 48.96 65.66 -14.98
N SER C 502 48.05 64.94 -15.63
CA SER C 502 47.18 65.56 -16.62
C SER C 502 46.21 66.53 -15.93
N TRP C 503 45.62 67.41 -16.73
CA TRP C 503 44.73 68.42 -16.17
C TRP C 503 43.49 67.81 -15.52
N TYR C 504 43.11 66.59 -15.90
CA TYR C 504 41.99 65.92 -15.24
C TYR C 504 42.26 65.72 -13.76
N TRP C 505 43.42 65.14 -13.43
CA TRP C 505 43.76 64.91 -12.03
C TRP C 505 43.88 66.21 -11.26
N LYS C 506 44.47 67.24 -11.88
CA LYS C 506 44.61 68.53 -11.23
C LYS C 506 43.24 69.13 -10.91
N VAL C 507 42.31 69.08 -11.87
CA VAL C 507 40.97 69.62 -11.64
C VAL C 507 40.26 68.84 -10.55
N MET C 508 40.36 67.51 -10.58
CA MET C 508 39.71 66.68 -9.57
C MET C 508 40.25 66.99 -8.17
N TRP C 509 41.56 67.16 -8.06
CA TRP C 509 42.16 67.46 -6.76
C TRP C 509 41.85 68.88 -6.31
N ALA C 510 41.65 69.80 -7.26
CA ALA C 510 41.45 71.20 -6.90
C ALA C 510 40.01 71.48 -6.51
N GLY C 511 39.06 71.24 -7.41
CA GLY C 511 37.71 71.70 -7.17
C GLY C 511 36.58 70.77 -7.57
N VAL C 512 36.79 69.45 -7.51
CA VAL C 512 35.71 68.52 -7.80
C VAL C 512 35.44 67.66 -6.57
N SER C 513 36.44 66.90 -6.14
CA SER C 513 36.26 66.01 -4.99
C SER C 513 35.90 66.75 -3.71
N PRO C 514 36.65 67.79 -3.27
CA PRO C 514 36.24 68.48 -2.04
C PRO C 514 34.85 69.07 -2.11
N LEU C 515 34.48 69.66 -3.25
CA LEU C 515 33.16 70.26 -3.40
C LEU C 515 32.07 69.19 -3.30
N LEU C 516 32.27 68.05 -3.96
CA LEU C 516 31.29 66.99 -3.91
C LEU C 516 31.16 66.43 -2.49
N ILE C 517 32.29 66.28 -1.79
CA ILE C 517 32.25 65.78 -0.41
C ILE C 517 31.49 66.75 0.48
N VAL C 518 31.76 68.05 0.34
CA VAL C 518 31.07 69.05 1.15
C VAL C 518 29.58 69.04 0.84
N SER C 519 29.22 68.95 -0.44
CA SER C 519 27.81 68.94 -0.82
C SER C 519 27.09 67.72 -0.27
N LEU C 520 27.74 66.55 -0.33
CA LEU C 520 27.13 65.34 0.21
C LEU C 520 26.97 65.45 1.72
N PHE C 521 27.98 66.00 2.42
CA PHE C 521 27.87 66.17 3.86
C PHE C 521 26.72 67.12 4.21
N VAL C 522 26.59 68.21 3.46
CA VAL C 522 25.50 69.16 3.72
C VAL C 522 24.15 68.50 3.48
N PHE C 523 24.03 67.73 2.39
CA PHE C 523 22.78 67.04 2.11
C PHE C 523 22.43 66.04 3.21
N TYR C 524 23.42 65.28 3.68
CA TYR C 524 23.16 64.31 4.74
C TYR C 524 22.75 65.00 6.03
N LEU C 525 23.43 66.09 6.39
CA LEU C 525 23.07 66.83 7.59
C LEU C 525 21.67 67.41 7.49
N SER C 526 21.32 67.97 6.33
CA SER C 526 19.98 68.52 6.15
C SER C 526 18.92 67.43 6.24
N ASP C 527 19.19 66.27 5.63
CA ASP C 527 18.25 65.16 5.71
C ASP C 527 18.06 64.69 7.14
N TYR C 528 19.16 64.57 7.90
CA TYR C 528 19.06 64.16 9.29
C TYR C 528 18.27 65.18 10.11
N ILE C 529 18.52 66.47 9.89
CA ILE C 529 17.81 67.50 10.64
C ILE C 529 16.32 67.49 10.32
N LEU C 530 15.99 67.40 9.03
CA LEU C 530 14.58 67.42 8.62
C LEU C 530 13.83 66.19 9.11
N THR C 531 14.38 65.00 8.86
CA THR C 531 13.71 63.77 9.28
C THR C 531 13.71 63.66 10.80
N GLY C 532 14.89 63.78 11.41
CA GLY C 532 14.99 63.65 12.87
C GLY C 532 14.48 62.33 13.41
N THR C 533 14.50 61.27 12.61
CA THR C 533 13.92 59.98 12.96
C THR C 533 14.89 58.86 12.64
N LEU C 534 16.14 59.02 13.05
CA LEU C 534 17.16 57.99 12.83
C LEU C 534 16.78 56.72 13.58
N LYS C 535 16.39 55.68 12.83
CA LYS C 535 15.89 54.44 13.40
C LYS C 535 16.77 53.27 12.97
N TYR C 536 16.73 52.20 13.75
CA TYR C 536 17.49 50.99 13.49
C TYR C 536 16.55 49.80 13.36
N GLN C 537 16.96 48.83 12.55
CA GLN C 537 16.20 47.60 12.40
C GLN C 537 16.40 46.71 13.61
N ALA C 538 15.32 46.07 14.05
CA ALA C 538 15.35 45.18 15.20
C ALA C 538 14.58 43.91 14.87
N TRP C 539 15.11 42.77 15.32
CA TRP C 539 14.48 41.49 15.05
C TRP C 539 13.18 41.35 15.82
N ASP C 540 12.16 40.78 15.16
CA ASP C 540 10.86 40.51 15.77
C ASP C 540 10.53 39.05 15.52
N ALA C 541 10.62 38.24 16.57
CA ALA C 541 10.34 36.82 16.45
C ALA C 541 8.84 36.56 16.29
N SER C 542 8.01 37.42 16.88
CA SER C 542 6.56 37.26 16.74
C SER C 542 6.14 37.36 15.28
N GLN C 543 6.62 38.39 14.58
CA GLN C 543 6.40 38.50 13.15
C GLN C 543 7.50 37.83 12.33
N GLY C 544 8.60 37.45 12.97
CA GLY C 544 9.71 36.83 12.25
C GLY C 544 10.30 37.73 11.18
N GLN C 545 10.49 39.00 11.48
CA GLN C 545 10.95 39.96 10.48
C GLN C 545 11.79 41.02 11.17
N LEU C 546 12.00 42.15 10.51
CA LEU C 546 12.73 43.28 11.06
C LEU C 546 11.82 44.50 11.09
N VAL C 547 11.79 45.18 12.24
CA VAL C 547 10.95 46.35 12.46
C VAL C 547 11.83 47.53 12.80
N THR C 548 11.52 48.69 12.23
CA THR C 548 12.28 49.91 12.52
C THR C 548 11.87 50.46 13.88
N LYS C 549 12.86 50.76 14.71
CA LYS C 549 12.64 51.33 16.04
C LYS C 549 13.56 52.52 16.24
N ASP C 550 13.05 53.54 16.93
CA ASP C 550 13.81 54.76 17.15
C ASP C 550 15.03 54.50 18.02
N TYR C 551 16.14 55.17 17.70
CA TYR C 551 17.34 55.03 18.50
C TYR C 551 17.15 55.64 19.88
N PRO C 552 17.66 55.00 20.93
CA PRO C 552 17.59 55.59 22.27
C PRO C 552 18.61 56.71 22.43
N ALA C 553 18.44 57.46 23.53
CA ALA C 553 19.30 58.61 23.77
C ALA C 553 20.76 58.20 23.99
N TYR C 554 20.98 57.13 24.77
CA TYR C 554 22.36 56.74 25.08
C TYR C 554 23.09 56.23 23.84
N ALA C 555 22.41 55.47 22.99
CA ALA C 555 23.05 54.98 21.76
C ALA C 555 23.41 56.14 20.84
N LEU C 556 22.49 57.11 20.70
CA LEU C 556 22.77 58.27 19.86
C LEU C 556 23.94 59.08 20.42
N ALA C 557 23.99 59.23 21.76
CA ALA C 557 25.11 59.94 22.37
C ALA C 557 26.42 59.20 22.14
N VAL C 558 26.41 57.87 22.25
CA VAL C 558 27.63 57.10 22.04
C VAL C 558 28.11 57.22 20.60
N ILE C 559 27.18 57.15 19.65
CA ILE C 559 27.56 57.30 18.24
C ILE C 559 28.10 58.69 17.98
N GLY C 560 27.45 59.72 18.55
CA GLY C 560 27.94 61.07 18.39
C GLY C 560 29.33 61.27 18.96
N LEU C 561 29.58 60.68 20.14
CA LEU C 561 30.91 60.76 20.73
C LEU C 561 31.95 60.06 19.87
N LEU C 562 31.60 58.88 19.34
CA LEU C 562 32.54 58.13 18.51
C LEU C 562 32.90 58.91 17.26
N VAL C 563 31.90 59.55 16.63
CA VAL C 563 32.19 60.38 15.46
C VAL C 563 32.99 61.62 15.85
N ALA C 564 32.62 62.24 16.97
CA ALA C 564 33.20 63.53 17.35
C ALA C 564 34.67 63.38 17.73
N SER C 565 35.04 62.29 18.39
CA SER C 565 36.45 62.08 18.73
C SER C 565 37.31 62.06 17.48
N SER C 566 36.91 61.25 16.49
CA SER C 566 37.68 61.16 15.25
C SER C 566 37.68 62.49 14.49
N THR C 567 36.54 63.19 14.47
CA THR C 567 36.48 64.44 13.72
C THR C 567 37.31 65.54 14.38
N MET C 568 37.34 65.58 15.71
CA MET C 568 38.01 66.63 16.45
C MET C 568 39.44 66.28 16.84
N CYS C 569 39.91 65.07 16.51
CA CYS C 569 41.32 64.75 16.75
C CYS C 569 42.25 65.74 16.06
N ILE C 570 41.92 66.13 14.83
CA ILE C 570 42.78 67.04 14.06
C ILE C 570 42.63 68.48 14.54
N PRO C 571 41.43 69.05 14.66
CA PRO C 571 41.35 70.45 15.12
C PRO C 571 41.92 70.69 16.50
N LEU C 572 41.79 69.73 17.43
CA LEU C 572 42.37 69.89 18.75
C LEU C 572 43.88 70.00 18.68
N ALA C 573 44.52 69.13 17.89
CA ALA C 573 45.96 69.21 17.72
C ALA C 573 46.37 70.48 16.98
N ALA C 574 45.54 70.94 16.04
CA ALA C 574 45.82 72.21 15.37
C ALA C 574 45.82 73.36 16.36
N LEU C 575 44.83 73.39 17.25
CA LEU C 575 44.78 74.42 18.28
C LEU C 575 45.98 74.32 19.23
N GLY C 576 46.36 73.09 19.59
CA GLY C 576 47.54 72.92 20.42
C GLY C 576 48.81 73.42 19.76
N THR C 577 48.97 73.14 18.47
CA THR C 577 50.13 73.62 17.72
C THR C 577 50.12 75.14 17.62
N PHE C 578 48.94 75.73 17.40
CA PHE C 578 48.85 77.19 17.36
C PHE C 578 49.22 77.81 18.69
N VAL C 579 48.78 77.21 19.80
CA VAL C 579 49.15 77.69 21.13
C VAL C 579 50.65 77.57 21.35
N GLN C 580 51.22 76.44 20.93
CA GLN C 580 52.67 76.24 21.08
C GLN C 580 53.46 77.28 20.29
N ARG C 581 53.03 77.56 19.06
CA ARG C 581 53.68 78.59 18.27
C ARG C 581 53.52 79.97 18.90
N ARG C 582 52.34 80.26 19.43
CA ARG C 582 52.08 81.54 20.08
C ARG C 582 52.60 81.54 21.51
N SER D 11 69.63 14.55 -2.93
CA SER D 11 68.34 15.02 -2.43
C SER D 11 67.24 13.99 -2.70
N LEU D 12 65.99 14.46 -2.66
CA LEU D 12 64.86 13.57 -2.90
C LEU D 12 64.67 13.28 -4.39
N GLN D 13 65.32 14.03 -5.27
CA GLN D 13 65.21 13.78 -6.70
C GLN D 13 65.77 12.42 -7.07
N PHE D 14 66.92 12.06 -6.48
CA PHE D 14 67.49 10.74 -6.74
C PHE D 14 66.57 9.63 -6.25
N VAL D 15 65.96 9.81 -5.08
CA VAL D 15 65.04 8.82 -4.55
C VAL D 15 63.82 8.68 -5.47
N PHE D 16 63.28 9.80 -5.95
CA PHE D 16 62.15 9.74 -6.85
C PHE D 16 62.51 9.07 -8.18
N ALA D 17 63.72 9.34 -8.69
CA ALA D 17 64.16 8.68 -9.91
C ALA D 17 64.29 7.18 -9.70
N CYS D 18 64.83 6.76 -8.56
CA CYS D 18 64.94 5.34 -8.26
C CYS D 18 63.57 4.70 -8.15
N ILE D 19 62.62 5.39 -7.53
CA ILE D 19 61.25 4.87 -7.42
C ILE D 19 60.63 4.72 -8.80
N SER D 20 60.81 5.73 -9.65
CA SER D 20 60.26 5.67 -11.00
C SER D 20 60.86 4.53 -11.80
N TYR D 21 62.17 4.31 -11.67
CA TYR D 21 62.80 3.21 -12.37
C TYR D 21 62.39 1.86 -11.81
N ALA D 22 62.07 1.80 -10.51
CA ALA D 22 61.68 0.54 -9.88
C ALA D 22 60.20 0.25 -10.05
N VAL D 23 59.34 1.26 -9.94
CA VAL D 23 57.91 1.08 -10.06
C VAL D 23 57.51 1.20 -11.52
N GLY D 24 56.83 0.18 -12.03
CA GLY D 24 56.38 0.17 -13.41
C GLY D 24 55.08 -0.60 -13.52
N LEU D 25 54.58 -0.69 -14.76
CA LEU D 25 53.36 -1.44 -15.02
C LEU D 25 53.53 -2.93 -14.73
N GLY D 26 54.75 -3.45 -14.87
CA GLY D 26 55.01 -4.87 -14.71
C GLY D 26 54.62 -5.44 -13.36
N ASN D 27 55.25 -4.95 -12.29
CA ASN D 27 54.98 -5.48 -10.95
C ASN D 27 53.60 -5.12 -10.44
N VAL D 28 52.89 -4.21 -11.10
CA VAL D 28 51.55 -3.81 -10.69
C VAL D 28 50.51 -4.69 -11.37
N TRP D 29 50.76 -5.05 -12.63
CA TRP D 29 49.79 -5.80 -13.42
C TRP D 29 50.10 -7.29 -13.50
N ARG D 30 51.30 -7.67 -13.96
CA ARG D 30 51.59 -9.08 -14.18
C ARG D 30 51.69 -9.84 -12.87
N PHE D 31 52.27 -9.22 -11.84
CA PHE D 31 52.52 -9.93 -10.59
C PHE D 31 51.24 -10.43 -9.92
N PRO D 32 50.18 -9.63 -9.77
CA PRO D 32 48.95 -10.18 -9.16
C PRO D 32 48.38 -11.37 -9.92
N TYR D 33 48.41 -11.34 -11.24
CA TYR D 33 47.87 -12.45 -12.03
C TYR D 33 48.68 -13.72 -11.81
N LEU D 34 50.01 -13.61 -11.80
CA LEU D 34 50.84 -14.78 -11.52
C LEU D 34 50.61 -15.28 -10.09
N CYS D 35 50.47 -14.36 -9.14
CA CYS D 35 50.24 -14.76 -7.75
C CYS D 35 48.92 -15.52 -7.62
N GLN D 36 47.88 -15.04 -8.28
CA GLN D 36 46.58 -15.73 -8.21
C GLN D 36 46.63 -17.07 -8.93
N MET D 37 47.37 -17.15 -10.04
CA MET D 37 47.41 -18.39 -10.81
C MET D 37 48.06 -19.51 -10.01
N TYR D 38 49.13 -19.21 -9.27
CA TYR D 38 49.91 -20.24 -8.58
C TYR D 38 49.61 -20.29 -7.09
N GLY D 39 48.36 -20.06 -6.70
CA GLY D 39 47.91 -20.32 -5.35
C GLY D 39 48.19 -19.23 -4.33
N GLY D 40 48.83 -18.13 -4.73
CA GLY D 40 49.08 -17.06 -3.79
C GLY D 40 50.34 -17.21 -2.98
N GLY D 41 50.20 -17.65 -1.73
CA GLY D 41 51.36 -17.80 -0.86
C GLY D 41 52.40 -18.76 -1.43
N SER D 42 51.94 -19.87 -2.02
CA SER D 42 52.87 -20.81 -2.63
C SER D 42 53.68 -20.18 -3.75
N PHE D 43 53.21 -19.07 -4.31
CA PHE D 43 53.99 -18.27 -5.24
C PHE D 43 54.69 -17.09 -4.57
N LEU D 44 54.13 -16.57 -3.48
CA LEU D 44 54.72 -15.41 -2.82
C LEU D 44 56.04 -15.77 -2.15
N VAL D 45 56.12 -16.94 -1.52
CA VAL D 45 57.34 -17.33 -0.82
C VAL D 45 58.53 -17.46 -1.76
N PRO D 46 58.45 -18.15 -2.90
CA PRO D 46 59.62 -18.19 -3.81
C PRO D 46 60.06 -16.81 -4.28
N TYR D 47 59.11 -15.90 -4.52
CA TYR D 47 59.46 -14.57 -5.04
C TYR D 47 60.40 -13.85 -4.09
N ILE D 48 60.11 -13.90 -2.79
CA ILE D 48 61.03 -13.34 -1.80
C ILE D 48 62.34 -14.11 -1.82
N ILE D 49 62.27 -15.44 -1.92
CA ILE D 49 63.48 -16.26 -2.00
C ILE D 49 64.26 -15.95 -3.26
N MET D 50 63.56 -15.81 -4.40
CA MET D 50 64.22 -15.49 -5.65
C MET D 50 64.72 -14.06 -5.70
N LEU D 51 64.31 -13.21 -4.76
CA LEU D 51 64.74 -11.81 -4.72
C LEU D 51 66.14 -11.67 -4.12
N ILE D 52 66.34 -12.18 -2.90
CA ILE D 52 67.63 -12.06 -2.23
C ILE D 52 68.71 -12.90 -2.87
N VAL D 53 68.34 -13.82 -3.76
CA VAL D 53 69.30 -14.69 -4.43
C VAL D 53 69.59 -14.22 -5.85
N GLU D 54 68.56 -13.83 -6.60
CA GLU D 54 68.73 -13.43 -7.99
C GLU D 54 68.55 -11.95 -8.24
N GLY D 55 67.71 -11.26 -7.48
CA GLY D 55 67.45 -9.86 -7.75
C GLY D 55 68.62 -8.94 -7.47
N MET D 56 68.96 -8.79 -6.19
CA MET D 56 70.02 -7.86 -5.80
C MET D 56 71.38 -8.22 -6.40
N PRO D 57 71.86 -9.46 -6.33
CA PRO D 57 73.20 -9.74 -6.88
C PRO D 57 73.32 -9.46 -8.36
N LEU D 58 72.38 -9.96 -9.16
CA LEU D 58 72.44 -9.76 -10.60
C LEU D 58 72.21 -8.30 -10.98
N LEU D 59 71.31 -7.60 -10.27
CA LEU D 59 71.11 -6.19 -10.52
C LEU D 59 72.38 -5.39 -10.25
N TYR D 60 73.05 -5.67 -9.12
CA TYR D 60 74.28 -4.97 -8.81
C TYR D 60 75.38 -5.33 -9.81
N LEU D 61 75.42 -6.58 -10.27
CA LEU D 61 76.39 -6.97 -11.28
C LEU D 61 76.18 -6.19 -12.57
N GLU D 62 74.93 -6.08 -13.03
CA GLU D 62 74.64 -5.34 -14.24
C GLU D 62 74.98 -3.86 -14.08
N LEU D 63 74.64 -3.28 -12.92
CA LEU D 63 74.97 -1.87 -12.69
C LEU D 63 76.47 -1.64 -12.68
N ALA D 64 77.22 -2.54 -12.03
CA ALA D 64 78.67 -2.41 -11.99
C ALA D 64 79.28 -2.55 -13.38
N VAL D 65 78.78 -3.49 -14.18
CA VAL D 65 79.29 -3.64 -15.54
C VAL D 65 79.02 -2.39 -16.35
N GLY D 66 77.80 -1.86 -16.25
CA GLY D 66 77.46 -0.65 -16.99
C GLY D 66 78.30 0.54 -16.57
N GLN D 67 78.56 0.67 -15.27
CA GLN D 67 79.34 1.79 -14.78
C GLN D 67 80.81 1.68 -15.18
N ARG D 68 81.37 0.47 -15.09
CA ARG D 68 82.80 0.30 -15.37
C ARG D 68 83.07 0.38 -16.87
N MET D 69 82.22 -0.25 -17.69
CA MET D 69 82.52 -0.32 -19.12
C MET D 69 82.30 1.01 -19.83
N ARG D 70 81.41 1.86 -19.29
CA ARG D 70 81.14 3.19 -19.85
C ARG D 70 80.68 3.09 -21.31
N GLN D 71 79.91 2.06 -21.62
CA GLN D 71 79.43 1.83 -22.98
C GLN D 71 78.01 1.30 -22.91
N GLY D 72 77.40 1.17 -24.10
CA GLY D 72 76.09 0.56 -24.21
C GLY D 72 76.17 -0.95 -24.04
N SER D 73 74.99 -1.57 -24.03
CA SER D 73 74.91 -3.01 -23.83
C SER D 73 75.68 -3.77 -24.91
N ILE D 74 75.43 -3.44 -26.18
CA ILE D 74 76.15 -4.07 -27.27
C ILE D 74 77.64 -3.76 -27.18
N GLY D 75 77.98 -2.49 -26.92
CA GLY D 75 79.38 -2.13 -26.77
C GLY D 75 80.05 -2.83 -25.61
N ALA D 76 79.34 -2.92 -24.47
CA ALA D 76 79.93 -3.56 -23.29
C ALA D 76 80.16 -5.05 -23.53
N TRP D 77 79.18 -5.74 -24.11
CA TRP D 77 79.33 -7.17 -24.34
C TRP D 77 80.23 -7.48 -25.54
N ARG D 78 80.54 -6.49 -26.38
CA ARG D 78 81.59 -6.66 -27.37
C ARG D 78 82.97 -6.41 -26.78
N THR D 79 83.09 -5.44 -25.86
CA THR D 79 84.37 -5.20 -25.21
C THR D 79 84.75 -6.36 -24.29
N ILE D 80 83.77 -6.97 -23.63
CA ILE D 80 84.05 -8.10 -22.75
C ILE D 80 84.64 -9.26 -23.54
N SER D 81 84.03 -9.59 -24.67
CA SER D 81 84.49 -10.69 -25.51
C SER D 81 83.94 -10.50 -26.91
N PRO D 82 84.75 -10.73 -27.94
CA PRO D 82 84.23 -10.60 -29.32
C PRO D 82 83.16 -11.62 -29.65
N TYR D 83 83.48 -12.91 -29.45
CA TYR D 83 82.55 -13.99 -29.77
C TYR D 83 81.33 -14.03 -28.87
N LEU D 84 81.24 -13.09 -27.93
CA LEU D 84 80.06 -12.95 -27.09
C LEU D 84 79.20 -11.75 -27.46
N SER D 85 79.71 -10.85 -28.32
CA SER D 85 79.02 -9.59 -28.60
C SER D 85 77.58 -9.79 -29.06
N GLY D 86 77.30 -10.90 -29.75
CA GLY D 86 75.96 -11.15 -30.24
C GLY D 86 74.90 -11.20 -29.16
N VAL D 87 75.29 -11.49 -27.91
CA VAL D 87 74.31 -11.50 -26.83
C VAL D 87 73.65 -10.13 -26.71
N GLY D 88 74.43 -9.06 -26.94
CA GLY D 88 73.84 -7.73 -26.93
C GLY D 88 72.70 -7.60 -27.93
N VAL D 89 72.89 -8.19 -29.12
CA VAL D 89 71.82 -8.19 -30.12
C VAL D 89 70.58 -8.87 -29.54
N ALA D 90 70.77 -10.00 -28.85
CA ALA D 90 69.65 -10.65 -28.20
C ALA D 90 68.95 -9.72 -27.22
N SER D 91 69.73 -8.91 -26.51
CA SER D 91 69.15 -7.95 -25.56
C SER D 91 68.17 -7.01 -26.23
N VAL D 92 68.32 -6.78 -27.53
CA VAL D 92 67.34 -5.99 -28.26
C VAL D 92 66.15 -6.84 -28.66
N VAL D 93 66.42 -8.05 -29.19
CA VAL D 93 65.38 -8.86 -29.80
C VAL D 93 64.26 -9.14 -28.81
N VAL D 94 64.63 -9.63 -27.62
CA VAL D 94 63.64 -9.87 -26.57
C VAL D 94 62.86 -8.59 -26.29
N SER D 95 63.58 -7.48 -26.14
CA SER D 95 62.92 -6.19 -25.92
C SER D 95 61.95 -5.89 -27.05
N PHE D 96 62.36 -6.16 -28.29
CA PHE D 96 61.46 -5.99 -29.43
C PHE D 96 60.18 -6.77 -29.22
N PHE D 97 60.31 -8.04 -28.81
CA PHE D 97 59.13 -8.85 -28.54
C PHE D 97 58.27 -8.21 -27.46
N LEU D 98 58.89 -7.62 -26.45
CA LEU D 98 58.13 -6.87 -25.45
C LEU D 98 57.34 -5.75 -26.12
N SER D 99 58.02 -4.95 -26.94
CA SER D 99 57.34 -3.89 -27.68
C SER D 99 56.28 -4.46 -28.61
N MET D 100 56.37 -5.76 -28.93
CA MET D 100 55.35 -6.40 -29.74
C MET D 100 53.99 -6.40 -29.03
N TYR D 101 53.99 -6.65 -27.72
CA TYR D 101 52.72 -6.87 -27.02
C TYR D 101 52.46 -5.94 -25.84
N TYR D 102 53.51 -5.42 -25.20
CA TYR D 102 53.32 -4.71 -23.93
C TYR D 102 52.41 -3.50 -24.10
N ASN D 103 52.62 -2.71 -25.15
CA ASN D 103 51.80 -1.53 -25.37
C ASN D 103 50.33 -1.88 -25.56
N VAL D 104 50.02 -3.12 -25.97
CA VAL D 104 48.63 -3.53 -26.09
C VAL D 104 47.90 -3.35 -24.77
N ILE D 105 48.59 -3.62 -23.65
CA ILE D 105 47.99 -3.40 -22.35
C ILE D 105 47.52 -1.96 -22.21
N ASN D 106 48.37 -1.02 -22.60
CA ASN D 106 47.98 0.39 -22.58
C ASN D 106 46.67 0.61 -23.32
N ALA D 107 46.53 -0.01 -24.50
CA ALA D 107 45.29 0.12 -25.26
C ALA D 107 44.10 -0.27 -24.41
N TRP D 108 44.19 -1.42 -23.74
CA TRP D 108 43.11 -1.85 -22.87
C TRP D 108 42.81 -0.80 -21.82
N ALA D 109 43.85 -0.24 -21.20
CA ALA D 109 43.65 0.86 -20.26
C ALA D 109 42.86 1.98 -20.92
N PHE D 110 43.29 2.40 -22.12
CA PHE D 110 42.53 3.41 -22.86
C PHE D 110 41.08 3.00 -22.98
N TRP D 111 40.83 1.76 -23.37
CA TRP D 111 39.46 1.27 -23.46
C TRP D 111 38.73 1.46 -22.15
N TYR D 112 39.31 0.96 -21.04
CA TYR D 112 38.65 1.10 -19.76
C TYR D 112 38.60 2.55 -19.30
N LEU D 113 39.48 3.40 -19.82
CA LEU D 113 39.33 4.82 -19.57
C LEU D 113 38.15 5.38 -20.35
N PHE D 114 38.04 5.03 -21.63
CA PHE D 114 37.03 5.64 -22.48
C PHE D 114 35.62 5.30 -22.03
N HIS D 115 35.41 4.11 -21.49
CA HIS D 115 34.13 3.76 -20.88
C HIS D 115 34.13 4.08 -19.39
N SER D 116 34.57 5.30 -19.05
CA SER D 116 34.54 5.75 -17.66
C SER D 116 33.87 7.10 -17.50
N PHE D 117 33.14 7.59 -18.51
CA PHE D 117 32.45 8.87 -18.44
C PHE D 117 30.94 8.69 -18.55
N GLN D 118 30.43 7.55 -18.09
CA GLN D 118 29.02 7.25 -18.13
C GLN D 118 28.51 6.93 -16.74
N ASP D 119 27.35 7.49 -16.38
CA ASP D 119 26.71 7.11 -15.12
C ASP D 119 26.35 5.63 -15.09
N PRO D 120 25.72 5.04 -16.13
CA PRO D 120 25.57 3.58 -16.15
C PRO D 120 26.84 2.91 -16.66
N LEU D 121 27.80 2.69 -15.78
CA LEU D 121 29.06 2.11 -16.19
C LEU D 121 28.82 0.75 -16.84
N PRO D 122 29.49 0.45 -17.96
CA PRO D 122 29.18 -0.78 -18.70
C PRO D 122 29.35 -2.05 -17.88
N TRP D 123 30.30 -2.07 -16.95
CA TRP D 123 30.53 -3.23 -16.11
C TRP D 123 29.76 -3.19 -14.82
N SER D 124 28.89 -2.18 -14.64
CA SER D 124 28.09 -2.04 -13.43
C SER D 124 26.75 -2.73 -13.51
N VAL D 125 26.08 -2.68 -14.67
CA VAL D 125 24.75 -3.27 -14.85
C VAL D 125 24.81 -4.22 -16.03
N CYS D 126 24.30 -5.44 -15.84
CA CYS D 126 24.29 -6.42 -16.91
C CYS D 126 23.28 -6.03 -17.98
N PRO D 127 23.55 -6.34 -19.25
CA PRO D 127 22.57 -6.08 -20.30
C PRO D 127 21.35 -6.99 -20.16
N LEU D 128 20.23 -6.51 -20.66
CA LEU D 128 18.98 -7.27 -20.61
C LEU D 128 18.99 -8.36 -21.68
N ASN D 129 18.26 -9.44 -21.40
CA ASN D 129 18.24 -10.58 -22.30
C ASN D 129 17.55 -10.27 -23.62
N GLY D 130 16.60 -9.34 -23.61
CA GLY D 130 15.84 -9.01 -24.80
C GLY D 130 14.37 -8.81 -24.51
N ASN D 131 13.86 -9.54 -23.51
CA ASN D 131 12.50 -9.34 -23.04
C ASN D 131 12.39 -8.18 -22.07
N HIS D 132 13.52 -7.56 -21.70
CA HIS D 132 13.56 -6.52 -20.67
C HIS D 132 13.04 -7.03 -19.33
N THR D 133 13.10 -8.34 -19.12
CA THR D 133 12.63 -8.96 -17.87
C THR D 133 13.73 -9.60 -17.05
N GLY D 134 14.87 -9.95 -17.63
CA GLY D 134 15.93 -10.59 -16.89
C GLY D 134 17.31 -10.10 -17.29
N TYR D 135 18.29 -11.01 -17.26
CA TYR D 135 19.66 -10.69 -17.62
C TYR D 135 20.22 -11.75 -18.55
N ASP D 136 21.33 -11.41 -19.21
CA ASP D 136 21.98 -12.34 -20.11
C ASP D 136 22.49 -13.55 -19.35
N GLU D 137 22.44 -14.72 -19.99
CA GLU D 137 22.92 -15.94 -19.35
C GLU D 137 24.41 -15.84 -19.03
N GLU D 138 25.20 -15.32 -19.98
CA GLU D 138 26.63 -15.12 -19.71
C GLU D 138 26.85 -14.10 -18.61
N CYS D 139 26.08 -13.01 -18.61
CA CYS D 139 26.23 -11.99 -17.58
C CYS D 139 25.59 -12.42 -16.26
N GLU D 140 24.79 -13.47 -16.24
CA GLU D 140 24.24 -13.99 -14.99
C GLU D 140 25.15 -15.03 -14.36
N LYS D 141 25.64 -15.99 -15.16
CA LYS D 141 26.58 -16.98 -14.63
C LYS D 141 27.89 -16.32 -14.19
N ALA D 142 28.39 -15.38 -14.98
CA ALA D 142 29.61 -14.65 -14.66
C ALA D 142 29.28 -13.28 -14.10
N SER D 143 30.29 -12.64 -13.53
CA SER D 143 30.11 -11.31 -12.99
C SER D 143 29.93 -10.30 -14.12
N SER D 144 29.39 -9.12 -13.77
CA SER D 144 29.22 -8.07 -14.77
C SER D 144 30.57 -7.61 -15.30
N THR D 145 31.56 -7.46 -14.41
CA THR D 145 32.89 -7.09 -14.86
C THR D 145 33.50 -8.15 -15.76
N GLN D 146 33.34 -9.43 -15.40
CA GLN D 146 33.86 -10.51 -16.23
C GLN D 146 33.19 -10.53 -17.59
N TYR D 147 31.86 -10.36 -17.63
CA TYR D 147 31.16 -10.34 -18.90
C TYR D 147 31.61 -9.17 -19.76
N PHE D 148 31.77 -7.99 -19.15
CA PHE D 148 32.22 -6.84 -19.91
C PHE D 148 33.64 -7.04 -20.45
N TRP D 149 34.52 -7.62 -19.64
CA TRP D 149 35.89 -7.83 -20.08
C TRP D 149 35.97 -8.86 -21.20
N TYR D 150 35.34 -10.02 -21.02
CA TYR D 150 35.51 -11.12 -21.97
C TYR D 150 34.64 -10.99 -23.21
N ARG D 151 33.58 -10.19 -23.18
CA ARG D 151 32.67 -10.11 -24.31
C ARG D 151 32.61 -8.72 -24.95
N LYS D 152 32.37 -7.68 -24.15
CA LYS D 152 32.25 -6.33 -24.71
C LYS D 152 33.58 -5.63 -24.89
N THR D 153 34.68 -6.20 -24.40
CA THR D 153 36.00 -5.62 -24.55
C THR D 153 36.92 -6.48 -25.41
N LEU D 154 37.04 -7.76 -25.11
CA LEU D 154 37.86 -8.66 -25.91
C LEU D 154 37.06 -9.43 -26.95
N ASN D 155 35.80 -9.74 -26.69
CA ASN D 155 34.98 -10.57 -27.57
C ASN D 155 35.69 -11.89 -27.85
N ILE D 156 36.19 -12.52 -26.78
CA ILE D 156 37.04 -13.70 -26.93
C ILE D 156 36.22 -14.87 -27.45
N SER D 157 36.86 -15.68 -28.31
CA SER D 157 36.29 -16.91 -28.83
C SER D 157 36.44 -18.04 -27.81
N PRO D 158 35.53 -19.01 -27.80
CA PRO D 158 35.64 -20.12 -26.83
C PRO D 158 36.91 -20.92 -26.98
N SER D 159 37.47 -21.03 -28.18
CA SER D 159 38.68 -21.82 -28.41
C SER D 159 39.63 -21.05 -29.32
N LEU D 160 40.92 -21.39 -29.22
CA LEU D 160 41.93 -20.73 -30.03
C LEU D 160 41.84 -21.13 -31.49
N GLN D 161 41.28 -22.31 -31.79
CA GLN D 161 41.22 -22.77 -33.17
C GLN D 161 40.39 -21.84 -34.05
N GLU D 162 39.28 -21.36 -33.53
CA GLU D 162 38.41 -20.44 -34.26
C GLU D 162 38.77 -19.01 -33.87
N ASN D 163 39.23 -18.24 -34.85
CA ASN D 163 39.56 -16.83 -34.66
C ASN D 163 38.88 -16.00 -35.75
N GLY D 164 38.30 -14.88 -35.35
CA GLY D 164 37.60 -14.00 -36.26
C GLY D 164 38.51 -12.94 -36.84
N GLY D 165 37.88 -11.91 -37.40
CA GLY D 165 38.61 -10.80 -37.99
C GLY D 165 39.18 -9.86 -36.95
N VAL D 166 39.90 -8.86 -37.44
CA VAL D 166 40.52 -7.87 -36.57
C VAL D 166 39.44 -6.93 -36.06
N GLN D 167 39.18 -6.97 -34.75
CA GLN D 167 38.20 -6.07 -34.16
C GLN D 167 38.67 -4.62 -34.29
N TRP D 168 37.76 -3.75 -34.76
CA TRP D 168 38.16 -2.39 -35.12
C TRP D 168 38.41 -1.52 -33.89
N GLU D 169 37.57 -1.63 -32.85
CA GLU D 169 37.77 -0.78 -31.67
C GLU D 169 39.07 -1.08 -30.94
N PRO D 170 39.43 -2.33 -30.65
CA PRO D 170 40.77 -2.58 -30.07
C PRO D 170 41.90 -2.14 -30.97
N ALA D 171 41.74 -2.28 -32.29
CA ALA D 171 42.78 -1.82 -33.21
C ALA D 171 42.97 -0.31 -33.12
N LEU D 172 41.86 0.44 -33.05
CA LEU D 172 41.95 1.89 -32.89
C LEU D 172 42.58 2.25 -31.56
N CYS D 173 42.24 1.52 -30.49
CA CYS D 173 42.86 1.79 -29.20
C CYS D 173 44.36 1.54 -29.24
N LEU D 174 44.78 0.44 -29.89
CA LEU D 174 46.20 0.15 -30.02
C LEU D 174 46.91 1.22 -30.84
N LEU D 175 46.28 1.69 -31.92
CA LEU D 175 46.88 2.75 -32.73
C LEU D 175 47.02 4.03 -31.93
N LEU D 176 46.00 4.37 -31.14
CA LEU D 176 46.10 5.55 -30.28
C LEU D 176 47.22 5.40 -29.26
N ALA D 177 47.36 4.21 -28.67
CA ALA D 177 48.43 3.99 -27.71
C ALA D 177 49.80 4.16 -28.36
N TRP D 178 49.96 3.63 -29.57
CA TRP D 178 51.24 3.78 -30.27
C TRP D 178 51.50 5.23 -30.64
N LEU D 179 50.45 5.98 -31.03
CA LEU D 179 50.62 7.39 -31.31
C LEU D 179 51.05 8.16 -30.06
N VAL D 180 50.46 7.84 -28.91
CA VAL D 180 50.85 8.48 -27.66
C VAL D 180 52.30 8.14 -27.32
N VAL D 181 52.69 6.88 -27.53
CA VAL D 181 54.08 6.49 -27.28
C VAL D 181 55.03 7.26 -28.17
N TYR D 182 54.70 7.38 -29.46
CA TYR D 182 55.56 8.11 -30.39
C TYR D 182 55.64 9.59 -30.02
N LEU D 183 54.52 10.18 -29.60
CA LEU D 183 54.53 11.57 -29.17
C LEU D 183 55.41 11.77 -27.95
N CYS D 184 55.32 10.85 -26.98
CA CYS D 184 56.18 10.95 -25.80
C CYS D 184 57.64 10.75 -26.15
N ILE D 185 57.94 9.88 -27.12
CA ILE D 185 59.31 9.69 -27.57
C ILE D 185 59.85 10.98 -28.18
N LEU D 186 59.07 11.59 -29.07
CA LEU D 186 59.54 12.81 -29.74
C LEU D 186 59.66 13.97 -28.77
N ARG D 187 58.72 14.11 -27.84
CA ARG D 187 58.69 15.27 -26.97
C ARG D 187 59.65 15.12 -25.79
N GLY D 188 59.43 14.10 -24.97
CA GLY D 188 60.16 13.97 -23.71
C GLY D 188 61.55 13.40 -23.91
N THR D 189 62.56 14.23 -23.67
CA THR D 189 63.95 13.79 -23.69
C THR D 189 64.74 14.11 -22.43
N GLU D 190 64.50 15.25 -21.79
CA GLU D 190 65.19 15.59 -20.54
C GLU D 190 64.29 16.22 -19.50
N SER D 191 63.01 16.47 -19.78
CA SER D 191 62.12 17.08 -18.82
C SER D 191 61.64 16.10 -17.75
N THR D 192 62.00 14.81 -17.88
CA THR D 192 61.52 13.80 -16.94
C THR D 192 61.91 14.12 -15.50
N GLY D 193 62.99 14.87 -15.29
CA GLY D 193 63.36 15.28 -13.94
C GLY D 193 62.24 16.02 -13.23
N LYS D 194 61.53 16.88 -13.96
CA LYS D 194 60.33 17.49 -13.40
C LYS D 194 59.21 16.46 -13.28
N VAL D 195 59.06 15.60 -14.29
CA VAL D 195 57.99 14.61 -14.29
C VAL D 195 58.19 13.62 -13.14
N VAL D 196 59.42 13.41 -12.71
CA VAL D 196 59.68 12.53 -11.57
C VAL D 196 59.03 13.06 -10.30
N TYR D 197 58.83 14.38 -10.22
CA TYR D 197 58.21 14.97 -9.04
C TYR D 197 56.75 14.59 -8.89
N PHE D 198 56.10 14.14 -9.96
CA PHE D 198 54.68 13.80 -9.94
C PHE D 198 54.37 12.38 -10.39
N THR D 199 55.12 11.85 -11.35
CA THR D 199 54.84 10.52 -11.89
C THR D 199 55.49 9.39 -11.10
N ALA D 200 55.83 9.64 -9.83
CA ALA D 200 56.48 8.61 -9.01
C ALA D 200 55.70 8.36 -7.72
N SER D 201 54.90 9.35 -7.30
CA SER D 201 54.15 9.23 -6.06
C SER D 201 52.67 8.97 -6.27
N LEU D 202 52.13 9.30 -7.44
CA LEU D 202 50.71 9.07 -7.70
C LEU D 202 50.31 7.60 -7.60
N PRO D 203 51.05 6.64 -8.17
CA PRO D 203 50.63 5.23 -8.01
C PRO D 203 50.53 4.79 -6.57
N TYR D 204 51.45 5.24 -5.70
CA TYR D 204 51.37 4.88 -4.29
C TYR D 204 50.11 5.43 -3.65
N CYS D 205 49.73 6.68 -3.97
CA CYS D 205 48.51 7.25 -3.43
C CYS D 205 47.28 6.48 -3.91
N VAL D 206 47.25 6.12 -5.20
CA VAL D 206 46.12 5.37 -5.73
C VAL D 206 46.02 4.01 -5.04
N LEU D 207 47.15 3.33 -4.87
CA LEU D 207 47.14 2.04 -4.19
C LEU D 207 46.73 2.17 -2.73
N ILE D 208 47.12 3.26 -2.06
CA ILE D 208 46.69 3.48 -0.69
C ILE D 208 45.18 3.65 -0.62
N ILE D 209 44.63 4.44 -1.55
CA ILE D 209 43.18 4.66 -1.57
C ILE D 209 42.45 3.34 -1.81
N TYR D 210 42.93 2.55 -2.77
CA TYR D 210 42.26 1.28 -3.06
C TYR D 210 42.43 0.28 -1.92
N LEU D 211 43.57 0.30 -1.22
CA LEU D 211 43.73 -0.54 -0.04
C LEU D 211 42.73 -0.15 1.04
N ILE D 212 42.54 1.15 1.26
CA ILE D 212 41.55 1.60 2.24
C ILE D 212 40.16 1.12 1.85
N ARG D 213 39.82 1.27 0.57
CA ARG D 213 38.50 0.84 0.10
C ARG D 213 38.32 -0.67 0.29
N GLY D 214 39.35 -1.45 -0.04
CA GLY D 214 39.26 -2.89 0.15
C GLY D 214 39.11 -3.28 1.60
N LEU D 215 39.88 -2.65 2.49
CA LEU D 215 39.78 -2.93 3.92
C LEU D 215 38.45 -2.46 4.50
N THR D 216 37.75 -1.55 3.84
CA THR D 216 36.41 -1.17 4.27
C THR D 216 35.34 -2.10 3.73
N LEU D 217 35.70 -3.09 2.91
CA LEU D 217 34.74 -4.03 2.37
C LEU D 217 34.61 -5.27 3.24
N HIS D 218 33.40 -5.82 3.28
CA HIS D 218 33.13 -7.01 4.08
C HIS D 218 33.82 -8.23 3.48
N GLY D 219 34.33 -9.09 4.35
CA GLY D 219 34.95 -10.33 3.92
C GLY D 219 36.19 -10.14 3.06
N ALA D 220 36.96 -9.09 3.33
CA ALA D 220 38.17 -8.82 2.58
C ALA D 220 39.40 -9.50 3.17
N THR D 221 39.38 -9.78 4.48
CA THR D 221 40.51 -10.43 5.13
C THR D 221 40.73 -11.85 4.62
N ASN D 222 39.71 -12.49 4.05
CA ASN D 222 39.88 -13.83 3.50
C ASN D 222 40.90 -13.84 2.37
N GLY D 223 40.84 -12.83 1.49
CA GLY D 223 41.81 -12.76 0.41
C GLY D 223 43.23 -12.55 0.93
N LEU D 224 43.38 -11.70 1.96
CA LEU D 224 44.69 -11.49 2.55
C LEU D 224 45.23 -12.76 3.19
N MET D 225 44.36 -13.52 3.86
CA MET D 225 44.78 -14.80 4.42
C MET D 225 45.19 -15.78 3.33
N TYR D 226 44.42 -15.81 2.24
CA TYR D 226 44.74 -16.72 1.13
C TYR D 226 46.07 -16.37 0.48
N MET D 227 46.33 -15.07 0.29
CA MET D 227 47.56 -14.67 -0.40
C MET D 227 48.79 -14.93 0.47
N PHE D 228 48.65 -14.89 1.79
CA PHE D 228 49.75 -15.15 2.70
C PHE D 228 49.82 -16.60 3.16
N THR D 229 48.95 -17.46 2.66
CA THR D 229 48.93 -18.86 3.07
C THR D 229 49.86 -19.67 2.18
N PRO D 230 50.95 -20.22 2.70
CA PRO D 230 51.89 -21.03 1.88
C PRO D 230 51.51 -22.51 1.82
N LYS D 231 50.54 -22.81 0.96
CA LYS D 231 50.10 -24.19 0.77
C LYS D 231 51.24 -25.02 0.21
N ILE D 232 51.73 -25.98 1.01
CA ILE D 232 52.88 -26.78 0.61
C ILE D 232 52.54 -27.75 -0.52
N GLU D 233 51.27 -28.06 -0.74
CA GLU D 233 50.91 -28.99 -1.80
C GLU D 233 51.27 -28.43 -3.17
N GLN D 234 51.00 -27.14 -3.40
CA GLN D 234 51.34 -26.49 -4.65
C GLN D 234 52.64 -25.70 -4.56
N LEU D 235 53.35 -25.76 -3.43
CA LEU D 235 54.61 -25.05 -3.29
C LEU D 235 55.72 -25.72 -4.08
N ALA D 236 55.64 -27.03 -4.31
CA ALA D 236 56.68 -27.78 -4.97
C ALA D 236 56.60 -27.71 -6.49
N ASN D 237 55.68 -26.93 -7.04
CA ASN D 237 55.53 -26.85 -8.48
C ASN D 237 56.67 -26.02 -9.07
N PRO D 238 57.50 -26.58 -9.95
CA PRO D 238 58.58 -25.78 -10.55
C PRO D 238 58.09 -24.62 -11.39
N LYS D 239 56.86 -24.70 -11.90
CA LYS D 239 56.31 -23.62 -12.70
C LYS D 239 56.22 -22.33 -11.89
N ALA D 240 55.85 -22.44 -10.62
CA ALA D 240 55.79 -21.26 -9.76
C ALA D 240 57.16 -20.61 -9.62
N TRP D 241 58.20 -21.43 -9.41
CA TRP D 241 59.55 -20.88 -9.29
C TRP D 241 59.99 -20.22 -10.59
N ILE D 242 59.73 -20.86 -11.72
CA ILE D 242 60.13 -20.30 -13.02
C ILE D 242 59.42 -18.98 -13.27
N ASN D 243 58.11 -18.94 -13.00
CA ASN D 243 57.35 -17.71 -13.21
C ASN D 243 57.82 -16.61 -12.28
N ALA D 244 58.11 -16.93 -11.02
CA ALA D 244 58.62 -15.91 -10.10
C ALA D 244 59.96 -15.36 -10.58
N ALA D 245 60.85 -16.25 -11.03
CA ALA D 245 62.16 -15.80 -11.50
C ALA D 245 62.03 -14.89 -12.72
N THR D 246 61.25 -15.32 -13.71
CA THR D 246 61.11 -14.49 -14.90
C THR D 246 60.37 -13.19 -14.59
N GLN D 247 59.42 -13.22 -13.66
CA GLN D 247 58.70 -12.00 -13.30
C GLN D 247 59.61 -11.00 -12.60
N ILE D 248 60.45 -11.46 -11.68
CA ILE D 248 61.35 -10.53 -11.00
C ILE D 248 62.41 -10.01 -11.98
N PHE D 249 62.88 -10.87 -12.89
CA PHE D 249 63.82 -10.39 -13.90
C PHE D 249 63.19 -9.34 -14.80
N PHE D 250 61.94 -9.56 -15.21
CA PHE D 250 61.25 -8.58 -16.05
C PHE D 250 61.01 -7.28 -15.31
N SER D 251 60.57 -7.36 -14.04
CA SER D 251 60.29 -6.17 -13.28
C SER D 251 61.54 -5.35 -13.02
N LEU D 252 62.66 -6.02 -12.69
CA LEU D 252 63.90 -5.31 -12.46
C LEU D 252 64.54 -4.82 -13.76
N GLY D 253 64.06 -5.29 -14.91
CA GLY D 253 64.63 -4.89 -16.18
C GLY D 253 65.86 -5.66 -16.61
N LEU D 254 66.22 -6.72 -15.88
CA LEU D 254 67.40 -7.50 -16.22
C LEU D 254 67.22 -8.19 -17.57
N GLY D 255 68.29 -8.21 -18.36
CA GLY D 255 68.27 -8.83 -19.67
C GLY D 255 67.95 -7.87 -20.78
N PHE D 256 67.16 -6.84 -20.47
CA PHE D 256 66.78 -5.85 -21.48
C PHE D 256 67.94 -4.95 -21.86
N GLY D 257 68.92 -4.76 -20.97
CA GLY D 257 70.06 -3.92 -21.25
C GLY D 257 69.87 -2.45 -20.97
N SER D 258 68.65 -2.03 -20.60
CA SER D 258 68.43 -0.62 -20.27
C SER D 258 69.17 -0.23 -19.00
N LEU D 259 69.32 -1.16 -18.05
CA LEU D 259 70.06 -0.86 -16.84
C LEU D 259 71.52 -0.55 -17.14
N ILE D 260 72.13 -1.32 -18.05
CA ILE D 260 73.52 -1.06 -18.43
C ILE D 260 73.65 0.31 -19.09
N ALA D 261 72.71 0.65 -19.99
CA ALA D 261 72.75 1.94 -20.65
C ALA D 261 72.61 3.08 -19.65
N PHE D 262 71.70 2.93 -18.67
CA PHE D 262 71.55 3.96 -17.65
C PHE D 262 72.79 4.08 -16.79
N ALA D 263 73.39 2.95 -16.41
CA ALA D 263 74.60 3.00 -15.59
C ALA D 263 75.78 3.60 -16.34
N SER D 264 75.81 3.44 -17.66
CA SER D 264 76.88 4.05 -18.45
C SER D 264 76.81 5.57 -18.45
N TYR D 265 75.66 6.15 -18.10
CA TYR D 265 75.48 7.60 -18.11
C TYR D 265 75.72 8.24 -16.76
N ASN D 266 76.10 7.47 -15.74
CA ASN D 266 76.32 8.00 -14.41
C ASN D 266 77.81 8.22 -14.15
N GLU D 267 78.10 8.97 -13.10
CA GLU D 267 79.48 9.27 -12.75
C GLU D 267 80.21 8.00 -12.29
N PRO D 268 81.51 7.91 -12.57
CA PRO D 268 82.26 6.71 -12.14
C PRO D 268 82.27 6.51 -10.63
N SER D 269 82.18 7.59 -9.85
CA SER D 269 82.18 7.49 -8.40
C SER D 269 80.78 7.33 -7.82
N ASN D 270 79.75 7.24 -8.66
CA ASN D 270 78.40 7.06 -8.17
C ASN D 270 78.24 5.71 -7.47
N ASN D 271 77.54 5.71 -6.35
CA ASN D 271 77.33 4.50 -5.57
C ASN D 271 76.37 3.56 -6.33
N CYS D 272 76.72 2.29 -6.41
CA CYS D 272 75.95 1.31 -7.15
C CYS D 272 75.30 0.25 -6.27
N GLN D 273 76.00 -0.22 -5.23
CA GLN D 273 75.43 -1.24 -4.36
C GLN D 273 74.18 -0.72 -3.65
N LYS D 274 74.27 0.49 -3.09
CA LYS D 274 73.11 1.09 -2.45
C LYS D 274 71.99 1.31 -3.46
N HIS D 275 72.32 1.79 -4.66
CA HIS D 275 71.31 2.02 -5.69
C HIS D 275 70.60 0.72 -6.05
N ALA D 276 71.37 -0.35 -6.30
CA ALA D 276 70.78 -1.62 -6.69
C ALA D 276 69.91 -2.19 -5.58
N ILE D 277 70.39 -2.15 -4.34
CA ILE D 277 69.63 -2.68 -3.22
C ILE D 277 68.33 -1.90 -3.05
N ILE D 278 68.41 -0.57 -3.12
CA ILE D 278 67.21 0.26 -2.95
C ILE D 278 66.21 -0.03 -4.06
N VAL D 279 66.69 -0.13 -5.30
CA VAL D 279 65.78 -0.39 -6.43
C VAL D 279 65.09 -1.73 -6.25
N SER D 280 65.86 -2.77 -5.91
CA SER D 280 65.28 -4.10 -5.76
C SER D 280 64.26 -4.13 -4.62
N LEU D 281 64.61 -3.53 -3.47
CA LEU D 281 63.70 -3.54 -2.33
C LEU D 281 62.44 -2.74 -2.63
N ILE D 282 62.56 -1.59 -3.30
CA ILE D 282 61.38 -0.79 -3.62
C ILE D 282 60.49 -1.54 -4.60
N ASN D 283 61.08 -2.19 -5.60
CA ASN D 283 60.27 -2.97 -6.55
C ASN D 283 59.53 -4.09 -5.83
N SER D 284 60.23 -4.81 -4.96
CA SER D 284 59.59 -5.91 -4.23
C SER D 284 58.46 -5.39 -3.33
N PHE D 285 58.70 -4.28 -2.63
CA PHE D 285 57.69 -3.73 -1.74
C PHE D 285 56.46 -3.25 -2.53
N THR D 286 56.68 -2.60 -3.67
CA THR D 286 55.56 -2.15 -4.49
C THR D 286 54.77 -3.34 -5.02
N SER D 287 55.46 -4.39 -5.47
CA SER D 287 54.75 -5.58 -5.93
C SER D 287 53.93 -6.21 -4.81
N ILE D 288 54.51 -6.30 -3.60
CA ILE D 288 53.80 -6.88 -2.47
C ILE D 288 52.58 -6.05 -2.12
N PHE D 289 52.72 -4.73 -2.12
CA PHE D 289 51.58 -3.86 -1.79
C PHE D 289 50.47 -3.97 -2.83
N ALA D 290 50.83 -3.99 -4.11
CA ALA D 290 49.84 -4.15 -5.16
C ALA D 290 49.13 -5.49 -5.05
N SER D 291 49.89 -6.55 -4.74
CA SER D 291 49.28 -7.86 -4.54
C SER D 291 48.35 -7.84 -3.33
N ILE D 292 48.72 -7.14 -2.27
CA ILE D 292 47.88 -7.05 -1.09
C ILE D 292 46.53 -6.43 -1.45
N VAL D 293 46.56 -5.30 -2.15
CA VAL D 293 45.31 -4.61 -2.49
C VAL D 293 44.48 -5.47 -3.43
N THR D 294 45.11 -6.02 -4.48
CA THR D 294 44.40 -6.80 -5.46
C THR D 294 43.76 -8.04 -4.84
N PHE D 295 44.50 -8.72 -3.96
CA PHE D 295 43.97 -9.91 -3.32
C PHE D 295 42.96 -9.59 -2.22
N SER D 296 43.01 -8.41 -1.63
CA SER D 296 41.92 -7.99 -0.75
C SER D 296 40.63 -7.87 -1.55
N ILE D 297 40.70 -7.21 -2.71
CA ILE D 297 39.49 -7.09 -3.53
C ILE D 297 39.06 -8.46 -4.05
N TYR D 298 40.03 -9.32 -4.37
CA TYR D 298 39.72 -10.67 -4.84
C TYR D 298 39.04 -11.50 -3.76
N GLY D 299 39.50 -11.37 -2.51
CA GLY D 299 38.83 -12.05 -1.42
C GLY D 299 37.43 -11.51 -1.19
N PHE D 300 37.24 -10.21 -1.39
CA PHE D 300 35.90 -9.65 -1.33
C PHE D 300 35.00 -10.28 -2.40
N LYS D 301 35.53 -10.42 -3.62
CA LYS D 301 34.76 -11.07 -4.69
C LYS D 301 34.44 -12.52 -4.34
N ALA D 302 35.41 -13.25 -3.80
CA ALA D 302 35.19 -14.65 -3.46
C ALA D 302 34.13 -14.78 -2.36
N THR D 303 34.20 -13.91 -1.35
CA THR D 303 33.19 -13.92 -0.29
C THR D 303 31.81 -13.60 -0.84
N PHE D 304 31.73 -12.61 -1.74
CA PHE D 304 30.44 -12.27 -2.33
C PHE D 304 29.87 -13.43 -3.13
N ASN D 305 30.71 -14.10 -3.93
CA ASN D 305 30.24 -15.24 -4.71
C ASN D 305 29.80 -16.39 -3.81
N TYR D 306 30.55 -16.65 -2.74
CA TYR D 306 30.19 -17.71 -1.80
C TYR D 306 28.85 -17.42 -1.14
N GLU D 307 28.66 -16.18 -0.69
CA GLU D 307 27.39 -15.80 -0.08
C GLU D 307 26.25 -15.88 -1.08
N ASN D 308 26.48 -15.46 -2.32
CA ASN D 308 25.44 -15.54 -3.35
C ASN D 308 25.05 -16.99 -3.63
N CYS D 309 26.05 -17.88 -3.70
CA CYS D 309 25.75 -19.29 -3.94
C CYS D 309 24.97 -19.90 -2.78
N LEU D 310 25.36 -19.58 -1.54
CA LEU D 310 24.62 -20.08 -0.39
C LEU D 310 23.19 -19.54 -0.38
N LYS D 311 23.02 -18.26 -0.72
CA LYS D 311 21.69 -17.68 -0.76
C LYS D 311 20.83 -18.33 -1.82
N LYS D 312 21.41 -18.61 -2.99
CA LYS D 312 20.65 -19.29 -4.04
C LYS D 312 20.25 -20.70 -3.61
N VAL D 313 21.18 -21.44 -2.99
CA VAL D 313 20.85 -22.78 -2.54
C VAL D 313 19.75 -22.75 -1.48
N SER D 314 19.86 -21.83 -0.52
CA SER D 314 18.84 -21.69 0.51
C SER D 314 17.49 -21.29 -0.08
N LEU D 315 17.47 -20.39 -1.05
CA LEU D 315 16.22 -20.01 -1.70
C LEU D 315 15.60 -21.18 -2.44
N LEU D 316 16.42 -21.96 -3.15
CA LEU D 316 15.89 -23.13 -3.84
C LEU D 316 15.29 -24.13 -2.87
N LEU D 317 16.00 -24.41 -1.77
CA LEU D 317 15.47 -25.34 -0.78
C LEU D 317 14.20 -24.82 -0.15
N THR D 318 14.15 -23.52 0.17
CA THR D 318 12.95 -22.95 0.77
C THR D 318 11.77 -23.00 -0.19
N ASN D 319 11.99 -22.73 -1.48
CA ASN D 319 10.91 -22.80 -2.45
C ASN D 319 10.41 -24.22 -2.65
N THR D 320 11.32 -25.20 -2.71
CA THR D 320 10.94 -26.56 -3.02
C THR D 320 10.54 -27.38 -1.79
N PHE D 321 10.71 -26.84 -0.59
CA PHE D 321 10.26 -27.52 0.61
C PHE D 321 9.33 -26.66 1.46
N ASP D 322 9.02 -25.45 1.01
CA ASP D 322 8.07 -24.56 1.66
C ASP D 322 8.43 -24.31 3.12
N LEU D 323 9.61 -23.73 3.35
CA LEU D 323 10.06 -23.36 4.68
C LEU D 323 9.87 -21.85 4.88
N GLU D 324 10.12 -21.40 6.10
CA GLU D 324 10.00 -19.97 6.38
C GLU D 324 11.12 -19.20 5.70
N ASP D 325 10.90 -17.90 5.51
CA ASP D 325 11.87 -17.07 4.81
C ASP D 325 13.19 -16.98 5.58
N GLY D 326 13.11 -16.80 6.89
CA GLY D 326 14.31 -16.66 7.69
C GLY D 326 14.70 -17.92 8.44
N PHE D 327 13.92 -18.98 8.28
CA PHE D 327 14.20 -20.23 8.99
C PHE D 327 15.53 -20.83 8.53
N LEU D 328 15.79 -20.83 7.22
CA LEU D 328 17.01 -21.40 6.66
C LEU D 328 18.04 -20.29 6.51
N THR D 329 19.21 -20.49 7.11
CA THR D 329 20.32 -19.55 7.02
C THR D 329 21.59 -20.31 6.66
N ALA D 330 22.66 -19.56 6.41
CA ALA D 330 23.93 -20.17 6.04
C ALA D 330 24.52 -20.98 7.20
N SER D 331 24.39 -20.46 8.42
CA SER D 331 25.01 -21.10 9.58
C SER D 331 24.36 -22.43 9.96
N ASN D 332 23.17 -22.72 9.46
CA ASN D 332 22.48 -23.96 9.80
C ASN D 332 21.93 -24.61 8.53
N LEU D 333 22.77 -24.69 7.49
CA LEU D 333 22.33 -25.26 6.23
C LEU D 333 22.34 -26.78 6.27
N GLU D 334 23.49 -27.37 6.61
CA GLU D 334 23.63 -28.82 6.54
C GLU D 334 22.69 -29.53 7.52
N GLN D 335 22.42 -28.93 8.67
CA GLN D 335 21.49 -29.53 9.62
C GLN D 335 20.08 -29.60 9.05
N VAL D 336 19.63 -28.52 8.42
CA VAL D 336 18.31 -28.51 7.78
C VAL D 336 18.28 -29.50 6.63
N LYS D 337 19.39 -29.61 5.89
CA LYS D 337 19.47 -30.57 4.80
C LYS D 337 19.31 -32.00 5.32
N GLY D 338 19.98 -32.30 6.43
CA GLY D 338 19.82 -33.61 7.04
C GLY D 338 18.41 -33.87 7.54
N TYR D 339 17.78 -32.85 8.14
CA TYR D 339 16.40 -33.01 8.59
C TYR D 339 15.47 -33.27 7.41
N LEU D 340 15.66 -32.55 6.31
CA LEU D 340 14.84 -32.76 5.13
C LEU D 340 15.07 -34.16 4.55
N ALA D 341 16.32 -34.61 4.51
CA ALA D 341 16.61 -35.95 4.02
C ALA D 341 15.95 -37.01 4.89
N SER D 342 15.98 -36.83 6.21
CA SER D 342 15.33 -37.78 7.11
C SER D 342 13.81 -37.72 7.06
N ALA D 343 13.24 -36.56 6.71
CA ALA D 343 11.79 -36.43 6.66
C ALA D 343 11.20 -37.18 5.48
N TYR D 344 11.60 -36.80 4.26
CA TYR D 344 11.12 -37.47 3.05
C TYR D 344 12.25 -37.46 2.03
N PRO D 345 13.02 -38.54 1.95
CA PRO D 345 14.16 -38.58 1.03
C PRO D 345 13.77 -38.50 -0.43
N SER D 346 12.53 -38.81 -0.79
CA SER D 346 12.13 -38.76 -2.19
C SER D 346 12.21 -37.35 -2.75
N LYS D 347 11.61 -36.37 -2.06
CA LYS D 347 11.68 -34.99 -2.51
C LYS D 347 13.10 -34.46 -2.49
N TYR D 348 13.88 -34.78 -1.46
CA TYR D 348 15.26 -34.31 -1.40
C TYR D 348 16.09 -34.88 -2.55
N SER D 349 15.92 -36.15 -2.88
CA SER D 349 16.64 -36.76 -3.98
C SER D 349 16.13 -36.26 -5.34
N GLU D 350 14.88 -35.81 -5.40
CA GLU D 350 14.36 -35.27 -6.66
C GLU D 350 15.10 -34.02 -7.11
N MET D 351 15.83 -33.35 -6.20
CA MET D 351 16.57 -32.15 -6.54
C MET D 351 18.02 -32.20 -6.03
N PHE D 352 18.48 -33.35 -5.56
CA PHE D 352 19.84 -33.47 -5.05
C PHE D 352 20.90 -33.05 -6.06
N PRO D 353 20.86 -33.48 -7.33
CA PRO D 353 21.86 -32.97 -8.29
C PRO D 353 21.79 -31.47 -8.52
N GLN D 354 20.64 -30.84 -8.29
CA GLN D 354 20.53 -29.40 -8.48
C GLN D 354 21.26 -28.63 -7.40
N ILE D 355 21.37 -29.21 -6.20
CA ILE D 355 22.10 -28.56 -5.11
C ILE D 355 23.58 -28.50 -5.46
N LYS D 356 24.18 -27.34 -5.24
CA LYS D 356 25.59 -27.10 -5.56
C LYS D 356 26.37 -26.87 -4.27
N ASN D 357 27.52 -27.53 -4.16
CA ASN D 357 28.41 -27.38 -3.02
C ASN D 357 29.43 -26.30 -3.34
N CYS D 358 29.37 -25.18 -2.61
CA CYS D 358 30.26 -24.06 -2.81
C CYS D 358 30.95 -23.70 -1.51
N SER D 359 32.26 -23.53 -1.55
CA SER D 359 33.07 -23.21 -0.38
C SER D 359 34.02 -22.07 -0.73
N LEU D 360 34.55 -21.44 0.33
CA LEU D 360 35.45 -20.30 0.14
C LEU D 360 36.71 -20.71 -0.60
N GLU D 361 37.23 -21.92 -0.32
CA GLU D 361 38.46 -22.37 -0.96
C GLU D 361 38.30 -22.49 -2.47
N SER D 362 37.19 -23.11 -2.91
CA SER D 362 36.96 -23.29 -4.34
C SER D 362 36.82 -21.94 -5.04
N GLU D 363 36.08 -21.01 -4.43
CA GLU D 363 35.94 -19.68 -5.02
C GLU D 363 37.29 -18.98 -5.11
N LEU D 364 38.02 -18.92 -3.99
CA LEU D 364 39.33 -18.28 -4.01
C LEU D 364 40.25 -18.92 -5.04
N ASP D 365 40.07 -20.20 -5.31
CA ASP D 365 40.86 -20.84 -6.36
C ASP D 365 40.40 -20.40 -7.76
N THR D 366 39.09 -20.23 -7.96
CA THR D 366 38.57 -19.98 -9.30
C THR D 366 37.52 -18.87 -9.32
N ALA D 367 37.66 -17.85 -8.48
CA ALA D 367 36.78 -16.69 -8.58
C ALA D 367 37.04 -15.92 -9.87
N VAL D 368 38.23 -15.34 -9.98
CA VAL D 368 38.65 -14.59 -11.16
C VAL D 368 40.07 -15.02 -11.51
N GLN D 369 40.31 -15.31 -12.79
CA GLN D 369 41.64 -15.70 -13.23
C GLN D 369 41.79 -15.35 -14.70
N GLY D 370 43.03 -15.24 -15.14
CA GLY D 370 43.37 -14.89 -16.50
C GLY D 370 44.32 -13.72 -16.55
N THR D 371 44.66 -13.32 -17.78
CA THR D 371 45.59 -12.21 -17.99
C THR D 371 45.01 -10.87 -17.59
N GLY D 372 43.68 -10.75 -17.48
CA GLY D 372 43.06 -9.50 -17.11
C GLY D 372 42.52 -9.50 -15.70
N LEU D 373 43.25 -10.15 -14.79
CA LEU D 373 42.81 -10.21 -13.40
C LEU D 373 42.76 -8.81 -12.78
N ALA D 374 43.78 -8.00 -13.03
CA ALA D 374 43.83 -6.66 -12.44
C ALA D 374 42.65 -5.82 -12.92
N PHE D 375 42.36 -5.87 -14.21
CA PHE D 375 41.27 -5.06 -14.75
C PHE D 375 39.94 -5.44 -14.11
N ILE D 376 39.63 -6.73 -14.08
CA ILE D 376 38.35 -7.18 -13.53
C ILE D 376 38.26 -6.85 -12.05
N VAL D 377 39.33 -7.12 -11.31
CA VAL D 377 39.33 -6.89 -9.87
C VAL D 377 39.15 -5.41 -9.55
N TYR D 378 39.89 -4.54 -10.24
CA TYR D 378 39.78 -3.12 -9.96
C TYR D 378 38.46 -2.54 -10.44
N THR D 379 37.89 -3.06 -11.53
CA THR D 379 36.56 -2.62 -11.92
C THR D 379 35.52 -3.01 -10.89
N GLU D 380 35.65 -4.22 -10.32
CA GLU D 380 34.75 -4.62 -9.24
C GLU D 380 34.90 -3.69 -8.05
N ALA D 381 36.14 -3.33 -7.71
CA ALA D 381 36.35 -2.39 -6.60
C ALA D 381 35.75 -1.03 -6.92
N ILE D 382 35.86 -0.57 -8.17
CA ILE D 382 35.33 0.72 -8.57
C ILE D 382 33.81 0.74 -8.47
N LYS D 383 33.15 -0.32 -8.93
CA LYS D 383 31.69 -0.32 -8.96
C LYS D 383 31.06 -0.27 -7.58
N ASN D 384 31.83 -0.52 -6.51
CA ASN D 384 31.35 -0.45 -5.14
C ASN D 384 31.87 0.80 -4.42
N MET D 385 32.17 1.85 -5.18
CA MET D 385 32.65 3.11 -4.62
C MET D 385 31.47 4.05 -4.38
N GLU D 386 31.78 5.28 -3.97
CA GLU D 386 30.77 6.33 -3.84
C GLU D 386 30.64 7.11 -5.14
N VAL D 387 31.74 7.71 -5.60
CA VAL D 387 31.80 8.31 -6.93
C VAL D 387 32.66 7.42 -7.81
N SER D 388 32.02 6.48 -8.50
CA SER D 388 32.77 5.45 -9.22
C SER D 388 33.59 6.05 -10.35
N GLN D 389 33.04 7.03 -11.07
CA GLN D 389 33.71 7.58 -12.24
C GLN D 389 35.05 8.22 -11.87
N LEU D 390 35.08 8.96 -10.77
CA LEU D 390 36.31 9.66 -10.39
C LEU D 390 37.44 8.68 -10.07
N TRP D 391 37.15 7.69 -9.21
CA TRP D 391 38.17 6.70 -8.86
C TRP D 391 38.58 5.88 -10.07
N SER D 392 37.61 5.53 -10.93
CA SER D 392 37.93 4.78 -12.13
C SER D 392 38.89 5.55 -13.03
N VAL D 393 38.59 6.84 -13.27
CA VAL D 393 39.45 7.66 -14.11
C VAL D 393 40.84 7.79 -13.49
N LEU D 394 40.90 8.03 -12.18
CA LEU D 394 42.20 8.18 -11.53
C LEU D 394 43.04 6.91 -11.64
N TYR D 395 42.45 5.76 -11.33
CA TYR D 395 43.20 4.51 -11.37
C TYR D 395 43.63 4.17 -12.79
N PHE D 396 42.74 4.36 -13.77
CA PHE D 396 43.09 4.03 -15.14
C PHE D 396 44.14 4.99 -15.69
N PHE D 397 44.08 6.26 -15.31
CA PHE D 397 45.12 7.20 -15.70
C PHE D 397 46.46 6.82 -15.09
N MET D 398 46.47 6.38 -13.83
CA MET D 398 47.70 5.94 -13.20
C MET D 398 48.28 4.73 -13.92
N LEU D 399 47.42 3.75 -14.23
CA LEU D 399 47.88 2.56 -14.92
C LEU D 399 48.41 2.90 -16.32
N LEU D 400 47.71 3.79 -17.02
CA LEU D 400 48.16 4.21 -18.34
C LEU D 400 49.50 4.93 -18.27
N MET D 401 49.69 5.79 -17.26
CA MET D 401 50.97 6.48 -17.10
C MET D 401 52.10 5.50 -16.82
N LEU D 402 51.84 4.51 -15.96
CA LEU D 402 52.86 3.49 -15.68
C LEU D 402 53.21 2.70 -16.93
N GLY D 403 52.20 2.30 -17.70
CA GLY D 403 52.46 1.58 -18.93
C GLY D 403 53.21 2.42 -19.95
N ILE D 404 52.87 3.71 -20.03
CA ILE D 404 53.56 4.61 -20.95
C ILE D 404 55.02 4.74 -20.55
N GLY D 405 55.29 4.89 -19.25
CA GLY D 405 56.68 4.97 -18.81
C GLY D 405 57.46 3.71 -19.10
N SER D 406 56.86 2.55 -18.84
CA SER D 406 57.53 1.28 -19.13
C SER D 406 57.80 1.14 -20.62
N MET D 407 56.82 1.49 -21.46
CA MET D 407 57.02 1.39 -22.90
C MET D 407 58.07 2.39 -23.38
N LEU D 408 58.11 3.58 -22.79
CA LEU D 408 59.15 4.54 -23.14
C LEU D 408 60.53 3.99 -22.82
N GLY D 409 60.68 3.39 -21.64
CA GLY D 409 61.96 2.80 -21.29
C GLY D 409 62.34 1.68 -22.25
N ASN D 410 61.40 0.79 -22.55
CA ASN D 410 61.69 -0.32 -23.46
C ASN D 410 62.05 0.18 -24.85
N THR D 411 61.31 1.17 -25.35
CA THR D 411 61.58 1.68 -26.69
C THR D 411 62.89 2.44 -26.75
N ALA D 412 63.25 3.18 -25.70
CA ALA D 412 64.56 3.82 -25.66
C ALA D 412 65.67 2.78 -25.66
N ALA D 413 65.51 1.71 -24.88
CA ALA D 413 66.50 0.64 -24.88
C ALA D 413 66.61 -0.02 -26.25
N ILE D 414 65.49 -0.15 -26.96
CA ILE D 414 65.52 -0.74 -28.30
C ILE D 414 66.23 0.20 -29.28
N LEU D 415 65.90 1.49 -29.22
CA LEU D 415 66.38 2.44 -30.22
C LEU D 415 67.81 2.87 -29.99
N THR D 416 68.33 2.72 -28.78
CA THR D 416 69.71 3.15 -28.52
C THR D 416 70.73 2.45 -29.41
N PRO D 417 70.73 1.12 -29.54
CA PRO D 417 71.65 0.51 -30.52
C PRO D 417 71.39 0.95 -31.95
N LEU D 418 70.12 1.18 -32.30
CA LEU D 418 69.81 1.67 -33.64
C LEU D 418 70.25 3.11 -33.82
N THR D 419 70.13 3.94 -32.77
CA THR D 419 70.62 5.31 -32.84
C THR D 419 72.14 5.33 -32.99
N ASP D 420 72.83 4.44 -32.28
CA ASP D 420 74.29 4.39 -32.37
C ASP D 420 74.77 3.87 -33.73
N SER D 421 73.89 3.29 -34.54
CA SER D 421 74.27 2.77 -35.84
C SER D 421 74.57 3.92 -36.79
N LYS D 422 75.86 4.08 -37.15
CA LYS D 422 76.25 5.16 -38.04
C LYS D 422 75.69 4.96 -39.44
N ILE D 423 75.67 3.71 -39.93
CA ILE D 423 75.18 3.44 -41.28
C ILE D 423 73.70 3.77 -41.38
N ILE D 424 72.91 3.37 -40.37
CA ILE D 424 71.48 3.64 -40.40
C ILE D 424 71.21 5.13 -40.25
N SER D 425 71.99 5.81 -39.40
CA SER D 425 71.78 7.24 -39.20
C SER D 425 72.07 8.04 -40.46
N SER D 426 73.07 7.63 -41.24
CA SER D 426 73.43 8.33 -42.46
C SER D 426 72.49 8.05 -43.63
N HIS D 427 71.58 7.08 -43.49
CA HIS D 427 70.66 6.75 -44.56
C HIS D 427 69.27 7.31 -44.35
N LEU D 428 68.80 7.40 -43.11
CA LEU D 428 67.47 7.90 -42.80
C LEU D 428 67.56 8.89 -41.63
N PRO D 429 66.62 9.83 -41.54
CA PRO D 429 66.61 10.75 -40.39
C PRO D 429 66.41 9.99 -39.09
N LYS D 430 66.99 10.54 -38.01
CA LYS D 430 66.87 9.90 -36.70
C LYS D 430 65.43 9.86 -36.22
N GLU D 431 64.65 10.91 -36.48
CA GLU D 431 63.27 10.95 -36.04
C GLU D 431 62.38 9.96 -36.77
N ALA D 432 62.64 9.70 -38.05
CA ALA D 432 61.83 8.77 -38.82
C ALA D 432 62.03 7.33 -38.39
N ILE D 433 63.17 7.01 -37.76
CA ILE D 433 63.40 5.65 -37.27
C ILE D 433 62.37 5.28 -36.20
N SER D 434 62.09 6.22 -35.29
CA SER D 434 61.09 5.95 -34.25
C SER D 434 59.71 5.71 -34.86
N GLY D 435 59.34 6.52 -35.85
CA GLY D 435 58.06 6.30 -36.51
C GLY D 435 57.98 4.97 -37.22
N LEU D 436 59.05 4.58 -37.91
CA LEU D 436 59.08 3.28 -38.57
C LEU D 436 58.95 2.14 -37.57
N VAL D 437 59.68 2.24 -36.45
CA VAL D 437 59.62 1.20 -35.44
C VAL D 437 58.22 1.11 -34.84
N CYS D 438 57.60 2.27 -34.56
CA CYS D 438 56.25 2.26 -34.02
C CYS D 438 55.26 1.66 -35.00
N LEU D 439 55.38 1.99 -36.29
CA LEU D 439 54.49 1.44 -37.29
C LEU D 439 54.64 -0.07 -37.39
N VAL D 440 55.89 -0.56 -37.41
CA VAL D 440 56.12 -2.00 -37.50
C VAL D 440 55.57 -2.71 -36.27
N ASN D 441 55.80 -2.14 -35.08
CA ASN D 441 55.31 -2.75 -33.86
C ASN D 441 53.78 -2.78 -33.83
N CYS D 442 53.13 -1.71 -34.28
CA CYS D 442 51.68 -1.69 -34.34
C CYS D 442 51.15 -2.73 -35.32
N ALA D 443 51.80 -2.85 -36.48
CA ALA D 443 51.38 -3.84 -37.46
C ALA D 443 51.52 -5.25 -36.90
N ILE D 444 52.61 -5.53 -36.16
CA ILE D 444 52.78 -6.85 -35.59
C ILE D 444 51.78 -7.09 -34.47
N GLY D 445 51.53 -6.09 -33.63
CA GLY D 445 50.63 -6.24 -32.49
C GLY D 445 49.17 -6.13 -32.81
N MET D 446 48.81 -5.80 -34.06
CA MET D 446 47.41 -5.83 -34.45
C MET D 446 46.83 -7.24 -34.37
N VAL D 447 47.69 -8.27 -34.30
CA VAL D 447 47.20 -9.65 -34.17
C VAL D 447 46.41 -9.81 -32.87
N PHE D 448 46.85 -9.15 -31.79
CA PHE D 448 46.18 -9.26 -30.50
C PHE D 448 44.79 -8.67 -30.49
N THR D 449 44.39 -7.91 -31.51
CA THR D 449 43.10 -7.27 -31.55
C THR D 449 42.03 -8.13 -32.19
N MET D 450 42.35 -9.37 -32.56
CA MET D 450 41.37 -10.28 -33.13
C MET D 450 40.48 -10.85 -32.03
N GLU D 451 39.55 -11.73 -32.42
CA GLU D 451 38.68 -12.37 -31.45
C GLU D 451 39.50 -13.27 -30.51
N ALA D 452 40.46 -14.00 -31.07
CA ALA D 452 41.32 -14.87 -30.28
C ALA D 452 42.67 -14.25 -29.98
N GLY D 453 42.79 -12.92 -30.05
CA GLY D 453 44.06 -12.28 -29.78
C GLY D 453 44.49 -12.38 -28.33
N ASN D 454 43.53 -12.60 -27.43
CA ASN D 454 43.87 -12.73 -26.02
C ASN D 454 44.72 -13.98 -25.77
N TYR D 455 44.44 -15.07 -26.48
CA TYR D 455 45.25 -16.27 -26.33
C TYR D 455 46.70 -16.02 -26.77
N TRP D 456 46.88 -15.32 -27.89
CA TRP D 456 48.24 -15.00 -28.33
C TRP D 456 48.93 -14.04 -27.37
N PHE D 457 48.17 -13.10 -26.80
CA PHE D 457 48.74 -12.22 -25.78
C PHE D 457 49.20 -13.01 -24.57
N ASP D 458 48.41 -13.99 -24.14
CA ASP D 458 48.81 -14.84 -23.03
C ASP D 458 50.05 -15.65 -23.38
N ILE D 459 50.13 -16.16 -24.61
CA ILE D 459 51.29 -16.94 -25.04
C ILE D 459 52.54 -16.08 -24.99
N PHE D 460 52.46 -14.85 -25.52
CA PHE D 460 53.60 -13.96 -25.52
C PHE D 460 53.90 -13.35 -24.17
N ASN D 461 52.96 -13.41 -23.22
CA ASN D 461 53.25 -13.02 -21.85
C ASN D 461 53.79 -14.17 -21.02
N ASP D 462 53.63 -15.41 -21.48
CA ASP D 462 54.10 -16.57 -20.73
C ASP D 462 55.46 -17.08 -21.19
N TYR D 463 55.82 -16.90 -22.46
CA TYR D 463 57.02 -17.52 -23.00
C TYR D 463 57.96 -16.57 -23.73
N ALA D 464 57.49 -15.40 -24.18
CA ALA D 464 58.37 -14.50 -24.90
C ALA D 464 59.39 -13.82 -23.99
N ALA D 465 59.26 -13.96 -22.68
CA ALA D 465 60.23 -13.42 -21.75
C ALA D 465 60.61 -14.39 -20.63
N THR D 466 60.15 -15.63 -20.70
CA THR D 466 60.45 -16.59 -19.63
C THR D 466 61.84 -17.19 -19.79
N LEU D 467 62.07 -17.92 -20.88
CA LEU D 467 63.36 -18.55 -21.12
C LEU D 467 64.41 -17.56 -21.61
N SER D 468 64.00 -16.55 -22.38
CA SER D 468 64.95 -15.62 -22.97
C SER D 468 65.69 -14.84 -21.90
N LEU D 469 64.96 -14.27 -20.94
CA LEU D 469 65.59 -13.49 -19.89
C LEU D 469 66.51 -14.36 -19.04
N LEU D 470 66.07 -15.58 -18.71
CA LEU D 470 66.90 -16.48 -17.92
C LEU D 470 68.21 -16.80 -18.64
N LEU D 471 68.12 -17.13 -19.93
CA LEU D 471 69.33 -17.44 -20.69
C LEU D 471 70.24 -16.24 -20.81
N ILE D 472 69.68 -15.05 -21.05
CA ILE D 472 70.50 -13.85 -21.17
C ILE D 472 71.23 -13.56 -19.86
N VAL D 473 70.50 -13.66 -18.74
CA VAL D 473 71.13 -13.42 -17.44
C VAL D 473 72.20 -14.45 -17.16
N LEU D 474 71.94 -15.72 -17.49
CA LEU D 474 72.94 -16.76 -17.28
C LEU D 474 74.20 -16.48 -18.09
N VAL D 475 74.04 -16.11 -19.36
CA VAL D 475 75.21 -15.80 -20.19
C VAL D 475 75.98 -14.61 -19.63
N GLU D 476 75.26 -13.57 -19.21
CA GLU D 476 75.92 -12.39 -18.67
C GLU D 476 76.71 -12.72 -17.41
N THR D 477 76.11 -13.47 -16.48
CA THR D 477 76.80 -13.77 -15.24
C THR D 477 77.95 -14.74 -15.46
N ILE D 478 77.82 -15.68 -16.40
CA ILE D 478 78.94 -16.56 -16.71
C ILE D 478 80.11 -15.75 -17.29
N ALA D 479 79.81 -14.82 -18.20
CA ALA D 479 80.85 -14.00 -18.80
C ALA D 479 81.54 -13.15 -17.76
N VAL D 480 80.77 -12.55 -16.84
CA VAL D 480 81.36 -11.74 -15.79
C VAL D 480 82.19 -12.55 -14.81
N CYS D 481 81.71 -13.71 -14.38
CA CYS D 481 82.38 -14.50 -13.35
C CYS D 481 83.62 -15.23 -13.88
N TYR D 482 83.55 -15.80 -15.08
CA TYR D 482 84.61 -16.69 -15.55
C TYR D 482 85.36 -16.19 -16.78
N VAL D 483 84.69 -15.51 -17.71
CA VAL D 483 85.36 -15.09 -18.94
C VAL D 483 86.29 -13.90 -18.67
N TYR D 484 85.73 -12.80 -18.19
CA TYR D 484 86.55 -11.63 -17.89
C TYR D 484 87.42 -11.85 -16.67
N GLY D 485 86.93 -12.59 -15.68
CA GLY D 485 87.67 -12.81 -14.45
C GLY D 485 87.11 -12.04 -13.28
N LEU D 486 86.70 -12.75 -12.23
CA LEU D 486 86.11 -12.09 -11.08
C LEU D 486 87.12 -11.19 -10.37
N ARG D 487 88.37 -11.65 -10.23
CA ARG D 487 89.38 -10.84 -9.57
C ARG D 487 89.67 -9.56 -10.34
N ARG D 488 89.76 -9.66 -11.66
CA ARG D 488 90.01 -8.46 -12.48
C ARG D 488 88.86 -7.47 -12.36
N PHE D 489 87.62 -7.97 -12.39
CA PHE D 489 86.47 -7.08 -12.26
C PHE D 489 86.43 -6.42 -10.88
N GLU D 490 86.74 -7.19 -9.84
CA GLU D 490 86.78 -6.63 -8.49
C GLU D 490 87.86 -5.56 -8.37
N SER D 491 89.03 -5.82 -8.95
CA SER D 491 90.11 -4.83 -8.93
C SER D 491 89.71 -3.55 -9.68
N ASP D 492 89.06 -3.72 -10.83
CA ASP D 492 88.62 -2.55 -11.59
C ASP D 492 87.59 -1.74 -10.80
N LEU D 493 86.64 -2.42 -10.16
CA LEU D 493 85.64 -1.71 -9.37
C LEU D 493 86.28 -1.00 -8.17
N LYS D 494 87.25 -1.65 -7.52
CA LYS D 494 87.93 -1.02 -6.39
C LYS D 494 88.71 0.21 -6.84
N ALA D 495 89.36 0.12 -8.01
CA ALA D 495 90.06 1.29 -8.55
C ALA D 495 89.08 2.40 -8.90
N MET D 496 87.91 2.04 -9.44
CA MET D 496 86.95 3.05 -9.85
C MET D 496 86.35 3.78 -8.65
N THR D 497 85.93 3.04 -7.62
CA THR D 497 85.22 3.67 -6.51
C THR D 497 85.70 3.25 -5.12
N GLY D 498 86.52 2.21 -4.99
CA GLY D 498 86.90 1.73 -3.67
C GLY D 498 85.82 0.88 -3.04
N ARG D 499 86.13 0.38 -1.85
CA ARG D 499 85.26 -0.54 -1.12
C ARG D 499 84.85 -1.71 -2.01
N ALA D 500 85.81 -2.58 -2.28
CA ALA D 500 85.60 -3.73 -3.15
C ALA D 500 84.42 -4.57 -2.66
N VAL D 501 83.84 -5.32 -3.61
CA VAL D 501 82.64 -6.10 -3.31
C VAL D 501 82.92 -7.07 -2.18
N SER D 502 81.95 -7.20 -1.27
CA SER D 502 82.05 -8.16 -0.20
C SER D 502 81.97 -9.58 -0.75
N TRP D 503 82.42 -10.54 0.06
CA TRP D 503 82.46 -11.93 -0.39
C TRP D 503 81.07 -12.47 -0.72
N TYR D 504 80.01 -11.91 -0.14
CA TYR D 504 78.66 -12.34 -0.47
C TYR D 504 78.37 -12.13 -1.95
N TRP D 505 78.63 -10.93 -2.47
CA TRP D 505 78.37 -10.65 -3.87
C TRP D 505 79.24 -11.51 -4.77
N LYS D 506 80.51 -11.70 -4.39
CA LYS D 506 81.39 -12.54 -5.20
C LYS D 506 80.89 -13.98 -5.26
N VAL D 507 80.45 -14.54 -4.14
CA VAL D 507 79.94 -15.90 -4.14
C VAL D 507 78.66 -16.00 -4.96
N MET D 508 77.77 -15.01 -4.82
CA MET D 508 76.52 -15.04 -5.59
C MET D 508 76.79 -14.97 -7.08
N TRP D 509 77.74 -14.13 -7.50
CA TRP D 509 78.06 -14.02 -8.92
C TRP D 509 78.82 -15.24 -9.42
N ALA D 510 79.56 -15.92 -8.55
CA ALA D 510 80.38 -17.04 -8.99
C ALA D 510 79.55 -18.32 -9.10
N GLY D 511 78.97 -18.77 -8.00
CA GLY D 511 78.38 -20.10 -7.99
C GLY D 511 77.05 -20.27 -7.27
N VAL D 512 76.22 -19.23 -7.25
CA VAL D 512 74.90 -19.36 -6.65
C VAL D 512 73.83 -19.10 -7.70
N SER D 513 73.83 -17.88 -8.26
CA SER D 513 72.80 -17.52 -9.24
C SER D 513 72.85 -18.39 -10.48
N PRO D 514 73.99 -18.60 -11.16
CA PRO D 514 73.97 -19.47 -12.35
C PRO D 514 73.52 -20.88 -12.05
N LEU D 515 73.96 -21.44 -10.92
CA LEU D 515 73.57 -22.80 -10.56
C LEU D 515 72.07 -22.89 -10.31
N LEU D 516 71.51 -21.91 -9.60
CA LEU D 516 70.07 -21.92 -9.34
C LEU D 516 69.28 -21.77 -10.63
N ILE D 517 69.75 -20.90 -11.53
CA ILE D 517 69.06 -20.72 -12.81
C ILE D 517 69.08 -22.01 -13.62
N VAL D 518 70.24 -22.68 -13.67
CA VAL D 518 70.35 -23.93 -14.41
C VAL D 518 69.45 -24.99 -13.80
N SER D 519 69.43 -25.07 -12.46
CA SER D 519 68.59 -26.07 -11.80
C SER D 519 67.12 -25.81 -12.06
N LEU D 520 66.70 -24.55 -12.01
CA LEU D 520 65.30 -24.23 -12.30
C LEU D 520 64.94 -24.55 -13.75
N PHE D 521 65.84 -24.26 -14.69
CA PHE D 521 65.60 -24.59 -16.09
C PHE D 521 65.47 -26.10 -16.28
N VAL D 522 66.35 -26.86 -15.63
CA VAL D 522 66.28 -28.32 -15.74
C VAL D 522 64.98 -28.84 -15.15
N PHE D 523 64.57 -28.30 -14.00
CA PHE D 523 63.31 -28.75 -13.39
C PHE D 523 62.13 -28.43 -14.28
N TYR D 524 62.10 -27.22 -14.87
CA TYR D 524 61.00 -26.86 -15.76
C TYR D 524 60.96 -27.74 -17.00
N LEU D 525 62.13 -28.01 -17.59
CA LEU D 525 62.18 -28.88 -18.77
C LEU D 525 61.70 -30.29 -18.43
N SER D 526 62.14 -30.82 -17.29
CA SER D 526 61.72 -32.15 -16.88
C SER D 526 60.22 -32.20 -16.62
N ASP D 527 59.67 -31.16 -15.98
CA ASP D 527 58.23 -31.12 -15.74
C ASP D 527 57.46 -31.07 -17.05
N TYR D 528 57.93 -30.26 -18.01
CA TYR D 528 57.25 -30.18 -19.30
C TYR D 528 57.31 -31.52 -20.03
N ILE D 529 58.46 -32.19 -20.00
CA ILE D 529 58.61 -33.46 -20.68
C ILE D 529 57.71 -34.51 -20.04
N LEU D 530 57.69 -34.58 -18.72
CA LEU D 530 56.89 -35.59 -18.03
C LEU D 530 55.40 -35.35 -18.23
N THR D 531 54.94 -34.13 -17.97
CA THR D 531 53.52 -33.83 -18.12
C THR D 531 53.10 -33.89 -19.59
N GLY D 532 53.82 -33.17 -20.45
CA GLY D 532 53.49 -33.13 -21.86
C GLY D 532 52.07 -32.67 -22.16
N THR D 533 51.49 -31.87 -21.27
CA THR D 533 50.09 -31.46 -21.37
C THR D 533 49.96 -29.95 -21.14
N LEU D 534 50.80 -29.19 -21.83
CA LEU D 534 50.75 -27.73 -21.73
C LEU D 534 49.41 -27.21 -22.25
N LYS D 535 48.56 -26.74 -21.33
CA LYS D 535 47.21 -26.30 -21.66
C LYS D 535 47.03 -24.84 -21.30
N TYR D 536 46.04 -24.22 -21.96
CA TYR D 536 45.70 -22.83 -21.75
C TYR D 536 44.26 -22.69 -21.30
N GLN D 537 43.98 -21.67 -20.51
CA GLN D 537 42.62 -21.38 -20.07
C GLN D 537 41.83 -20.74 -21.21
N ALA D 538 40.58 -21.15 -21.34
CA ALA D 538 39.70 -20.62 -22.37
C ALA D 538 38.35 -20.30 -21.76
N TRP D 539 37.75 -19.19 -22.21
CA TRP D 539 36.46 -18.76 -21.69
C TRP D 539 35.35 -19.69 -22.14
N ASP D 540 34.43 -20.00 -21.23
CA ASP D 540 33.26 -20.82 -21.52
C ASP D 540 32.03 -20.05 -21.05
N ALA D 541 31.26 -19.53 -22.02
CA ALA D 541 30.06 -18.77 -21.70
C ALA D 541 28.94 -19.68 -21.21
N SER D 542 28.91 -20.93 -21.69
CA SER D 542 27.88 -21.87 -21.23
C SER D 542 28.00 -22.11 -19.73
N GLN D 543 29.22 -22.39 -19.25
CA GLN D 543 29.45 -22.49 -17.82
C GLN D 543 29.86 -21.17 -17.19
N GLY D 544 30.17 -20.16 -18.01
CA GLY D 544 30.58 -18.86 -17.49
C GLY D 544 31.85 -18.93 -16.65
N GLN D 545 32.84 -19.68 -17.12
CA GLN D 545 34.05 -19.90 -16.34
C GLN D 545 35.23 -20.06 -17.29
N LEU D 546 36.33 -20.62 -16.80
CA LEU D 546 37.51 -20.89 -17.61
C LEU D 546 37.81 -22.38 -17.57
N VAL D 547 38.03 -22.97 -18.75
CA VAL D 547 38.29 -24.39 -18.89
C VAL D 547 39.66 -24.57 -19.54
N THR D 548 40.43 -25.53 -19.04
CA THR D 548 41.75 -25.82 -19.59
C THR D 548 41.60 -26.61 -20.88
N LYS D 549 42.28 -26.17 -21.93
CA LYS D 549 42.26 -26.84 -23.23
C LYS D 549 43.69 -26.98 -23.74
N ASP D 550 43.95 -28.11 -24.40
CA ASP D 550 45.30 -28.38 -24.89
C ASP D 550 45.70 -27.40 -25.97
N TYR D 551 46.97 -27.01 -25.97
CA TYR D 551 47.48 -26.10 -26.98
C TYR D 551 47.50 -26.79 -28.35
N PRO D 552 47.15 -26.08 -29.41
CA PRO D 552 47.24 -26.65 -30.75
C PRO D 552 48.68 -26.66 -31.24
N ALA D 553 48.89 -27.39 -32.35
CA ALA D 553 50.23 -27.56 -32.87
C ALA D 553 50.83 -26.24 -33.35
N TYR D 554 50.03 -25.42 -34.05
CA TYR D 554 50.55 -24.18 -34.62
C TYR D 554 50.92 -23.19 -33.52
N ALA D 555 50.12 -23.09 -32.47
CA ALA D 555 50.43 -22.19 -31.36
C ALA D 555 51.71 -22.63 -30.65
N LEU D 556 51.86 -23.93 -30.42
CA LEU D 556 53.07 -24.44 -29.78
C LEU D 556 54.29 -24.17 -30.66
N ALA D 557 54.15 -24.36 -31.97
CA ALA D 557 55.26 -24.08 -32.88
C ALA D 557 55.62 -22.60 -32.87
N VAL D 558 54.62 -21.72 -32.84
CA VAL D 558 54.88 -20.28 -32.82
C VAL D 558 55.60 -19.89 -31.52
N ILE D 559 55.15 -20.43 -30.39
CA ILE D 559 55.80 -20.13 -29.12
C ILE D 559 57.24 -20.65 -29.12
N GLY D 560 57.44 -21.86 -29.64
CA GLY D 560 58.78 -22.40 -29.72
C GLY D 560 59.69 -21.57 -30.60
N LEU D 561 59.18 -21.10 -31.73
CA LEU D 561 59.97 -20.24 -32.60
C LEU D 561 60.31 -18.92 -31.91
N LEU D 562 59.34 -18.33 -31.21
CA LEU D 562 59.58 -17.06 -30.52
C LEU D 562 60.64 -17.21 -29.45
N VAL D 563 60.61 -18.32 -28.70
CA VAL D 563 61.65 -18.56 -27.71
C VAL D 563 62.98 -18.84 -28.37
N ALA D 564 62.97 -19.65 -29.45
CA ALA D 564 64.20 -20.12 -30.07
C ALA D 564 64.96 -18.97 -30.72
N SER D 565 64.26 -18.02 -31.34
CA SER D 565 64.95 -16.89 -31.95
C SER D 565 65.75 -16.12 -30.92
N SER D 566 65.13 -15.78 -29.79
CA SER D 566 65.82 -15.05 -28.74
C SER D 566 66.95 -15.88 -28.14
N THR D 567 66.73 -17.17 -27.93
CA THR D 567 67.77 -18.00 -27.32
C THR D 567 68.97 -18.19 -28.24
N MET D 568 68.72 -18.31 -29.55
CA MET D 568 69.77 -18.60 -30.52
C MET D 568 70.36 -17.35 -31.16
N CYS D 569 69.86 -16.16 -30.82
CA CYS D 569 70.48 -14.94 -31.32
C CYS D 569 71.95 -14.85 -30.95
N ILE D 570 72.29 -15.26 -29.73
CA ILE D 570 73.67 -15.17 -29.24
C ILE D 570 74.54 -16.28 -29.83
N PRO D 571 74.15 -17.56 -29.75
CA PRO D 571 75.02 -18.62 -30.31
C PRO D 571 75.26 -18.48 -31.80
N LEU D 572 74.28 -18.01 -32.57
CA LEU D 572 74.49 -17.82 -34.00
C LEU D 572 75.56 -16.77 -34.26
N ALA D 573 75.51 -15.65 -33.54
CA ALA D 573 76.53 -14.63 -33.69
C ALA D 573 77.88 -15.11 -33.18
N ALA D 574 77.88 -15.95 -32.14
CA ALA D 574 79.14 -16.54 -31.68
C ALA D 574 79.77 -17.42 -32.75
N LEU D 575 78.96 -18.24 -33.42
CA LEU D 575 79.46 -19.06 -34.51
C LEU D 575 79.96 -18.19 -35.66
N GLY D 576 79.23 -17.13 -35.98
CA GLY D 576 79.68 -16.22 -37.02
C GLY D 576 81.02 -15.57 -36.69
N THR D 577 81.19 -15.14 -35.44
CA THR D 577 82.45 -14.55 -35.02
C THR D 577 83.59 -15.57 -35.06
N PHE D 578 83.30 -16.82 -34.67
CA PHE D 578 84.31 -17.86 -34.74
C PHE D 578 84.73 -18.12 -36.19
N VAL D 579 83.76 -18.14 -37.10
CA VAL D 579 84.08 -18.32 -38.52
C VAL D 579 84.90 -17.15 -39.04
N GLN D 580 84.54 -15.93 -38.64
CA GLN D 580 85.28 -14.75 -39.08
C GLN D 580 86.73 -14.81 -38.57
N ARG D 581 86.92 -15.21 -37.32
CA ARG D 581 88.28 -15.35 -36.79
C ARG D 581 89.04 -16.45 -37.51
N ARG D 582 88.37 -17.56 -37.80
CA ARG D 582 89.01 -18.68 -38.50
C ARG D 582 89.04 -18.42 -40.00
C1 NAG E . -24.89 -3.05 19.81
C2 NAG E . -25.40 -4.13 20.75
C3 NAG E . -26.24 -3.50 21.86
C4 NAG E . -25.46 -2.39 22.56
C5 NAG E . -24.93 -1.39 21.53
C6 NAG E . -24.04 -0.34 22.14
C7 NAG E . -25.80 -6.42 19.97
C8 NAG E . -26.71 -7.31 19.18
N2 NAG E . -26.16 -5.13 20.04
O3 NAG E . -26.61 -4.51 22.80
O4 NAG E . -26.32 -1.70 23.46
O5 NAG E . -24.15 -2.07 20.54
O6 NAG E . -23.85 0.76 21.26
O7 NAG E . -24.79 -6.84 20.54
C1 NAG E . -25.99 -2.06 24.81
C2 NAG E . -26.40 -0.90 25.72
C3 NAG E . -26.16 -1.26 27.19
C4 NAG E . -26.85 -2.57 27.53
C5 NAG E . -26.40 -3.67 26.56
C6 NAG E . -27.12 -4.98 26.77
C7 NAG E . -26.21 1.29 24.63
C8 NAG E . -25.33 2.47 24.38
N2 NAG E . -25.68 0.32 25.38
O3 NAG E . -26.64 -0.22 28.03
O4 NAG E . -26.56 -2.96 28.87
O5 NAG E . -26.68 -3.25 25.21
O6 NAG E . -28.51 -4.79 26.98
O7 NAG E . -27.35 1.21 24.18
C1 BMA E . -27.78 -2.87 29.64
C2 BMA E . -27.54 -3.53 31.02
C3 BMA E . -28.78 -3.33 31.91
C4 BMA E . -29.22 -1.86 31.93
C5 BMA E . -29.42 -1.34 30.50
C6 BMA E . -29.80 0.13 30.44
O2 BMA E . -26.45 -2.93 31.70
O3 BMA E . -28.55 -3.79 33.23
O4 BMA E . -30.44 -1.73 32.64
O5 BMA E . -28.17 -1.50 29.79
O6 BMA E . -30.80 0.35 31.43
C1 NAG F . -72.85 17.87 -24.92
C2 NAG F . -74.02 18.84 -24.97
C3 NAG F . -75.00 18.52 -23.84
C4 NAG F . -75.42 17.06 -23.88
C5 NAG F . -74.19 16.16 -23.90
C6 NAG F . -74.51 14.69 -24.08
C7 NAG F . -73.32 20.98 -25.93
C8 NAG F . -72.85 22.38 -25.64
N2 NAG F . -73.56 20.22 -24.86
O3 NAG F . -76.15 19.36 -23.96
O4 NAG F . -76.22 16.77 -22.74
O5 NAG F . -73.33 16.53 -25.00
O6 NAG F . -75.53 14.51 -25.07
O7 NAG F . -73.48 20.57 -27.07
C1 NAG F . -77.53 16.21 -23.01
C2 NAG F . -78.16 16.76 -24.32
C3 NAG F . -79.48 16.05 -24.62
C4 NAG F . -79.30 14.54 -24.62
C5 NAG F . -78.69 14.10 -23.29
C6 NAG F . -78.41 12.62 -23.23
C7 NAG F . -79.16 18.82 -23.36
C8 NAG F . -79.21 20.32 -23.47
N2 NAG F . -78.36 18.20 -24.24
O3 NAG F . -79.96 16.48 -25.90
O4 NAG F . -80.56 13.90 -24.78
O5 NAG F . -77.43 14.77 -23.10
O6 NAG F . -77.21 12.28 -23.90
O7 NAG F . -79.80 18.20 -22.52
C1 NAG G . -22.61 -18.00 -13.56
C2 NAG G . -23.93 -17.73 -14.26
C3 NAG G . -24.25 -18.88 -15.22
C4 NAG G . -23.09 -19.11 -16.17
C5 NAG G . -21.80 -19.31 -15.39
C6 NAG G . -20.58 -19.42 -16.28
C7 NAG G . -25.70 -16.41 -13.19
C8 NAG G . -26.77 -16.40 -12.14
N2 NAG G . -25.01 -17.55 -13.30
O3 NAG G . -25.43 -18.54 -15.95
O4 NAG G . -23.34 -20.29 -16.94
O5 NAG G . -21.58 -18.19 -14.52
O6 NAG G . -19.46 -19.93 -15.57
O7 NAG G . -25.49 -15.44 -13.90
C1 NAG G . -23.68 -19.93 -18.29
C2 NAG G . -23.29 -21.09 -19.21
C3 NAG G . -23.71 -20.80 -20.64
C4 NAG G . -25.20 -20.45 -20.69
C5 NAG G . -25.50 -19.30 -19.74
C6 NAG G . -26.96 -18.96 -19.66
C7 NAG G . -21.33 -22.33 -18.40
C8 NAG G . -19.84 -22.46 -18.45
N2 NAG G . -21.86 -21.35 -19.14
O3 NAG G . -23.45 -21.93 -21.45
O4 NAG G . -25.58 -20.10 -22.02
O5 NAG G . -25.08 -19.67 -18.41
O6 NAG G . -27.77 -20.13 -19.59
O7 NAG G . -22.03 -23.07 -17.72
C1 BMA G . -26.46 -21.13 -22.51
C2 BMA G . -27.10 -20.64 -23.84
C3 BMA G . -27.94 -21.75 -24.46
C4 BMA G . -27.15 -23.08 -24.54
C5 BMA G . -26.59 -23.43 -23.15
C6 BMA G . -25.76 -24.71 -23.16
O2 BMA G . -26.09 -20.31 -24.79
O3 BMA G . -28.42 -21.40 -25.76
O4 BMA G . -28.00 -24.12 -24.99
O5 BMA G . -25.76 -22.35 -22.71
O6 BMA G . -26.45 -25.68 -23.94
C1 NAG H . -28.68 -63.20 38.00
C2 NAG H . -28.72 -64.71 38.20
C3 NAG H . -29.83 -65.32 37.35
C4 NAG H . -31.17 -64.63 37.63
C5 NAG H . -31.03 -63.12 37.47
C6 NAG H . -32.26 -62.35 37.87
C7 NAG H . -26.50 -65.56 38.78
C8 NAG H . -25.23 -66.18 38.26
N2 NAG H . -27.44 -65.31 37.86
O3 NAG H . -29.93 -66.71 37.62
O4 NAG H . -32.14 -65.13 36.71
O5 NAG H . -29.96 -62.64 38.31
O6 NAG H . -32.84 -62.88 39.05
O7 NAG H . -26.65 -65.29 39.96
C1 NAG H . -33.34 -65.69 37.31
C2 NAG H . -33.06 -66.40 38.65
C3 NAG H . -34.37 -66.86 39.30
C4 NAG H . -35.36 -65.72 39.41
C5 NAG H . -35.58 -65.09 38.04
C6 NAG H . -36.49 -63.88 38.07
C7 NAG H . -32.40 -68.60 37.73
C8 NAG H . -31.33 -69.64 37.70
N2 NAG H . -32.15 -67.52 38.48
O3 NAG H . -34.09 -67.38 40.60
O4 NAG H . -36.61 -66.19 39.90
O5 NAG H . -34.31 -64.64 37.52
O6 NAG H . -35.81 -62.72 38.48
O7 NAG H . -33.46 -68.73 37.10
ZN ZN I . -61.11 6.51 1.52
C1 NDG J . 7.27 10.17 16.49
C2 NDG J . 7.70 8.93 15.68
C3 NDG J . 6.65 7.83 15.82
C4 NDG J . 6.44 7.51 17.30
C5 NDG J . 6.06 8.80 18.06
C6 NDG J . 5.99 8.59 19.57
C7 NDG J . 9.12 9.09 13.64
C8 NDG J . 10.27 8.67 14.54
O5 NDG J . 7.05 9.81 17.84
O3 NDG J . 7.09 6.69 15.11
O4 NDG J . 5.40 6.54 17.35
O6 NDG J . 6.70 9.62 20.29
O7 NDG J . 9.27 9.32 12.45
N2 NDG J . 7.91 9.19 14.26
C1 NAG K . -51.80 7.29 -29.59
C2 NAG K . -51.51 8.73 -30.02
C3 NAG K . -51.97 8.97 -31.46
C4 NAG K . -51.36 7.94 -32.39
C5 NAG K . -51.65 6.52 -31.87
C6 NAG K . -50.97 5.44 -32.69
C7 NAG K . -53.44 9.80 -28.90
C8 NAG K . -53.86 10.85 -27.91
N2 NAG K . -52.12 9.69 -29.11
O3 NAG K . -51.59 10.28 -31.86
O4 NAG K . -51.90 8.07 -33.70
O5 NAG K . -51.18 6.39 -30.53
O6 NAG K . -50.71 4.29 -31.91
O7 NAG K . -54.26 9.07 -29.46
C1 NAG L . -84.46 6.44 5.63
C2 NAG L . -85.61 7.32 6.12
C3 NAG L . -85.98 6.98 7.56
C4 NAG L . -86.26 5.48 7.69
C5 NAG L . -85.08 4.68 7.14
C6 NAG L . -85.34 3.19 7.14
C7 NAG L . -86.17 9.66 5.64
C8 NAG L . -85.66 11.07 5.56
N2 NAG L . -85.29 8.73 5.99
O3 NAG L . -87.12 7.73 7.95
O4 NAG L . -86.45 5.15 9.06
O5 NAG L . -84.81 5.05 5.79
O6 NAG L . -84.66 2.54 6.07
O7 NAG L . -87.34 9.38 5.39
C1 NAG M . -56.95 26.55 30.23
C2 NAG M . -55.48 26.90 30.04
C3 NAG M . -54.85 27.28 31.38
C4 NAG M . -55.64 28.39 32.04
C5 NAG M . -57.11 27.99 32.15
C6 NAG M . -57.99 29.11 32.69
C7 NAG M . -54.52 25.71 28.12
C8 NAG M . -53.76 24.50 27.66
N2 NAG M . -54.76 25.80 29.42
O3 NAG M . -53.51 27.70 31.17
O4 NAG M . -55.13 28.64 33.34
O5 NAG M . -57.63 27.65 30.85
O6 NAG M . -57.44 30.39 32.40
O7 NAG M . -54.89 26.58 27.34
C1 NAG N . -80.21 17.75 15.54
C2 NAG N . -79.96 18.06 17.03
C3 NAG N . -80.31 16.86 17.90
C4 NAG N . -81.73 16.39 17.61
C5 NAG N . -81.92 16.15 16.11
C6 NAG N . -83.34 15.80 15.74
C7 NAG N . -77.51 17.72 17.01
C8 NAG N . -76.19 18.36 17.32
N2 NAG N . -78.59 18.49 17.26
O3 NAG N . -80.19 17.22 19.27
O4 NAG N . -82.01 15.20 18.33
O5 NAG N . -81.58 17.32 15.37
O6 NAG N . -84.27 16.70 16.34
O7 NAG N . -77.59 16.58 16.57
ZN ZN O . -35.11 -49.32 10.94
C1 NDG P . 8.58 -3.06 -18.44
C2 NDG P . 8.12 -1.83 -17.62
C3 NDG P . 6.60 -1.87 -17.43
C4 NDG P . 5.91 -1.94 -18.79
C5 NDG P . 6.45 -3.16 -19.58
C6 NDG P . 5.93 -3.20 -21.02
C7 NDG P . 9.59 -0.71 -15.96
C8 NDG P . 9.84 0.34 -17.04
O5 NDG P . 7.88 -3.09 -19.69
O3 NDG P . 6.21 -0.70 -16.72
O4 NDG P . 4.52 -2.04 -18.53
O6 NDG P . 6.98 -3.44 -21.97
O7 NDG P . 10.12 -0.64 -14.85
N2 NDG P . 8.75 -1.73 -16.31
C1 NAG Q . -21.80 -40.21 39.15
C2 NAG Q . -20.48 -40.94 39.36
C3 NAG Q . -20.29 -41.30 40.82
C4 NAG Q . -20.45 -40.07 41.70
C5 NAG Q . -21.78 -39.38 41.41
C6 NAG Q . -21.95 -38.08 42.16
C7 NAG Q . -21.18 -43.17 38.57
C8 NAG Q . -20.89 -44.27 37.60
N2 NAG Q . -20.36 -42.11 38.50
O3 NAG Q . -18.99 -41.88 41.02
O4 NAG Q . -20.41 -40.45 43.08
O5 NAG Q . -21.86 -39.07 40.01
O6 NAG Q . -22.80 -37.18 41.46
O7 NAG Q . -22.12 -43.23 39.35
C1 NAG R . -51.14 -66.76 11.89
C2 NAG R . -51.35 -68.25 11.59
C3 NAG R . -52.14 -68.41 10.30
C4 NAG R . -53.44 -67.62 10.36
C5 NAG R . -53.16 -66.17 10.73
C6 NAG R . -54.41 -65.35 10.94
C7 NAG R . -49.89 -70.19 11.93
C8 NAG R . -48.52 -70.76 11.76
N2 NAG R . -50.07 -68.94 11.49
O3 NAG R . -52.42 -69.79 10.08
O4 NAG R . -54.11 -67.68 9.11
O5 NAG R . -52.41 -66.10 11.95
O6 NAG R . -54.21 -64.33 11.90
O7 NAG R . -50.80 -70.85 12.45
C1 NAG S . -23.93 -62.40 -19.84
C2 NAG S . -22.69 -61.53 -20.01
C3 NAG S . -22.29 -61.45 -21.47
C4 NAG S . -22.13 -62.84 -22.07
C5 NAG S . -23.40 -63.67 -21.81
C6 NAG S . -23.27 -65.11 -22.27
C7 NAG S . -22.52 -59.86 -18.22
C8 NAG S . -22.82 -58.45 -17.81
N2 NAG S . -22.90 -60.21 -19.46
O3 NAG S . -21.07 -60.73 -21.59
O4 NAG S . -21.90 -62.76 -23.47
O5 NAG S . -23.70 -63.70 -20.41
O6 NAG S . -21.91 -65.54 -22.23
O7 NAG S . -21.95 -60.65 -17.47
C1 NAG T . -42.26 -72.18 0.23
C2 NAG T . -42.17 -72.34 -1.29
C3 NAG T . -43.47 -71.87 -1.95
C4 NAG T . -44.67 -72.57 -1.32
C5 NAG T . -44.66 -72.40 0.20
C6 NAG T . -45.75 -73.18 0.90
C7 NAG T . -40.83 -70.32 -1.77
C8 NAG T . -39.58 -69.80 -2.41
N2 NAG T . -41.03 -71.63 -1.85
O3 NAG T . -43.42 -72.14 -3.34
O4 NAG T . -45.89 -72.03 -1.83
O5 NAG T . -43.40 -72.88 0.73
O6 NAG T . -45.81 -74.51 0.42
O7 NAG T . -41.62 -69.56 -1.20
C1 NAG U . 2.18 20.42 21.82
C2 NAG U . 1.09 21.12 21.01
C3 NAG U . 0.38 22.16 21.86
C4 NAG U . -0.13 21.54 23.15
C5 NAG U . 1.00 20.81 23.87
C6 NAG U . 0.54 20.06 25.10
C7 NAG U . 0.98 21.80 18.65
C8 NAG U . 1.70 22.46 17.51
N2 NAG U . 1.64 21.72 19.81
O3 NAG U . -0.70 22.72 21.13
O4 NAG U . -0.67 22.53 24.00
O5 NAG U . 1.60 19.84 22.99
O6 NAG U . -0.07 20.93 26.05
O7 NAG U . -0.15 21.34 18.52
C1 NAG V . -4.65 42.67 0.42
C2 NAG V . -4.55 43.48 1.73
C3 NAG V . -5.94 43.84 2.24
C4 NAG V . -6.75 44.53 1.15
C5 NAG V . -6.77 43.68 -0.12
C6 NAG V . -7.46 44.36 -1.27
C7 NAG V . -4.14 41.58 3.26
C8 NAG V . -3.21 41.03 4.30
N2 NAG V . -3.79 42.77 2.74
O3 NAG V . -5.82 44.69 3.37
O4 NAG V . -8.09 44.75 1.60
O5 NAG V . -5.43 43.40 -0.54
O6 NAG V . -7.93 45.65 -0.92
O7 NAG V . -5.15 40.98 2.91
C1 NAG W . 11.63 -14.17 -23.56
C2 NAG W . 11.62 -15.37 -22.61
C3 NAG W . 11.74 -16.68 -23.40
C4 NAG W . 10.67 -16.74 -24.48
C5 NAG W . 10.72 -15.49 -25.35
C6 NAG W . 9.60 -15.43 -26.37
C7 NAG W . 12.55 -15.70 -20.37
C8 NAG W . 13.75 -15.52 -19.49
N2 NAG W . 12.68 -15.28 -21.62
O3 NAG W . 11.61 -17.78 -22.51
O4 NAG W . 10.87 -17.90 -25.29
O5 NAG W . 10.59 -14.32 -24.54
O6 NAG W . 9.64 -16.55 -27.25
O7 NAG W . 11.52 -16.22 -19.96
C1 NAG X . 28.11 -32.25 -3.53
C2 NAG X . 28.49 -32.84 -4.90
C3 NAG X . 27.74 -34.16 -5.13
C4 NAG X . 27.96 -35.11 -3.98
C5 NAG X . 27.59 -34.44 -2.66
C6 NAG X . 27.90 -35.29 -1.45
C7 NAG X . 27.04 -31.40 -6.29
C8 NAG X . 27.00 -30.44 -7.44
N2 NAG X . 28.24 -31.89 -5.98
O3 NAG X . 28.20 -34.74 -6.35
O4 NAG X . 27.16 -36.27 -4.14
O5 NAG X . 28.35 -33.22 -2.50
O6 NAG X . 28.46 -36.55 -1.83
O7 NAG X . 26.01 -31.71 -5.67
#